data_1HR7
#
_entry.id   1HR7
#
_cell.length_a   134.200
_cell.length_b   178.620
_cell.length_c   201.970
_cell.angle_alpha   90.00
_cell.angle_beta   90.00
_cell.angle_gamma   90.00
#
_symmetry.space_group_name_H-M   'P 21 21 21'
#
loop_
_entity.id
_entity.type
_entity.pdbx_description
1 polymer 'MITOCHONDRIAL PROCESSING PEPTIDASE ALPHA SUBUNIT'
2 polymer 'MITOCHONDRIAL PROCESSING PEPTIDASE BETA SUBUNIT'
3 non-polymer 'ZINC ION'
4 water water
#
loop_
_entity_poly.entity_id
_entity_poly.type
_entity_poly.pdbx_seq_one_letter_code
_entity_poly.pdbx_strand_id
1 'polypeptide(L)'
;ARTDNFKLSSLANGLKVATSNTPGHFSALGLYIDAGSRFEGRNLKGCTHILDRLAFKSTEHVEGRAMAETLELLGGNYQC
TSSRENLMYQASVFNQDVGKMLQLMSETVRFPKITEQELQEQKLSAEYEIDEVWMKPELVLPELLHTAAYSGETLGSPLI
CPRGLIPSISKYYLLDYRNKFYTPENTVAAFVGVPHEKALELTGKYLGDWQSTHPPITKKVAQYTGGESCIPPAPVFGNL
PELFHIQIGFEGLPIDHPDIYALATLQTLLGGGGSFSAGGPGKGMYSRLYTHVLNQYYFVENCVAFNHSYSDSGIFGISL
SCIPQAAPQAVEVIAQQMYNTFANKDLRLTEDEVSRAKNQLKSSLLMNLESKLVELEDMGRQVLMHGRKIPVNEMISKIE
DLKPDDISRVAEMIFTGNVNNAGNGKGRATVVMQGDRGSFGDVENVLKAYGLGNSSSSKNDSPKKKGWFHHHHHH
;
A,C,E,G
2 'polypeptide(L)'
;ASQIPGTRTSKLPNGLTIATEYIPNTSSATVGIFVDAGSRAENVKNNGTAHFLQHLAFKGTQNRPQQGIELEIENIGSHL
NAYTSRENTVYYAKSLQEDIPKAVDILSDILTKSVLDNSAIERERDVIIRESEEVDKMYDEVVFDHLHEITYKDQPLGRT
ILGPIKNIKSITRTDLKDYITKNYKGDRMVLAGAGAVDHEKLVQYAQKYFGHVPKSESPVPLGSPRGPLPVFCRGERFIK
ENTLPTTHIAIALEGVSWSAPDYFVALATQAIVGNWDRAIGTGTNSPSPLAVAASQNGSLANSYMSFSTSYADSGLWGMY
IVTDSNEHNVRLIVNEILKEWKRIKSGKISDAEVNRAKAQLKAALLLSLDGSTAIVEDIGRQVVTTGKRLSPEEVFEQVD
KITKDDIIMWANYRLQNKPVSMVALGNTSTVPNVSYIEEKLNQ
;
B,D,F,H
#
# COMPACT_ATOMS: atom_id res chain seq x y z
N ALA A 1 -47.37 14.73 19.21
CA ALA A 1 -48.73 15.32 19.24
C ALA A 1 -48.99 16.36 20.35
N ARG A 2 -49.56 15.94 21.50
CA ARG A 2 -49.89 16.85 22.62
C ARG A 2 -49.13 16.66 23.97
N THR A 3 -49.25 15.48 24.60
CA THR A 3 -48.53 15.20 25.85
C THR A 3 -47.00 15.14 25.59
N ASP A 4 -46.61 14.68 24.39
CA ASP A 4 -45.21 14.61 23.99
C ASP A 4 -44.49 15.95 24.17
N ASN A 5 -45.23 17.05 23.99
CA ASN A 5 -44.71 18.39 24.00
C ASN A 5 -43.90 18.46 22.69
N PHE A 6 -44.48 17.79 21.69
CA PHE A 6 -43.90 17.71 20.36
C PHE A 6 -44.20 18.95 19.51
N LYS A 7 -43.17 19.54 18.93
CA LYS A 7 -43.37 20.70 18.10
C LYS A 7 -42.54 20.54 16.86
N LEU A 8 -43.09 21.01 15.74
CA LEU A 8 -42.42 20.88 14.46
C LEU A 8 -42.58 22.11 13.57
N SER A 9 -41.49 22.57 12.98
CA SER A 9 -41.60 23.66 12.04
C SER A 9 -40.45 23.53 11.01
N SER A 10 -40.40 24.45 10.04
CA SER A 10 -39.40 24.38 8.98
C SER A 10 -38.65 25.67 8.84
N LEU A 11 -37.43 25.58 8.31
CA LEU A 11 -36.67 26.77 8.05
C LEU A 11 -37.02 27.14 6.59
N ALA A 12 -36.61 28.33 6.18
CA ALA A 12 -36.91 28.75 4.83
C ALA A 12 -36.33 27.75 3.81
N ASN A 13 -35.16 27.15 4.08
CA ASN A 13 -34.56 26.23 3.12
C ASN A 13 -35.16 24.80 3.11
N GLY A 14 -36.25 24.60 3.86
CA GLY A 14 -36.90 23.29 3.87
C GLY A 14 -36.51 22.30 4.96
N LEU A 15 -35.44 22.60 5.70
CA LEU A 15 -35.03 21.76 6.79
C LEU A 15 -36.07 21.74 7.89
N LYS A 16 -36.58 20.57 8.23
CA LYS A 16 -37.57 20.47 9.29
C LYS A 16 -36.84 20.40 10.63
N VAL A 17 -37.44 21.00 11.65
CA VAL A 17 -36.88 21.05 13.02
C VAL A 17 -37.93 20.50 13.98
N ALA A 18 -37.63 19.37 14.63
CA ALA A 18 -38.57 18.73 15.57
C ALA A 18 -38.01 18.63 16.99
N THR A 19 -38.86 18.94 17.96
CA THR A 19 -38.46 18.89 19.36
C THR A 19 -39.54 18.18 20.13
N SER A 20 -39.16 17.57 21.24
CA SER A 20 -40.13 16.93 22.08
C SER A 20 -39.62 16.81 23.48
N ASN A 21 -40.54 16.40 24.36
CA ASN A 21 -40.28 16.23 25.77
C ASN A 21 -39.93 17.57 26.46
N THR A 22 -39.59 17.47 27.73
CA THR A 22 -39.26 18.62 28.53
C THR A 22 -37.86 18.48 29.08
N PRO A 23 -37.36 19.53 29.74
CA PRO A 23 -35.99 19.49 30.29
C PRO A 23 -35.76 18.28 31.16
N GLY A 24 -34.53 17.81 31.16
CA GLY A 24 -34.18 16.64 31.95
C GLY A 24 -32.73 16.74 32.33
N HIS A 25 -32.20 15.64 32.83
CA HIS A 25 -30.81 15.59 33.26
C HIS A 25 -29.80 15.81 32.16
N PHE A 26 -30.25 15.67 30.90
CA PHE A 26 -29.38 15.86 29.74
C PHE A 26 -30.21 15.84 28.47
N SER A 27 -29.59 16.15 27.34
CA SER A 27 -30.31 16.21 26.08
C SER A 27 -29.76 15.27 25.00
N ALA A 28 -30.57 15.11 23.96
CA ALA A 28 -30.20 14.31 22.82
C ALA A 28 -30.54 15.10 21.55
N LEU A 29 -29.75 14.91 20.50
CA LEU A 29 -30.00 15.58 19.23
C LEU A 29 -29.38 14.79 18.10
N GLY A 30 -29.94 15.00 16.91
CA GLY A 30 -29.43 14.35 15.73
C GLY A 30 -29.94 14.90 14.40
N LEU A 31 -29.15 14.65 13.36
CA LEU A 31 -29.48 15.05 12.01
C LEU A 31 -29.83 13.79 11.24
N TYR A 32 -31.04 13.76 10.69
CA TYR A 32 -31.51 12.63 9.95
C TYR A 32 -31.66 12.93 8.46
N ILE A 33 -31.02 12.11 7.63
CA ILE A 33 -31.04 12.26 6.17
C ILE A 33 -31.76 11.10 5.47
N ASP A 34 -32.67 11.43 4.57
CA ASP A 34 -33.41 10.41 3.87
C ASP A 34 -32.55 9.81 2.76
N ALA A 35 -31.62 8.95 3.15
CA ALA A 35 -30.69 8.30 2.22
C ALA A 35 -30.50 6.88 2.73
N GLY A 36 -29.66 6.11 2.06
CA GLY A 36 -29.43 4.72 2.49
C GLY A 36 -29.08 3.81 1.34
N SER A 37 -28.78 2.54 1.60
CA SER A 37 -28.39 1.66 0.49
C SER A 37 -29.48 1.51 -0.59
N ARG A 38 -30.76 1.60 -0.23
CA ARG A 38 -31.84 1.45 -1.23
C ARG A 38 -31.81 2.50 -2.34
N PHE A 39 -31.10 3.60 -2.15
CA PHE A 39 -31.04 4.66 -3.15
C PHE A 39 -29.75 4.64 -3.94
N GLU A 40 -28.82 3.73 -3.63
CA GLU A 40 -27.55 3.71 -4.34
C GLU A 40 -27.57 3.28 -5.78
N GLY A 41 -28.55 2.47 -6.21
CA GLY A 41 -28.55 2.00 -7.59
C GLY A 41 -27.28 1.17 -7.80
N ARG A 42 -26.76 1.09 -9.02
CA ARG A 42 -25.54 0.32 -9.22
C ARG A 42 -24.36 1.29 -9.25
N ASN A 43 -24.62 2.54 -9.58
CA ASN A 43 -23.53 3.51 -9.65
C ASN A 43 -22.91 4.01 -8.32
N LEU A 44 -23.70 4.03 -7.25
CA LEU A 44 -23.22 4.53 -5.98
C LEU A 44 -23.10 3.49 -4.88
N LYS A 45 -23.03 2.23 -5.28
CA LYS A 45 -22.98 1.11 -4.35
C LYS A 45 -21.87 1.27 -3.34
N GLY A 46 -22.20 1.17 -2.06
CA GLY A 46 -21.21 1.34 -1.02
C GLY A 46 -20.91 2.78 -0.57
N CYS A 47 -21.53 3.77 -1.21
CA CYS A 47 -21.24 5.13 -0.78
C CYS A 47 -21.84 5.47 0.59
N THR A 48 -23.01 4.92 0.91
CA THR A 48 -23.63 5.21 2.20
C THR A 48 -22.75 4.75 3.38
N HIS A 49 -22.17 3.56 3.24
CA HIS A 49 -21.33 2.99 4.27
C HIS A 49 -20.07 3.84 4.46
N ILE A 50 -19.40 4.14 3.38
CA ILE A 50 -18.20 4.92 3.47
C ILE A 50 -18.47 6.32 4.04
N LEU A 51 -19.54 6.99 3.63
CA LEU A 51 -19.82 8.32 4.16
C LEU A 51 -20.05 8.24 5.64
N ASP A 52 -20.77 7.23 6.11
CA ASP A 52 -21.04 7.12 7.53
C ASP A 52 -19.76 6.80 8.34
N ARG A 53 -18.82 6.09 7.74
CA ARG A 53 -17.56 5.78 8.40
C ARG A 53 -16.63 7.03 8.34
N LEU A 54 -17.03 8.02 7.55
CA LEU A 54 -16.22 9.23 7.39
C LEU A 54 -16.79 10.33 8.28
N ALA A 55 -17.91 10.02 8.92
CA ALA A 55 -18.54 10.99 9.80
C ALA A 55 -17.59 11.53 10.88
N PHE A 56 -17.65 12.84 11.08
CA PHE A 56 -16.87 13.49 12.11
C PHE A 56 -15.35 13.48 11.95
N LYS A 57 -14.86 13.44 10.71
CA LYS A 57 -13.44 13.56 10.48
C LYS A 57 -13.25 15.07 10.21
N SER A 58 -12.21 15.48 9.49
CA SER A 58 -11.99 16.91 9.26
C SER A 58 -13.02 17.63 8.40
N THR A 59 -13.25 18.89 8.71
CA THR A 59 -14.18 19.67 7.93
C THR A 59 -13.47 20.95 7.48
N GLU A 60 -14.19 21.79 6.76
CA GLU A 60 -13.59 23.01 6.26
C GLU A 60 -13.14 23.94 7.37
N HIS A 61 -13.94 23.99 8.43
CA HIS A 61 -13.63 24.89 9.53
C HIS A 61 -13.09 24.22 10.79
N VAL A 62 -12.89 22.91 10.76
CA VAL A 62 -12.37 22.23 11.93
C VAL A 62 -11.36 21.14 11.56
N GLU A 63 -10.17 21.22 12.13
CA GLU A 63 -9.17 20.18 11.87
C GLU A 63 -9.64 18.85 12.43
N GLY A 64 -9.18 17.76 11.83
CA GLY A 64 -9.57 16.42 12.27
C GLY A 64 -9.33 16.20 13.76
N ARG A 65 -8.11 16.47 14.17
CA ARG A 65 -7.74 16.32 15.55
C ARG A 65 -8.60 17.19 16.50
N ALA A 66 -8.83 18.43 16.14
CA ALA A 66 -9.65 19.27 17.02
C ALA A 66 -11.09 18.75 17.10
N MET A 67 -11.58 18.17 15.99
CA MET A 67 -12.93 17.62 15.93
C MET A 67 -13.05 16.49 16.96
N ALA A 68 -12.15 15.52 16.85
CA ALA A 68 -12.12 14.36 17.70
C ALA A 68 -12.03 14.76 19.17
N GLU A 69 -11.09 15.65 19.47
CA GLU A 69 -10.89 16.11 20.85
C GLU A 69 -12.09 16.83 21.41
N THR A 70 -12.73 17.68 20.62
CA THR A 70 -13.91 18.39 21.12
C THR A 70 -15.05 17.41 21.33
N LEU A 71 -15.12 16.37 20.51
CA LEU A 71 -16.18 15.38 20.67
C LEU A 71 -15.90 14.60 21.95
N GLU A 72 -14.64 14.38 22.29
CA GLU A 72 -14.34 13.66 23.53
C GLU A 72 -14.77 14.55 24.69
N LEU A 73 -14.33 15.82 24.67
CA LEU A 73 -14.69 16.73 25.75
C LEU A 73 -16.18 16.89 25.93
N LEU A 74 -16.96 16.54 24.90
CA LEU A 74 -18.41 16.62 25.00
C LEU A 74 -19.00 15.37 25.64
N GLY A 75 -18.18 14.36 25.86
CA GLY A 75 -18.69 13.14 26.46
C GLY A 75 -18.52 11.90 25.59
N GLY A 76 -18.22 12.10 24.31
CA GLY A 76 -18.02 11.00 23.38
C GLY A 76 -19.22 10.17 23.00
N ASN A 77 -20.42 10.58 23.41
CA ASN A 77 -21.58 9.77 23.12
C ASN A 77 -22.32 10.21 21.86
N TYR A 78 -21.67 9.95 20.74
CA TYR A 78 -22.19 10.33 19.43
C TYR A 78 -21.90 9.21 18.45
N GLN A 79 -22.63 9.20 17.35
CA GLN A 79 -22.39 8.21 16.31
C GLN A 79 -23.14 8.48 15.04
N CYS A 80 -22.61 7.92 13.97
CA CYS A 80 -23.25 8.01 12.67
C CYS A 80 -23.53 6.57 12.31
N THR A 81 -24.75 6.29 11.87
CA THR A 81 -25.04 4.95 11.41
C THR A 81 -25.94 5.13 10.21
N SER A 82 -26.01 4.10 9.40
CA SER A 82 -26.83 4.09 8.19
C SER A 82 -27.37 2.68 7.96
N SER A 83 -28.45 2.60 7.20
CA SER A 83 -29.08 1.34 6.91
C SER A 83 -29.67 1.39 5.49
N ARG A 84 -30.75 0.66 5.24
CA ARG A 84 -31.34 0.65 3.91
C ARG A 84 -32.09 1.93 3.57
N GLU A 85 -32.74 2.51 4.58
CA GLU A 85 -33.51 3.74 4.43
C GLU A 85 -33.09 4.90 5.31
N ASN A 86 -31.99 4.79 6.03
CA ASN A 86 -31.63 5.92 6.86
C ASN A 86 -30.13 6.20 6.93
N LEU A 87 -29.82 7.40 7.38
CA LEU A 87 -28.47 7.86 7.55
C LEU A 87 -28.67 8.89 8.68
N MET A 88 -28.12 8.61 9.85
CA MET A 88 -28.31 9.52 10.94
C MET A 88 -27.07 9.83 11.75
N TYR A 89 -27.07 11.03 12.30
CA TYR A 89 -25.98 11.49 13.13
C TYR A 89 -26.64 11.79 14.47
N GLN A 90 -26.27 11.05 15.53
CA GLN A 90 -26.92 11.27 16.82
C GLN A 90 -25.98 11.34 18.00
N ALA A 91 -26.48 11.97 19.06
CA ALA A 91 -25.73 12.09 20.28
C ALA A 91 -26.60 12.51 21.44
N SER A 92 -26.08 12.29 22.64
CA SER A 92 -26.75 12.75 23.85
C SER A 92 -25.56 13.50 24.48
N VAL A 93 -25.89 14.65 25.07
CA VAL A 93 -24.91 15.54 25.69
C VAL A 93 -25.59 16.29 26.82
N PHE A 94 -24.78 16.91 27.66
CA PHE A 94 -25.32 17.69 28.74
C PHE A 94 -26.04 18.88 28.13
N ASN A 95 -27.06 19.35 28.83
CA ASN A 95 -27.89 20.46 28.35
C ASN A 95 -27.16 21.69 27.83
N GLN A 96 -26.08 22.10 28.49
CA GLN A 96 -25.36 23.29 28.04
C GLN A 96 -24.53 23.08 26.77
N ASP A 97 -24.41 21.83 26.32
CA ASP A 97 -23.59 21.57 25.13
C ASP A 97 -24.34 21.28 23.84
N VAL A 98 -25.66 21.43 23.83
CA VAL A 98 -26.39 21.17 22.61
C VAL A 98 -25.88 21.96 21.40
N GLY A 99 -25.71 23.27 21.59
CA GLY A 99 -25.20 24.11 20.50
C GLY A 99 -23.88 23.69 19.91
N LYS A 100 -22.92 23.35 20.76
CA LYS A 100 -21.62 22.94 20.28
C LYS A 100 -21.71 21.60 19.50
N MET A 101 -22.54 20.68 19.98
CA MET A 101 -22.68 19.42 19.30
C MET A 101 -23.41 19.61 17.94
N LEU A 102 -24.40 20.49 17.90
CA LEU A 102 -25.11 20.75 16.64
C LEU A 102 -24.17 21.40 15.63
N GLN A 103 -23.27 22.23 16.13
CA GLN A 103 -22.32 22.88 15.27
C GLN A 103 -21.43 21.80 14.64
N LEU A 104 -20.92 20.89 15.46
CA LEU A 104 -20.03 19.86 14.93
C LEU A 104 -20.77 18.94 13.92
N MET A 105 -22.00 18.58 14.24
CA MET A 105 -22.76 17.78 13.32
C MET A 105 -22.96 18.52 12.00
N SER A 106 -23.36 19.77 12.06
CA SER A 106 -23.58 20.49 10.82
C SER A 106 -22.27 20.64 10.04
N GLU A 107 -21.14 20.69 10.73
CA GLU A 107 -19.87 20.78 10.02
C GLU A 107 -19.54 19.49 9.21
N THR A 108 -19.78 18.32 9.79
CA THR A 108 -19.44 17.11 9.12
C THR A 108 -20.51 16.81 8.10
N VAL A 109 -21.69 17.37 8.30
CA VAL A 109 -22.75 17.15 7.32
C VAL A 109 -22.70 18.13 6.14
N ARG A 110 -22.19 19.33 6.35
CA ARG A 110 -22.14 20.34 5.29
C ARG A 110 -20.76 20.58 4.73
N PHE A 111 -19.73 20.46 5.55
CA PHE A 111 -18.39 20.79 5.07
C PHE A 111 -17.32 19.75 5.31
N PRO A 112 -17.65 18.47 5.12
CA PRO A 112 -16.64 17.44 5.33
C PRO A 112 -15.55 17.67 4.32
N LYS A 113 -14.31 17.39 4.67
CA LYS A 113 -13.20 17.57 3.73
C LYS A 113 -12.97 16.33 2.85
N ILE A 114 -13.05 15.15 3.45
CA ILE A 114 -12.78 13.91 2.75
C ILE A 114 -11.46 13.99 1.97
N THR A 115 -10.35 13.94 2.70
CA THR A 115 -9.04 14.00 2.08
C THR A 115 -8.71 12.64 1.49
N GLU A 116 -7.68 12.55 0.66
CA GLU A 116 -7.31 11.26 0.12
C GLU A 116 -6.99 10.29 1.24
N GLN A 117 -6.19 10.76 2.20
CA GLN A 117 -5.83 9.90 3.30
C GLN A 117 -7.03 9.36 4.09
N GLU A 118 -7.99 10.22 4.44
CA GLU A 118 -9.14 9.76 5.20
C GLU A 118 -9.95 8.71 4.42
N LEU A 119 -10.10 8.94 3.12
CA LEU A 119 -10.84 8.03 2.26
C LEU A 119 -10.11 6.71 2.09
N GLN A 120 -8.80 6.77 1.88
CA GLN A 120 -8.05 5.54 1.74
C GLN A 120 -8.13 4.73 3.03
N GLU A 121 -8.13 5.40 4.18
CA GLU A 121 -8.23 4.71 5.45
C GLU A 121 -9.54 3.96 5.61
N GLN A 122 -10.65 4.64 5.38
CA GLN A 122 -11.94 3.99 5.54
C GLN A 122 -12.16 2.87 4.52
N LYS A 123 -11.59 3.01 3.34
CA LYS A 123 -11.75 1.95 2.33
C LYS A 123 -11.01 0.67 2.72
N LEU A 124 -9.79 0.84 3.20
CA LEU A 124 -8.99 -0.30 3.61
C LEU A 124 -9.70 -0.98 4.76
N SER A 125 -10.16 -0.18 5.68
CA SER A 125 -10.84 -0.68 6.83
C SER A 125 -12.20 -1.31 6.48
N ALA A 126 -12.81 -0.86 5.40
CA ALA A 126 -14.09 -1.46 5.01
C ALA A 126 -13.91 -2.90 4.46
N GLU A 127 -12.81 -3.16 3.76
CA GLU A 127 -12.57 -4.51 3.24
C GLU A 127 -12.51 -5.53 4.37
N TYR A 128 -11.81 -5.17 5.44
CA TYR A 128 -11.70 -6.04 6.59
C TYR A 128 -13.05 -6.21 7.22
N GLU A 129 -13.78 -5.11 7.36
CA GLU A 129 -15.10 -5.22 7.95
C GLU A 129 -16.02 -6.13 7.12
N ILE A 130 -15.98 -5.99 5.80
CA ILE A 130 -16.83 -6.86 5.00
C ILE A 130 -16.44 -8.34 5.14
N ASP A 131 -15.14 -8.63 5.24
CA ASP A 131 -14.72 -10.01 5.41
C ASP A 131 -15.27 -10.61 6.71
N GLU A 132 -15.36 -9.81 7.78
CA GLU A 132 -15.88 -10.28 9.06
C GLU A 132 -17.38 -10.43 9.03
N VAL A 133 -18.07 -9.50 8.38
CA VAL A 133 -19.51 -9.60 8.31
C VAL A 133 -19.96 -10.91 7.67
N TRP A 134 -19.23 -11.39 6.66
CA TRP A 134 -19.59 -12.62 5.97
C TRP A 134 -19.38 -13.91 6.75
N MET A 135 -19.01 -13.78 8.01
CA MET A 135 -18.81 -14.96 8.83
C MET A 135 -19.90 -15.03 9.88
N LYS A 136 -20.76 -14.02 9.89
CA LYS A 136 -21.84 -13.98 10.87
C LYS A 136 -23.20 -14.24 10.25
N PRO A 137 -23.72 -15.45 10.44
CA PRO A 137 -25.03 -15.84 9.92
C PRO A 137 -26.14 -14.88 10.30
N GLU A 138 -26.05 -14.28 11.47
CA GLU A 138 -27.08 -13.34 11.95
C GLU A 138 -27.14 -12.12 11.06
N LEU A 139 -26.04 -11.84 10.37
CA LEU A 139 -25.96 -10.70 9.48
C LEU A 139 -26.12 -11.14 8.03
N VAL A 140 -25.55 -12.28 7.65
CA VAL A 140 -25.64 -12.73 6.27
C VAL A 140 -27.05 -13.19 5.81
N LEU A 141 -27.71 -14.00 6.61
CA LEU A 141 -29.00 -14.45 6.20
C LEU A 141 -29.98 -13.31 5.90
N PRO A 142 -30.13 -12.32 6.82
CA PRO A 142 -31.07 -11.23 6.52
C PRO A 142 -30.66 -10.49 5.25
N GLU A 143 -29.36 -10.40 5.00
CA GLU A 143 -28.93 -9.73 3.79
C GLU A 143 -29.39 -10.56 2.58
N LEU A 144 -29.20 -11.88 2.62
CA LEU A 144 -29.66 -12.70 1.47
C LEU A 144 -31.17 -12.67 1.30
N LEU A 145 -31.89 -12.52 2.41
CA LEU A 145 -33.34 -12.49 2.39
C LEU A 145 -33.81 -11.27 1.59
N HIS A 146 -33.21 -10.11 1.89
CA HIS A 146 -33.60 -8.87 1.20
C HIS A 146 -33.22 -8.88 -0.27
N THR A 147 -32.00 -9.33 -0.56
CA THR A 147 -31.55 -9.37 -1.93
C THR A 147 -32.50 -10.22 -2.78
N ALA A 148 -32.95 -11.35 -2.25
CA ALA A 148 -33.81 -12.17 -3.06
C ALA A 148 -35.23 -11.68 -3.03
N ALA A 149 -35.67 -11.08 -1.92
CA ALA A 149 -37.05 -10.60 -1.85
C ALA A 149 -37.34 -9.48 -2.90
N TYR A 150 -36.34 -8.70 -3.26
CA TYR A 150 -36.52 -7.65 -4.27
C TYR A 150 -35.56 -7.78 -5.46
N SER A 151 -35.04 -9.00 -5.71
CA SER A 151 -34.12 -9.22 -6.80
C SER A 151 -33.01 -8.17 -6.92
N GLY A 152 -32.35 -7.89 -5.80
CA GLY A 152 -31.26 -6.94 -5.80
C GLY A 152 -31.52 -5.47 -6.09
N GLU A 153 -32.76 -5.03 -6.05
CA GLU A 153 -33.07 -3.62 -6.30
C GLU A 153 -33.68 -2.96 -5.05
N THR A 154 -33.45 -1.66 -4.92
CA THR A 154 -33.92 -0.83 -3.81
C THR A 154 -33.76 -1.48 -2.43
N LEU A 155 -34.83 -1.98 -1.83
CA LEU A 155 -34.70 -2.59 -0.52
C LEU A 155 -33.83 -3.84 -0.53
N GLY A 156 -33.57 -4.37 -1.73
CA GLY A 156 -32.77 -5.55 -1.83
C GLY A 156 -31.41 -5.25 -2.39
N SER A 157 -31.11 -3.98 -2.59
CA SER A 157 -29.78 -3.61 -3.08
C SER A 157 -28.86 -3.91 -1.90
N PRO A 158 -27.72 -4.52 -2.16
CA PRO A 158 -26.80 -4.86 -1.05
C PRO A 158 -26.57 -3.82 0.04
N LEU A 159 -26.82 -4.23 1.27
CA LEU A 159 -26.58 -3.38 2.43
C LEU A 159 -25.10 -3.55 2.77
N ILE A 160 -24.56 -4.73 2.47
CA ILE A 160 -23.16 -5.07 2.68
C ILE A 160 -22.54 -4.83 1.32
N CYS A 161 -21.59 -3.92 1.24
CA CYS A 161 -21.01 -3.65 -0.06
C CYS A 161 -20.16 -4.77 -0.63
N PRO A 162 -20.36 -5.11 -1.91
CA PRO A 162 -19.57 -6.16 -2.52
C PRO A 162 -18.11 -5.74 -2.29
N ARG A 163 -17.28 -6.69 -1.87
CA ARG A 163 -15.88 -6.41 -1.60
C ARG A 163 -15.14 -5.80 -2.79
N GLY A 164 -15.32 -6.38 -3.97
CA GLY A 164 -14.64 -5.90 -5.17
C GLY A 164 -15.02 -4.49 -5.62
N LEU A 165 -16.09 -3.94 -5.05
CA LEU A 165 -16.52 -2.60 -5.45
C LEU A 165 -15.95 -1.50 -4.59
N ILE A 166 -15.43 -1.83 -3.42
CA ILE A 166 -14.89 -0.83 -2.52
C ILE A 166 -13.75 -0.01 -3.06
N PRO A 167 -12.77 -0.65 -3.69
CA PRO A 167 -11.64 0.12 -4.23
C PRO A 167 -11.99 1.20 -5.27
N SER A 168 -13.13 1.05 -5.94
CA SER A 168 -13.48 2.05 -6.94
C SER A 168 -14.40 3.15 -6.39
N ILE A 169 -14.61 3.19 -5.09
CA ILE A 169 -15.42 4.27 -4.51
C ILE A 169 -14.47 5.47 -4.47
N SER A 170 -14.77 6.47 -5.26
CA SER A 170 -13.91 7.65 -5.33
C SER A 170 -14.55 8.85 -4.68
N LYS A 171 -13.78 9.89 -4.54
CA LYS A 171 -14.29 11.09 -3.96
C LYS A 171 -15.42 11.58 -4.85
N TYR A 172 -15.25 11.40 -6.15
CA TYR A 172 -16.25 11.83 -7.10
C TYR A 172 -17.62 11.20 -6.80
N TYR A 173 -17.66 9.88 -6.65
CA TYR A 173 -18.94 9.24 -6.33
C TYR A 173 -19.49 9.66 -4.99
N LEU A 174 -18.59 9.88 -4.02
CA LEU A 174 -19.02 10.34 -2.70
C LEU A 174 -19.65 11.75 -2.83
N LEU A 175 -19.05 12.60 -3.67
CA LEU A 175 -19.58 13.94 -3.86
C LEU A 175 -20.88 13.84 -4.63
N ASP A 176 -20.97 12.89 -5.56
CA ASP A 176 -22.21 12.78 -6.30
C ASP A 176 -23.31 12.45 -5.32
N TYR A 177 -23.04 11.47 -4.44
CA TYR A 177 -24.05 11.03 -3.48
C TYR A 177 -24.45 12.18 -2.54
N ARG A 178 -23.46 12.88 -2.01
CA ARG A 178 -23.75 14.01 -1.14
C ARG A 178 -24.60 15.04 -1.90
N ASN A 179 -24.20 15.39 -3.12
CA ASN A 179 -24.96 16.37 -3.88
C ASN A 179 -26.36 15.90 -4.20
N LYS A 180 -26.63 14.61 -4.22
CA LYS A 180 -28.00 14.20 -4.46
C LYS A 180 -28.81 14.14 -3.18
N PHE A 181 -28.21 13.65 -2.09
CA PHE A 181 -29.00 13.46 -0.86
C PHE A 181 -28.84 14.38 0.32
N TYR A 182 -27.68 14.98 0.46
CA TYR A 182 -27.47 15.88 1.57
C TYR A 182 -27.97 17.27 1.23
N THR A 183 -29.28 17.48 1.34
CA THR A 183 -29.87 18.77 1.05
C THR A 183 -30.78 19.12 2.23
N PRO A 184 -30.96 20.41 2.53
CA PRO A 184 -31.84 20.76 3.65
C PRO A 184 -33.25 20.18 3.56
N GLU A 185 -33.80 20.11 2.36
CA GLU A 185 -35.15 19.59 2.19
C GLU A 185 -35.24 18.07 2.40
N ASN A 186 -34.09 17.42 2.47
CA ASN A 186 -34.05 15.98 2.64
C ASN A 186 -33.50 15.66 4.03
N THR A 187 -33.59 16.64 4.93
CA THR A 187 -33.04 16.49 6.26
C THR A 187 -33.94 16.95 7.40
N VAL A 188 -33.79 16.31 8.55
CA VAL A 188 -34.53 16.67 9.74
C VAL A 188 -33.58 16.86 10.90
N ALA A 189 -33.82 17.90 11.70
CA ALA A 189 -32.99 18.14 12.88
C ALA A 189 -33.92 17.90 14.05
N ALA A 190 -33.59 16.91 14.89
CA ALA A 190 -34.48 16.64 16.03
C ALA A 190 -33.73 16.80 17.35
N PHE A 191 -34.50 17.11 18.38
CA PHE A 191 -33.95 17.33 19.69
C PHE A 191 -34.92 16.82 20.75
N VAL A 192 -34.37 16.29 21.82
CA VAL A 192 -35.19 15.82 22.93
C VAL A 192 -34.70 16.58 24.16
N GLY A 193 -35.65 17.22 24.84
CA GLY A 193 -35.34 17.99 26.03
C GLY A 193 -34.76 19.37 25.75
N VAL A 194 -35.02 19.89 24.57
CA VAL A 194 -34.54 21.21 24.19
C VAL A 194 -35.74 22.02 23.75
N PRO A 195 -35.95 23.20 24.35
CA PRO A 195 -37.11 24.03 23.97
C PRO A 195 -37.11 24.29 22.46
N HIS A 196 -38.29 24.22 21.85
CA HIS A 196 -38.40 24.43 20.43
C HIS A 196 -37.77 25.76 19.96
N GLU A 197 -38.03 26.83 20.72
CA GLU A 197 -37.49 28.15 20.37
C GLU A 197 -35.98 28.13 20.26
N LYS A 198 -35.33 27.52 21.24
CA LYS A 198 -33.89 27.43 21.23
C LYS A 198 -33.40 26.59 20.03
N ALA A 199 -34.14 25.53 19.69
CA ALA A 199 -33.76 24.66 18.58
C ALA A 199 -33.80 25.39 17.24
N LEU A 200 -34.80 26.24 17.05
CA LEU A 200 -34.88 27.01 15.81
C LEU A 200 -33.71 28.01 15.76
N GLU A 201 -33.33 28.56 16.90
CA GLU A 201 -32.22 29.48 16.95
C GLU A 201 -30.97 28.80 16.45
N LEU A 202 -30.59 27.72 17.12
CA LEU A 202 -29.36 26.99 16.79
C LEU A 202 -29.37 26.40 15.39
N THR A 203 -30.51 25.87 14.96
CA THR A 203 -30.62 25.31 13.63
C THR A 203 -30.41 26.39 12.55
N GLY A 204 -31.10 27.53 12.72
CA GLY A 204 -30.95 28.61 11.76
C GLY A 204 -29.51 29.10 11.70
N LYS A 205 -28.88 29.11 12.87
CA LYS A 205 -27.50 29.57 12.95
C LYS A 205 -26.49 28.67 12.25
N TYR A 206 -26.71 27.35 12.28
CA TYR A 206 -25.75 26.45 11.66
C TYR A 206 -26.17 25.79 10.36
N LEU A 207 -27.48 25.70 10.12
CA LEU A 207 -28.00 25.07 8.92
C LEU A 207 -28.91 26.00 8.10
N GLY A 208 -29.27 27.16 8.67
CA GLY A 208 -30.15 28.11 7.99
C GLY A 208 -29.81 28.58 6.57
N ASP A 209 -28.55 28.93 6.31
CA ASP A 209 -28.09 29.38 5.01
C ASP A 209 -27.67 28.21 4.06
N TRP A 210 -27.96 26.98 4.46
CA TRP A 210 -27.59 25.83 3.66
C TRP A 210 -28.56 25.86 2.47
N GLN A 211 -28.06 25.65 1.26
CA GLN A 211 -28.92 25.68 0.07
C GLN A 211 -28.94 24.36 -0.66
N SER A 212 -30.06 24.03 -1.28
CA SER A 212 -30.19 22.79 -2.03
C SER A 212 -29.36 22.83 -3.30
N THR A 213 -29.07 21.66 -3.87
CA THR A 213 -28.29 21.61 -5.10
C THR A 213 -29.25 21.30 -6.24
N HIS A 214 -30.52 21.13 -5.87
CA HIS A 214 -31.61 20.81 -6.81
C HIS A 214 -31.27 19.68 -7.75
N PRO A 215 -30.92 18.51 -7.19
CA PRO A 215 -30.54 17.32 -7.96
C PRO A 215 -31.71 16.60 -8.60
N PRO A 216 -31.42 15.66 -9.50
CA PRO A 216 -32.45 14.86 -10.18
C PRO A 216 -33.06 13.90 -9.16
N ILE A 217 -34.39 13.90 -9.05
CA ILE A 217 -35.11 13.01 -8.12
C ILE A 217 -34.98 11.57 -8.59
N THR A 218 -34.28 10.74 -7.83
CA THR A 218 -34.12 9.34 -8.26
C THR A 218 -34.65 8.24 -7.31
N LYS A 219 -35.75 8.51 -6.59
CA LYS A 219 -36.28 7.52 -5.64
C LYS A 219 -37.39 6.56 -6.13
N LYS A 220 -36.97 5.32 -6.42
CA LYS A 220 -37.86 4.29 -6.90
C LYS A 220 -38.63 3.54 -5.82
N VAL A 221 -39.87 3.15 -6.11
CA VAL A 221 -40.64 2.40 -5.11
C VAL A 221 -40.13 0.96 -5.11
N ALA A 222 -40.28 0.30 -3.97
CA ALA A 222 -39.83 -1.04 -3.83
C ALA A 222 -40.81 -2.00 -4.52
N GLN A 223 -40.26 -2.93 -5.30
CA GLN A 223 -41.08 -3.93 -5.98
C GLN A 223 -40.72 -5.35 -5.48
N TYR A 224 -41.52 -5.89 -4.59
CA TYR A 224 -41.29 -7.22 -4.06
C TYR A 224 -41.44 -8.24 -5.17
N THR A 225 -40.49 -9.16 -5.28
CA THR A 225 -40.54 -10.19 -6.31
C THR A 225 -40.63 -11.59 -5.73
N GLY A 226 -40.00 -11.79 -4.59
CA GLY A 226 -39.97 -13.11 -4.00
C GLY A 226 -38.77 -13.73 -4.70
N GLY A 227 -38.38 -14.94 -4.29
CA GLY A 227 -37.22 -15.59 -4.87
C GLY A 227 -36.52 -16.57 -3.93
N GLU A 228 -35.53 -17.27 -4.47
CA GLU A 228 -34.74 -18.26 -3.72
C GLU A 228 -33.25 -18.05 -3.83
N SER A 229 -32.52 -18.52 -2.83
CA SER A 229 -31.07 -18.45 -2.89
C SER A 229 -30.48 -19.32 -1.79
N CYS A 230 -29.30 -19.88 -2.08
CA CYS A 230 -28.67 -20.76 -1.11
C CYS A 230 -27.16 -20.67 -1.19
N ILE A 231 -26.53 -20.45 -0.04
CA ILE A 231 -25.08 -20.37 0.00
C ILE A 231 -24.56 -21.64 0.72
N PRO A 232 -23.30 -22.03 0.45
CA PRO A 232 -22.64 -23.20 1.04
C PRO A 232 -22.63 -23.23 2.59
N PRO A 233 -22.60 -24.45 3.17
CA PRO A 233 -22.58 -24.64 4.63
C PRO A 233 -21.40 -23.92 5.22
N ALA A 234 -21.59 -23.38 6.42
CA ALA A 234 -20.51 -22.68 7.09
C ALA A 234 -19.44 -23.70 7.50
N PRO A 235 -18.18 -23.26 7.54
CA PRO A 235 -17.07 -24.14 7.94
C PRO A 235 -17.31 -24.66 9.37
N VAL A 236 -17.00 -25.94 9.61
CA VAL A 236 -17.14 -26.55 10.94
C VAL A 236 -15.92 -26.25 11.83
N PHE A 237 -16.11 -25.39 12.83
CA PHE A 237 -15.05 -24.97 13.76
C PHE A 237 -14.61 -26.07 14.76
N GLY A 238 -14.46 -25.69 16.03
CA GLY A 238 -14.03 -26.64 17.04
C GLY A 238 -15.14 -27.46 17.68
N ASN A 239 -15.61 -26.98 18.83
CA ASN A 239 -16.68 -27.64 19.56
C ASN A 239 -18.07 -27.17 19.11
N LEU A 240 -18.13 -26.00 18.47
CA LEU A 240 -19.41 -25.45 17.99
C LEU A 240 -20.14 -26.46 17.07
N PRO A 241 -21.46 -26.66 17.30
CA PRO A 241 -22.25 -27.60 16.49
C PRO A 241 -22.53 -27.06 15.09
N GLU A 242 -22.60 -27.94 14.10
CA GLU A 242 -22.86 -27.49 12.75
C GLU A 242 -24.37 -27.23 12.56
N LEU A 243 -24.71 -26.09 11.97
CA LEU A 243 -26.11 -25.74 11.72
C LEU A 243 -26.38 -25.25 10.32
N PHE A 244 -27.58 -25.58 9.83
CA PHE A 244 -28.05 -25.11 8.53
C PHE A 244 -29.06 -24.02 8.90
N HIS A 245 -29.31 -23.09 8.00
CA HIS A 245 -30.25 -22.04 8.33
C HIS A 245 -31.21 -21.80 7.17
N ILE A 246 -32.40 -21.36 7.50
CA ILE A 246 -33.38 -21.07 6.49
C ILE A 246 -34.29 -19.94 6.98
N GLN A 247 -34.66 -19.07 6.05
CA GLN A 247 -35.56 -17.97 6.34
C GLN A 247 -36.57 -18.01 5.23
N ILE A 248 -37.84 -17.90 5.60
CA ILE A 248 -38.96 -17.90 4.66
C ILE A 248 -39.89 -16.73 4.95
N GLY A 249 -40.08 -15.88 3.97
CA GLY A 249 -40.97 -14.75 4.16
C GLY A 249 -41.84 -14.41 2.96
N PHE A 250 -42.77 -13.49 3.20
CA PHE A 250 -43.68 -13.02 2.17
C PHE A 250 -43.66 -11.52 2.30
N GLU A 251 -44.12 -10.81 1.27
CA GLU A 251 -44.13 -9.37 1.39
C GLU A 251 -45.00 -8.95 2.60
N GLY A 252 -44.45 -8.07 3.44
CA GLY A 252 -45.18 -7.58 4.59
C GLY A 252 -45.81 -6.20 4.35
N LEU A 253 -45.85 -5.37 5.38
CA LEU A 253 -46.44 -4.04 5.26
C LEU A 253 -45.52 -2.85 5.56
N PRO A 254 -45.88 -1.66 5.03
CA PRO A 254 -45.14 -0.42 5.24
C PRO A 254 -45.36 -0.03 6.70
N ILE A 255 -44.38 0.59 7.35
CA ILE A 255 -44.54 0.94 8.78
C ILE A 255 -45.71 1.85 9.12
N ASP A 256 -46.31 2.52 8.14
CA ASP A 256 -47.45 3.37 8.45
C ASP A 256 -48.73 2.76 7.94
N HIS A 257 -48.67 1.52 7.49
CA HIS A 257 -49.88 0.87 6.99
C HIS A 257 -50.83 0.65 8.17
N PRO A 258 -52.14 0.82 7.95
CA PRO A 258 -53.14 0.64 9.02
C PRO A 258 -53.07 -0.68 9.79
N ASP A 259 -52.71 -1.78 9.12
CA ASP A 259 -52.67 -3.08 9.80
C ASP A 259 -51.32 -3.43 10.39
N ILE A 260 -50.43 -2.45 10.43
CA ILE A 260 -49.11 -2.66 10.97
C ILE A 260 -49.17 -3.12 12.44
N TYR A 261 -50.07 -2.59 13.26
CA TYR A 261 -50.14 -3.03 14.65
C TYR A 261 -50.59 -4.48 14.76
N ALA A 262 -51.52 -4.87 13.90
CA ALA A 262 -52.00 -6.23 13.91
C ALA A 262 -50.82 -7.10 13.52
N LEU A 263 -50.05 -6.67 12.53
CA LEU A 263 -48.91 -7.46 12.07
C LEU A 263 -47.81 -7.62 13.13
N ALA A 264 -47.52 -6.55 13.85
CA ALA A 264 -46.51 -6.59 14.91
C ALA A 264 -46.97 -7.54 16.01
N THR A 265 -48.28 -7.55 16.27
CA THR A 265 -48.85 -8.42 17.28
C THR A 265 -48.69 -9.86 16.83
N LEU A 266 -48.88 -10.09 15.54
CA LEU A 266 -48.73 -11.44 15.04
C LEU A 266 -47.28 -11.89 15.26
N GLN A 267 -46.35 -11.01 14.97
CA GLN A 267 -44.93 -11.30 15.11
C GLN A 267 -44.61 -11.62 16.58
N THR A 268 -45.25 -10.92 17.50
CA THR A 268 -45.03 -11.12 18.92
C THR A 268 -45.67 -12.41 19.38
N LEU A 269 -46.85 -12.71 18.83
CA LEU A 269 -47.56 -13.94 19.17
C LEU A 269 -46.77 -15.18 18.70
N LEU A 270 -46.10 -15.08 17.55
CA LEU A 270 -45.29 -16.20 17.10
C LEU A 270 -44.02 -16.23 17.95
N GLY A 271 -43.42 -15.06 18.15
CA GLY A 271 -42.21 -14.90 18.95
C GLY A 271 -41.08 -15.85 18.61
N GLY A 272 -40.67 -16.64 19.60
CA GLY A 272 -39.60 -17.58 19.38
C GLY A 272 -38.24 -17.11 19.89
N GLY A 273 -37.20 -17.82 19.51
CA GLY A 273 -35.88 -17.46 19.95
C GLY A 273 -34.90 -18.62 19.81
N GLY A 274 -33.88 -18.59 20.67
CA GLY A 274 -32.85 -19.61 20.66
C GLY A 274 -33.19 -20.63 21.72
N SER A 275 -32.94 -21.91 21.43
CA SER A 275 -33.26 -23.01 22.35
C SER A 275 -32.64 -22.82 23.74
N PHE A 276 -31.98 -21.69 23.94
CA PHE A 276 -31.37 -21.36 25.21
C PHE A 276 -32.22 -20.36 26.06
N SER A 277 -32.55 -19.22 25.46
CA SER A 277 -33.36 -18.17 26.12
C SER A 277 -32.99 -17.95 27.59
N ALA A 278 -31.92 -17.21 27.83
CA ALA A 278 -31.47 -16.92 29.19
C ALA A 278 -32.11 -15.61 29.69
N GLY A 279 -32.77 -15.67 30.84
CA GLY A 279 -33.42 -14.51 31.38
C GLY A 279 -34.67 -14.90 32.13
N GLY A 280 -35.21 -13.94 32.89
CA GLY A 280 -36.40 -14.22 33.67
C GLY A 280 -37.69 -14.11 32.87
N PRO A 281 -38.83 -14.33 33.53
CA PRO A 281 -40.13 -14.24 32.85
C PRO A 281 -40.28 -12.92 32.09
N GLY A 282 -41.17 -12.95 31.09
CA GLY A 282 -41.42 -11.78 30.27
C GLY A 282 -40.62 -11.88 28.98
N LYS A 283 -39.81 -12.93 28.87
CA LYS A 283 -38.95 -13.17 27.69
C LYS A 283 -39.70 -13.76 26.48
N GLY A 284 -40.89 -14.34 26.72
CA GLY A 284 -41.66 -14.88 25.62
C GLY A 284 -41.67 -16.39 25.43
N MET A 285 -41.55 -17.15 26.51
CA MET A 285 -41.55 -18.59 26.40
C MET A 285 -42.93 -19.13 26.10
N TYR A 286 -43.95 -18.29 26.17
CA TYR A 286 -45.31 -18.75 25.91
C TYR A 286 -45.83 -18.36 24.54
N SER A 287 -44.91 -18.05 23.64
CA SER A 287 -45.26 -17.68 22.29
C SER A 287 -45.28 -18.97 21.47
N ARG A 288 -46.05 -18.97 20.40
CA ARG A 288 -46.17 -20.17 19.60
C ARG A 288 -44.91 -20.82 19.13
N LEU A 289 -43.95 -20.05 18.62
CA LEU A 289 -42.75 -20.70 18.16
C LEU A 289 -42.00 -21.42 19.30
N TYR A 290 -42.17 -20.95 20.54
CA TYR A 290 -41.50 -21.67 21.62
C TYR A 290 -42.26 -22.98 21.84
N THR A 291 -43.55 -22.82 22.05
CA THR A 291 -44.45 -23.90 22.31
C THR A 291 -44.58 -24.99 21.26
N HIS A 292 -44.78 -24.61 20.01
CA HIS A 292 -44.96 -25.58 18.94
C HIS A 292 -43.69 -26.00 18.23
N VAL A 293 -42.56 -25.35 18.51
CA VAL A 293 -41.33 -25.70 17.81
C VAL A 293 -40.13 -25.97 18.71
N LEU A 294 -39.65 -24.95 19.40
CA LEU A 294 -38.49 -25.13 20.25
C LEU A 294 -38.71 -26.24 21.27
N ASN A 295 -39.83 -26.19 22.00
CA ASN A 295 -40.14 -27.20 23.01
C ASN A 295 -40.48 -28.57 22.41
N GLN A 296 -40.76 -28.63 21.11
CA GLN A 296 -41.10 -29.90 20.45
C GLN A 296 -39.96 -30.60 19.73
N TYR A 297 -39.20 -29.81 18.97
CA TYR A 297 -38.07 -30.30 18.19
C TYR A 297 -36.82 -29.64 18.74
N TYR A 298 -35.78 -30.37 19.09
CA TYR A 298 -34.56 -29.70 19.54
C TYR A 298 -33.51 -29.81 18.42
N PHE A 299 -33.71 -30.67 17.43
CA PHE A 299 -32.73 -30.61 16.35
C PHE A 299 -32.82 -29.12 15.82
N VAL A 300 -33.76 -28.37 16.39
CA VAL A 300 -33.96 -26.97 16.10
C VAL A 300 -33.30 -26.17 17.22
N GLU A 301 -32.25 -25.41 16.89
CA GLU A 301 -31.56 -24.62 17.92
C GLU A 301 -32.07 -23.19 17.98
N ASN A 302 -32.80 -22.77 16.96
CA ASN A 302 -33.35 -21.44 16.91
C ASN A 302 -34.54 -21.33 15.97
N CYS A 303 -35.54 -20.56 16.38
CA CYS A 303 -36.72 -20.35 15.55
C CYS A 303 -37.39 -19.06 15.97
N VAL A 304 -37.44 -18.10 15.07
CA VAL A 304 -38.01 -16.83 15.44
C VAL A 304 -38.71 -16.13 14.29
N ALA A 305 -39.71 -15.32 14.63
CA ALA A 305 -40.48 -14.58 13.63
C ALA A 305 -39.89 -13.23 13.42
N PHE A 306 -39.71 -12.85 12.16
CA PHE A 306 -39.17 -11.53 11.86
C PHE A 306 -40.20 -10.66 11.11
N ASN A 307 -40.03 -9.34 11.24
CA ASN A 307 -40.90 -8.39 10.58
C ASN A 307 -40.13 -7.13 10.17
N HIS A 308 -39.59 -7.15 8.95
CA HIS A 308 -38.85 -6.00 8.43
C HIS A 308 -39.90 -5.13 7.78
N SER A 309 -40.04 -3.92 8.30
CA SER A 309 -41.04 -3.00 7.78
C SER A 309 -40.44 -1.66 7.38
N TYR A 310 -40.67 -1.24 6.13
CA TYR A 310 -40.11 0.01 5.62
C TYR A 310 -41.17 1.00 5.12
N SER A 311 -40.69 2.09 4.54
CA SER A 311 -41.57 3.12 4.02
C SER A 311 -42.63 2.64 3.00
N ASP A 312 -42.28 1.72 2.09
CA ASP A 312 -43.23 1.28 1.09
C ASP A 312 -43.44 -0.23 0.93
N SER A 313 -42.80 -1.01 1.78
CA SER A 313 -42.92 -2.45 1.67
C SER A 313 -42.34 -3.04 2.93
N GLY A 314 -42.34 -4.36 3.01
CA GLY A 314 -41.78 -5.05 4.15
C GLY A 314 -41.64 -6.55 3.87
N ILE A 315 -40.99 -7.27 4.78
CA ILE A 315 -40.87 -8.71 4.63
C ILE A 315 -41.27 -9.31 5.95
N PHE A 316 -42.14 -10.30 5.93
CA PHE A 316 -42.59 -10.92 7.14
C PHE A 316 -42.41 -12.42 7.01
N GLY A 317 -41.95 -13.08 8.06
CA GLY A 317 -41.73 -14.51 7.94
C GLY A 317 -41.06 -15.16 9.13
N ILE A 318 -40.53 -16.36 8.92
CA ILE A 318 -39.92 -17.10 10.01
C ILE A 318 -38.52 -17.60 9.68
N SER A 319 -37.67 -17.50 10.68
CA SER A 319 -36.30 -17.93 10.59
C SER A 319 -36.13 -19.21 11.41
N LEU A 320 -35.37 -20.16 10.87
CA LEU A 320 -35.15 -21.43 11.55
C LEU A 320 -33.71 -21.98 11.38
N SER A 321 -33.08 -22.36 12.49
CA SER A 321 -31.75 -22.90 12.44
C SER A 321 -31.84 -24.31 13.01
N CYS A 322 -31.24 -25.26 12.29
CA CYS A 322 -31.29 -26.63 12.74
C CYS A 322 -30.07 -27.47 12.35
N ILE A 323 -29.97 -28.63 12.97
CA ILE A 323 -28.89 -29.56 12.69
C ILE A 323 -29.10 -30.00 11.25
N PRO A 324 -27.99 -30.21 10.52
CA PRO A 324 -28.05 -30.63 9.13
C PRO A 324 -29.02 -31.78 8.84
N GLN A 325 -29.09 -32.71 9.77
CA GLN A 325 -29.95 -33.89 9.60
C GLN A 325 -31.43 -33.57 9.50
N ALA A 326 -31.85 -32.50 10.19
CA ALA A 326 -33.25 -32.08 10.20
C ALA A 326 -33.64 -31.20 9.01
N ALA A 327 -32.67 -30.69 8.28
CA ALA A 327 -32.94 -29.82 7.15
C ALA A 327 -34.15 -30.26 6.30
N PRO A 328 -34.22 -31.54 5.96
CA PRO A 328 -35.36 -32.01 5.15
C PRO A 328 -36.74 -31.69 5.71
N GLN A 329 -36.81 -31.41 7.01
CA GLN A 329 -38.08 -31.09 7.66
C GLN A 329 -38.36 -29.60 7.87
N ALA A 330 -37.31 -28.78 7.77
CA ALA A 330 -37.39 -27.34 7.98
C ALA A 330 -38.56 -26.62 7.29
N VAL A 331 -38.61 -26.71 5.97
CA VAL A 331 -39.68 -26.04 5.27
C VAL A 331 -41.04 -26.38 5.82
N GLU A 332 -41.32 -27.67 5.96
CA GLU A 332 -42.62 -28.09 6.46
C GLU A 332 -42.92 -27.57 7.86
N VAL A 333 -41.96 -27.67 8.75
CA VAL A 333 -42.16 -27.17 10.09
C VAL A 333 -42.63 -25.73 10.07
N ILE A 334 -41.93 -24.90 9.28
CA ILE A 334 -42.25 -23.48 9.15
C ILE A 334 -43.63 -23.29 8.49
N ALA A 335 -43.89 -24.03 7.40
CA ALA A 335 -45.17 -23.91 6.71
C ALA A 335 -46.33 -24.23 7.64
N GLN A 336 -46.15 -25.23 8.50
CA GLN A 336 -47.23 -25.57 9.41
C GLN A 336 -47.54 -24.41 10.34
N GLN A 337 -46.49 -23.83 10.90
CA GLN A 337 -46.64 -22.71 11.83
C GLN A 337 -47.40 -21.55 11.20
N MET A 338 -47.11 -21.28 9.93
CA MET A 338 -47.76 -20.19 9.27
C MET A 338 -49.22 -20.56 9.06
N TYR A 339 -49.44 -21.77 8.57
CA TYR A 339 -50.76 -22.28 8.31
C TYR A 339 -51.62 -22.19 9.57
N ASN A 340 -51.08 -22.65 10.70
CA ASN A 340 -51.82 -22.66 11.94
C ASN A 340 -52.24 -21.32 12.50
N THR A 341 -51.85 -20.24 11.85
CA THR A 341 -52.22 -18.94 12.38
C THR A 341 -53.58 -18.49 11.85
N PHE A 342 -54.03 -19.09 10.76
CA PHE A 342 -55.31 -18.69 10.20
C PHE A 342 -56.13 -19.81 9.54
N ALA A 343 -55.45 -20.76 8.90
CA ALA A 343 -56.12 -21.84 8.19
C ALA A 343 -56.42 -23.11 8.97
N ASN A 344 -56.15 -23.13 10.26
CA ASN A 344 -56.41 -24.34 11.02
C ASN A 344 -57.52 -24.08 12.02
N LYS A 345 -58.73 -24.47 11.63
CA LYS A 345 -59.93 -24.30 12.46
C LYS A 345 -59.78 -24.77 13.89
N ASP A 346 -58.81 -25.64 14.13
CA ASP A 346 -58.59 -26.17 15.48
C ASP A 346 -57.42 -25.53 16.23
N LEU A 347 -56.73 -24.60 15.56
CA LEU A 347 -55.59 -23.88 16.15
C LEU A 347 -55.76 -22.39 15.96
N ARG A 348 -57.01 -21.96 15.86
CA ARG A 348 -57.34 -20.56 15.70
C ARG A 348 -56.64 -19.78 16.82
N LEU A 349 -56.39 -18.50 16.61
CA LEU A 349 -55.71 -17.69 17.62
C LEU A 349 -56.66 -17.40 18.79
N THR A 350 -56.23 -17.70 20.01
CA THR A 350 -57.06 -17.51 21.18
C THR A 350 -56.98 -16.13 21.83
N GLU A 351 -58.03 -15.81 22.59
CA GLU A 351 -58.11 -14.55 23.31
C GLU A 351 -56.85 -14.36 24.14
N ASP A 352 -56.44 -15.42 24.83
CA ASP A 352 -55.27 -15.37 25.69
C ASP A 352 -54.01 -15.08 24.89
N GLU A 353 -53.82 -15.80 23.79
CA GLU A 353 -52.63 -15.59 22.98
C GLU A 353 -52.58 -14.12 22.55
N VAL A 354 -53.65 -13.66 21.90
CA VAL A 354 -53.73 -12.29 21.41
C VAL A 354 -53.62 -11.24 22.52
N SER A 355 -54.26 -11.49 23.65
CA SER A 355 -54.19 -10.54 24.76
C SER A 355 -52.75 -10.43 25.29
N ARG A 356 -52.06 -11.56 25.40
CA ARG A 356 -50.67 -11.57 25.88
C ARG A 356 -49.74 -10.89 24.85
N ALA A 357 -49.88 -11.28 23.58
CA ALA A 357 -49.03 -10.71 22.56
C ALA A 357 -49.25 -9.19 22.54
N LYS A 358 -50.49 -8.74 22.73
CA LYS A 358 -50.79 -7.31 22.73
C LYS A 358 -50.06 -6.58 23.83
N ASN A 359 -50.18 -7.09 25.05
CA ASN A 359 -49.48 -6.45 26.15
C ASN A 359 -47.95 -6.48 25.97
N GLN A 360 -47.41 -7.58 25.44
CA GLN A 360 -45.98 -7.63 25.24
C GLN A 360 -45.53 -6.62 24.17
N LEU A 361 -46.38 -6.37 23.19
CA LEU A 361 -46.02 -5.42 22.17
C LEU A 361 -46.02 -4.01 22.76
N LYS A 362 -47.08 -3.64 23.48
CA LYS A 362 -47.17 -2.32 24.10
C LYS A 362 -45.98 -2.12 25.01
N SER A 363 -45.68 -3.17 25.75
CA SER A 363 -44.60 -3.16 26.69
C SER A 363 -43.25 -2.85 26.05
N SER A 364 -42.85 -3.58 25.00
CA SER A 364 -41.53 -3.32 24.45
C SER A 364 -41.44 -1.96 23.79
N LEU A 365 -42.54 -1.49 23.24
CA LEU A 365 -42.51 -0.17 22.62
C LEU A 365 -42.32 0.89 23.68
N LEU A 366 -43.20 0.92 24.66
CA LEU A 366 -43.13 1.90 25.72
C LEU A 366 -41.83 1.84 26.49
N MET A 367 -41.39 0.63 26.85
CA MET A 367 -40.16 0.50 27.59
C MET A 367 -38.96 0.94 26.81
N ASN A 368 -39.01 0.74 25.50
CA ASN A 368 -37.88 1.15 24.69
C ASN A 368 -37.79 2.66 24.57
N LEU A 369 -38.96 3.28 24.51
CA LEU A 369 -39.09 4.72 24.42
C LEU A 369 -38.69 5.40 25.71
N GLU A 370 -38.28 4.64 26.72
CA GLU A 370 -37.87 5.27 27.98
C GLU A 370 -36.52 5.93 27.74
N SER A 371 -35.80 5.45 26.73
CA SER A 371 -34.50 6.01 26.39
C SER A 371 -34.62 7.26 25.53
N LYS A 372 -33.92 8.33 25.90
CA LYS A 372 -34.00 9.57 25.12
C LYS A 372 -33.55 9.34 23.70
N LEU A 373 -32.44 8.63 23.55
CA LEU A 373 -31.90 8.33 22.25
C LEU A 373 -32.89 7.58 21.37
N VAL A 374 -33.68 6.71 21.96
CA VAL A 374 -34.67 5.98 21.17
C VAL A 374 -35.82 6.93 20.82
N GLU A 375 -36.22 7.78 21.77
CA GLU A 375 -37.29 8.74 21.50
C GLU A 375 -36.82 9.63 20.36
N LEU A 376 -35.56 10.02 20.42
CA LEU A 376 -34.97 10.88 19.42
C LEU A 376 -35.02 10.27 18.03
N GLU A 377 -34.47 9.06 17.91
CA GLU A 377 -34.43 8.38 16.65
C GLU A 377 -35.83 8.12 16.12
N ASP A 378 -36.73 7.73 17.00
CA ASP A 378 -38.08 7.46 16.53
C ASP A 378 -38.76 8.72 15.98
N MET A 379 -38.52 9.85 16.62
CA MET A 379 -39.09 11.12 16.18
C MET A 379 -38.44 11.56 14.88
N GLY A 380 -37.12 11.52 14.83
CA GLY A 380 -36.43 11.90 13.61
C GLY A 380 -36.85 11.11 12.39
N ARG A 381 -36.96 9.80 12.53
CA ARG A 381 -37.34 8.98 11.39
C ARG A 381 -38.78 9.17 10.98
N GLN A 382 -39.65 9.37 11.97
CA GLN A 382 -41.06 9.56 11.67
C GLN A 382 -41.28 10.84 10.90
N VAL A 383 -40.65 11.91 11.35
CA VAL A 383 -40.78 13.19 10.68
C VAL A 383 -40.15 13.09 9.29
N LEU A 384 -38.99 12.47 9.18
CA LEU A 384 -38.35 12.32 7.88
C LEU A 384 -39.29 11.58 6.93
N MET A 385 -39.93 10.53 7.42
CA MET A 385 -40.81 9.78 6.55
C MET A 385 -42.18 10.36 6.23
N HIS A 386 -42.94 10.83 7.21
CA HIS A 386 -44.22 11.40 6.87
C HIS A 386 -44.52 12.74 7.51
N GLY A 387 -43.46 13.46 7.86
CA GLY A 387 -43.62 14.77 8.45
C GLY A 387 -44.56 14.98 9.63
N ARG A 388 -44.60 14.02 10.55
CA ARG A 388 -45.45 14.11 11.74
C ARG A 388 -44.95 13.07 12.73
N LYS A 389 -45.26 13.25 14.01
CA LYS A 389 -44.85 12.26 14.99
C LYS A 389 -46.11 11.68 15.59
N ILE A 390 -46.37 10.42 15.31
CA ILE A 390 -47.57 9.83 15.86
C ILE A 390 -47.39 9.80 17.37
N PRO A 391 -48.36 10.32 18.13
CA PRO A 391 -48.23 10.34 19.58
C PRO A 391 -48.42 8.95 20.14
N VAL A 392 -47.78 8.70 21.28
CA VAL A 392 -47.85 7.42 21.95
C VAL A 392 -49.30 6.97 22.21
N ASN A 393 -50.13 7.84 22.77
CA ASN A 393 -51.52 7.53 23.08
C ASN A 393 -52.25 6.85 21.93
N GLU A 394 -52.08 7.39 20.74
CA GLU A 394 -52.75 6.87 19.55
C GLU A 394 -52.26 5.46 19.24
N MET A 395 -50.96 5.28 19.39
CA MET A 395 -50.29 4.03 19.14
C MET A 395 -50.80 2.95 20.07
N ILE A 396 -50.87 3.27 21.35
CA ILE A 396 -51.37 2.33 22.35
C ILE A 396 -52.83 1.97 22.06
N SER A 397 -53.67 2.97 21.88
CA SER A 397 -55.08 2.76 21.59
C SER A 397 -55.29 1.82 20.42
N LYS A 398 -54.60 2.07 19.33
CA LYS A 398 -54.76 1.19 18.18
C LYS A 398 -54.35 -0.24 18.52
N ILE A 399 -53.42 -0.44 19.46
CA ILE A 399 -53.02 -1.79 19.82
C ILE A 399 -54.07 -2.42 20.72
N GLU A 400 -54.59 -1.65 21.65
CA GLU A 400 -55.58 -2.18 22.57
C GLU A 400 -56.90 -2.56 21.91
N ASP A 401 -57.24 -1.90 20.82
CA ASP A 401 -58.49 -2.22 20.15
C ASP A 401 -58.43 -3.47 19.27
N LEU A 402 -57.23 -4.04 19.11
CA LEU A 402 -57.10 -5.24 18.30
C LEU A 402 -57.84 -6.42 18.92
N LYS A 403 -58.45 -7.23 18.05
CA LYS A 403 -59.19 -8.42 18.47
C LYS A 403 -58.66 -9.60 17.66
N PRO A 404 -58.80 -10.82 18.16
CA PRO A 404 -58.30 -11.99 17.43
C PRO A 404 -58.50 -12.00 15.93
N ASP A 405 -59.72 -11.70 15.47
CA ASP A 405 -59.97 -11.72 14.03
C ASP A 405 -59.05 -10.82 13.24
N ASP A 406 -58.67 -9.70 13.83
CA ASP A 406 -57.77 -8.75 13.19
C ASP A 406 -56.45 -9.45 12.90
N ILE A 407 -55.91 -10.11 13.92
CA ILE A 407 -54.65 -10.80 13.72
C ILE A 407 -54.81 -11.92 12.69
N SER A 408 -55.92 -12.65 12.74
CA SER A 408 -56.16 -13.75 11.78
C SER A 408 -56.30 -13.23 10.36
N ARG A 409 -56.99 -12.11 10.21
CA ARG A 409 -57.19 -11.54 8.90
C ARG A 409 -55.84 -11.14 8.30
N VAL A 410 -54.97 -10.53 9.11
CA VAL A 410 -53.65 -10.08 8.64
C VAL A 410 -52.72 -11.25 8.37
N ALA A 411 -52.82 -12.27 9.19
CA ALA A 411 -51.98 -13.45 9.01
C ALA A 411 -52.31 -14.05 7.64
N GLU A 412 -53.60 -14.19 7.36
CA GLU A 412 -54.05 -14.74 6.08
C GLU A 412 -53.60 -13.87 4.89
N MET A 413 -53.76 -12.56 5.04
CA MET A 413 -53.36 -11.66 3.99
C MET A 413 -51.88 -11.81 3.63
N ILE A 414 -51.02 -11.82 4.65
CA ILE A 414 -49.60 -11.95 4.40
C ILE A 414 -49.22 -13.30 3.82
N PHE A 415 -49.59 -14.36 4.52
CA PHE A 415 -49.19 -15.70 4.11
C PHE A 415 -49.81 -16.25 2.84
N THR A 416 -50.88 -15.59 2.39
CA THR A 416 -51.59 -15.96 1.20
C THR A 416 -50.99 -15.20 0.01
N GLY A 417 -50.08 -14.29 0.31
CA GLY A 417 -49.45 -13.50 -0.72
C GLY A 417 -50.43 -12.46 -1.25
N ASN A 418 -51.31 -11.97 -0.40
CA ASN A 418 -52.28 -10.99 -0.82
C ASN A 418 -52.09 -9.57 -0.32
N VAL A 419 -50.86 -9.10 -0.35
CA VAL A 419 -50.56 -7.75 0.07
C VAL A 419 -50.47 -6.90 -1.21
N ASN A 420 -51.00 -5.69 -1.15
CA ASN A 420 -50.97 -4.80 -2.31
C ASN A 420 -50.34 -3.47 -1.94
N ASN A 421 -49.03 -3.42 -2.08
CA ASN A 421 -48.32 -2.20 -1.78
C ASN A 421 -48.12 -1.46 -3.08
N ALA A 422 -47.70 -0.21 -2.96
CA ALA A 422 -47.44 0.65 -4.11
C ALA A 422 -46.61 0.01 -5.21
N GLY A 423 -45.65 -0.84 -4.84
CA GLY A 423 -44.82 -1.47 -5.85
C GLY A 423 -45.44 -2.69 -6.49
N ASN A 424 -46.66 -3.05 -6.07
CA ASN A 424 -47.39 -4.18 -6.63
C ASN A 424 -46.54 -5.45 -6.73
N GLY A 425 -46.17 -6.00 -5.57
CA GLY A 425 -45.35 -7.19 -5.54
C GLY A 425 -46.06 -8.46 -5.92
N LYS A 426 -45.27 -9.47 -6.29
CA LYS A 426 -45.81 -10.79 -6.63
C LYS A 426 -46.23 -11.42 -5.30
N GLY A 427 -46.95 -12.52 -5.34
CA GLY A 427 -47.33 -13.15 -4.08
C GLY A 427 -46.42 -14.35 -3.83
N ARG A 428 -45.27 -14.32 -4.46
CA ARG A 428 -44.31 -15.39 -4.34
C ARG A 428 -43.50 -15.30 -3.03
N ALA A 429 -43.21 -16.45 -2.44
CA ALA A 429 -42.45 -16.50 -1.20
C ALA A 429 -40.97 -16.22 -1.43
N THR A 430 -40.32 -15.79 -0.34
CA THR A 430 -38.89 -15.55 -0.40
C THR A 430 -38.30 -16.65 0.51
N VAL A 431 -37.42 -17.46 -0.06
CA VAL A 431 -36.82 -18.53 0.70
C VAL A 431 -35.32 -18.46 0.48
N VAL A 432 -34.61 -18.31 1.57
CA VAL A 432 -33.20 -18.14 1.52
C VAL A 432 -32.60 -19.11 2.55
N MET A 433 -31.49 -19.75 2.20
CA MET A 433 -30.92 -20.73 3.12
C MET A 433 -29.43 -20.93 3.03
N GLN A 434 -28.86 -21.46 4.11
CA GLN A 434 -27.43 -21.77 4.17
C GLN A 434 -27.30 -23.26 4.52
N GLY A 435 -26.68 -24.02 3.63
CA GLY A 435 -26.48 -25.44 3.82
C GLY A 435 -26.48 -26.09 2.46
N ASP A 436 -26.59 -27.43 2.39
CA ASP A 436 -26.63 -28.06 1.07
C ASP A 436 -28.06 -27.87 0.55
N ARG A 437 -28.19 -27.28 -0.63
CA ARG A 437 -29.50 -27.03 -1.20
C ARG A 437 -30.40 -28.28 -1.20
N GLY A 438 -29.84 -29.42 -1.61
CA GLY A 438 -30.61 -30.64 -1.65
C GLY A 438 -31.33 -30.96 -0.37
N SER A 439 -30.65 -30.78 0.76
CA SER A 439 -31.21 -31.08 2.08
C SER A 439 -32.54 -30.42 2.45
N PHE A 440 -32.94 -29.37 1.73
CA PHE A 440 -34.20 -28.70 2.07
C PHE A 440 -35.38 -29.21 1.27
N GLY A 441 -35.09 -30.02 0.26
CA GLY A 441 -36.13 -30.60 -0.56
C GLY A 441 -36.80 -29.67 -1.53
N ASP A 442 -37.98 -30.08 -1.98
CA ASP A 442 -38.78 -29.29 -2.90
C ASP A 442 -39.50 -28.21 -2.08
N VAL A 443 -38.85 -27.07 -1.92
CA VAL A 443 -39.40 -25.99 -1.13
C VAL A 443 -40.70 -25.40 -1.66
N GLU A 444 -40.75 -25.15 -2.96
CA GLU A 444 -41.96 -24.58 -3.53
C GLU A 444 -43.16 -25.53 -3.41
N ASN A 445 -42.91 -26.82 -3.58
CA ASN A 445 -44.01 -27.79 -3.50
C ASN A 445 -44.61 -27.91 -2.10
N VAL A 446 -43.77 -27.83 -1.07
CA VAL A 446 -44.27 -27.90 0.29
C VAL A 446 -45.13 -26.66 0.62
N LEU A 447 -44.68 -25.48 0.19
CA LEU A 447 -45.41 -24.25 0.46
C LEU A 447 -46.75 -24.26 -0.25
N LYS A 448 -46.77 -24.73 -1.49
CA LYS A 448 -48.04 -24.80 -2.21
C LYS A 448 -48.92 -25.81 -1.53
N ALA A 449 -48.32 -26.91 -1.09
CA ALA A 449 -49.09 -27.94 -0.43
C ALA A 449 -49.82 -27.37 0.77
N TYR A 450 -49.42 -26.22 1.27
CA TYR A 450 -50.09 -25.64 2.42
C TYR A 450 -50.90 -24.41 2.05
N GLY A 451 -51.06 -24.17 0.75
CA GLY A 451 -51.84 -23.03 0.32
C GLY A 451 -51.19 -21.71 0.68
N LEU A 452 -49.88 -21.73 0.90
CA LEU A 452 -49.15 -20.51 1.21
C LEU A 452 -48.70 -19.85 -0.08
N GLY A 453 -48.68 -18.52 -0.07
CA GLY A 453 -48.26 -17.80 -1.26
C GLY A 453 -49.37 -17.70 -2.28
N ASN A 454 -49.07 -17.07 -3.40
CA ASN A 454 -50.07 -16.90 -4.42
C ASN A 454 -49.46 -17.21 -5.79
N SER A 455 -50.10 -18.14 -6.51
CA SER A 455 -49.62 -18.56 -7.83
C SER A 455 -50.09 -17.65 -8.97
N SER A 456 -51.41 -17.48 -9.04
CA SER A 456 -52.06 -16.65 -10.07
C SER A 456 -52.19 -15.19 -9.64
N SER A 457 -51.65 -14.29 -10.45
CA SER A 457 -51.69 -12.85 -10.16
C SER A 457 -53.11 -12.27 -10.35
N PRO B 5 -39.33 16.96 41.62
CA PRO B 5 -37.95 17.16 41.04
C PRO B 5 -36.91 16.54 41.99
N GLY B 6 -36.42 15.36 41.61
CA GLY B 6 -35.46 14.68 42.44
C GLY B 6 -35.97 13.35 42.98
N THR B 7 -35.26 12.79 43.96
CA THR B 7 -35.64 11.50 44.53
C THR B 7 -36.40 11.61 45.87
N ARG B 8 -37.65 11.15 45.90
CA ARG B 8 -38.45 11.20 47.13
C ARG B 8 -38.11 9.97 47.98
N THR B 9 -38.10 10.15 49.29
CA THR B 9 -37.79 9.05 50.22
C THR B 9 -38.78 8.91 51.38
N SER B 10 -38.97 7.66 51.81
CA SER B 10 -39.85 7.32 52.92
C SER B 10 -39.38 6.02 53.57
N LYS B 11 -39.54 5.92 54.88
CA LYS B 11 -39.15 4.73 55.62
C LYS B 11 -40.41 4.11 56.21
N LEU B 12 -40.53 2.80 56.06
CA LEU B 12 -41.65 2.02 56.58
C LEU B 12 -41.37 1.71 58.05
N PRO B 13 -42.39 1.38 58.85
CA PRO B 13 -42.15 1.05 60.28
C PRO B 13 -41.14 -0.07 60.52
N ASN B 14 -41.11 -1.09 59.67
CA ASN B 14 -40.13 -2.18 59.84
C ASN B 14 -38.71 -1.83 59.35
N GLY B 15 -38.50 -0.56 58.97
CA GLY B 15 -37.18 -0.14 58.53
C GLY B 15 -36.97 0.03 57.04
N LEU B 16 -37.77 -0.66 56.24
CA LEU B 16 -37.67 -0.60 54.78
C LEU B 16 -37.73 0.80 54.23
N THR B 17 -36.79 1.12 53.33
CA THR B 17 -36.74 2.44 52.71
C THR B 17 -37.37 2.39 51.32
N ILE B 18 -38.15 3.41 50.98
CA ILE B 18 -38.82 3.52 49.68
C ILE B 18 -38.24 4.74 48.98
N ALA B 19 -37.46 4.53 47.92
CA ALA B 19 -36.85 5.63 47.15
C ALA B 19 -37.41 5.63 45.73
N THR B 20 -37.83 6.81 45.26
CA THR B 20 -38.45 6.93 43.94
C THR B 20 -38.06 8.17 43.10
N GLU B 21 -38.13 8.05 41.78
CA GLU B 21 -37.87 9.20 40.93
C GLU B 21 -38.89 9.15 39.82
N TYR B 22 -39.78 10.15 39.80
CA TYR B 22 -40.82 10.21 38.79
C TYR B 22 -40.20 10.66 37.46
N ILE B 23 -40.59 10.04 36.35
CA ILE B 23 -40.07 10.45 35.04
C ILE B 23 -41.27 10.92 34.24
N PRO B 24 -41.33 12.24 33.93
CA PRO B 24 -42.45 12.81 33.17
C PRO B 24 -42.62 12.17 31.78
N ASN B 25 -43.87 12.15 31.29
CA ASN B 25 -44.17 11.59 29.97
C ASN B 25 -43.76 10.14 29.80
N THR B 26 -44.18 9.28 30.72
CA THR B 26 -43.86 7.87 30.59
C THR B 26 -45.09 7.11 31.06
N SER B 27 -45.18 5.86 30.64
CA SER B 27 -46.31 5.04 31.02
C SER B 27 -45.84 3.70 31.49
N SER B 28 -44.54 3.61 31.75
CA SER B 28 -43.96 2.37 32.20
C SER B 28 -42.95 2.67 33.30
N ALA B 29 -42.51 1.63 34.00
CA ALA B 29 -41.58 1.86 35.10
C ALA B 29 -40.80 0.63 35.48
N THR B 30 -39.88 0.83 36.40
CA THR B 30 -39.09 -0.26 36.91
C THR B 30 -39.19 -0.22 38.44
N VAL B 31 -39.42 -1.37 39.07
CA VAL B 31 -39.43 -1.40 40.54
C VAL B 31 -38.45 -2.50 40.95
N GLY B 32 -37.68 -2.25 41.99
CA GLY B 32 -36.77 -3.25 42.43
C GLY B 32 -36.53 -3.25 43.91
N ILE B 33 -36.35 -4.45 44.44
CA ILE B 33 -36.09 -4.63 45.86
C ILE B 33 -34.61 -4.99 46.00
N PHE B 34 -33.90 -4.16 46.77
CA PHE B 34 -32.49 -4.33 46.99
C PHE B 34 -32.22 -4.71 48.43
N VAL B 35 -31.45 -5.77 48.61
CA VAL B 35 -31.16 -6.23 49.97
C VAL B 35 -29.67 -6.21 50.24
N ASP B 36 -29.30 -5.66 51.39
CA ASP B 36 -27.89 -5.65 51.80
C ASP B 36 -27.62 -7.06 52.29
N ALA B 37 -27.14 -7.90 51.39
CA ALA B 37 -26.89 -9.28 51.73
C ALA B 37 -25.82 -9.82 50.83
N GLY B 38 -26.19 -10.50 49.75
CA GLY B 38 -25.21 -11.07 48.85
C GLY B 38 -24.33 -12.15 49.48
N SER B 39 -23.26 -12.51 48.80
CA SER B 39 -22.40 -13.56 49.32
C SER B 39 -21.54 -13.15 50.50
N ARG B 40 -21.37 -11.85 50.78
CA ARG B 40 -20.54 -11.41 51.90
C ARG B 40 -21.25 -11.68 53.24
N ALA B 41 -22.48 -12.15 53.17
CA ALA B 41 -23.22 -12.47 54.39
C ALA B 41 -23.19 -13.98 54.67
N GLU B 42 -22.35 -14.71 53.95
CA GLU B 42 -22.22 -16.16 54.12
C GLU B 42 -20.92 -16.46 54.83
N ASN B 43 -20.73 -17.72 55.22
CA ASN B 43 -19.48 -18.14 55.87
C ASN B 43 -18.89 -19.22 54.99
N VAL B 44 -17.78 -19.83 55.41
CA VAL B 44 -17.11 -20.85 54.60
C VAL B 44 -17.97 -22.04 54.19
N LYS B 45 -18.82 -22.53 55.11
CA LYS B 45 -19.70 -23.67 54.80
C LYS B 45 -21.00 -23.23 54.16
N ASN B 46 -21.32 -21.97 54.41
CA ASN B 46 -22.51 -21.30 53.92
C ASN B 46 -22.39 -20.82 52.45
N ASN B 47 -21.16 -20.46 52.07
CA ASN B 47 -20.78 -19.92 50.75
C ASN B 47 -21.48 -20.50 49.52
N GLY B 48 -22.22 -19.65 48.82
CA GLY B 48 -22.93 -20.06 47.62
C GLY B 48 -24.44 -20.05 47.81
N THR B 49 -24.88 -19.86 49.05
CA THR B 49 -26.30 -19.87 49.35
C THR B 49 -27.13 -18.77 48.69
N ALA B 50 -26.64 -17.53 48.76
CA ALA B 50 -27.39 -16.40 48.20
C ALA B 50 -27.67 -16.63 46.72
N HIS B 51 -26.67 -17.06 45.98
CA HIS B 51 -26.86 -17.31 44.56
C HIS B 51 -27.87 -18.44 44.37
N PHE B 52 -27.71 -19.51 45.15
CA PHE B 52 -28.61 -20.64 45.07
C PHE B 52 -30.08 -20.16 45.25
N LEU B 53 -30.29 -19.36 46.28
CA LEU B 53 -31.60 -18.79 46.53
C LEU B 53 -32.16 -18.07 45.31
N GLN B 54 -31.25 -17.35 44.61
CA GLN B 54 -31.72 -16.56 43.47
C GLN B 54 -32.37 -17.53 42.41
N HIS B 55 -31.77 -18.69 42.19
CA HIS B 55 -32.34 -19.65 41.24
C HIS B 55 -33.69 -20.17 41.73
N LEU B 56 -33.80 -20.45 43.03
CA LEU B 56 -35.01 -20.98 43.60
C LEU B 56 -36.19 -20.01 43.70
N ALA B 57 -35.91 -18.74 43.91
CA ALA B 57 -36.97 -17.76 44.04
C ALA B 57 -37.90 -17.73 42.82
N PHE B 58 -37.52 -18.42 41.73
CA PHE B 58 -38.35 -18.45 40.53
C PHE B 58 -39.06 -19.79 40.33
N LYS B 59 -38.87 -20.69 41.29
CA LYS B 59 -39.45 -22.02 41.20
C LYS B 59 -40.80 -22.21 41.90
N GLY B 60 -41.35 -21.15 42.48
CA GLY B 60 -42.64 -21.27 43.12
C GLY B 60 -42.72 -20.65 44.51
N THR B 61 -43.85 -20.05 44.80
CA THR B 61 -44.08 -19.47 46.11
C THR B 61 -45.33 -20.11 46.73
N GLN B 62 -45.60 -19.72 47.97
CA GLN B 62 -46.74 -20.23 48.69
C GLN B 62 -48.04 -19.68 48.11
N ASN B 63 -47.90 -18.87 47.06
CA ASN B 63 -49.08 -18.30 46.43
C ASN B 63 -49.14 -18.54 44.92
N ARG B 64 -47.98 -18.80 44.30
CA ARG B 64 -47.92 -19.03 42.87
C ARG B 64 -46.91 -20.10 42.46
N PRO B 65 -47.36 -21.09 41.68
CA PRO B 65 -46.41 -22.15 41.26
C PRO B 65 -45.49 -21.47 40.21
N GLN B 66 -44.40 -22.13 39.84
CA GLN B 66 -43.48 -21.55 38.87
C GLN B 66 -44.18 -21.05 37.61
N GLN B 67 -44.81 -21.97 36.91
CA GLN B 67 -45.48 -21.62 35.67
C GLN B 67 -46.52 -20.52 35.86
N GLY B 68 -46.98 -20.34 37.10
CA GLY B 68 -47.98 -19.33 37.37
C GLY B 68 -47.40 -17.94 37.39
N ILE B 69 -46.15 -17.84 37.84
CA ILE B 69 -45.44 -16.58 37.89
C ILE B 69 -45.09 -16.13 36.45
N GLU B 70 -44.48 -17.02 35.68
CA GLU B 70 -44.09 -16.73 34.31
C GLU B 70 -45.30 -16.26 33.51
N LEU B 71 -46.30 -17.11 33.46
CA LEU B 71 -47.51 -16.83 32.72
C LEU B 71 -48.16 -15.50 33.11
N GLU B 72 -48.08 -15.14 34.38
CA GLU B 72 -48.69 -13.88 34.80
C GLU B 72 -47.95 -12.67 34.25
N ILE B 73 -46.62 -12.68 34.39
CA ILE B 73 -45.74 -11.61 33.90
C ILE B 73 -45.86 -11.45 32.38
N GLU B 74 -45.81 -12.56 31.66
CA GLU B 74 -45.91 -12.53 30.22
C GLU B 74 -47.24 -11.93 29.73
N ASN B 75 -48.34 -12.25 30.41
CA ASN B 75 -49.64 -11.76 29.98
C ASN B 75 -49.82 -10.27 30.08
N ILE B 76 -49.16 -9.62 31.04
CA ILE B 76 -49.30 -8.17 31.16
C ILE B 76 -48.11 -7.44 30.55
N GLY B 77 -47.19 -8.23 30.00
CA GLY B 77 -46.02 -7.67 29.36
C GLY B 77 -45.00 -7.14 30.32
N SER B 78 -44.78 -7.81 31.44
CA SER B 78 -43.76 -7.33 32.34
C SER B 78 -42.50 -8.18 32.20
N HIS B 79 -41.47 -7.83 32.94
CA HIS B 79 -40.21 -8.53 32.88
C HIS B 79 -39.74 -8.72 34.29
N LEU B 80 -39.25 -9.90 34.56
CA LEU B 80 -38.80 -10.23 35.89
C LEU B 80 -37.36 -10.67 35.83
N ASN B 81 -36.53 -10.10 36.69
CA ASN B 81 -35.13 -10.43 36.72
C ASN B 81 -34.49 -10.30 38.09
N ALA B 82 -33.23 -10.70 38.22
CA ALA B 82 -32.55 -10.63 39.50
C ALA B 82 -31.07 -10.93 39.35
N TYR B 83 -30.31 -10.63 40.40
CA TYR B 83 -28.88 -10.88 40.42
C TYR B 83 -28.38 -10.76 41.84
N THR B 84 -27.25 -11.44 42.03
CA THR B 84 -26.56 -11.51 43.29
C THR B 84 -25.13 -11.03 43.09
N SER B 85 -24.69 -10.15 43.98
CA SER B 85 -23.31 -9.65 43.94
C SER B 85 -22.71 -10.00 45.29
N ARG B 86 -21.46 -9.62 45.52
CA ARG B 86 -20.85 -9.90 46.79
C ARG B 86 -21.54 -9.10 47.90
N GLU B 87 -22.17 -7.98 47.55
CA GLU B 87 -22.82 -7.11 48.53
C GLU B 87 -24.32 -7.14 48.59
N ASN B 88 -24.96 -7.44 47.47
CA ASN B 88 -26.41 -7.39 47.46
C ASN B 88 -27.16 -8.48 46.74
N THR B 89 -28.44 -8.50 47.02
CA THR B 89 -29.36 -9.44 46.41
C THR B 89 -30.34 -8.44 45.87
N VAL B 90 -30.69 -8.61 44.60
CA VAL B 90 -31.59 -7.69 43.94
C VAL B 90 -32.61 -8.40 43.05
N TYR B 91 -33.87 -8.03 43.20
CA TYR B 91 -34.87 -8.58 42.31
C TYR B 91 -35.64 -7.35 41.78
N TYR B 92 -35.92 -7.34 40.49
CA TYR B 92 -36.62 -6.21 39.94
C TYR B 92 -37.53 -6.57 38.82
N ALA B 93 -38.48 -5.68 38.56
CA ALA B 93 -39.45 -5.88 37.50
C ALA B 93 -39.65 -4.65 36.63
N LYS B 94 -40.05 -4.87 35.39
CA LYS B 94 -40.32 -3.79 34.47
C LYS B 94 -41.76 -3.99 34.01
N SER B 95 -42.59 -2.95 34.11
CA SER B 95 -43.96 -3.10 33.63
C SER B 95 -44.71 -1.82 33.26
N LEU B 96 -45.88 -1.98 32.67
CA LEU B 96 -46.70 -0.83 32.32
C LEU B 96 -47.09 -0.26 33.68
N GLN B 97 -47.25 1.05 33.76
CA GLN B 97 -47.59 1.69 35.04
C GLN B 97 -48.78 1.08 35.80
N GLU B 98 -49.77 0.57 35.08
CA GLU B 98 -50.96 -0.03 35.71
C GLU B 98 -50.56 -1.23 36.56
N ASP B 99 -49.55 -1.95 36.10
CA ASP B 99 -49.10 -3.15 36.78
C ASP B 99 -48.06 -2.99 37.88
N ILE B 100 -47.72 -1.77 38.28
CA ILE B 100 -46.71 -1.58 39.33
C ILE B 100 -47.07 -2.32 40.63
N PRO B 101 -48.30 -2.15 41.14
CA PRO B 101 -48.67 -2.86 42.36
C PRO B 101 -48.58 -4.39 42.17
N LYS B 102 -49.06 -4.89 41.04
CA LYS B 102 -48.97 -6.32 40.79
C LYS B 102 -47.49 -6.74 40.86
N ALA B 103 -46.61 -5.80 40.52
CA ALA B 103 -45.18 -6.07 40.50
C ALA B 103 -44.58 -6.12 41.87
N VAL B 104 -44.98 -5.18 42.74
CA VAL B 104 -44.46 -5.17 44.09
C VAL B 104 -44.91 -6.44 44.80
N ASP B 105 -46.18 -6.83 44.59
CA ASP B 105 -46.76 -8.04 45.15
C ASP B 105 -45.86 -9.23 44.79
N ILE B 106 -45.72 -9.48 43.50
CA ILE B 106 -44.90 -10.58 43.03
C ILE B 106 -43.45 -10.52 43.54
N LEU B 107 -42.87 -9.33 43.63
CA LEU B 107 -41.50 -9.27 44.10
C LEU B 107 -41.43 -9.75 45.56
N SER B 108 -42.30 -9.22 46.42
CA SER B 108 -42.31 -9.62 47.80
C SER B 108 -42.59 -11.12 47.91
N ASP B 109 -43.50 -11.61 47.09
CA ASP B 109 -43.86 -13.03 47.11
C ASP B 109 -42.65 -13.93 46.80
N ILE B 110 -41.90 -13.55 45.79
CA ILE B 110 -40.75 -14.33 45.37
C ILE B 110 -39.56 -14.25 46.30
N LEU B 111 -39.44 -13.12 46.97
CA LEU B 111 -38.32 -12.90 47.89
C LEU B 111 -38.58 -13.47 49.27
N THR B 112 -39.82 -13.39 49.76
CA THR B 112 -40.09 -13.88 51.11
C THR B 112 -40.98 -15.12 51.29
N LYS B 113 -41.75 -15.51 50.28
CA LYS B 113 -42.63 -16.66 50.44
C LYS B 113 -42.33 -17.74 49.44
N SER B 114 -41.06 -17.90 49.12
CA SER B 114 -40.68 -18.93 48.15
C SER B 114 -40.74 -20.31 48.81
N VAL B 115 -41.36 -21.22 48.09
CA VAL B 115 -41.57 -22.61 48.50
C VAL B 115 -40.29 -23.37 48.92
N LEU B 116 -39.26 -23.28 48.09
CA LEU B 116 -38.00 -23.96 48.34
C LEU B 116 -38.21 -25.48 48.43
N ASP B 117 -38.89 -26.04 47.44
CA ASP B 117 -39.16 -27.46 47.40
C ASP B 117 -37.85 -28.27 47.44
N ASN B 118 -37.84 -29.37 48.19
CA ASN B 118 -36.66 -30.21 48.29
C ASN B 118 -36.26 -30.86 46.97
N SER B 119 -37.24 -31.19 46.16
CA SER B 119 -36.94 -31.80 44.88
C SER B 119 -36.25 -30.76 44.00
N ALA B 120 -36.79 -29.55 44.01
CA ALA B 120 -36.25 -28.44 43.25
C ALA B 120 -34.80 -28.19 43.68
N ILE B 121 -34.57 -28.11 44.99
CA ILE B 121 -33.25 -27.88 45.54
C ILE B 121 -32.24 -28.89 45.00
N GLU B 122 -32.66 -30.12 44.72
CA GLU B 122 -31.70 -31.11 44.21
C GLU B 122 -31.50 -30.97 42.70
N ARG B 123 -32.57 -30.75 41.95
CA ARG B 123 -32.47 -30.63 40.50
C ARG B 123 -31.60 -29.44 40.09
N GLU B 124 -31.61 -28.38 40.90
CA GLU B 124 -30.87 -27.17 40.62
C GLU B 124 -29.37 -27.31 40.85
N ARG B 125 -28.95 -28.19 41.77
CA ARG B 125 -27.52 -28.39 42.08
C ARG B 125 -26.74 -28.58 40.78
N ASP B 126 -27.36 -29.25 39.83
CA ASP B 126 -26.74 -29.53 38.54
C ASP B 126 -26.63 -28.31 37.66
N VAL B 127 -27.66 -27.47 37.67
CA VAL B 127 -27.65 -26.27 36.86
C VAL B 127 -26.52 -25.34 37.30
N ILE B 128 -26.34 -25.22 38.62
CA ILE B 128 -25.31 -24.37 39.21
C ILE B 128 -23.91 -24.88 38.88
N ILE B 129 -23.73 -26.20 38.84
CA ILE B 129 -22.43 -26.79 38.50
C ILE B 129 -22.09 -26.44 37.05
N ARG B 130 -23.06 -26.63 36.18
CA ARG B 130 -22.91 -26.32 34.76
C ARG B 130 -22.45 -24.85 34.68
N GLU B 131 -23.15 -24.01 35.43
CA GLU B 131 -22.90 -22.59 35.51
C GLU B 131 -21.46 -22.33 35.92
N SER B 132 -21.01 -23.00 36.97
CA SER B 132 -19.66 -22.86 37.44
C SER B 132 -18.62 -23.30 36.39
N GLU B 133 -18.93 -24.35 35.63
CA GLU B 133 -18.03 -24.83 34.60
C GLU B 133 -17.85 -23.79 33.53
N GLU B 134 -18.91 -23.08 33.20
CA GLU B 134 -18.83 -22.05 32.17
C GLU B 134 -17.99 -20.87 32.65
N VAL B 135 -18.14 -20.47 33.91
CA VAL B 135 -17.37 -19.35 34.44
C VAL B 135 -15.89 -19.65 34.37
N ASP B 136 -15.54 -20.94 34.54
CA ASP B 136 -14.15 -21.39 34.49
C ASP B 136 -13.53 -21.16 33.10
N LYS B 137 -14.35 -20.88 32.10
CA LYS B 137 -13.85 -20.63 30.76
C LYS B 137 -13.70 -19.12 30.52
N MET B 138 -13.97 -18.33 31.55
CA MET B 138 -13.89 -16.86 31.47
C MET B 138 -12.68 -16.45 32.29
N TYR B 139 -11.52 -16.41 31.64
CA TYR B 139 -10.28 -16.11 32.33
C TYR B 139 -10.25 -14.82 33.15
N ASP B 140 -10.94 -13.79 32.69
CA ASP B 140 -10.99 -12.57 33.46
C ASP B 140 -11.75 -12.83 34.77
N GLU B 141 -12.87 -13.54 34.70
CA GLU B 141 -13.65 -13.84 35.89
C GLU B 141 -12.87 -14.68 36.90
N VAL B 142 -12.10 -15.65 36.38
CA VAL B 142 -11.30 -16.53 37.21
C VAL B 142 -10.21 -15.73 37.93
N VAL B 143 -9.47 -14.92 37.18
CA VAL B 143 -8.42 -14.11 37.74
C VAL B 143 -8.99 -13.22 38.85
N PHE B 144 -10.13 -12.60 38.62
CA PHE B 144 -10.70 -11.72 39.62
C PHE B 144 -11.26 -12.42 40.84
N ASP B 145 -11.72 -13.66 40.70
CA ASP B 145 -12.20 -14.37 41.89
C ASP B 145 -11.01 -14.73 42.77
N HIS B 146 -9.90 -15.16 42.16
CA HIS B 146 -8.71 -15.50 42.92
C HIS B 146 -8.16 -14.26 43.61
N LEU B 147 -8.18 -13.13 42.90
CA LEU B 147 -7.64 -11.89 43.45
C LEU B 147 -8.44 -11.53 44.69
N HIS B 148 -9.73 -11.76 44.66
CA HIS B 148 -10.55 -11.45 45.81
C HIS B 148 -10.23 -12.38 46.97
N GLU B 149 -9.96 -13.62 46.64
CA GLU B 149 -9.62 -14.62 47.63
C GLU B 149 -8.32 -14.25 48.37
N ILE B 150 -7.24 -13.91 47.65
CA ILE B 150 -6.00 -13.60 48.37
C ILE B 150 -5.98 -12.17 48.93
N THR B 151 -6.67 -11.25 48.29
CA THR B 151 -6.66 -9.88 48.79
C THR B 151 -7.48 -9.72 50.07
N TYR B 152 -8.60 -10.41 50.11
CA TYR B 152 -9.44 -10.37 51.29
C TYR B 152 -9.33 -11.76 51.91
N LYS B 153 -8.09 -12.19 52.16
CA LYS B 153 -7.81 -13.50 52.72
C LYS B 153 -8.70 -13.81 53.92
N ASP B 154 -9.32 -14.97 53.85
CA ASP B 154 -10.18 -15.47 54.91
C ASP B 154 -11.21 -14.47 55.40
N GLN B 155 -11.72 -13.64 54.50
CA GLN B 155 -12.74 -12.68 54.91
C GLN B 155 -13.96 -12.92 54.02
N PRO B 156 -15.12 -12.40 54.42
CA PRO B 156 -16.36 -12.56 53.66
C PRO B 156 -16.25 -12.11 52.20
N LEU B 157 -15.73 -10.91 52.01
CA LEU B 157 -15.55 -10.33 50.69
C LEU B 157 -14.61 -11.16 49.82
N GLY B 158 -13.79 -12.01 50.42
CA GLY B 158 -12.87 -12.82 49.65
C GLY B 158 -13.48 -14.04 49.00
N ARG B 159 -14.75 -14.34 49.30
CA ARG B 159 -15.40 -15.51 48.74
C ARG B 159 -16.16 -15.24 47.45
N THR B 160 -16.24 -16.26 46.60
CA THR B 160 -16.94 -16.11 45.33
C THR B 160 -18.46 -16.12 45.53
N ILE B 161 -19.22 -15.83 44.47
CA ILE B 161 -20.67 -15.81 44.58
C ILE B 161 -21.29 -17.20 44.33
N LEU B 162 -20.69 -17.95 43.44
CA LEU B 162 -21.18 -19.29 43.17
C LEU B 162 -20.85 -20.21 44.32
N GLY B 163 -19.69 -20.00 44.92
CA GLY B 163 -19.25 -20.84 46.03
C GLY B 163 -18.54 -22.06 45.47
N PRO B 164 -17.86 -22.86 46.31
CA PRO B 164 -17.15 -24.07 45.84
C PRO B 164 -18.12 -25.19 45.43
N ILE B 165 -17.69 -26.07 44.54
CA ILE B 165 -18.55 -27.19 44.13
C ILE B 165 -18.98 -28.00 45.39
N LYS B 166 -18.06 -28.14 46.33
CA LYS B 166 -18.32 -28.85 47.56
C LYS B 166 -19.62 -28.33 48.19
N ASN B 167 -19.69 -27.02 48.42
CA ASN B 167 -20.89 -26.42 49.01
C ASN B 167 -22.11 -26.47 48.08
N ILE B 168 -21.88 -26.41 46.77
CA ILE B 168 -22.99 -26.45 45.83
C ILE B 168 -23.67 -27.80 45.92
N LYS B 169 -22.94 -28.79 46.42
CA LYS B 169 -23.51 -30.12 46.53
C LYS B 169 -24.07 -30.42 47.91
N SER B 170 -23.71 -29.60 48.90
CA SER B 170 -24.15 -29.82 50.28
C SER B 170 -25.13 -28.80 50.89
N ILE B 171 -25.46 -27.73 50.17
CA ILE B 171 -26.39 -26.72 50.71
C ILE B 171 -27.75 -27.36 50.90
N THR B 172 -28.35 -27.17 52.06
CA THR B 172 -29.66 -27.77 52.36
C THR B 172 -30.73 -26.70 52.54
N ARG B 173 -31.99 -27.12 52.40
CA ARG B 173 -33.11 -26.21 52.57
C ARG B 173 -32.94 -25.45 53.86
N THR B 174 -32.31 -26.07 54.84
CA THR B 174 -32.11 -25.41 56.12
C THR B 174 -31.16 -24.22 55.91
N ASP B 175 -30.05 -24.46 55.21
CA ASP B 175 -29.10 -23.38 54.94
C ASP B 175 -29.85 -22.18 54.30
N LEU B 176 -30.70 -22.49 53.33
CA LEU B 176 -31.47 -21.47 52.64
C LEU B 176 -32.41 -20.69 53.54
N LYS B 177 -33.25 -21.40 54.30
CA LYS B 177 -34.19 -20.68 55.16
C LYS B 177 -33.43 -19.89 56.20
N ASP B 178 -32.26 -20.38 56.58
CA ASP B 178 -31.48 -19.68 57.60
C ASP B 178 -30.96 -18.35 57.11
N TYR B 179 -30.44 -18.37 55.89
CA TYR B 179 -29.89 -17.18 55.25
C TYR B 179 -31.01 -16.12 55.15
N ILE B 180 -32.20 -16.57 54.76
CA ILE B 180 -33.34 -15.70 54.64
C ILE B 180 -33.72 -15.06 55.97
N THR B 181 -33.83 -15.89 57.00
CA THR B 181 -34.21 -15.41 58.33
C THR B 181 -33.21 -14.40 58.86
N LYS B 182 -31.93 -14.73 58.71
CA LYS B 182 -30.85 -13.89 59.19
C LYS B 182 -30.67 -12.54 58.50
N ASN B 183 -30.76 -12.53 57.18
CA ASN B 183 -30.51 -11.31 56.41
C ASN B 183 -31.68 -10.45 55.93
N TYR B 184 -32.84 -11.04 55.70
CA TYR B 184 -33.95 -10.25 55.21
C TYR B 184 -34.67 -9.48 56.30
N LYS B 185 -34.13 -8.31 56.61
CA LYS B 185 -34.68 -7.41 57.62
C LYS B 185 -35.02 -6.07 56.94
N GLY B 186 -36.15 -5.48 57.28
CA GLY B 186 -36.54 -4.22 56.69
C GLY B 186 -35.49 -3.11 56.70
N ASP B 187 -34.69 -3.04 57.75
CA ASP B 187 -33.64 -2.01 57.89
C ASP B 187 -32.43 -2.29 56.98
N ARG B 188 -32.49 -3.43 56.30
CA ARG B 188 -31.40 -3.78 55.42
C ARG B 188 -31.84 -3.85 53.96
N MET B 189 -33.03 -3.33 53.67
CA MET B 189 -33.52 -3.32 52.31
C MET B 189 -34.17 -2.03 51.79
N VAL B 190 -34.09 -1.86 50.46
CA VAL B 190 -34.61 -0.69 49.77
C VAL B 190 -35.51 -1.08 48.63
N LEU B 191 -36.68 -0.46 48.55
CA LEU B 191 -37.59 -0.71 47.45
C LEU B 191 -37.44 0.55 46.60
N ALA B 192 -36.84 0.40 45.42
CA ALA B 192 -36.61 1.55 44.55
C ALA B 192 -37.48 1.50 43.32
N GLY B 193 -37.99 2.66 42.90
CA GLY B 193 -38.83 2.77 41.71
C GLY B 193 -38.56 4.01 40.87
N ALA B 194 -38.77 3.92 39.55
CA ALA B 194 -38.57 5.07 38.66
C ALA B 194 -39.46 4.95 37.43
N GLY B 195 -39.81 6.08 36.84
CA GLY B 195 -40.70 6.07 35.69
C GLY B 195 -42.06 6.63 36.06
N ALA B 196 -43.11 6.08 35.48
CA ALA B 196 -44.45 6.52 35.78
C ALA B 196 -44.80 5.91 37.14
N VAL B 197 -44.29 6.52 38.20
CA VAL B 197 -44.49 6.02 39.55
C VAL B 197 -44.93 7.07 40.56
N ASP B 198 -45.95 6.73 41.33
CA ASP B 198 -46.47 7.63 42.35
C ASP B 198 -45.80 7.28 43.67
N HIS B 199 -44.97 8.18 44.20
CA HIS B 199 -44.29 7.85 45.44
C HIS B 199 -45.20 7.45 46.58
N GLU B 200 -46.27 8.20 46.82
CA GLU B 200 -47.18 7.89 47.92
C GLU B 200 -47.81 6.50 47.76
N LYS B 201 -48.44 6.23 46.63
CA LYS B 201 -49.04 4.92 46.42
C LYS B 201 -48.02 3.79 46.54
N LEU B 202 -46.81 3.99 46.01
CA LEU B 202 -45.78 2.97 46.11
C LEU B 202 -45.40 2.67 47.54
N VAL B 203 -45.50 3.66 48.41
CA VAL B 203 -45.19 3.43 49.83
C VAL B 203 -46.29 2.57 50.48
N GLN B 204 -47.54 2.80 50.09
CA GLN B 204 -48.64 2.03 50.64
C GLN B 204 -48.46 0.58 50.24
N TYR B 205 -48.28 0.35 48.95
CA TYR B 205 -48.12 -1.01 48.46
C TYR B 205 -46.92 -1.66 49.12
N ALA B 206 -45.92 -0.84 49.44
CA ALA B 206 -44.74 -1.36 50.08
C ALA B 206 -45.15 -1.94 51.43
N GLN B 207 -45.86 -1.14 52.22
CA GLN B 207 -46.33 -1.57 53.53
C GLN B 207 -47.20 -2.82 53.38
N LYS B 208 -48.13 -2.78 52.45
CA LYS B 208 -49.02 -3.91 52.24
C LYS B 208 -48.28 -5.21 51.90
N TYR B 209 -47.35 -5.18 50.95
CA TYR B 209 -46.66 -6.40 50.56
C TYR B 209 -45.32 -6.71 51.25
N PHE B 210 -44.71 -5.70 51.85
CA PHE B 210 -43.41 -5.90 52.49
C PHE B 210 -43.45 -5.61 53.99
N GLY B 211 -44.60 -5.14 54.47
CA GLY B 211 -44.73 -4.79 55.86
C GLY B 211 -44.45 -5.95 56.81
N HIS B 212 -44.79 -7.17 56.38
CA HIS B 212 -44.59 -8.33 57.22
C HIS B 212 -43.11 -8.64 57.46
N VAL B 213 -42.20 -7.93 56.81
CA VAL B 213 -40.80 -8.26 57.00
C VAL B 213 -40.24 -7.83 58.35
N PRO B 214 -39.56 -8.75 59.01
CA PRO B 214 -38.92 -8.58 60.32
C PRO B 214 -37.91 -7.46 60.36
N LYS B 215 -37.99 -6.64 61.40
CA LYS B 215 -37.01 -5.58 61.59
C LYS B 215 -35.82 -6.27 62.29
N SER B 216 -34.61 -5.80 62.07
CA SER B 216 -33.48 -6.42 62.78
C SER B 216 -33.70 -5.98 64.22
N GLU B 217 -33.10 -6.67 65.17
CA GLU B 217 -33.28 -6.25 66.56
C GLU B 217 -32.26 -5.21 66.96
N SER B 218 -31.18 -5.15 66.20
CA SER B 218 -30.17 -4.15 66.42
C SER B 218 -30.08 -3.39 65.10
N PRO B 219 -31.12 -2.62 64.75
CA PRO B 219 -31.15 -1.85 63.50
C PRO B 219 -29.96 -0.90 63.33
N VAL B 220 -29.46 -0.82 62.10
CA VAL B 220 -28.36 0.07 61.78
C VAL B 220 -28.71 0.71 60.47
N PRO B 221 -28.55 2.04 60.37
CA PRO B 221 -28.87 2.77 59.13
C PRO B 221 -28.07 2.24 57.93
N LEU B 222 -28.77 2.10 56.80
CA LEU B 222 -28.19 1.55 55.57
C LEU B 222 -26.71 1.78 55.25
N GLY B 223 -26.22 3.00 55.43
CA GLY B 223 -24.82 3.26 55.13
C GLY B 223 -23.82 3.16 56.27
N SER B 224 -24.27 2.80 57.46
CA SER B 224 -23.36 2.72 58.58
C SER B 224 -22.55 1.42 58.56
N PRO B 225 -21.32 1.47 59.09
CA PRO B 225 -20.39 0.34 59.16
C PRO B 225 -20.98 -0.97 59.62
N ARG B 226 -20.74 -1.99 58.80
CA ARG B 226 -21.22 -3.34 59.06
C ARG B 226 -20.66 -3.84 60.40
N GLY B 227 -19.33 -3.75 60.51
CA GLY B 227 -18.62 -4.18 61.71
C GLY B 227 -17.19 -3.81 61.44
N PRO B 228 -16.24 -4.74 61.63
CA PRO B 228 -14.81 -4.44 61.39
C PRO B 228 -14.55 -4.23 59.90
N LEU B 229 -13.94 -3.10 59.56
CA LEU B 229 -13.63 -2.82 58.16
C LEU B 229 -12.79 -3.93 57.51
N PRO B 230 -13.14 -4.33 56.28
CA PRO B 230 -12.41 -5.38 55.58
C PRO B 230 -10.99 -4.89 55.56
N VAL B 231 -10.06 -5.79 55.62
CA VAL B 231 -8.68 -5.35 55.59
C VAL B 231 -8.02 -5.91 54.33
N PHE B 232 -7.31 -5.04 53.62
CA PHE B 232 -6.61 -5.37 52.40
C PHE B 232 -5.33 -6.12 52.73
N CYS B 233 -5.22 -7.35 52.24
CA CYS B 233 -4.03 -8.17 52.50
C CYS B 233 -3.16 -8.24 51.27
N ARG B 234 -1.88 -7.94 51.41
CA ARG B 234 -1.02 -8.04 50.24
C ARG B 234 -0.80 -9.50 50.01
N GLY B 235 -0.71 -9.89 48.75
CA GLY B 235 -0.50 -11.29 48.45
C GLY B 235 -0.39 -11.53 46.96
N GLU B 236 0.03 -12.73 46.60
CA GLU B 236 0.17 -13.06 45.20
C GLU B 236 -0.22 -14.51 44.99
N ARG B 237 -0.76 -14.81 43.82
CA ARG B 237 -1.13 -16.16 43.49
C ARG B 237 -0.77 -16.34 42.03
N PHE B 238 0.19 -17.20 41.77
CA PHE B 238 0.60 -17.51 40.40
C PHE B 238 -0.05 -18.84 40.09
N ILE B 239 -0.93 -18.85 39.09
CA ILE B 239 -1.60 -20.08 38.70
C ILE B 239 -1.07 -20.55 37.36
N LYS B 240 -0.02 -21.38 37.43
CA LYS B 240 0.63 -21.89 36.22
C LYS B 240 -0.33 -22.75 35.40
N GLU B 241 -0.39 -22.46 34.11
CA GLU B 241 -1.27 -23.16 33.20
C GLU B 241 -0.67 -22.97 31.79
N ASN B 242 0.23 -23.86 31.42
CA ASN B 242 0.91 -23.75 30.15
C ASN B 242 0.12 -24.08 28.89
N THR B 243 -1.15 -24.41 29.03
CA THR B 243 -1.95 -24.71 27.85
C THR B 243 -2.68 -23.48 27.31
N LEU B 244 -2.74 -22.41 28.11
CA LEU B 244 -3.46 -21.20 27.71
C LEU B 244 -2.68 -20.35 26.73
N PRO B 245 -3.32 -19.91 25.64
CA PRO B 245 -2.70 -19.08 24.60
C PRO B 245 -2.41 -17.65 25.13
N THR B 246 -3.23 -17.20 26.06
CA THR B 246 -3.09 -15.87 26.63
C THR B 246 -2.86 -15.99 28.11
N THR B 247 -2.17 -15.01 28.68
CA THR B 247 -1.89 -14.98 30.10
C THR B 247 -2.63 -13.76 30.67
N HIS B 248 -3.26 -13.94 31.82
CA HIS B 248 -4.05 -12.90 32.42
C HIS B 248 -3.52 -12.49 33.79
N ILE B 249 -3.28 -11.18 33.95
CA ILE B 249 -2.75 -10.62 35.18
C ILE B 249 -3.61 -9.48 35.78
N ALA B 250 -3.83 -9.52 37.08
CA ALA B 250 -4.57 -8.46 37.75
C ALA B 250 -3.71 -7.96 38.90
N ILE B 251 -3.51 -6.65 38.94
CA ILE B 251 -2.71 -5.99 39.97
C ILE B 251 -3.61 -4.95 40.68
N ALA B 252 -3.65 -5.03 42.01
CA ALA B 252 -4.50 -4.13 42.76
C ALA B 252 -3.91 -3.58 44.05
N LEU B 253 -4.49 -2.46 44.48
CA LEU B 253 -4.11 -1.77 45.71
C LEU B 253 -5.41 -1.37 46.35
N GLU B 254 -5.39 -1.15 47.66
CA GLU B 254 -6.61 -0.76 48.32
C GLU B 254 -7.21 0.47 47.62
N GLY B 255 -8.47 0.34 47.26
CA GLY B 255 -9.16 1.41 46.58
C GLY B 255 -10.02 2.31 47.44
N VAL B 256 -11.24 2.52 46.96
CA VAL B 256 -12.16 3.44 47.57
C VAL B 256 -13.55 2.82 47.72
N SER B 257 -14.23 3.16 48.80
CA SER B 257 -15.59 2.64 49.04
C SER B 257 -16.59 3.59 48.37
N TRP B 258 -17.84 3.16 48.28
CA TRP B 258 -18.89 3.99 47.68
C TRP B 258 -19.04 5.36 48.29
N SER B 259 -18.81 5.47 49.60
CA SER B 259 -19.02 6.74 50.28
C SER B 259 -17.72 7.50 50.53
N ALA B 260 -16.59 6.96 50.11
CA ALA B 260 -15.36 7.69 50.31
C ALA B 260 -15.48 9.09 49.71
N PRO B 261 -14.90 10.10 50.39
CA PRO B 261 -14.96 11.47 49.88
C PRO B 261 -14.16 11.60 48.59
N ASP B 262 -13.18 10.73 48.41
CA ASP B 262 -12.33 10.75 47.23
C ASP B 262 -12.79 9.75 46.13
N TYR B 263 -14.01 9.23 46.28
CA TYR B 263 -14.55 8.28 45.32
C TYR B 263 -14.37 8.68 43.82
N PHE B 264 -14.86 9.88 43.49
CA PHE B 264 -14.80 10.36 42.12
C PHE B 264 -13.38 10.65 41.69
N VAL B 265 -12.54 11.05 42.63
CA VAL B 265 -11.17 11.32 42.28
C VAL B 265 -10.48 10.01 41.87
N ALA B 266 -10.91 8.92 42.48
CA ALA B 266 -10.32 7.61 42.21
C ALA B 266 -10.72 7.19 40.79
N LEU B 267 -12.00 7.43 40.45
CA LEU B 267 -12.48 7.09 39.14
C LEU B 267 -11.81 7.96 38.08
N ALA B 268 -11.61 9.23 38.39
CA ALA B 268 -10.96 10.15 37.47
C ALA B 268 -9.51 9.71 37.19
N THR B 269 -8.85 9.16 38.20
CA THR B 269 -7.49 8.73 37.99
C THR B 269 -7.47 7.47 37.15
N GLN B 270 -8.49 6.64 37.31
CA GLN B 270 -8.59 5.41 36.55
C GLN B 270 -8.75 5.80 35.08
N ALA B 271 -9.56 6.82 34.83
CA ALA B 271 -9.83 7.28 33.47
C ALA B 271 -8.61 7.92 32.81
N ILE B 272 -7.73 8.51 33.62
CA ILE B 272 -6.54 9.12 33.05
C ILE B 272 -5.58 8.06 32.55
N VAL B 273 -5.57 6.88 33.17
CA VAL B 273 -4.70 5.79 32.71
C VAL B 273 -5.44 5.10 31.56
N GLY B 274 -6.74 4.87 31.78
CA GLY B 274 -7.58 4.24 30.77
C GLY B 274 -7.26 2.81 30.31
N ASN B 275 -7.72 2.48 29.10
CA ASN B 275 -7.54 1.14 28.55
C ASN B 275 -6.84 1.09 27.23
N TRP B 276 -6.53 -0.12 26.80
CA TRP B 276 -5.86 -0.24 25.52
C TRP B 276 -6.01 -1.61 24.96
N ASP B 277 -6.15 -1.68 23.66
CA ASP B 277 -6.25 -2.96 23.00
C ASP B 277 -5.35 -2.93 21.78
N ARG B 278 -4.51 -3.95 21.65
CA ARG B 278 -3.55 -4.10 20.57
C ARG B 278 -4.14 -3.88 19.19
N ALA B 279 -5.39 -4.26 18.99
CA ALA B 279 -6.04 -4.06 17.69
C ALA B 279 -6.82 -2.76 17.55
N ILE B 280 -7.56 -2.40 18.60
CA ILE B 280 -8.40 -1.19 18.61
C ILE B 280 -7.77 0.13 19.04
N GLY B 281 -6.73 0.10 19.87
CA GLY B 281 -6.15 1.35 20.34
C GLY B 281 -6.72 1.70 21.72
N THR B 282 -6.86 2.99 21.99
CA THR B 282 -7.33 3.40 23.29
C THR B 282 -8.78 3.86 23.37
N GLY B 283 -9.39 4.10 22.21
CA GLY B 283 -10.75 4.58 22.19
C GLY B 283 -10.69 6.09 22.39
N THR B 284 -9.48 6.64 22.29
CA THR B 284 -9.25 8.07 22.47
C THR B 284 -8.50 8.60 21.27
N ASN B 285 -8.65 9.90 20.98
CA ASN B 285 -7.94 10.45 19.85
C ASN B 285 -6.45 10.48 20.12
N SER B 286 -6.05 10.74 21.37
CA SER B 286 -4.63 10.78 21.73
C SER B 286 -4.24 9.86 22.89
N PRO B 287 -3.45 8.83 22.58
CA PRO B 287 -2.93 7.80 23.48
C PRO B 287 -1.95 8.34 24.49
N SER B 288 -1.97 7.77 25.68
CA SER B 288 -1.06 8.15 26.74
C SER B 288 0.29 7.52 26.38
N PRO B 289 1.35 7.94 27.07
CA PRO B 289 2.69 7.40 26.83
C PRO B 289 2.69 5.91 27.08
N LEU B 290 1.78 5.47 27.96
CA LEU B 290 1.68 4.04 28.26
C LEU B 290 1.14 3.28 27.04
N ALA B 291 0.04 3.79 26.48
CA ALA B 291 -0.59 3.16 25.33
C ALA B 291 0.37 3.09 24.14
N VAL B 292 1.15 4.16 23.96
CA VAL B 292 2.14 4.21 22.90
C VAL B 292 3.22 3.13 23.14
N ALA B 293 3.71 3.04 24.38
CA ALA B 293 4.73 2.08 24.70
C ALA B 293 4.21 0.64 24.48
N ALA B 294 2.99 0.36 24.95
CA ALA B 294 2.39 -0.95 24.80
C ALA B 294 2.33 -1.40 23.32
N SER B 295 2.08 -0.44 22.45
CA SER B 295 1.95 -0.80 21.06
C SER B 295 3.29 -0.86 20.32
N GLN B 296 4.33 -0.28 20.90
CA GLN B 296 5.61 -0.26 20.24
C GLN B 296 6.41 -1.54 20.20
N ASN B 297 7.35 -1.52 19.28
CA ASN B 297 8.22 -2.64 18.95
C ASN B 297 7.63 -4.03 19.14
N GLY B 298 6.60 -4.31 18.33
CA GLY B 298 5.98 -5.62 18.35
C GLY B 298 4.80 -5.80 19.27
N SER B 299 4.67 -4.88 20.23
CA SER B 299 3.62 -4.84 21.26
C SER B 299 4.12 -5.54 22.52
N LEU B 300 3.65 -5.04 23.67
CA LEU B 300 4.05 -5.60 24.96
C LEU B 300 2.95 -6.44 25.57
N ALA B 301 1.76 -6.41 24.99
CA ALA B 301 0.64 -7.18 25.50
C ALA B 301 -0.48 -7.18 24.46
N ASN B 302 -1.57 -7.85 24.78
CA ASN B 302 -2.74 -7.86 23.88
C ASN B 302 -3.71 -6.74 24.29
N SER B 303 -3.71 -6.41 25.58
CA SER B 303 -4.58 -5.34 26.06
C SER B 303 -4.37 -5.10 27.55
N TYR B 304 -4.80 -3.94 28.04
CA TYR B 304 -4.76 -3.67 29.45
C TYR B 304 -6.03 -2.88 29.73
N MET B 305 -6.53 -2.99 30.96
CA MET B 305 -7.73 -2.32 31.38
C MET B 305 -7.66 -1.84 32.83
N SER B 306 -7.90 -0.55 33.03
CA SER B 306 -7.86 0.00 34.39
C SER B 306 -9.21 -0.34 35.04
N PHE B 307 -9.21 -0.61 36.34
CA PHE B 307 -10.47 -0.94 37.00
C PHE B 307 -10.51 -0.37 38.38
N SER B 308 -11.72 -0.15 38.85
CA SER B 308 -11.95 0.35 40.20
C SER B 308 -13.20 -0.32 40.68
N THR B 309 -13.10 -1.12 41.74
CA THR B 309 -14.29 -1.76 42.27
C THR B 309 -14.56 -1.20 43.66
N SER B 310 -15.83 -0.91 43.93
CA SER B 310 -16.16 -0.38 45.24
C SER B 310 -17.15 -1.21 46.02
N TYR B 311 -17.05 -1.09 47.34
CA TYR B 311 -17.95 -1.75 48.27
C TYR B 311 -18.31 -0.70 49.31
N ALA B 312 -19.31 -0.98 50.13
CA ALA B 312 -19.75 -0.03 51.16
C ALA B 312 -18.63 0.33 52.10
N ASP B 313 -17.79 -0.65 52.41
CA ASP B 313 -16.67 -0.44 53.32
C ASP B 313 -15.26 -0.66 52.76
N SER B 314 -15.14 -0.87 51.46
CA SER B 314 -13.82 -1.08 50.89
C SER B 314 -13.83 -0.94 49.39
N GLY B 315 -12.63 -1.03 48.79
CA GLY B 315 -12.48 -0.92 47.35
C GLY B 315 -11.16 -1.45 46.81
N LEU B 316 -11.16 -1.85 45.55
CA LEU B 316 -9.96 -2.34 44.86
C LEU B 316 -9.77 -1.47 43.62
N TRP B 317 -8.55 -1.05 43.37
CA TRP B 317 -8.22 -0.20 42.24
C TRP B 317 -6.95 -0.75 41.59
N GLY B 318 -6.95 -0.89 40.26
CA GLY B 318 -5.77 -1.44 39.62
C GLY B 318 -5.83 -1.64 38.13
N MET B 319 -5.05 -2.62 37.67
CA MET B 319 -4.93 -2.90 36.26
C MET B 319 -5.14 -4.38 35.92
N TYR B 320 -5.79 -4.65 34.79
CA TYR B 320 -6.01 -6.01 34.35
C TYR B 320 -5.29 -6.09 33.02
N ILE B 321 -4.38 -7.06 32.89
CA ILE B 321 -3.57 -7.21 31.68
C ILE B 321 -3.74 -8.57 31.01
N VAL B 322 -3.84 -8.57 29.68
CA VAL B 322 -3.91 -9.81 28.95
C VAL B 322 -2.72 -9.81 27.99
N THR B 323 -1.92 -10.88 28.06
CA THR B 323 -0.74 -10.99 27.20
C THR B 323 -0.75 -12.27 26.40
N ASP B 324 0.07 -12.31 25.36
CA ASP B 324 0.22 -13.51 24.56
C ASP B 324 1.21 -14.41 25.29
N SER B 325 0.76 -15.58 25.72
CA SER B 325 1.58 -16.52 26.46
C SER B 325 2.91 -16.89 25.82
N ASN B 326 3.02 -16.79 24.51
CA ASN B 326 4.26 -17.14 23.85
C ASN B 326 5.09 -15.97 23.38
N GLU B 327 4.46 -14.82 23.17
CA GLU B 327 5.18 -13.68 22.64
C GLU B 327 5.53 -12.53 23.59
N HIS B 328 4.90 -12.47 24.74
CA HIS B 328 5.16 -11.33 25.63
C HIS B 328 5.86 -11.60 26.95
N ASN B 329 6.76 -10.71 27.31
CA ASN B 329 7.45 -10.77 28.60
C ASN B 329 6.60 -9.80 29.48
N VAL B 330 5.74 -10.39 30.27
CA VAL B 330 4.83 -9.64 31.12
C VAL B 330 5.56 -8.53 31.87
N ARG B 331 6.77 -8.81 32.31
CA ARG B 331 7.57 -7.83 33.05
C ARG B 331 7.71 -6.49 32.30
N LEU B 332 7.76 -6.54 30.98
CA LEU B 332 7.91 -5.31 30.22
C LEU B 332 6.63 -4.46 30.26
N ILE B 333 5.46 -5.10 30.22
CA ILE B 333 4.25 -4.31 30.21
C ILE B 333 3.99 -3.80 31.65
N VAL B 334 4.32 -4.63 32.63
CA VAL B 334 4.16 -4.18 34.02
C VAL B 334 5.06 -2.94 34.30
N ASN B 335 6.30 -2.94 33.82
CA ASN B 335 7.17 -1.76 34.02
C ASN B 335 6.51 -0.48 33.52
N GLU B 336 5.91 -0.58 32.34
CA GLU B 336 5.26 0.56 31.73
C GLU B 336 4.06 1.04 32.52
N ILE B 337 3.28 0.12 33.09
CA ILE B 337 2.11 0.52 33.86
C ILE B 337 2.56 1.27 35.14
N LEU B 338 3.59 0.74 35.79
CA LEU B 338 4.09 1.39 36.99
C LEU B 338 4.63 2.78 36.63
N LYS B 339 5.33 2.85 35.50
CA LYS B 339 5.88 4.11 35.05
C LYS B 339 4.77 5.12 34.87
N GLU B 340 3.63 4.66 34.36
CA GLU B 340 2.52 5.56 34.14
C GLU B 340 1.91 6.03 35.47
N TRP B 341 1.79 5.14 36.44
CA TRP B 341 1.27 5.55 37.73
C TRP B 341 2.26 6.53 38.38
N LYS B 342 3.55 6.29 38.18
CA LYS B 342 4.54 7.19 38.76
C LYS B 342 4.49 8.55 38.08
N ARG B 343 4.15 8.58 36.80
CA ARG B 343 4.04 9.83 36.07
C ARG B 343 2.96 10.69 36.73
N ILE B 344 1.87 10.04 37.13
CA ILE B 344 0.78 10.73 37.79
C ILE B 344 1.22 11.21 39.17
N LYS B 345 1.93 10.36 39.89
CA LYS B 345 2.40 10.73 41.24
C LYS B 345 3.38 11.90 41.16
N SER B 346 4.14 11.99 40.08
CA SER B 346 5.11 13.05 39.91
C SER B 346 4.49 14.35 39.35
N GLY B 347 3.18 14.35 39.11
CA GLY B 347 2.54 15.55 38.61
C GLY B 347 2.64 15.84 37.13
N LYS B 348 3.42 15.05 36.39
CA LYS B 348 3.60 15.24 34.96
C LYS B 348 2.40 14.90 34.05
N ILE B 349 1.25 15.51 34.31
CA ILE B 349 0.07 15.26 33.51
C ILE B 349 -0.48 16.60 33.07
N SER B 350 -0.99 16.69 31.85
CA SER B 350 -1.52 17.93 31.32
C SER B 350 -2.96 18.26 31.73
N ASP B 351 -3.34 19.52 31.58
CA ASP B 351 -4.69 19.94 31.92
C ASP B 351 -5.65 19.25 30.97
N ALA B 352 -5.18 19.09 29.75
CA ALA B 352 -5.97 18.47 28.71
C ALA B 352 -6.33 17.03 29.08
N GLU B 353 -5.36 16.22 29.49
CA GLU B 353 -5.76 14.88 29.81
C GLU B 353 -6.63 14.80 31.06
N VAL B 354 -6.47 15.74 31.97
CA VAL B 354 -7.30 15.78 33.15
C VAL B 354 -8.75 16.14 32.77
N ASN B 355 -8.92 17.10 31.87
CA ASN B 355 -10.26 17.48 31.43
C ASN B 355 -10.91 16.43 30.56
N ARG B 356 -10.08 15.67 29.85
CA ARG B 356 -10.56 14.60 28.99
C ARG B 356 -11.16 13.52 29.92
N ALA B 357 -10.41 13.15 30.93
CA ALA B 357 -10.85 12.16 31.91
C ALA B 357 -12.14 12.60 32.63
N LYS B 358 -12.24 13.87 33.00
CA LYS B 358 -13.46 14.31 33.70
C LYS B 358 -14.66 14.24 32.78
N ALA B 359 -14.45 14.60 31.53
CA ALA B 359 -15.53 14.54 30.55
C ALA B 359 -15.94 13.09 30.36
N GLN B 360 -14.97 12.19 30.21
CA GLN B 360 -15.29 10.77 30.03
C GLN B 360 -16.13 10.27 31.23
N LEU B 361 -15.63 10.55 32.43
CA LEU B 361 -16.30 10.15 33.66
C LEU B 361 -17.70 10.68 33.80
N LYS B 362 -17.88 11.99 33.55
CA LYS B 362 -19.21 12.58 33.62
C LYS B 362 -20.16 11.83 32.69
N ALA B 363 -19.67 11.53 31.49
CA ALA B 363 -20.47 10.84 30.51
C ALA B 363 -20.86 9.44 30.96
N ALA B 364 -19.90 8.70 31.46
CA ALA B 364 -20.14 7.32 31.88
C ALA B 364 -21.12 7.22 33.04
N LEU B 365 -21.08 8.21 33.94
CA LEU B 365 -21.99 8.22 35.10
C LEU B 365 -23.33 8.84 34.83
N LEU B 366 -23.40 9.82 33.92
CA LEU B 366 -24.67 10.51 33.73
C LEU B 366 -25.47 10.28 32.46
N LEU B 367 -24.80 10.25 31.31
CA LEU B 367 -25.47 10.03 30.02
C LEU B 367 -25.99 8.61 29.94
N SER B 368 -25.46 7.77 30.80
CA SER B 368 -25.89 6.38 30.84
C SER B 368 -27.16 6.22 31.69
N LEU B 369 -27.52 7.22 32.49
CA LEU B 369 -28.74 7.15 33.29
C LEU B 369 -29.91 7.45 32.37
N ASP B 370 -30.16 6.56 31.41
CA ASP B 370 -31.20 6.81 30.45
C ASP B 370 -32.58 6.28 30.80
N GLY B 371 -32.84 4.99 30.67
CA GLY B 371 -34.18 4.52 31.01
C GLY B 371 -34.51 4.39 32.51
N SER B 372 -35.72 3.92 32.83
CA SER B 372 -36.12 3.76 34.23
C SER B 372 -35.29 2.66 34.89
N THR B 373 -34.93 1.65 34.13
CA THR B 373 -34.15 0.53 34.64
C THR B 373 -32.75 0.94 35.11
N ALA B 374 -32.03 1.67 34.29
CA ALA B 374 -30.71 2.17 34.69
C ALA B 374 -30.87 3.12 35.91
N ILE B 375 -31.91 3.95 35.91
CA ILE B 375 -32.17 4.87 37.02
C ILE B 375 -32.52 4.11 38.32
N VAL B 376 -33.37 3.09 38.23
CA VAL B 376 -33.69 2.31 39.42
C VAL B 376 -32.38 1.68 39.94
N GLU B 377 -31.60 1.16 39.02
CA GLU B 377 -30.34 0.59 39.36
C GLU B 377 -29.46 1.61 40.16
N ASP B 378 -29.43 2.89 39.75
CA ASP B 378 -28.61 3.88 40.45
C ASP B 378 -29.25 4.23 41.80
N ILE B 379 -30.56 4.39 41.84
CA ILE B 379 -31.27 4.70 43.07
C ILE B 379 -31.11 3.58 44.09
N GLY B 380 -31.46 2.37 43.68
CA GLY B 380 -31.37 1.24 44.60
C GLY B 380 -29.96 1.00 45.14
N ARG B 381 -28.99 0.91 44.25
CA ARG B 381 -27.66 0.62 44.70
C ARG B 381 -27.08 1.71 45.58
N GLN B 382 -27.36 2.97 45.26
CA GLN B 382 -26.81 4.05 46.08
C GLN B 382 -27.44 4.06 47.48
N VAL B 383 -28.76 3.95 47.53
CA VAL B 383 -29.39 3.96 48.83
C VAL B 383 -29.05 2.71 49.66
N VAL B 384 -29.11 1.52 49.07
CA VAL B 384 -28.82 0.35 49.87
C VAL B 384 -27.37 0.22 50.32
N THR B 385 -26.43 0.91 49.67
CA THR B 385 -25.03 0.79 50.08
C THR B 385 -24.51 2.05 50.75
N THR B 386 -25.29 3.11 50.68
CA THR B 386 -24.83 4.38 51.17
C THR B 386 -25.83 5.11 52.04
N GLY B 387 -27.11 4.78 51.90
CA GLY B 387 -28.12 5.46 52.70
C GLY B 387 -28.67 6.69 52.02
N LYS B 388 -28.17 7.04 50.84
CA LYS B 388 -28.68 8.19 50.13
C LYS B 388 -28.40 8.10 48.63
N ARG B 389 -29.04 8.97 47.85
CA ARG B 389 -28.82 9.04 46.41
C ARG B 389 -28.33 10.43 46.02
N LEU B 390 -27.08 10.50 45.57
CA LEU B 390 -26.56 11.75 45.04
C LEU B 390 -27.31 11.93 43.69
N SER B 391 -27.89 13.10 43.47
CA SER B 391 -28.64 13.34 42.25
C SER B 391 -27.66 13.52 41.06
N PRO B 392 -28.18 13.36 39.83
CA PRO B 392 -27.33 13.54 38.63
C PRO B 392 -26.58 14.88 38.70
N GLU B 393 -27.29 15.95 39.10
CA GLU B 393 -26.66 17.27 39.23
C GLU B 393 -25.59 17.27 40.34
N GLU B 394 -25.85 16.60 41.46
CA GLU B 394 -24.84 16.57 42.51
C GLU B 394 -23.61 15.77 42.01
N VAL B 395 -23.84 14.66 41.30
CA VAL B 395 -22.70 13.88 40.76
C VAL B 395 -21.90 14.70 39.76
N PHE B 396 -22.60 15.42 38.89
CA PHE B 396 -21.93 16.28 37.94
C PHE B 396 -20.99 17.24 38.71
N GLU B 397 -21.53 17.88 39.75
CA GLU B 397 -20.73 18.80 40.54
C GLU B 397 -19.51 18.11 41.17
N GLN B 398 -19.72 16.94 41.74
CA GLN B 398 -18.59 16.22 42.33
C GLN B 398 -17.49 15.94 41.32
N VAL B 399 -17.82 15.73 40.05
CA VAL B 399 -16.77 15.44 39.10
C VAL B 399 -16.17 16.74 38.59
N ASP B 400 -17.05 17.68 38.26
CA ASP B 400 -16.62 18.98 37.75
C ASP B 400 -15.62 19.72 38.63
N LYS B 401 -15.66 19.51 39.95
CA LYS B 401 -14.72 20.21 40.81
C LYS B 401 -13.36 19.57 40.96
N ILE B 402 -13.20 18.35 40.45
CA ILE B 402 -11.91 17.69 40.56
C ILE B 402 -10.80 18.49 39.90
N THR B 403 -9.65 18.58 40.55
CA THR B 403 -8.50 19.28 39.97
C THR B 403 -7.30 18.35 39.71
N LYS B 404 -6.36 18.85 38.92
CA LYS B 404 -5.14 18.12 38.60
C LYS B 404 -4.50 17.76 39.92
N ASP B 405 -4.63 18.67 40.88
CA ASP B 405 -4.04 18.50 42.19
C ASP B 405 -4.66 17.41 43.03
N ASP B 406 -5.98 17.31 42.95
CA ASP B 406 -6.70 16.28 43.68
C ASP B 406 -6.17 14.91 43.21
N ILE B 407 -5.93 14.78 41.91
CA ILE B 407 -5.48 13.53 41.36
C ILE B 407 -4.08 13.16 41.79
N ILE B 408 -3.17 14.12 41.72
CA ILE B 408 -1.78 13.90 42.13
C ILE B 408 -1.75 13.51 43.61
N MET B 409 -2.55 14.26 44.38
CA MET B 409 -2.70 14.04 45.84
C MET B 409 -3.08 12.57 46.07
N TRP B 410 -4.19 12.20 45.42
CA TRP B 410 -4.78 10.87 45.53
C TRP B 410 -3.81 9.75 45.11
N ALA B 411 -3.08 9.95 44.02
CA ALA B 411 -2.17 8.89 43.58
C ALA B 411 -1.02 8.70 44.58
N ASN B 412 -0.53 9.81 45.13
CA ASN B 412 0.57 9.78 46.11
C ASN B 412 0.11 9.16 47.42
N TYR B 413 -1.16 9.21 47.69
CA TYR B 413 -1.60 8.59 48.91
C TYR B 413 -1.84 7.10 48.73
N ARG B 414 -2.59 6.75 47.67
CA ARG B 414 -2.96 5.38 47.39
C ARG B 414 -1.94 4.49 46.66
N LEU B 415 -0.99 5.09 45.95
CA LEU B 415 -0.01 4.34 45.16
C LEU B 415 1.44 4.53 45.61
N GLN B 416 1.62 5.00 46.85
CA GLN B 416 2.96 5.16 47.41
C GLN B 416 3.00 4.45 48.78
N ASN B 417 3.96 3.56 48.94
CA ASN B 417 4.11 2.80 50.17
C ASN B 417 2.79 2.17 50.64
N LYS B 418 2.08 1.55 49.71
CA LYS B 418 0.83 0.89 50.04
C LYS B 418 0.97 -0.55 49.55
N PRO B 419 0.28 -1.47 50.22
CA PRO B 419 0.38 -2.88 49.80
C PRO B 419 -0.33 -3.18 48.47
N VAL B 420 0.20 -4.14 47.73
CA VAL B 420 -0.41 -4.53 46.47
C VAL B 420 -0.63 -6.03 46.50
N SER B 421 -1.66 -6.49 45.80
CA SER B 421 -1.92 -7.93 45.72
C SER B 421 -2.02 -8.21 44.23
N MET B 422 -1.68 -9.43 43.86
CA MET B 422 -1.65 -9.77 42.45
C MET B 422 -1.96 -11.22 42.13
N VAL B 423 -2.58 -11.43 40.98
CA VAL B 423 -2.91 -12.77 40.53
C VAL B 423 -2.52 -12.92 39.06
N ALA B 424 -1.95 -14.06 38.71
CA ALA B 424 -1.57 -14.31 37.32
C ALA B 424 -2.01 -15.72 36.91
N LEU B 425 -2.63 -15.82 35.74
CA LEU B 425 -3.10 -17.10 35.20
C LEU B 425 -2.56 -17.35 33.78
N GLY B 426 -1.88 -18.48 33.58
CA GLY B 426 -1.32 -18.82 32.27
C GLY B 426 0.17 -19.08 32.36
N ASN B 427 0.93 -18.49 31.44
CA ASN B 427 2.38 -18.66 31.45
C ASN B 427 2.92 -17.64 32.46
N THR B 428 3.10 -18.13 33.68
CA THR B 428 3.55 -17.37 34.82
C THR B 428 5.07 -17.11 34.93
N SER B 429 5.87 -17.76 34.10
CA SER B 429 7.32 -17.62 34.17
C SER B 429 7.87 -16.22 33.90
N THR B 430 7.09 -15.39 33.23
CA THR B 430 7.51 -14.06 32.86
C THR B 430 6.91 -13.00 33.82
N VAL B 431 6.03 -13.43 34.71
CA VAL B 431 5.36 -12.52 35.64
C VAL B 431 6.13 -12.10 36.89
N PRO B 432 6.30 -10.79 37.08
CA PRO B 432 7.04 -10.39 38.26
C PRO B 432 6.27 -10.48 39.59
N ASN B 433 7.07 -10.61 40.63
CA ASN B 433 6.72 -10.73 42.02
C ASN B 433 5.94 -9.49 42.58
N VAL B 434 5.24 -9.64 43.69
CA VAL B 434 4.56 -8.49 44.30
C VAL B 434 5.58 -7.54 44.97
N SER B 435 6.63 -8.08 45.56
CA SER B 435 7.61 -7.18 46.16
C SER B 435 8.35 -6.44 45.03
N TYR B 436 8.45 -7.08 43.87
CA TYR B 436 9.08 -6.43 42.70
C TYR B 436 8.20 -5.19 42.35
N ILE B 437 6.90 -5.42 42.27
CA ILE B 437 6.01 -4.36 41.92
C ILE B 437 6.07 -3.20 42.90
N GLU B 438 6.09 -3.51 44.19
CA GLU B 438 6.14 -2.45 45.19
C GLU B 438 7.46 -1.72 45.17
N GLU B 439 8.54 -2.43 44.86
CA GLU B 439 9.83 -1.79 44.81
C GLU B 439 9.82 -0.73 43.71
N LYS B 440 9.46 -1.13 42.50
CA LYS B 440 9.47 -0.23 41.37
C LYS B 440 8.49 0.90 41.53
N LEU B 441 7.34 0.62 42.10
CA LEU B 441 6.31 1.61 42.27
C LEU B 441 6.65 2.71 43.27
N ASN B 442 7.17 2.29 44.42
CA ASN B 442 7.50 3.22 45.48
C ASN B 442 8.85 3.89 45.25
N GLN B 443 9.66 3.23 44.43
CA GLN B 443 10.99 3.66 44.04
C GLN B 443 10.90 5.08 43.44
N THR C 3 29.33 -9.77 3.29
CA THR C 3 30.55 -8.91 3.25
C THR C 3 30.60 -8.11 4.57
N ASP C 4 31.47 -7.13 4.69
CA ASP C 4 31.57 -6.37 5.95
C ASP C 4 30.29 -5.67 6.35
N ASN C 5 29.60 -5.11 5.35
CA ASN C 5 28.41 -4.28 5.54
C ASN C 5 29.04 -2.98 6.07
N PHE C 6 30.21 -2.71 5.53
CA PHE C 6 30.99 -1.54 5.88
C PHE C 6 30.49 -0.29 5.18
N LYS C 7 30.22 0.77 5.94
CA LYS C 7 29.75 2.01 5.33
C LYS C 7 30.51 3.17 5.94
N LEU C 8 30.85 4.12 5.10
CA LEU C 8 31.60 5.28 5.52
C LEU C 8 31.12 6.61 4.95
N SER C 9 30.93 7.62 5.79
CA SER C 9 30.60 8.95 5.27
C SER C 9 31.18 10.01 6.17
N SER C 10 31.00 11.27 5.79
CA SER C 10 31.54 12.39 6.58
C SER C 10 30.49 13.42 6.97
N LEU C 11 30.76 14.12 8.07
CA LEU C 11 29.88 15.17 8.50
C LEU C 11 30.47 16.42 7.84
N ALA C 12 29.69 17.49 7.86
CA ALA C 12 30.16 18.72 7.24
C ALA C 12 31.45 19.19 7.85
N ASN C 13 31.68 18.96 9.15
CA ASN C 13 32.93 19.44 9.74
C ASN C 13 34.16 18.55 9.47
N GLY C 14 33.99 17.48 8.68
CA GLY C 14 35.12 16.63 8.38
C GLY C 14 35.27 15.35 9.16
N LEU C 15 34.51 15.21 10.23
CA LEU C 15 34.56 14.01 11.02
C LEU C 15 34.03 12.82 10.19
N LYS C 16 34.83 11.77 10.06
CA LYS C 16 34.38 10.60 9.33
C LYS C 16 33.59 9.67 10.25
N VAL C 17 32.57 9.01 9.70
CA VAL C 17 31.75 8.07 10.47
C VAL C 17 31.75 6.70 9.80
N ALA C 18 32.27 5.68 10.49
CA ALA C 18 32.36 4.33 9.92
C ALA C 18 31.60 3.28 10.70
N THR C 19 30.84 2.47 9.99
CA THR C 19 30.08 1.41 10.64
C THR C 19 30.34 0.11 9.92
N SER C 20 30.15 -0.99 10.62
CA SER C 20 30.30 -2.29 9.99
C SER C 20 29.57 -3.34 10.76
N ASN C 21 29.43 -4.49 10.09
CA ASN C 21 28.76 -5.66 10.63
C ASN C 21 27.24 -5.41 10.79
N THR C 22 26.57 -6.39 11.37
CA THR C 22 25.14 -6.34 11.54
C THR C 22 24.81 -6.44 13.00
N PRO C 23 23.53 -6.28 13.36
CA PRO C 23 23.14 -6.37 14.76
C PRO C 23 23.57 -7.65 15.44
N GLY C 24 23.88 -7.54 16.73
CA GLY C 24 24.31 -8.70 17.47
C GLY C 24 23.86 -8.55 18.90
N HIS C 25 24.43 -9.38 19.76
CA HIS C 25 24.11 -9.39 21.17
C HIS C 25 24.52 -8.09 21.90
N PHE C 26 25.38 -7.28 21.29
CA PHE C 26 25.79 -6.02 21.88
C PHE C 26 26.61 -5.23 20.86
N SER C 27 26.94 -3.98 21.18
CA SER C 27 27.67 -3.13 20.25
C SER C 27 29.00 -2.64 20.79
N ALA C 28 29.79 -2.08 19.89
CA ALA C 28 31.09 -1.51 20.23
C ALA C 28 31.19 -0.15 19.49
N LEU C 29 31.88 0.80 20.09
CA LEU C 29 32.05 2.10 19.47
C LEU C 29 33.27 2.81 20.02
N GLY C 30 33.84 3.69 19.22
CA GLY C 30 34.98 4.46 19.69
C GLY C 30 35.29 5.69 18.87
N LEU C 31 36.04 6.60 19.46
CA LEU C 31 36.50 7.79 18.77
C LEU C 31 38.01 7.62 18.57
N TYR C 32 38.47 7.78 17.34
CA TYR C 32 39.90 7.65 17.05
C TYR C 32 40.51 8.95 16.58
N ILE C 33 41.58 9.36 17.26
CA ILE C 33 42.26 10.59 16.91
C ILE C 33 43.68 10.34 16.38
N ASP C 34 44.02 11.00 15.30
CA ASP C 34 45.33 10.82 14.72
C ASP C 34 46.36 11.63 15.51
N ALA C 35 46.73 11.12 16.66
CA ALA C 35 47.72 11.76 17.51
C ALA C 35 48.60 10.65 18.08
N GLY C 36 49.50 11.02 18.99
CA GLY C 36 50.37 10.03 19.59
C GLY C 36 51.74 10.61 19.91
N SER C 37 52.59 9.83 20.56
CA SER C 37 53.91 10.34 20.91
C SER C 37 54.74 10.80 19.70
N ARG C 38 54.56 10.21 18.52
CA ARG C 38 55.38 10.63 17.41
C ARG C 38 55.18 12.10 17.01
N PHE C 39 54.06 12.70 17.42
CA PHE C 39 53.81 14.08 17.05
C PHE C 39 54.15 15.06 18.16
N GLU C 40 54.68 14.60 19.28
CA GLU C 40 54.95 15.50 20.38
C GLU C 40 56.12 16.45 20.24
N GLY C 41 57.10 16.10 19.41
CA GLY C 41 58.25 16.96 19.28
C GLY C 41 58.91 17.03 20.64
N ARG C 42 59.62 18.10 20.94
CA ARG C 42 60.24 18.22 22.25
C ARG C 42 59.34 19.07 23.16
N ASN C 43 58.53 19.94 22.57
CA ASN C 43 57.69 20.79 23.37
C ASN C 43 56.47 20.17 24.08
N LEU C 44 55.94 19.09 23.54
CA LEU C 44 54.75 18.48 24.09
C LEU C 44 55.00 17.06 24.64
N LYS C 45 56.25 16.77 24.94
CA LYS C 45 56.61 15.44 25.41
C LYS C 45 55.78 14.97 26.60
N GLY C 46 55.15 13.81 26.48
CA GLY C 46 54.34 13.31 27.58
C GLY C 46 52.90 13.80 27.63
N CYS C 47 52.50 14.68 26.71
CA CYS C 47 51.14 15.17 26.73
C CYS C 47 50.13 14.08 26.36
N THR C 48 50.49 13.19 25.45
CA THR C 48 49.59 12.13 24.99
C THR C 48 49.22 11.20 26.15
N HIS C 49 50.22 10.82 26.92
CA HIS C 49 50.01 9.92 28.03
C HIS C 49 49.08 10.56 29.06
N ILE C 50 49.39 11.77 29.47
CA ILE C 50 48.57 12.46 30.45
C ILE C 50 47.13 12.67 29.97
N LEU C 51 46.95 13.06 28.70
CA LEU C 51 45.59 13.23 28.22
C LEU C 51 44.83 11.93 28.26
N ASP C 52 45.50 10.82 27.94
CA ASP C 52 44.80 9.56 27.93
C ASP C 52 44.46 9.13 29.36
N ARG C 53 45.28 9.53 30.33
CA ARG C 53 45.03 9.19 31.72
C ARG C 53 43.95 10.13 32.30
N LEU C 54 43.66 11.18 31.56
CA LEU C 54 42.68 12.15 32.00
C LEU C 54 41.34 11.83 31.33
N ALA C 55 41.33 10.85 30.43
CA ALA C 55 40.07 10.49 29.79
C ALA C 55 38.92 10.16 30.80
N PHE C 56 37.73 10.66 30.46
CA PHE C 56 36.54 10.40 31.24
C PHE C 56 36.50 10.97 32.66
N LYS C 57 37.19 12.07 32.89
CA LYS C 57 37.10 12.73 34.17
C LYS C 57 36.00 13.80 33.96
N SER C 58 35.97 14.86 34.75
CA SER C 58 34.90 15.82 34.58
C SER C 58 34.92 16.60 33.29
N THR C 59 33.73 16.94 32.80
CA THR C 59 33.60 17.75 31.62
C THR C 59 32.74 18.99 31.92
N GLU C 60 32.55 19.81 30.90
CA GLU C 60 31.78 21.03 31.07
C GLU C 60 30.33 20.76 31.45
N HIS C 61 29.77 19.68 30.93
CA HIS C 61 28.39 19.34 31.21
C HIS C 61 28.19 18.14 32.11
N VAL C 62 29.26 17.53 32.59
CA VAL C 62 29.10 16.37 33.45
C VAL C 62 30.11 16.33 34.58
N GLU C 63 29.63 16.30 35.82
CA GLU C 63 30.50 16.23 36.97
C GLU C 63 31.30 14.93 36.93
N GLY C 64 32.50 14.98 37.50
CA GLY C 64 33.39 13.83 37.52
C GLY C 64 32.70 12.60 38.07
N ARG C 65 32.13 12.75 39.26
CA ARG C 65 31.43 11.65 39.91
C ARG C 65 30.29 11.10 39.05
N ALA C 66 29.51 11.98 38.46
CA ALA C 66 28.41 11.55 37.62
C ALA C 66 28.90 10.76 36.40
N MET C 67 30.05 11.18 35.86
CA MET C 67 30.67 10.55 34.70
C MET C 67 31.07 9.10 35.04
N ALA C 68 31.81 8.94 36.11
CA ALA C 68 32.29 7.64 36.52
C ALA C 68 31.11 6.73 36.85
N GLU C 69 30.12 7.26 37.55
CA GLU C 69 28.96 6.43 37.91
C GLU C 69 28.15 6.00 36.71
N THR C 70 27.95 6.90 35.74
CA THR C 70 27.19 6.53 34.55
C THR C 70 27.98 5.51 33.74
N LEU C 71 29.29 5.64 33.72
CA LEU C 71 30.11 4.69 32.98
C LEU C 71 29.99 3.31 33.65
N GLU C 72 29.91 3.28 34.97
CA GLU C 72 29.73 2.01 35.65
C GLU C 72 28.37 1.42 35.25
N LEU C 73 27.29 2.21 35.35
CA LEU C 73 25.97 1.69 35.01
C LEU C 73 25.95 1.21 33.56
N LEU C 74 26.85 1.72 32.74
CA LEU C 74 26.85 1.28 31.34
C LEU C 74 27.60 -0.01 31.16
N GLY C 75 28.19 -0.52 32.24
CA GLY C 75 28.90 -1.78 32.15
C GLY C 75 30.37 -1.68 32.44
N GLY C 76 30.91 -0.46 32.40
CA GLY C 76 32.30 -0.21 32.67
C GLY C 76 33.32 -0.76 31.65
N ASN C 77 32.87 -1.22 30.51
CA ASN C 77 33.82 -1.77 29.57
C ASN C 77 34.26 -0.74 28.57
N TYR C 78 35.02 0.25 29.05
CA TYR C 78 35.49 1.35 28.20
C TYR C 78 36.93 1.66 28.53
N GLN C 79 37.61 2.34 27.64
CA GLN C 79 38.97 2.70 27.94
C GLN C 79 39.57 3.67 26.94
N CYS C 80 40.57 4.40 27.40
CA CYS C 80 41.29 5.29 26.54
C CYS C 80 42.73 4.76 26.50
N THR C 81 43.29 4.60 25.33
CA THR C 81 44.67 4.19 25.29
C THR C 81 45.30 5.02 24.18
N SER C 82 46.63 5.12 24.22
CA SER C 82 47.40 5.85 23.23
C SER C 82 48.71 5.15 22.97
N SER C 83 49.28 5.41 21.81
CA SER C 83 50.54 4.81 21.42
C SER C 83 51.34 5.85 20.63
N ARG C 84 52.25 5.39 19.78
CA ARG C 84 53.07 6.27 18.99
C ARG C 84 52.28 6.97 17.92
N GLU C 85 51.30 6.28 17.34
CA GLU C 85 50.48 6.84 16.27
C GLU C 85 48.99 6.87 16.52
N ASN C 86 48.56 6.55 17.72
CA ASN C 86 47.12 6.57 17.95
C ASN C 86 46.70 7.05 19.32
N LEU C 87 45.47 7.48 19.40
CA LEU C 87 44.85 7.94 20.63
C LEU C 87 43.40 7.50 20.42
N MET C 88 42.91 6.56 21.21
CA MET C 88 41.57 6.08 21.01
C MET C 88 40.73 5.92 22.26
N TYR C 89 39.42 6.12 22.09
CA TYR C 89 38.46 5.98 23.19
C TYR C 89 37.54 4.89 22.74
N GLN C 90 37.53 3.77 23.43
CA GLN C 90 36.68 2.65 23.00
C GLN C 90 35.86 1.98 24.07
N ALA C 91 34.80 1.33 23.62
CA ALA C 91 33.92 0.61 24.52
C ALA C 91 32.99 -0.35 23.80
N SER C 92 32.49 -1.31 24.56
CA SER C 92 31.46 -2.19 24.05
C SER C 92 30.34 -2.00 25.09
N VAL C 93 29.10 -1.86 24.61
CA VAL C 93 27.94 -1.63 25.47
C VAL C 93 26.76 -2.37 24.86
N PHE C 94 25.68 -2.47 25.63
CA PHE C 94 24.48 -3.11 25.14
C PHE C 94 23.88 -2.21 24.10
N ASN C 95 23.23 -2.81 23.11
CA ASN C 95 22.67 -2.06 22.01
C ASN C 95 21.93 -0.78 22.35
N GLN C 96 21.05 -0.81 23.34
CA GLN C 96 20.29 0.38 23.67
C GLN C 96 21.11 1.51 24.29
N ASP C 97 22.38 1.24 24.63
CA ASP C 97 23.19 2.27 25.24
C ASP C 97 24.23 2.97 24.37
N VAL C 98 24.24 2.70 23.08
CA VAL C 98 25.21 3.35 22.22
C VAL C 98 25.20 4.89 22.31
N GLY C 99 23.99 5.48 22.28
CA GLY C 99 23.86 6.92 22.32
C GLY C 99 24.47 7.55 23.55
N LYS C 100 24.16 6.97 24.69
CA LYS C 100 24.68 7.48 25.92
C LYS C 100 26.20 7.39 26.02
N MET C 101 26.75 6.28 25.54
CA MET C 101 28.19 6.11 25.57
C MET C 101 28.88 7.09 24.60
N LEU C 102 28.27 7.32 23.44
CA LEU C 102 28.83 8.27 22.49
C LEU C 102 28.75 9.68 23.08
N GLN C 103 27.69 9.97 23.80
CA GLN C 103 27.57 11.28 24.41
C GLN C 103 28.72 11.47 25.40
N LEU C 104 28.95 10.47 26.24
CA LEU C 104 30.02 10.58 27.22
C LEU C 104 31.40 10.71 26.55
N MET C 105 31.64 9.94 25.48
CA MET C 105 32.91 10.04 24.80
C MET C 105 33.09 11.42 24.19
N SER C 106 32.04 11.93 23.58
CA SER C 106 32.17 13.22 22.97
C SER C 106 32.36 14.32 24.02
N GLU C 107 31.88 14.09 25.24
CA GLU C 107 32.07 15.09 26.29
C GLU C 107 33.52 15.14 26.73
N THR C 108 34.15 13.98 26.93
CA THR C 108 35.52 13.96 27.40
C THR C 108 36.49 14.37 26.29
N VAL C 109 36.07 14.19 25.06
CA VAL C 109 36.89 14.57 23.93
C VAL C 109 36.74 16.05 23.56
N ARG C 110 35.55 16.62 23.72
CA ARG C 110 35.32 18.00 23.37
C ARG C 110 35.34 18.98 24.53
N PHE C 111 34.88 18.54 25.68
CA PHE C 111 34.74 19.46 26.81
C PHE C 111 35.36 19.04 28.14
N PRO C 112 36.55 18.41 28.10
CA PRO C 112 37.18 17.98 29.35
C PRO C 112 37.48 19.24 30.15
N LYS C 113 37.36 19.17 31.46
CA LYS C 113 37.64 20.33 32.31
C LYS C 113 39.11 20.45 32.68
N ILE C 114 39.74 19.32 32.97
CA ILE C 114 41.13 19.29 33.39
C ILE C 114 41.39 20.33 34.48
N THR C 115 40.91 20.03 35.67
CA THR C 115 41.09 20.92 36.81
C THR C 115 42.51 20.75 37.37
N GLU C 116 42.95 21.67 38.20
CA GLU C 116 44.30 21.52 38.75
C GLU C 116 44.38 20.19 39.49
N GLN C 117 43.39 19.90 40.30
CA GLN C 117 43.43 18.67 41.06
C GLN C 117 43.53 17.39 40.20
N GLU C 118 42.75 17.31 39.13
CA GLU C 118 42.80 16.15 38.25
C GLU C 118 44.16 16.00 37.59
N LEU C 119 44.74 17.12 37.21
CA LEU C 119 46.02 17.11 36.55
C LEU C 119 47.11 16.73 37.52
N GLN C 120 47.06 17.30 38.71
CA GLN C 120 48.08 16.99 39.68
C GLN C 120 48.02 15.50 40.00
N GLU C 121 46.81 14.96 40.08
CA GLU C 121 46.64 13.55 40.37
C GLU C 121 47.26 12.65 39.34
N GLN C 122 47.01 12.92 38.07
CA GLN C 122 47.55 12.06 37.04
C GLN C 122 49.07 12.21 36.91
N LYS C 123 49.58 13.41 37.19
CA LYS C 123 51.02 13.63 37.10
C LYS C 123 51.77 12.83 38.16
N LEU C 124 51.31 12.92 39.40
CA LEU C 124 51.91 12.19 40.50
C LEU C 124 51.85 10.71 40.17
N SER C 125 50.70 10.29 39.69
CA SER C 125 50.49 8.91 39.36
C SER C 125 51.34 8.42 38.16
N ALA C 126 51.69 9.33 37.28
CA ALA C 126 52.53 8.99 36.12
C ALA C 126 53.99 8.73 36.55
N GLU C 127 54.48 9.48 37.53
CA GLU C 127 55.85 9.26 37.98
C GLU C 127 56.04 7.82 38.47
N TYR C 128 55.08 7.36 39.28
CA TYR C 128 55.14 6.01 39.81
C TYR C 128 55.01 5.02 38.66
N GLU C 129 54.13 5.31 37.73
CA GLU C 129 54.00 4.39 36.62
C GLU C 129 55.30 4.30 35.82
N ILE C 130 55.94 5.43 35.52
CA ILE C 130 57.20 5.38 34.77
C ILE C 130 58.26 4.56 35.50
N ASP C 131 58.37 4.76 36.81
CA ASP C 131 59.34 4.00 37.61
C ASP C 131 59.13 2.49 37.45
N GLU C 132 57.87 2.06 37.34
CA GLU C 132 57.57 0.64 37.20
C GLU C 132 57.84 0.14 35.79
N VAL C 133 57.58 0.98 34.82
CA VAL C 133 57.82 0.56 33.46
C VAL C 133 59.30 0.26 33.23
N TRP C 134 60.19 1.05 33.85
CA TRP C 134 61.63 0.86 33.68
C TRP C 134 62.21 -0.36 34.33
N MET C 135 61.33 -1.22 34.84
CA MET C 135 61.80 -2.45 35.47
C MET C 135 61.37 -3.63 34.62
N LYS C 136 60.60 -3.37 33.57
CA LYS C 136 60.13 -4.47 32.73
C LYS C 136 60.80 -4.50 31.35
N PRO C 137 61.79 -5.41 31.17
CA PRO C 137 62.52 -5.58 29.92
C PRO C 137 61.64 -5.70 28.69
N GLU C 138 60.45 -6.27 28.86
CA GLU C 138 59.51 -6.42 27.74
C GLU C 138 58.99 -5.06 27.28
N LEU C 139 59.06 -4.06 28.15
CA LEU C 139 58.62 -2.74 27.76
C LEU C 139 59.84 -1.86 27.43
N VAL C 140 60.92 -1.96 28.23
CA VAL C 140 62.10 -1.15 28.01
C VAL C 140 62.83 -1.42 26.71
N LEU C 141 63.08 -2.68 26.37
CA LEU C 141 63.83 -2.98 25.14
C LEU C 141 63.20 -2.40 23.87
N PRO C 142 61.91 -2.63 23.62
CA PRO C 142 61.25 -2.08 22.42
C PRO C 142 61.30 -0.53 22.42
N GLU C 143 61.28 0.09 23.60
CA GLU C 143 61.36 1.55 23.65
C GLU C 143 62.76 1.96 23.18
N LEU C 144 63.82 1.35 23.72
CA LEU C 144 65.19 1.64 23.29
C LEU C 144 65.38 1.35 21.79
N LEU C 145 64.70 0.32 21.29
CA LEU C 145 64.81 -0.04 19.88
C LEU C 145 64.34 1.12 19.00
N HIS C 146 63.15 1.65 19.30
CA HIS C 146 62.59 2.77 18.53
C HIS C 146 63.43 4.04 18.68
N THR C 147 63.80 4.36 19.90
CA THR C 147 64.58 5.54 20.11
C THR C 147 65.86 5.54 19.28
N ALA C 148 66.51 4.39 19.19
CA ALA C 148 67.73 4.33 18.43
C ALA C 148 67.44 4.22 16.94
N ALA C 149 66.40 3.49 16.56
CA ALA C 149 66.10 3.35 15.15
C ALA C 149 65.80 4.69 14.42
N TYR C 150 65.28 5.69 15.14
CA TYR C 150 64.99 7.00 14.55
C TYR C 150 65.67 8.14 15.29
N SER C 151 66.74 7.83 16.01
CA SER C 151 67.46 8.85 16.77
C SER C 151 66.58 9.81 17.54
N GLY C 152 65.61 9.23 18.25
CA GLY C 152 64.75 10.03 19.09
C GLY C 152 63.74 11.00 18.49
N GLU C 153 63.46 10.85 17.20
CA GLU C 153 62.49 11.70 16.52
C GLU C 153 61.34 10.88 15.99
N THR C 154 60.16 11.52 15.98
CA THR C 154 58.90 10.93 15.49
C THR C 154 58.66 9.54 16.05
N LEU C 155 58.77 8.49 15.23
CA LEU C 155 58.53 7.12 15.72
C LEU C 155 59.48 6.69 16.83
N GLY C 156 60.55 7.45 17.02
CA GLY C 156 61.50 7.12 18.06
C GLY C 156 61.47 8.11 19.20
N SER C 157 60.53 9.04 19.15
CA SER C 157 60.39 10.00 20.24
C SER C 157 59.87 9.16 21.40
N PRO C 158 60.42 9.34 22.57
CA PRO C 158 59.97 8.56 23.71
C PRO C 158 58.47 8.28 23.88
N LEU C 159 58.12 7.00 23.95
CA LEU C 159 56.75 6.60 24.17
C LEU C 159 56.55 6.63 25.70
N ILE C 160 57.65 6.43 26.44
CA ILE C 160 57.68 6.46 27.91
C ILE C 160 58.23 7.84 28.23
N CYS C 161 57.43 8.67 28.86
CA CYS C 161 57.86 10.01 29.13
C CYS C 161 59.01 10.10 30.12
N PRO C 162 60.06 10.86 29.77
CA PRO C 162 61.18 11.02 30.70
C PRO C 162 60.55 11.48 32.03
N ARG C 163 61.00 10.90 33.13
CA ARG C 163 60.47 11.22 34.45
C ARG C 163 60.55 12.70 34.82
N GLY C 164 61.73 13.31 34.60
CA GLY C 164 61.95 14.71 34.93
C GLY C 164 61.13 15.71 34.12
N LEU C 165 60.45 15.26 33.07
CA LEU C 165 59.64 16.16 32.26
C LEU C 165 58.19 16.20 32.69
N ILE C 166 57.77 15.21 33.44
CA ILE C 166 56.37 15.16 33.88
C ILE C 166 55.87 16.33 34.69
N PRO C 167 56.66 16.80 35.65
CA PRO C 167 56.22 17.92 36.47
C PRO C 167 55.97 19.22 35.73
N SER C 168 56.56 19.38 34.54
CA SER C 168 56.39 20.61 33.78
C SER C 168 55.28 20.53 32.71
N ILE C 169 54.53 19.45 32.72
CA ILE C 169 53.40 19.33 31.81
C ILE C 169 52.31 20.18 32.48
N SER C 170 51.95 21.26 31.81
CA SER C 170 50.95 22.18 32.32
C SER C 170 49.66 22.14 31.53
N LYS C 171 48.64 22.79 32.08
CA LYS C 171 47.38 22.82 31.39
C LYS C 171 47.58 23.49 30.06
N TYR C 172 48.45 24.49 30.05
CA TYR C 172 48.77 25.20 28.82
C TYR C 172 49.25 24.26 27.71
N TYR C 173 50.25 23.40 27.99
CA TYR C 173 50.69 22.46 26.95
C TYR C 173 49.61 21.46 26.58
N LEU C 174 48.79 21.05 27.56
CA LEU C 174 47.73 20.10 27.26
C LEU C 174 46.72 20.76 26.35
N LEU C 175 46.45 22.04 26.57
CA LEU C 175 45.50 22.73 25.71
C LEU C 175 46.13 22.95 24.33
N ASP C 176 47.44 23.15 24.31
CA ASP C 176 48.10 23.34 23.01
C ASP C 176 47.96 22.03 22.20
N TYR C 177 48.25 20.89 22.84
CA TYR C 177 48.13 19.62 22.16
C TYR C 177 46.67 19.37 21.68
N ARG C 178 45.70 19.60 22.57
CA ARG C 178 44.31 19.43 22.17
C ARG C 178 43.96 20.36 21.01
N ASN C 179 44.42 21.61 21.08
CA ASN C 179 44.08 22.53 20.00
C ASN C 179 44.72 22.18 18.69
N LYS C 180 45.81 21.43 18.72
CA LYS C 180 46.43 21.01 17.47
C LYS C 180 45.83 19.72 16.95
N PHE C 181 45.56 18.75 17.82
CA PHE C 181 45.09 17.46 17.29
C PHE C 181 43.68 17.04 17.47
N TYR C 182 43.00 17.59 18.47
CA TYR C 182 41.62 17.22 18.69
C TYR C 182 40.70 18.12 17.83
N THR C 183 40.58 17.75 16.55
CA THR C 183 39.74 18.49 15.61
C THR C 183 38.88 17.47 14.88
N PRO C 184 37.69 17.88 14.43
CA PRO C 184 36.84 16.91 13.72
C PRO C 184 37.47 16.29 12.50
N GLU C 185 38.25 17.06 11.76
CA GLU C 185 38.89 16.54 10.57
C GLU C 185 40.03 15.54 10.86
N ASN C 186 40.45 15.45 12.12
CA ASN C 186 41.52 14.56 12.55
C ASN C 186 40.95 13.40 13.38
N THR C 187 39.64 13.18 13.23
CA THR C 187 38.93 12.20 14.04
C THR C 187 38.01 11.27 13.32
N VAL C 188 37.89 10.06 13.82
CA VAL C 188 36.99 9.12 13.22
C VAL C 188 36.07 8.57 14.29
N ALA C 189 34.79 8.38 13.96
CA ALA C 189 33.85 7.76 14.89
C ALA C 189 33.44 6.42 14.24
N ALA C 190 33.74 5.31 14.92
CA ALA C 190 33.41 4.01 14.37
C ALA C 190 32.45 3.24 15.26
N PHE C 191 31.63 2.40 14.63
CA PHE C 191 30.67 1.61 15.35
C PHE C 191 30.60 0.22 14.75
N VAL C 192 30.40 -0.77 15.58
CA VAL C 192 30.24 -2.13 15.11
C VAL C 192 28.88 -2.61 15.63
N GLY C 193 28.05 -3.09 14.71
CA GLY C 193 26.72 -3.58 15.06
C GLY C 193 25.69 -2.50 15.19
N VAL C 194 25.97 -1.31 14.64
CA VAL C 194 25.05 -0.20 14.70
C VAL C 194 24.77 0.26 13.27
N PRO C 195 23.49 0.34 12.88
CA PRO C 195 23.12 0.75 11.50
C PRO C 195 23.74 2.12 11.19
N HIS C 196 24.26 2.27 9.98
CA HIS C 196 24.90 3.51 9.60
C HIS C 196 24.03 4.74 9.81
N GLU C 197 22.76 4.63 9.45
CA GLU C 197 21.83 5.75 9.58
C GLU C 197 21.80 6.26 11.03
N LYS C 198 21.66 5.33 11.96
CA LYS C 198 21.61 5.69 13.35
C LYS C 198 22.93 6.33 13.82
N ALA C 199 24.04 5.86 13.27
CA ALA C 199 25.35 6.38 13.63
C ALA C 199 25.50 7.81 13.19
N LEU C 200 25.02 8.15 12.00
CA LEU C 200 25.10 9.53 11.52
C LEU C 200 24.21 10.43 12.36
N GLU C 201 23.09 9.90 12.80
CA GLU C 201 22.19 10.68 13.65
C GLU C 201 22.92 11.06 14.93
N LEU C 202 23.37 10.05 15.66
CA LEU C 202 24.02 10.27 16.93
C LEU C 202 25.28 11.09 16.82
N THR C 203 26.08 10.84 15.81
CA THR C 203 27.31 11.59 15.62
C THR C 203 27.02 13.07 15.37
N GLY C 204 26.04 13.34 14.52
CA GLY C 204 25.66 14.71 14.21
C GLY C 204 25.19 15.43 15.46
N LYS C 205 24.44 14.69 16.27
CA LYS C 205 23.90 15.25 17.49
C LYS C 205 24.94 15.64 18.53
N TYR C 206 26.03 14.88 18.62
CA TYR C 206 27.04 15.17 19.63
C TYR C 206 28.36 15.73 19.14
N LEU C 207 28.67 15.52 17.86
CA LEU C 207 29.92 15.98 17.31
C LEU C 207 29.70 16.87 16.08
N GLY C 208 28.46 16.92 15.59
CA GLY C 208 28.12 17.73 14.42
C GLY C 208 28.52 19.20 14.37
N ASP C 209 28.36 19.92 15.47
CA ASP C 209 28.69 21.33 15.56
C ASP C 209 30.12 21.62 16.03
N TRP C 210 30.92 20.57 16.16
CA TRP C 210 32.30 20.71 16.57
C TRP C 210 33.05 21.41 15.42
N GLN C 211 33.84 22.43 15.73
CA GLN C 211 34.56 23.18 14.71
C GLN C 211 36.06 23.08 14.89
N SER C 212 36.78 23.10 13.77
CA SER C 212 38.23 23.01 13.83
C SER C 212 38.86 24.28 14.40
N THR C 213 40.11 24.20 14.84
CA THR C 213 40.79 25.36 15.37
C THR C 213 41.77 25.87 14.31
N HIS C 214 41.85 25.09 13.22
CA HIS C 214 42.73 25.36 12.06
C HIS C 214 44.17 25.60 12.51
N PRO C 215 44.75 24.63 13.21
CA PRO C 215 46.13 24.71 13.72
C PRO C 215 47.19 24.53 12.64
N PRO C 216 48.43 24.85 12.98
CA PRO C 216 49.57 24.71 12.07
C PRO C 216 49.82 23.20 11.88
N ILE C 217 49.91 22.74 10.63
CA ILE C 217 50.16 21.32 10.34
C ILE C 217 51.60 20.99 10.72
N THR C 218 51.79 20.13 11.70
CA THR C 218 53.16 19.81 12.11
C THR C 218 53.55 18.32 12.03
N LYS C 219 53.04 17.57 11.05
CA LYS C 219 53.37 16.13 10.97
C LYS C 219 54.52 15.72 10.04
N LYS C 220 55.64 15.40 10.66
CA LYS C 220 56.88 15.01 9.97
C LYS C 220 56.93 13.53 9.58
N VAL C 221 57.56 13.22 8.45
CA VAL C 221 57.68 11.80 8.07
C VAL C 221 58.79 11.17 8.89
N ALA C 222 58.66 9.88 9.10
CA ALA C 222 59.65 9.16 9.88
C ALA C 222 60.92 8.93 9.04
N GLN C 223 62.07 9.26 9.63
CA GLN C 223 63.36 9.05 8.96
C GLN C 223 64.18 8.02 9.71
N TYR C 224 64.19 6.78 9.24
CA TYR C 224 64.95 5.73 9.90
C TYR C 224 66.46 6.03 9.81
N THR C 225 67.16 5.94 10.94
CA THR C 225 68.59 6.17 10.93
C THR C 225 69.42 4.94 11.30
N GLY C 226 68.84 4.06 12.11
CA GLY C 226 69.62 2.94 12.58
C GLY C 226 70.43 3.52 13.73
N GLY C 227 71.09 2.66 14.51
CA GLY C 227 71.87 3.13 15.64
C GLY C 227 72.06 2.04 16.70
N GLU C 228 72.84 2.39 17.71
CA GLU C 228 73.17 1.46 18.79
C GLU C 228 72.94 2.06 20.16
N SER C 229 72.63 1.20 21.12
CA SER C 229 72.48 1.67 22.49
C SER C 229 72.54 0.53 23.51
N CYS C 230 73.05 0.82 24.70
CA CYS C 230 73.16 -0.22 25.70
C CYS C 230 72.98 0.27 27.12
N ILE C 231 72.05 -0.33 27.83
CA ILE C 231 71.83 0.03 29.24
C ILE C 231 72.37 -1.08 30.14
N PRO C 232 72.72 -0.73 31.39
CA PRO C 232 73.27 -1.66 32.40
C PRO C 232 72.34 -2.88 32.66
N PRO C 233 72.90 -4.04 33.09
CA PRO C 233 72.16 -5.28 33.39
C PRO C 233 71.10 -5.13 34.50
N ALA C 234 70.03 -5.90 34.39
CA ALA C 234 68.97 -5.89 35.40
C ALA C 234 69.45 -6.51 36.73
N PRO C 235 68.93 -6.02 37.86
CA PRO C 235 69.30 -6.53 39.20
C PRO C 235 69.00 -8.04 39.33
N VAL C 236 69.93 -8.80 39.89
CA VAL C 236 69.77 -10.25 40.10
C VAL C 236 68.96 -10.54 41.37
N PHE C 237 67.69 -10.88 41.16
CA PHE C 237 66.75 -11.15 42.26
C PHE C 237 67.10 -12.42 43.05
N GLY C 238 66.10 -13.27 43.27
CA GLY C 238 66.33 -14.49 44.04
C GLY C 238 66.76 -15.69 43.22
N ASN C 239 65.79 -16.55 42.91
CA ASN C 239 66.06 -17.74 42.11
C ASN C 239 66.03 -17.44 40.60
N LEU C 240 65.41 -16.32 40.21
CA LEU C 240 65.33 -15.91 38.81
C LEU C 240 66.71 -15.87 38.16
N PRO C 241 66.87 -16.51 36.98
CA PRO C 241 68.17 -16.52 36.28
C PRO C 241 68.48 -15.12 35.70
N GLU C 242 69.72 -14.66 35.87
CA GLU C 242 70.12 -13.36 35.32
C GLU C 242 70.19 -13.47 33.79
N LEU C 243 69.57 -12.50 33.11
CA LEU C 243 69.57 -12.49 31.64
C LEU C 243 70.04 -11.17 31.04
N PHE C 244 70.63 -11.27 29.85
CA PHE C 244 71.06 -10.11 29.09
C PHE C 244 70.04 -10.12 27.94
N HIS C 245 69.82 -8.97 27.32
CA HIS C 245 68.85 -8.92 26.23
C HIS C 245 69.42 -8.14 25.07
N ILE C 246 68.95 -8.49 23.87
CA ILE C 246 69.39 -7.82 22.67
C ILE C 246 68.30 -7.88 21.59
N GLN C 247 68.11 -6.77 20.91
CA GLN C 247 67.14 -6.70 19.82
C GLN C 247 67.91 -6.09 18.65
N ILE C 248 67.74 -6.71 17.48
CA ILE C 248 68.41 -6.26 16.28
C ILE C 248 67.37 -6.12 15.20
N GLY C 249 67.30 -4.94 14.58
CA GLY C 249 66.32 -4.76 13.52
C GLY C 249 66.78 -3.83 12.42
N PHE C 250 66.01 -3.79 11.35
CA PHE C 250 66.28 -2.93 10.19
C PHE C 250 64.95 -2.27 9.84
N GLU C 251 65.01 -1.17 9.08
CA GLU C 251 63.77 -0.53 8.72
C GLU C 251 62.85 -1.52 8.01
N GLY C 252 61.60 -1.57 8.46
CA GLY C 252 60.59 -2.44 7.90
C GLY C 252 59.68 -1.70 6.95
N LEU C 253 58.41 -2.09 6.89
CA LEU C 253 57.44 -1.50 5.98
C LEU C 253 56.22 -0.87 6.64
N PRO C 254 55.56 0.09 5.95
CA PRO C 254 54.36 0.80 6.43
C PRO C 254 53.25 -0.23 6.38
N ILE C 255 52.28 -0.16 7.30
CA ILE C 255 51.20 -1.15 7.29
C ILE C 255 50.39 -1.27 6.01
N ASP C 256 50.44 -0.28 5.12
CA ASP C 256 49.68 -0.42 3.89
C ASP C 256 50.58 -0.69 2.69
N HIS C 257 51.84 -0.99 2.93
CA HIS C 257 52.76 -1.25 1.85
C HIS C 257 52.36 -2.57 1.21
N PRO C 258 52.49 -2.68 -0.12
CA PRO C 258 52.13 -3.90 -0.87
C PRO C 258 52.72 -5.22 -0.35
N ASP C 259 53.96 -5.16 0.12
CA ASP C 259 54.62 -6.37 0.61
C ASP C 259 54.44 -6.65 2.10
N ILE C 260 53.51 -5.93 2.72
CA ILE C 260 53.27 -6.10 4.13
C ILE C 260 52.82 -7.55 4.44
N TYR C 261 52.03 -8.16 3.59
CA TYR C 261 51.60 -9.53 3.88
C TYR C 261 52.77 -10.52 3.81
N ALA C 262 53.69 -10.28 2.88
CA ALA C 262 54.84 -11.16 2.74
C ALA C 262 55.66 -11.01 4.01
N LEU C 263 55.80 -9.77 4.47
CA LEU C 263 56.59 -9.47 5.66
C LEU C 263 56.00 -10.08 6.92
N ALA C 264 54.69 -10.09 7.02
CA ALA C 264 54.06 -10.65 8.20
C ALA C 264 54.25 -12.14 8.18
N THR C 265 54.18 -12.72 6.99
CA THR C 265 54.37 -14.16 6.86
C THR C 265 55.80 -14.51 7.26
N LEU C 266 56.75 -13.66 6.88
CA LEU C 266 58.13 -13.90 7.25
C LEU C 266 58.28 -13.90 8.78
N GLN C 267 57.61 -12.94 9.42
CA GLN C 267 57.66 -12.81 10.87
C GLN C 267 57.05 -14.07 11.51
N THR C 268 55.99 -14.60 10.91
CA THR C 268 55.34 -15.80 11.42
C THR C 268 56.22 -17.03 11.19
N LEU C 269 56.88 -17.06 10.05
CA LEU C 269 57.74 -18.19 9.68
C LEU C 269 58.91 -18.28 10.65
N LEU C 270 59.45 -17.13 11.06
CA LEU C 270 60.54 -17.10 12.03
C LEU C 270 59.97 -17.43 13.42
N GLY C 271 58.82 -16.83 13.73
CA GLY C 271 58.10 -17.04 14.99
C GLY C 271 58.98 -16.94 16.21
N GLY C 272 59.05 -18.04 16.96
CA GLY C 272 59.89 -18.09 18.15
C GLY C 272 59.11 -18.01 19.44
N GLY C 273 59.83 -17.93 20.56
CA GLY C 273 59.20 -17.85 21.87
C GLY C 273 60.16 -17.91 23.04
N GLY C 274 59.63 -18.28 24.20
CA GLY C 274 60.43 -18.39 25.40
C GLY C 274 60.39 -19.84 25.88
N GLY C 284 53.51 -22.75 17.70
CA GLY C 284 54.51 -22.35 16.72
C GLY C 284 55.85 -22.99 17.00
N MET C 285 55.82 -24.25 17.42
CA MET C 285 57.03 -24.98 17.74
C MET C 285 57.80 -25.39 16.49
N TYR C 286 57.18 -25.25 15.33
CA TYR C 286 57.86 -25.63 14.10
C TYR C 286 58.38 -24.44 13.31
N SER C 287 58.43 -23.27 13.96
CA SER C 287 58.93 -22.07 13.30
C SER C 287 60.45 -22.07 13.44
N ARG C 288 61.13 -21.45 12.49
CA ARG C 288 62.56 -21.45 12.51
C ARG C 288 63.23 -21.07 13.80
N LEU C 289 62.82 -19.98 14.44
CA LEU C 289 63.49 -19.59 15.66
C LEU C 289 63.36 -20.67 16.73
N TYR C 290 62.32 -21.48 16.68
CA TYR C 290 62.19 -22.54 17.67
C TYR C 290 63.18 -23.63 17.32
N THR C 291 63.08 -24.08 16.08
CA THR C 291 63.90 -25.13 15.53
C THR C 291 65.41 -24.87 15.47
N HIS C 292 65.81 -23.71 14.96
CA HIS C 292 67.24 -23.38 14.82
C HIS C 292 67.86 -22.69 16.02
N VAL C 293 67.04 -22.21 16.96
CA VAL C 293 67.62 -21.52 18.10
C VAL C 293 67.23 -22.05 19.46
N LEU C 294 65.95 -21.96 19.82
CA LEU C 294 65.53 -22.44 21.13
C LEU C 294 65.91 -23.90 21.36
N ASN C 295 65.53 -24.77 20.42
CA ASN C 295 65.82 -26.19 20.52
C ASN C 295 67.31 -26.52 20.41
N GLN C 296 68.13 -25.58 19.94
CA GLN C 296 69.57 -25.81 19.79
C GLN C 296 70.44 -25.27 20.92
N TYR C 297 70.15 -24.04 21.34
CA TYR C 297 70.89 -23.36 22.40
C TYR C 297 69.93 -23.12 23.55
N TYR C 298 70.24 -23.51 24.78
CA TYR C 298 69.32 -23.16 25.87
C TYR C 298 69.94 -22.01 26.69
N PHE C 299 71.23 -21.73 26.52
CA PHE C 299 71.67 -20.57 27.25
C PHE C 299 70.76 -19.37 26.74
N VAL C 300 69.91 -19.69 25.76
CA VAL C 300 68.94 -18.77 25.18
C VAL C 300 67.58 -19.09 25.80
N GLU C 301 67.06 -18.17 26.61
CA GLU C 301 65.79 -18.39 27.25
C GLU C 301 64.63 -17.86 26.44
N ASN C 302 64.94 -17.01 25.46
CA ASN C 302 63.91 -16.43 24.60
C ASN C 302 64.45 -15.94 23.27
N CYS C 303 63.70 -16.18 22.20
CA CYS C 303 64.10 -15.72 20.87
C CYS C 303 62.88 -15.58 19.98
N VAL C 304 62.61 -14.35 19.53
CA VAL C 304 61.39 -14.12 18.74
C VAL C 304 61.56 -13.01 17.68
N ALA C 305 60.78 -13.12 16.61
CA ALA C 305 60.81 -12.14 15.53
C ALA C 305 59.76 -11.06 15.77
N PHE C 306 60.15 -9.81 15.62
CA PHE C 306 59.19 -8.73 15.83
C PHE C 306 59.00 -7.94 14.53
N ASN C 307 57.82 -7.36 14.37
CA ASN C 307 57.50 -6.57 13.19
C ASN C 307 56.65 -5.35 13.57
N HIS C 308 57.31 -4.24 13.86
CA HIS C 308 56.61 -3.01 14.21
C HIS C 308 56.35 -2.30 12.90
N SER C 309 55.08 -2.15 12.54
CA SER C 309 54.72 -1.49 11.30
C SER C 309 53.81 -0.28 11.50
N TYR C 310 54.22 0.90 10.99
CA TYR C 310 53.41 2.11 11.16
C TYR C 310 52.98 2.73 9.86
N SER C 311 52.42 3.93 9.95
CA SER C 311 51.93 4.63 8.77
C SER C 311 52.96 4.88 7.67
N ASP C 312 54.18 5.26 8.04
CA ASP C 312 55.18 5.59 7.03
C ASP C 312 56.53 4.84 7.15
N SER C 313 56.63 3.95 8.12
CA SER C 313 57.85 3.20 8.31
C SER C 313 57.58 2.02 9.24
N GLY C 314 58.62 1.27 9.57
CA GLY C 314 58.50 0.14 10.47
C GLY C 314 59.86 -0.34 10.90
N ILE C 315 59.89 -1.27 11.85
CA ILE C 315 61.13 -1.86 12.29
C ILE C 315 60.88 -3.35 12.28
N PHE C 316 61.79 -4.09 11.65
CA PHE C 316 61.67 -5.55 11.58
C PHE C 316 62.97 -6.17 12.09
N GLY C 317 62.86 -7.20 12.92
CA GLY C 317 64.08 -7.81 13.45
C GLY C 317 63.90 -8.97 14.40
N ILE C 318 64.95 -9.28 15.14
CA ILE C 318 64.90 -10.40 16.07
C ILE C 318 65.35 -10.01 17.45
N SER C 319 64.61 -10.52 18.44
CA SER C 319 64.87 -10.26 19.85
C SER C 319 65.42 -11.55 20.47
N LEU C 320 66.43 -11.42 21.32
CA LEU C 320 67.05 -12.58 21.95
C LEU C 320 67.45 -12.31 23.39
N SER C 321 67.08 -13.23 24.28
CA SER C 321 67.45 -13.10 25.70
C SER C 321 68.30 -14.33 26.04
N CYS C 322 69.40 -14.12 26.71
CA CYS C 322 70.28 -15.22 27.05
C CYS C 322 71.05 -14.99 28.35
N ILE C 323 71.72 -16.04 28.78
CA ILE C 323 72.53 -16.02 29.98
C ILE C 323 73.71 -15.12 29.65
N PRO C 324 74.16 -14.34 30.62
CA PRO C 324 75.29 -13.44 30.42
C PRO C 324 76.50 -14.10 29.74
N GLN C 325 76.72 -15.38 30.05
CA GLN C 325 77.85 -16.11 29.48
C GLN C 325 77.77 -16.28 27.98
N ALA C 326 76.55 -16.35 27.46
CA ALA C 326 76.32 -16.51 26.03
C ALA C 326 76.31 -15.20 25.22
N ALA C 327 76.27 -14.06 25.90
CA ALA C 327 76.23 -12.76 25.21
C ALA C 327 77.17 -12.65 24.01
N PRO C 328 78.44 -13.08 24.18
CA PRO C 328 79.41 -13.02 23.08
C PRO C 328 78.99 -13.68 21.79
N GLN C 329 78.00 -14.58 21.86
CA GLN C 329 77.49 -15.27 20.69
C GLN C 329 76.17 -14.74 20.14
N ALA C 330 75.50 -13.90 20.94
CA ALA C 330 74.18 -13.38 20.57
C ALA C 330 74.08 -12.78 19.18
N VAL C 331 74.91 -11.79 18.89
CA VAL C 331 74.86 -11.15 17.58
C VAL C 331 74.97 -12.14 16.46
N GLU C 332 75.99 -12.99 16.51
CA GLU C 332 76.20 -13.99 15.46
C GLU C 332 75.01 -14.89 15.30
N VAL C 333 74.46 -15.38 16.40
CA VAL C 333 73.31 -16.27 16.32
C VAL C 333 72.16 -15.63 15.52
N ILE C 334 71.85 -14.39 15.85
CA ILE C 334 70.79 -13.64 15.18
C ILE C 334 71.16 -13.42 13.71
N ALA C 335 72.37 -12.92 13.46
CA ALA C 335 72.81 -12.68 12.09
C ALA C 335 72.66 -13.94 11.20
N GLN C 336 72.99 -15.11 11.74
CA GLN C 336 72.85 -16.33 10.96
C GLN C 336 71.40 -16.53 10.55
N GLN C 337 70.50 -16.40 11.52
CA GLN C 337 69.08 -16.59 11.27
C GLN C 337 68.56 -15.67 10.18
N MET C 338 69.05 -14.44 10.17
CA MET C 338 68.58 -13.50 9.17
C MET C 338 69.13 -13.91 7.83
N TYR C 339 70.43 -14.21 7.82
CA TYR C 339 71.12 -14.66 6.61
C TYR C 339 70.43 -15.87 6.01
N ASN C 340 70.09 -16.87 6.83
CA ASN C 340 69.48 -18.11 6.33
C ASN C 340 68.09 -17.98 5.75
N THR C 341 67.55 -16.78 5.72
CA THR C 341 66.20 -16.61 5.18
C THR C 341 66.27 -16.34 3.69
N PHE C 342 67.41 -15.84 3.23
CA PHE C 342 67.53 -15.55 1.82
C PHE C 342 68.90 -15.84 1.17
N ALA C 343 69.99 -15.60 1.90
CA ALA C 343 71.33 -15.79 1.36
C ALA C 343 71.96 -17.17 1.51
N ASN C 344 71.22 -18.16 1.99
CA ASN C 344 71.78 -19.48 2.16
C ASN C 344 71.09 -20.48 1.23
N LYS C 345 71.74 -20.70 0.09
CA LYS C 345 71.29 -21.61 -0.96
C LYS C 345 70.84 -22.97 -0.45
N ASP C 346 71.33 -23.35 0.72
CA ASP C 346 70.98 -24.65 1.30
C ASP C 346 69.92 -24.59 2.41
N LEU C 347 69.50 -23.36 2.75
CA LEU C 347 68.47 -23.13 3.77
C LEU C 347 67.40 -22.22 3.23
N ARG C 348 67.17 -22.32 1.93
CA ARG C 348 66.17 -21.53 1.26
C ARG C 348 64.84 -21.85 1.96
N LEU C 349 63.86 -20.96 1.85
CA LEU C 349 62.56 -21.17 2.48
C LEU C 349 61.76 -22.21 1.69
N THR C 350 61.28 -23.24 2.40
CA THR C 350 60.53 -24.31 1.76
C THR C 350 59.03 -24.10 1.63
N GLU C 351 58.43 -24.84 0.71
CA GLU C 351 57.02 -24.76 0.46
C GLU C 351 56.28 -24.97 1.77
N ASP C 352 56.71 -25.98 2.53
CA ASP C 352 56.08 -26.32 3.79
C ASP C 352 56.13 -25.18 4.78
N GLU C 353 57.33 -24.65 4.98
CA GLU C 353 57.53 -23.54 5.89
C GLU C 353 56.58 -22.39 5.53
N VAL C 354 56.64 -21.94 4.29
CA VAL C 354 55.80 -20.84 3.81
C VAL C 354 54.30 -21.17 3.90
N SER C 355 53.93 -22.38 3.50
CA SER C 355 52.53 -22.74 3.54
C SER C 355 52.01 -22.70 4.97
N ARG C 356 52.80 -23.22 5.90
CA ARG C 356 52.41 -23.23 7.30
C ARG C 356 52.35 -21.79 7.87
N ALA C 357 53.38 -20.99 7.59
CA ALA C 357 53.43 -19.63 8.11
C ALA C 357 52.22 -18.86 7.58
N LYS C 358 51.86 -19.11 6.31
CA LYS C 358 50.72 -18.45 5.70
C LYS C 358 49.45 -18.79 6.44
N ASN C 359 49.21 -20.08 6.66
CA ASN C 359 47.99 -20.47 7.37
C ASN C 359 47.92 -19.94 8.80
N GLN C 360 49.06 -19.88 9.47
CA GLN C 360 49.08 -19.38 10.82
C GLN C 360 48.86 -17.87 10.87
N LEU C 361 49.24 -17.17 9.81
CA LEU C 361 49.03 -15.74 9.73
C LEU C 361 47.52 -15.50 9.54
N LYS C 362 46.94 -16.15 8.53
CA LYS C 362 45.50 -16.00 8.25
C LYS C 362 44.73 -16.26 9.52
N SER C 363 45.09 -17.36 10.16
CA SER C 363 44.47 -17.82 11.37
C SER C 363 44.45 -16.80 12.51
N SER C 364 45.59 -16.23 12.85
CA SER C 364 45.61 -15.27 13.94
C SER C 364 44.87 -13.99 13.59
N LEU C 365 44.90 -13.58 12.33
CA LEU C 365 44.16 -12.39 11.94
C LEU C 365 42.68 -12.65 12.10
N LEU C 366 42.17 -13.64 11.37
CA LEU C 366 40.77 -13.95 11.41
C LEU C 366 40.25 -14.27 12.81
N MET C 367 41.00 -15.06 13.57
CA MET C 367 40.54 -15.41 14.90
C MET C 367 40.48 -14.20 15.81
N ASN C 368 41.39 -13.28 15.59
CA ASN C 368 41.41 -12.10 16.43
C ASN C 368 40.22 -11.20 16.11
N LEU C 369 39.90 -11.13 14.82
CA LEU C 369 38.81 -10.35 14.33
C LEU C 369 37.46 -10.91 14.76
N GLU C 370 37.47 -11.97 15.55
CA GLU C 370 36.21 -12.57 16.02
C GLU C 370 35.62 -11.68 17.10
N SER C 371 36.51 -10.90 17.72
CA SER C 371 36.15 -9.98 18.77
C SER C 371 35.62 -8.66 18.17
N LYS C 372 34.49 -8.18 18.67
CA LYS C 372 33.92 -6.92 18.15
C LYS C 372 34.85 -5.76 18.39
N LEU C 373 35.41 -5.69 19.61
CA LEU C 373 36.32 -4.64 19.98
C LEU C 373 37.54 -4.63 19.03
N VAL C 374 37.99 -5.81 18.61
CA VAL C 374 39.11 -5.86 17.68
C VAL C 374 38.65 -5.40 16.30
N GLU C 375 37.48 -5.83 15.89
CA GLU C 375 36.97 -5.40 14.60
C GLU C 375 36.87 -3.87 14.64
N LEU C 376 36.38 -3.34 15.76
CA LEU C 376 36.18 -1.92 15.92
C LEU C 376 37.46 -1.14 15.78
N GLU C 377 38.47 -1.51 16.57
CA GLU C 377 39.74 -0.82 16.55
C GLU C 377 40.36 -0.91 15.20
N ASP C 378 40.28 -2.08 14.58
CA ASP C 378 40.90 -2.21 13.27
C ASP C 378 40.23 -1.27 12.27
N MET C 379 38.92 -1.19 12.30
CA MET C 379 38.20 -0.29 11.39
C MET C 379 38.53 1.18 11.70
N GLY C 380 38.48 1.53 12.97
CA GLY C 380 38.78 2.90 13.32
C GLY C 380 40.14 3.35 12.85
N ARG C 381 41.16 2.54 13.10
CA ARG C 381 42.52 2.91 12.70
C ARG C 381 42.74 2.92 11.20
N GLN C 382 42.09 2.00 10.50
CA GLN C 382 42.24 1.96 9.05
C GLN C 382 41.65 3.20 8.43
N VAL C 383 40.45 3.56 8.85
CA VAL C 383 39.78 4.75 8.33
C VAL C 383 40.61 5.99 8.71
N LEU C 384 41.05 6.06 9.96
CA LEU C 384 41.85 7.20 10.37
C LEU C 384 43.04 7.31 9.45
N MET C 385 43.70 6.21 9.17
CA MET C 385 44.89 6.26 8.34
C MET C 385 44.72 6.43 6.84
N HIS C 386 43.86 5.65 6.20
CA HIS C 386 43.74 5.88 4.77
C HIS C 386 42.32 6.01 4.29
N GLY C 387 41.42 6.36 5.20
CA GLY C 387 40.01 6.56 4.83
C GLY C 387 39.28 5.46 4.11
N ARG C 388 39.54 4.21 4.47
CA ARG C 388 38.88 3.06 3.85
C ARG C 388 39.14 1.86 4.74
N LYS C 389 38.29 0.85 4.65
CA LYS C 389 38.48 -0.36 5.42
C LYS C 389 38.70 -1.49 4.46
N ILE C 390 39.92 -2.01 4.41
CA ILE C 390 40.22 -3.11 3.54
C ILE C 390 39.36 -4.28 3.98
N PRO C 391 38.61 -4.89 3.05
CA PRO C 391 37.77 -6.00 3.45
C PRO C 391 38.62 -7.24 3.70
N VAL C 392 38.09 -8.11 4.55
CA VAL C 392 38.77 -9.35 4.90
C VAL C 392 39.15 -10.18 3.68
N ASN C 393 38.18 -10.40 2.79
CA ASN C 393 38.41 -11.18 1.57
C ASN C 393 39.71 -10.82 0.87
N GLU C 394 39.89 -9.53 0.64
CA GLU C 394 41.06 -9.03 -0.06
C GLU C 394 42.33 -9.36 0.68
N MET C 395 42.25 -9.24 1.98
CA MET C 395 43.37 -9.52 2.85
C MET C 395 43.78 -10.99 2.76
N ILE C 396 42.80 -11.87 2.85
CA ILE C 396 43.04 -13.29 2.78
C ILE C 396 43.65 -13.67 1.43
N SER C 397 43.01 -13.22 0.36
CA SER C 397 43.50 -13.49 -0.98
C SER C 397 44.95 -13.09 -1.15
N LYS C 398 45.30 -11.90 -0.71
CA LYS C 398 46.68 -11.47 -0.87
C LYS C 398 47.65 -12.38 -0.11
N ILE C 399 47.18 -12.98 0.98
CA ILE C 399 48.03 -13.87 1.73
C ILE C 399 48.16 -15.23 1.04
N GLU C 400 47.03 -15.74 0.54
CA GLU C 400 47.04 -17.03 -0.13
C GLU C 400 47.84 -17.04 -1.42
N ASP C 401 47.95 -15.90 -2.09
CA ASP C 401 48.70 -15.85 -3.34
C ASP C 401 50.19 -15.77 -3.12
N LEU C 402 50.61 -15.72 -1.86
CA LEU C 402 52.05 -15.63 -1.60
C LEU C 402 52.78 -16.94 -1.91
N LYS C 403 53.97 -16.80 -2.50
CA LYS C 403 54.81 -17.94 -2.86
C LYS C 403 56.19 -17.75 -2.21
N PRO C 404 56.91 -18.87 -1.98
CA PRO C 404 58.24 -18.76 -1.36
C PRO C 404 59.15 -17.61 -1.83
N ASP C 405 59.22 -17.36 -3.14
CA ASP C 405 60.09 -16.30 -3.64
C ASP C 405 59.72 -14.92 -3.11
N ASP C 406 58.41 -14.71 -2.93
CA ASP C 406 57.92 -13.44 -2.39
C ASP C 406 58.52 -13.19 -1.01
N ILE C 407 58.47 -14.21 -0.16
CA ILE C 407 59.01 -14.08 1.18
C ILE C 407 60.53 -13.88 1.13
N SER C 408 61.21 -14.58 0.22
CA SER C 408 62.67 -14.46 0.10
C SER C 408 63.05 -13.08 -0.40
N ARG C 409 62.28 -12.60 -1.36
CA ARG C 409 62.57 -11.31 -1.92
C ARG C 409 62.47 -10.23 -0.83
N VAL C 410 61.43 -10.34 0.01
CA VAL C 410 61.20 -9.36 1.06
C VAL C 410 62.24 -9.50 2.17
N ALA C 411 62.61 -10.74 2.49
CA ALA C 411 63.61 -10.96 3.52
C ALA C 411 64.91 -10.27 3.08
N GLU C 412 65.26 -10.43 1.81
CA GLU C 412 66.47 -9.83 1.30
C GLU C 412 66.41 -8.32 1.38
N MET C 413 65.28 -7.78 0.92
CA MET C 413 65.11 -6.34 0.92
C MET C 413 65.30 -5.71 2.31
N ILE C 414 64.65 -6.29 3.31
CA ILE C 414 64.74 -5.79 4.66
C ILE C 414 66.14 -5.94 5.24
N PHE C 415 66.63 -7.18 5.27
CA PHE C 415 67.94 -7.46 5.84
C PHE C 415 69.15 -6.89 5.11
N THR C 416 68.92 -6.50 3.87
CA THR C 416 69.98 -5.90 3.07
C THR C 416 70.02 -4.39 3.27
N GLY C 417 68.99 -3.88 3.96
CA GLY C 417 68.89 -2.47 4.23
C GLY C 417 68.41 -1.75 2.98
N ASN C 418 67.63 -2.44 2.16
CA ASN C 418 67.15 -1.85 0.91
C ASN C 418 65.68 -1.44 0.88
N VAL C 419 65.21 -0.84 1.95
CA VAL C 419 63.85 -0.39 1.99
C VAL C 419 63.90 1.09 1.64
N ASN C 420 62.90 1.55 0.88
CA ASN C 420 62.84 2.95 0.49
C ASN C 420 61.49 3.54 0.85
N ASN C 421 61.40 3.97 2.10
CA ASN C 421 60.18 4.60 2.55
C ASN C 421 60.28 6.11 2.32
N ALA C 422 59.14 6.79 2.42
CA ALA C 422 59.05 8.23 2.24
C ALA C 422 60.14 9.00 2.99
N GLY C 423 60.49 8.57 4.20
CA GLY C 423 61.51 9.27 4.96
C GLY C 423 62.93 8.96 4.53
N ASN C 424 63.09 8.11 3.52
CA ASN C 424 64.41 7.73 2.99
C ASN C 424 65.45 7.36 4.07
N GLY C 425 65.18 6.25 4.77
CA GLY C 425 66.07 5.83 5.84
C GLY C 425 67.41 5.24 5.41
N LYS C 426 68.37 5.30 6.32
CA LYS C 426 69.68 4.73 6.06
C LYS C 426 69.46 3.21 6.05
N GLY C 427 70.45 2.46 5.59
CA GLY C 427 70.27 1.02 5.59
C GLY C 427 71.03 0.43 6.77
N ARG C 428 71.30 1.28 7.77
CA ARG C 428 72.02 0.87 8.94
C ARG C 428 71.13 0.09 9.91
N ALA C 429 71.70 -0.90 10.58
CA ALA C 429 70.96 -1.70 11.54
C ALA C 429 70.67 -0.95 12.85
N THR C 430 69.68 -1.45 13.57
CA THR C 430 69.40 -0.89 14.87
C THR C 430 69.69 -2.06 15.82
N VAL C 431 70.59 -1.80 16.77
CA VAL C 431 70.98 -2.80 17.74
C VAL C 431 70.90 -2.19 19.10
N VAL C 432 70.09 -2.80 19.92
CA VAL C 432 69.87 -2.26 21.23
C VAL C 432 70.01 -3.42 22.22
N MET C 433 70.67 -3.15 23.35
CA MET C 433 70.89 -4.22 24.32
C MET C 433 70.95 -3.87 25.80
N GLN C 434 70.71 -4.88 26.64
CA GLN C 434 70.81 -4.68 28.09
C GLN C 434 71.83 -5.70 28.63
N GLY C 435 72.87 -5.19 29.26
CA GLY C 435 73.91 -6.05 29.81
C GLY C 435 75.24 -5.29 29.72
N ASP C 436 76.36 -5.97 29.91
CA ASP C 436 77.62 -5.25 29.78
C ASP C 436 77.91 -5.14 28.27
N ARG C 437 78.13 -3.91 27.80
CA ARG C 437 78.36 -3.69 26.38
C ARG C 437 79.46 -4.59 25.83
N GLY C 438 80.57 -4.70 26.56
CA GLY C 438 81.68 -5.52 26.13
C GLY C 438 81.29 -6.93 25.72
N SER C 439 80.43 -7.55 26.53
CA SER C 439 79.93 -8.91 26.28
C SER C 439 79.33 -9.24 24.92
N PHE C 440 78.92 -8.23 24.16
CA PHE C 440 78.29 -8.50 22.86
C PHE C 440 79.28 -8.43 21.71
N GLY C 441 80.49 -7.96 22.03
CA GLY C 441 81.53 -7.88 21.03
C GLY C 441 81.39 -6.80 19.98
N ASP C 442 82.08 -7.02 18.86
CA ASP C 442 82.03 -6.07 17.75
C ASP C 442 80.77 -6.34 16.95
N VAL C 443 79.68 -5.70 17.35
CA VAL C 443 78.40 -5.90 16.72
C VAL C 443 78.38 -5.55 15.24
N GLU C 444 78.88 -4.36 14.91
CA GLU C 444 78.89 -3.92 13.51
C GLU C 444 79.70 -4.83 12.59
N ASN C 445 80.84 -5.32 13.08
CA ASN C 445 81.67 -6.19 12.28
C ASN C 445 81.02 -7.53 11.99
N VAL C 446 80.29 -8.08 12.95
CA VAL C 446 79.62 -9.36 12.73
C VAL C 446 78.53 -9.22 11.70
N LEU C 447 77.72 -8.16 11.79
CA LEU C 447 76.62 -7.93 10.83
C LEU C 447 77.18 -7.72 9.42
N LYS C 448 78.26 -6.96 9.30
CA LYS C 448 78.85 -6.77 7.98
C LYS C 448 79.39 -8.11 7.47
N ALA C 449 80.00 -8.89 8.38
CA ALA C 449 80.54 -10.18 7.99
C ALA C 449 79.45 -11.08 7.38
N TYR C 450 78.18 -10.75 7.61
CA TYR C 450 77.12 -11.56 7.03
C TYR C 450 76.41 -10.87 5.89
N GLY C 451 76.94 -9.74 5.46
CA GLY C 451 76.34 -9.00 4.36
C GLY C 451 75.00 -8.39 4.73
N LEU C 452 74.79 -8.16 6.02
CA LEU C 452 73.54 -7.59 6.49
C LEU C 452 73.66 -6.07 6.55
N GLY C 453 72.58 -5.38 6.24
CA GLY C 453 72.65 -3.94 6.30
C GLY C 453 73.22 -3.38 5.01
N ASN C 454 73.34 -2.08 4.96
CA ASN C 454 73.82 -1.45 3.75
C ASN C 454 74.67 -0.23 4.07
N SER C 455 75.46 0.18 3.09
CA SER C 455 76.33 1.36 3.19
C SER C 455 77.31 1.40 2.01
N GLN D 3 18.36 -9.97 12.31
CA GLN D 3 18.19 -11.05 13.32
C GLN D 3 19.50 -11.49 13.99
N ILE D 4 19.54 -11.33 15.32
CA ILE D 4 20.71 -11.70 16.09
C ILE D 4 20.56 -13.21 16.21
N PRO D 5 21.67 -13.95 15.99
CA PRO D 5 21.75 -15.42 16.04
C PRO D 5 21.41 -16.13 17.37
N GLY D 6 20.56 -17.16 17.28
CA GLY D 6 20.20 -17.97 18.45
C GLY D 6 21.00 -19.29 18.43
N THR D 7 20.77 -20.16 19.41
CA THR D 7 21.48 -21.42 19.48
C THR D 7 20.69 -22.63 18.94
N ARG D 8 21.18 -23.24 17.86
CA ARG D 8 20.49 -24.41 17.27
C ARG D 8 20.89 -25.67 18.01
N THR D 9 19.95 -26.57 18.22
CA THR D 9 20.24 -27.81 18.92
C THR D 9 19.78 -29.05 18.16
N SER D 10 20.47 -30.17 18.40
CA SER D 10 20.19 -31.48 17.77
C SER D 10 20.75 -32.61 18.63
N LYS D 11 20.02 -33.72 18.73
CA LYS D 11 20.46 -34.88 19.49
C LYS D 11 20.73 -36.03 18.54
N LEU D 12 21.89 -36.66 18.70
CA LEU D 12 22.32 -37.81 17.91
C LEU D 12 21.62 -39.03 18.51
N PRO D 13 21.54 -40.14 17.76
CA PRO D 13 20.90 -41.37 18.27
C PRO D 13 21.51 -41.93 19.57
N ASN D 14 22.84 -41.79 19.74
CA ASN D 14 23.48 -42.28 20.97
C ASN D 14 23.35 -41.29 22.16
N GLY D 15 22.53 -40.24 21.98
CA GLY D 15 22.32 -39.29 23.06
C GLY D 15 23.08 -37.97 22.98
N LEU D 16 24.22 -37.98 22.30
CA LEU D 16 25.07 -36.80 22.13
C LEU D 16 24.33 -35.59 21.62
N THR D 17 24.50 -34.47 22.32
CA THR D 17 23.84 -33.23 21.95
C THR D 17 24.77 -32.34 21.13
N ILE D 18 24.26 -31.73 20.07
CA ILE D 18 25.04 -30.81 19.22
C ILE D 18 24.42 -29.40 19.33
N ALA D 19 25.13 -28.48 20.00
CA ALA D 19 24.66 -27.10 20.20
C ALA D 19 25.58 -26.14 19.46
N THR D 20 24.97 -25.24 18.69
CA THR D 20 25.74 -24.33 17.86
C THR D 20 25.23 -22.86 17.81
N GLU D 21 26.14 -21.91 17.57
CA GLU D 21 25.74 -20.51 17.38
C GLU D 21 26.59 -19.92 16.26
N TYR D 22 25.94 -19.61 15.15
CA TYR D 22 26.60 -19.06 13.99
C TYR D 22 26.94 -17.60 14.27
N ILE D 23 28.15 -17.19 13.90
CA ILE D 23 28.60 -15.81 14.08
C ILE D 23 28.83 -15.25 12.68
N PRO D 24 27.99 -14.29 12.26
CA PRO D 24 28.12 -13.66 10.93
C PRO D 24 29.48 -13.01 10.72
N ASN D 25 29.94 -12.98 9.46
CA ASN D 25 31.22 -12.35 9.12
C ASN D 25 32.43 -12.93 9.83
N THR D 26 32.56 -14.25 9.81
CA THR D 26 33.73 -14.88 10.41
C THR D 26 34.15 -16.01 9.52
N SER D 27 35.40 -16.42 9.66
CA SER D 27 35.94 -17.48 8.83
C SER D 27 36.68 -18.47 9.71
N SER D 28 36.46 -18.35 11.01
CA SER D 28 37.12 -19.24 11.95
C SER D 28 36.08 -19.66 12.99
N ALA D 29 36.39 -20.71 13.74
CA ALA D 29 35.45 -21.19 14.73
C ALA D 29 36.10 -21.92 15.87
N THR D 30 35.28 -22.32 16.82
CA THR D 30 35.76 -23.08 17.96
C THR D 30 34.80 -24.28 18.12
N VAL D 31 35.36 -25.48 18.26
CA VAL D 31 34.54 -26.65 18.48
C VAL D 31 35.07 -27.34 19.73
N GLY D 32 34.15 -27.78 20.58
CA GLY D 32 34.54 -28.44 21.80
C GLY D 32 33.59 -29.53 22.23
N ILE D 33 34.18 -30.57 22.81
CA ILE D 33 33.43 -31.71 23.30
C ILE D 33 33.49 -31.63 24.82
N PHE D 34 32.31 -31.56 25.41
CA PHE D 34 32.14 -31.42 26.88
C PHE D 34 31.54 -32.70 27.42
N VAL D 35 32.17 -33.25 28.45
CA VAL D 35 31.69 -34.50 29.03
C VAL D 35 31.37 -34.33 30.51
N ASP D 36 30.16 -34.75 30.90
CA ASP D 36 29.75 -34.67 32.30
C ASP D 36 30.50 -35.77 33.03
N ALA D 37 31.69 -35.43 33.49
CA ALA D 37 32.54 -36.39 34.17
C ALA D 37 33.40 -35.72 35.22
N GLY D 38 34.62 -35.35 34.85
CA GLY D 38 35.49 -34.70 35.82
C GLY D 38 35.82 -35.55 37.02
N SER D 39 36.44 -34.94 38.03
CA SER D 39 36.83 -35.71 39.22
C SER D 39 35.68 -36.16 40.13
N ARG D 40 34.50 -35.58 39.98
CA ARG D 40 33.38 -35.98 40.85
C ARG D 40 32.86 -37.39 40.46
N ALA D 41 33.40 -37.95 39.38
CA ALA D 41 32.99 -39.28 38.94
C ALA D 41 34.01 -40.31 39.40
N GLU D 42 34.92 -39.90 40.26
CA GLU D 42 35.95 -40.80 40.77
C GLU D 42 35.60 -41.16 42.22
N ASN D 43 36.35 -42.13 42.77
CA ASN D 43 36.15 -42.56 44.14
C ASN D 43 37.47 -42.33 44.84
N VAL D 44 37.57 -42.70 46.10
CA VAL D 44 38.80 -42.50 46.86
C VAL D 44 40.08 -43.08 46.27
N LYS D 45 40.02 -44.29 45.72
CA LYS D 45 41.19 -44.94 45.14
C LYS D 45 41.35 -44.56 43.68
N ASN D 46 40.27 -44.10 43.11
CA ASN D 46 40.17 -43.68 41.71
C ASN D 46 40.69 -42.23 41.49
N ASN D 47 40.48 -41.38 42.51
CA ASN D 47 40.82 -39.96 42.55
C ASN D 47 42.09 -39.53 41.82
N GLY D 48 41.93 -38.69 40.80
CA GLY D 48 43.05 -38.20 40.04
C GLY D 48 43.09 -38.75 38.63
N THR D 49 42.24 -39.74 38.33
CA THR D 49 42.22 -40.37 37.01
C THR D 49 41.83 -39.46 35.84
N ALA D 50 40.75 -38.68 36.00
CA ALA D 50 40.30 -37.77 34.93
C ALA D 50 41.40 -36.83 34.48
N HIS D 51 42.03 -36.17 35.44
CA HIS D 51 43.13 -35.28 35.09
C HIS D 51 44.23 -36.09 34.37
N PHE D 52 44.61 -37.23 34.93
CA PHE D 52 45.67 -38.05 34.35
C PHE D 52 45.36 -38.32 32.87
N LEU D 53 44.12 -38.70 32.62
CA LEU D 53 43.65 -38.99 31.25
C LEU D 53 43.87 -37.80 30.32
N GLN D 54 43.63 -36.60 30.85
CA GLN D 54 43.77 -35.38 30.03
C GLN D 54 45.24 -35.27 29.55
N HIS D 55 46.22 -35.56 30.40
CA HIS D 55 47.61 -35.49 29.94
C HIS D 55 47.88 -36.52 28.86
N LEU D 56 47.36 -37.74 29.08
CA LEU D 56 47.58 -38.84 28.13
C LEU D 56 46.91 -38.71 26.78
N ALA D 57 45.74 -38.09 26.74
CA ALA D 57 45.00 -37.92 25.49
C ALA D 57 45.82 -37.19 24.42
N PHE D 58 46.96 -36.62 24.79
CA PHE D 58 47.80 -35.93 23.82
C PHE D 58 49.06 -36.71 23.47
N LYS D 59 49.16 -37.93 24.01
CA LYS D 59 50.32 -38.77 23.77
C LYS D 59 50.19 -39.77 22.61
N GLY D 60 49.08 -39.74 21.89
CA GLY D 60 48.93 -40.65 20.77
C GLY D 60 47.64 -41.45 20.77
N THR D 61 47.08 -41.63 19.59
CA THR D 61 45.86 -42.38 19.43
C THR D 61 46.15 -43.57 18.49
N GLN D 62 45.19 -44.47 18.38
CA GLN D 62 45.30 -45.63 17.53
C GLN D 62 45.34 -45.20 16.07
N ASN D 63 45.38 -43.90 15.80
CA ASN D 63 45.40 -43.42 14.42
C ASN D 63 46.51 -42.39 14.20
N ARG D 64 46.86 -41.72 15.27
CA ARG D 64 47.87 -40.70 15.18
C ARG D 64 48.84 -40.73 16.35
N PRO D 65 50.14 -40.77 16.04
CA PRO D 65 51.15 -40.78 17.12
C PRO D 65 51.15 -39.35 17.65
N GLN D 66 51.76 -39.14 18.80
CA GLN D 66 51.80 -37.81 19.39
C GLN D 66 52.25 -36.73 18.42
N GLN D 67 53.51 -36.79 18.00
CA GLN D 67 54.07 -35.80 17.10
C GLN D 67 53.25 -35.63 15.82
N GLY D 68 52.39 -36.62 15.53
CA GLY D 68 51.56 -36.52 14.33
C GLY D 68 50.40 -35.58 14.53
N ILE D 69 49.86 -35.58 15.74
CA ILE D 69 48.74 -34.72 16.11
C ILE D 69 49.23 -33.26 16.11
N GLU D 70 50.32 -33.00 16.83
CA GLU D 70 50.90 -31.66 16.93
C GLU D 70 51.15 -31.07 15.55
N LEU D 71 51.95 -31.80 14.77
CA LEU D 71 52.32 -31.37 13.43
C LEU D 71 51.12 -31.11 12.53
N GLU D 72 50.04 -31.87 12.68
CA GLU D 72 48.87 -31.65 11.83
C GLU D 72 48.18 -30.33 12.19
N ILE D 73 47.96 -30.10 13.48
CA ILE D 73 47.31 -28.90 13.97
C ILE D 73 48.12 -27.65 13.60
N GLU D 74 49.42 -27.69 13.82
CA GLU D 74 50.26 -26.56 13.50
C GLU D 74 50.28 -26.24 12.00
N ASN D 75 50.18 -27.24 11.14
CA ASN D 75 50.21 -26.97 9.70
C ASN D 75 48.99 -26.24 9.18
N ILE D 76 47.82 -26.50 9.76
CA ILE D 76 46.61 -25.82 9.29
C ILE D 76 46.29 -24.59 10.14
N GLY D 77 47.12 -24.36 11.15
CA GLY D 77 46.95 -23.21 12.02
C GLY D 77 45.82 -23.36 13.02
N SER D 78 45.65 -24.54 13.60
CA SER D 78 44.61 -24.70 14.59
C SER D 78 45.23 -24.71 15.97
N HIS D 79 44.40 -24.87 16.98
CA HIS D 79 44.85 -24.88 18.36
C HIS D 79 44.07 -25.94 19.08
N LEU D 80 44.79 -26.70 19.89
CA LEU D 80 44.18 -27.77 20.60
C LEU D 80 44.41 -27.54 22.07
N ASN D 81 43.36 -27.74 22.87
CA ASN D 81 43.45 -27.55 24.31
C ASN D 81 42.42 -28.35 25.08
N ALA D 82 42.57 -28.39 26.41
CA ALA D 82 41.62 -29.12 27.22
C ALA D 82 41.78 -28.76 28.69
N TYR D 83 40.84 -29.23 29.51
CA TYR D 83 40.88 -28.99 30.94
C TYR D 83 39.90 -29.92 31.62
N THR D 84 40.17 -30.13 32.91
CA THR D 84 39.38 -30.97 33.76
C THR D 84 38.96 -30.16 35.00
N SER D 85 37.69 -30.24 35.34
CA SER D 85 37.21 -29.53 36.52
C SER D 85 36.61 -30.63 37.39
N ARG D 86 35.99 -30.25 38.49
CA ARG D 86 35.37 -31.26 39.35
C ARG D 86 34.11 -31.83 38.72
N GLU D 87 33.56 -31.15 37.72
CA GLU D 87 32.32 -31.60 37.06
C GLU D 87 32.48 -32.08 35.63
N ASN D 88 33.46 -31.55 34.90
CA ASN D 88 33.60 -31.89 33.50
C ASN D 88 34.97 -32.14 32.96
N THR D 89 34.97 -32.75 31.79
CA THR D 89 36.18 -33.04 31.05
C THR D 89 35.86 -32.31 29.76
N VAL D 90 36.80 -31.51 29.26
CA VAL D 90 36.55 -30.73 28.08
C VAL D 90 37.74 -30.68 27.16
N TYR D 91 37.49 -30.93 25.89
CA TYR D 91 38.57 -30.83 24.92
C TYR D 91 38.02 -29.95 23.81
N TYR D 92 38.83 -29.02 23.31
CA TYR D 92 38.35 -28.14 22.27
C TYR D 92 39.43 -27.68 21.32
N ALA D 93 38.99 -27.22 20.17
CA ALA D 93 39.92 -26.75 19.15
C ALA D 93 39.48 -25.41 18.53
N LYS D 94 40.44 -24.69 17.99
CA LYS D 94 40.15 -23.44 17.30
C LYS D 94 40.76 -23.59 15.90
N SER D 95 40.00 -23.32 14.85
CA SER D 95 40.57 -23.44 13.51
C SER D 95 39.84 -22.63 12.45
N LEU D 96 40.45 -22.54 11.28
CA LEU D 96 39.84 -21.86 10.14
C LEU D 96 38.59 -22.70 9.87
N GLN D 97 37.54 -22.08 9.33
CA GLN D 97 36.31 -22.82 9.06
C GLN D 97 36.45 -24.09 8.19
N GLU D 98 37.39 -24.07 7.24
CA GLU D 98 37.63 -25.22 6.36
C GLU D 98 38.02 -26.46 7.17
N ASP D 99 38.77 -26.26 8.24
CA ASP D 99 39.24 -27.35 9.07
C ASP D 99 38.32 -27.82 10.20
N ILE D 100 37.09 -27.34 10.27
CA ILE D 100 36.21 -27.77 11.35
C ILE D 100 36.06 -29.29 11.40
N PRO D 101 35.74 -29.92 10.26
CA PRO D 101 35.59 -31.38 10.26
C PRO D 101 36.89 -32.07 10.72
N LYS D 102 38.03 -31.61 10.21
CA LYS D 102 39.30 -32.17 10.63
C LYS D 102 39.42 -32.07 12.15
N ALA D 103 38.82 -31.02 12.71
CA ALA D 103 38.86 -30.76 14.15
C ALA D 103 37.97 -31.71 14.96
N VAL D 104 36.77 -32.00 14.45
CA VAL D 104 35.89 -32.91 15.15
C VAL D 104 36.51 -34.31 15.12
N ASP D 105 37.10 -34.66 13.98
CA ASP D 105 37.74 -35.95 13.81
C ASP D 105 38.82 -36.11 14.88
N ILE D 106 39.77 -35.18 14.90
CA ILE D 106 40.85 -35.23 15.89
C ILE D 106 40.36 -35.20 17.34
N LEU D 107 39.30 -34.44 17.64
CA LEU D 107 38.80 -34.41 19.02
C LEU D 107 38.28 -35.80 19.43
N SER D 108 37.45 -36.40 18.59
CA SER D 108 36.90 -37.73 18.89
C SER D 108 38.05 -38.73 19.02
N ASP D 109 39.02 -38.61 18.13
CA ASP D 109 40.17 -39.51 18.15
C ASP D 109 40.92 -39.47 19.47
N ILE D 110 41.21 -38.26 19.94
CA ILE D 110 41.93 -38.08 21.18
C ILE D 110 41.13 -38.43 22.44
N LEU D 111 39.81 -38.22 22.38
CA LEU D 111 38.95 -38.52 23.52
C LEU D 111 38.58 -40.00 23.67
N THR D 112 38.38 -40.70 22.55
CA THR D 112 37.96 -42.11 22.60
C THR D 112 38.94 -43.17 22.09
N LYS D 113 39.93 -42.78 21.29
CA LYS D 113 40.85 -43.77 20.76
C LYS D 113 42.29 -43.52 21.15
N SER D 114 42.47 -43.04 22.37
CA SER D 114 43.80 -42.76 22.85
C SER D 114 44.49 -44.08 23.23
N VAL D 115 45.72 -44.22 22.74
CA VAL D 115 46.59 -45.39 22.96
C VAL D 115 46.78 -45.78 24.44
N LEU D 116 47.09 -44.81 25.29
CA LEU D 116 47.35 -45.06 26.71
C LEU D 116 48.50 -46.06 26.91
N ASP D 117 49.63 -45.79 26.25
CA ASP D 117 50.81 -46.64 26.35
C ASP D 117 51.28 -46.76 27.81
N ASN D 118 51.67 -47.96 28.21
CA ASN D 118 52.15 -48.21 29.57
C ASN D 118 53.41 -47.41 29.90
N SER D 119 54.30 -47.27 28.93
CA SER D 119 55.51 -46.52 29.15
C SER D 119 55.12 -45.06 29.42
N ALA D 120 54.20 -44.55 28.61
CA ALA D 120 53.73 -43.18 28.74
C ALA D 120 53.12 -42.95 30.13
N ILE D 121 52.24 -43.85 30.53
CA ILE D 121 51.58 -43.78 31.82
C ILE D 121 52.58 -43.64 32.96
N GLU D 122 53.75 -44.28 32.84
CA GLU D 122 54.76 -44.18 33.91
C GLU D 122 55.55 -42.86 33.85
N ARG D 123 55.95 -42.44 32.65
CA ARG D 123 56.71 -41.21 32.49
C ARG D 123 55.95 -39.98 32.95
N GLU D 124 54.63 -40.05 32.83
CA GLU D 124 53.76 -38.93 33.19
C GLU D 124 53.52 -38.77 34.69
N ARG D 125 53.67 -39.87 35.44
CA ARG D 125 53.47 -39.82 36.89
C ARG D 125 54.33 -38.70 37.49
N ASP D 126 55.52 -38.50 36.94
CA ASP D 126 56.46 -37.49 37.41
C ASP D 126 55.98 -36.08 37.06
N VAL D 127 55.47 -35.90 35.85
CA VAL D 127 55.00 -34.59 35.44
C VAL D 127 53.89 -34.10 36.40
N ILE D 128 52.95 -35.01 36.70
CA ILE D 128 51.84 -34.72 37.58
C ILE D 128 52.27 -34.37 39.01
N ILE D 129 53.31 -35.03 39.51
CA ILE D 129 53.84 -34.74 40.84
C ILE D 129 54.39 -33.31 40.84
N ARG D 130 55.21 -33.01 39.84
CA ARG D 130 55.81 -31.69 39.68
C ARG D 130 54.65 -30.70 39.76
N GLU D 131 53.62 -30.98 38.94
CA GLU D 131 52.42 -30.17 38.82
C GLU D 131 51.80 -29.95 40.21
N SER D 132 51.66 -31.03 40.97
CA SER D 132 51.10 -30.94 42.32
C SER D 132 51.95 -30.09 43.27
N GLU D 133 53.27 -30.16 43.11
CA GLU D 133 54.20 -29.39 43.94
C GLU D 133 54.02 -27.91 43.68
N GLU D 134 53.75 -27.55 42.43
CA GLU D 134 53.55 -26.14 42.07
C GLU D 134 52.25 -25.62 42.65
N VAL D 135 51.20 -26.44 42.64
CA VAL D 135 49.91 -26.01 43.17
C VAL D 135 50.04 -25.74 44.66
N ASP D 136 50.91 -26.49 45.33
CA ASP D 136 51.15 -26.30 46.77
C ASP D 136 51.73 -24.91 47.09
N LYS D 137 52.21 -24.19 46.07
CA LYS D 137 52.78 -22.87 46.27
C LYS D 137 51.73 -21.80 45.99
N MET D 138 50.52 -22.22 45.66
CA MET D 138 49.40 -21.31 45.38
C MET D 138 48.44 -21.41 46.57
N TYR D 139 48.68 -20.56 47.56
CA TYR D 139 47.89 -20.56 48.79
C TYR D 139 46.36 -20.48 48.63
N ASP D 140 45.90 -19.72 47.65
CA ASP D 140 44.47 -19.65 47.41
C ASP D 140 43.98 -21.04 46.93
N GLU D 141 44.71 -21.68 46.03
CA GLU D 141 44.31 -23.00 45.54
C GLU D 141 44.26 -24.03 46.68
N VAL D 142 45.27 -23.99 47.53
CA VAL D 142 45.36 -24.88 48.67
C VAL D 142 44.19 -24.68 49.61
N VAL D 143 43.93 -23.43 49.98
CA VAL D 143 42.82 -23.11 50.89
C VAL D 143 41.52 -23.64 50.34
N PHE D 144 41.30 -23.43 49.04
CA PHE D 144 40.07 -23.89 48.42
C PHE D 144 39.95 -25.40 48.26
N ASP D 145 41.06 -26.11 48.08
CA ASP D 145 40.94 -27.55 48.00
C ASP D 145 40.54 -28.11 49.37
N HIS D 146 41.12 -27.55 50.42
CA HIS D 146 40.79 -28.00 51.78
C HIS D 146 39.35 -27.69 52.14
N LEU D 147 38.90 -26.50 51.73
CA LEU D 147 37.54 -26.09 52.02
C LEU D 147 36.58 -27.08 51.35
N HIS D 148 36.93 -27.56 50.16
CA HIS D 148 36.07 -28.51 49.46
C HIS D 148 36.06 -29.84 50.21
N GLU D 149 37.23 -30.20 50.74
CA GLU D 149 37.38 -31.45 51.46
C GLU D 149 36.51 -31.49 52.70
N ILE D 150 36.57 -30.45 53.54
CA ILE D 150 35.74 -30.46 54.76
C ILE D 150 34.29 -30.09 54.56
N THR D 151 33.98 -29.25 53.57
CA THR D 151 32.61 -28.86 53.33
C THR D 151 31.83 -30.01 52.72
N TYR D 152 32.45 -30.73 51.79
CA TYR D 152 31.82 -31.85 51.15
C TYR D 152 32.52 -33.09 51.67
N LYS D 153 32.55 -33.21 52.99
CA LYS D 153 33.19 -34.32 53.66
C LYS D 153 32.80 -35.68 53.09
N ASP D 154 33.83 -36.45 52.74
CA ASP D 154 33.65 -37.79 52.22
C ASP D 154 32.66 -37.90 51.07
N GLN D 155 32.64 -36.89 50.21
CA GLN D 155 31.76 -36.91 49.06
C GLN D 155 32.63 -36.73 47.81
N PRO D 156 32.10 -37.07 46.63
CA PRO D 156 32.86 -36.92 45.38
C PRO D 156 33.36 -35.49 45.18
N LEU D 157 32.46 -34.52 45.35
CA LEU D 157 32.77 -33.09 45.18
C LEU D 157 33.84 -32.61 46.15
N GLY D 158 34.05 -33.35 47.23
CA GLY D 158 35.05 -32.95 48.20
C GLY D 158 36.47 -33.29 47.83
N ARG D 159 36.68 -34.04 46.75
CA ARG D 159 38.02 -34.42 46.32
C ARG D 159 38.64 -33.44 45.35
N THR D 160 39.97 -33.42 45.30
CA THR D 160 40.69 -32.51 44.42
C THR D 160 40.72 -33.09 43.04
N ILE D 161 41.25 -32.35 42.09
CA ILE D 161 41.32 -32.80 40.70
C ILE D 161 42.61 -33.55 40.42
N LEU D 162 43.69 -33.14 41.07
CA LEU D 162 44.97 -33.81 40.85
C LEU D 162 44.94 -35.15 41.57
N GLY D 163 44.28 -35.18 42.72
CA GLY D 163 44.22 -36.39 43.53
C GLY D 163 45.45 -36.46 44.43
N PRO D 164 45.49 -37.41 45.38
CA PRO D 164 46.66 -37.51 46.28
C PRO D 164 47.90 -38.08 45.56
N ILE D 165 49.09 -37.79 46.07
CA ILE D 165 50.33 -38.31 45.47
C ILE D 165 50.26 -39.84 45.47
N LYS D 166 49.67 -40.39 46.52
CA LYS D 166 49.49 -41.83 46.65
C LYS D 166 48.86 -42.42 45.39
N ASN D 167 47.72 -41.85 44.98
CA ASN D 167 47.01 -42.30 43.79
C ASN D 167 47.74 -41.96 42.50
N ILE D 168 48.42 -40.82 42.47
CA ILE D 168 49.15 -40.43 41.27
C ILE D 168 50.22 -41.47 40.96
N LYS D 169 50.68 -42.17 41.99
CA LYS D 169 51.71 -43.17 41.83
C LYS D 169 51.16 -44.57 41.60
N SER D 170 49.88 -44.80 41.89
CA SER D 170 49.26 -46.12 41.74
C SER D 170 48.20 -46.28 40.64
N ILE D 171 47.82 -45.20 39.95
CA ILE D 171 46.82 -45.31 38.89
C ILE D 171 47.38 -46.22 37.78
N THR D 172 46.57 -47.17 37.32
CA THR D 172 47.01 -48.10 36.28
C THR D 172 46.18 -47.94 35.02
N ARG D 173 46.72 -48.42 33.89
CA ARG D 173 46.02 -48.33 32.62
C ARG D 173 44.58 -48.85 32.76
N THR D 174 44.42 -49.80 33.66
CA THR D 174 43.12 -50.37 33.90
C THR D 174 42.21 -49.29 34.49
N ASP D 175 42.68 -48.57 35.50
CA ASP D 175 41.91 -47.46 36.09
C ASP D 175 41.44 -46.48 35.00
N LEU D 176 42.35 -46.13 34.10
CA LEU D 176 42.05 -45.22 33.01
C LEU D 176 40.96 -45.74 32.07
N LYS D 177 41.16 -46.93 31.48
CA LYS D 177 40.18 -47.47 30.55
C LYS D 177 38.83 -47.65 31.22
N ASP D 178 38.84 -47.92 32.52
CA ASP D 178 37.58 -48.09 33.26
C ASP D 178 36.79 -46.79 33.37
N TYR D 179 37.49 -45.72 33.72
CA TYR D 179 36.89 -44.41 33.85
C TYR D 179 36.26 -44.06 32.50
N ILE D 180 37.01 -44.29 31.42
CA ILE D 180 36.50 -44.02 30.08
C ILE D 180 35.22 -44.80 29.77
N THR D 181 35.26 -46.10 30.00
CA THR D 181 34.14 -46.96 29.71
C THR D 181 32.89 -46.57 30.49
N LYS D 182 33.09 -46.27 31.76
CA LYS D 182 32.01 -45.90 32.66
C LYS D 182 31.35 -44.54 32.41
N ASN D 183 32.16 -43.53 32.09
CA ASN D 183 31.63 -42.17 31.93
C ASN D 183 31.38 -41.63 30.54
N TYR D 184 32.14 -42.10 29.54
CA TYR D 184 31.96 -41.58 28.19
C TYR D 184 30.76 -42.16 27.46
N LYS D 185 29.58 -41.62 27.77
CA LYS D 185 28.32 -42.01 27.16
C LYS D 185 27.72 -40.83 26.41
N GLY D 186 27.17 -41.08 25.22
CA GLY D 186 26.57 -40.03 24.42
C GLY D 186 25.59 -39.11 25.16
N ASP D 187 24.78 -39.68 26.06
CA ASP D 187 23.79 -38.91 26.83
C ASP D 187 24.42 -38.05 27.92
N ARG D 188 25.73 -38.18 28.06
CA ARG D 188 26.45 -37.41 29.06
C ARG D 188 27.46 -36.46 28.41
N MET D 189 27.30 -36.22 27.11
CA MET D 189 28.19 -35.29 26.45
C MET D 189 27.57 -34.32 25.44
N VAL D 190 28.25 -33.19 25.24
CA VAL D 190 27.81 -32.15 24.33
C VAL D 190 28.92 -31.75 23.34
N LEU D 191 28.57 -31.63 22.07
CA LEU D 191 29.53 -31.14 21.10
C LEU D 191 29.02 -29.71 20.82
N ALA D 192 29.82 -28.71 21.20
CA ALA D 192 29.40 -27.33 21.02
C ALA D 192 30.30 -26.61 20.04
N GLY D 193 29.71 -25.76 19.20
CA GLY D 193 30.47 -24.99 18.24
C GLY D 193 29.96 -23.56 18.05
N ALA D 194 30.85 -22.65 17.65
CA ALA D 194 30.46 -21.26 17.41
C ALA D 194 31.40 -20.64 16.39
N GLY D 195 30.88 -19.64 15.69
CA GLY D 195 31.69 -18.97 14.66
C GLY D 195 31.18 -19.33 13.27
N ALA D 196 32.09 -19.46 12.31
CA ALA D 196 31.67 -19.81 10.94
C ALA D 196 31.39 -21.31 10.98
N VAL D 197 30.22 -21.66 11.49
CA VAL D 197 29.83 -23.04 11.63
C VAL D 197 28.44 -23.35 11.10
N ASP D 198 28.35 -24.42 10.30
CA ASP D 198 27.07 -24.87 9.74
C ASP D 198 26.47 -25.92 10.67
N HIS D 199 25.37 -25.61 11.34
CA HIS D 199 24.79 -26.57 12.26
C HIS D 199 24.53 -27.95 11.67
N GLU D 200 23.89 -28.00 10.51
CA GLU D 200 23.59 -29.29 9.88
C GLU D 200 24.85 -30.12 9.60
N LYS D 201 25.80 -29.55 8.88
CA LYS D 201 27.04 -30.25 8.59
C LYS D 201 27.75 -30.74 9.86
N LEU D 202 27.79 -29.87 10.88
CA LEU D 202 28.45 -30.25 12.14
C LEU D 202 27.74 -31.44 12.79
N VAL D 203 26.42 -31.58 12.58
CA VAL D 203 25.70 -32.71 13.17
C VAL D 203 26.12 -34.01 12.43
N GLN D 204 26.27 -33.94 11.11
CA GLN D 204 26.67 -35.10 10.34
C GLN D 204 28.04 -35.57 10.81
N TYR D 205 29.00 -34.65 10.81
CA TYR D 205 30.34 -34.99 11.26
C TYR D 205 30.30 -35.53 12.69
N ALA D 206 29.38 -35.03 13.50
CA ALA D 206 29.27 -35.50 14.87
C ALA D 206 28.95 -36.99 14.81
N GLN D 207 27.91 -37.35 14.05
CA GLN D 207 27.51 -38.74 13.92
C GLN D 207 28.70 -39.57 13.39
N LYS D 208 29.35 -39.07 12.35
CA LYS D 208 30.47 -39.77 11.75
C LYS D 208 31.61 -40.05 12.70
N TYR D 209 32.05 -39.03 13.43
CA TYR D 209 33.18 -39.21 14.34
C TYR D 209 32.87 -39.51 15.79
N PHE D 210 31.63 -39.33 16.20
CA PHE D 210 31.26 -39.58 17.60
C PHE D 210 30.13 -40.58 17.75
N GLY D 211 29.57 -41.03 16.62
CA GLY D 211 28.46 -41.95 16.63
C GLY D 211 28.77 -43.27 17.31
N HIS D 212 30.01 -43.72 17.21
CA HIS D 212 30.40 -44.97 17.83
C HIS D 212 30.37 -44.94 19.38
N VAL D 213 30.07 -43.78 19.98
CA VAL D 213 30.04 -43.71 21.44
C VAL D 213 28.82 -44.33 22.07
N PRO D 214 29.04 -45.19 23.06
CA PRO D 214 28.00 -45.91 23.79
C PRO D 214 26.99 -45.03 24.50
N LYS D 215 25.72 -45.34 24.30
CA LYS D 215 24.65 -44.64 24.97
C LYS D 215 24.66 -45.26 26.36
N SER D 216 24.17 -44.55 27.37
CA SER D 216 24.14 -45.16 28.69
C SER D 216 22.97 -46.14 28.65
N GLU D 217 22.92 -47.00 29.67
CA GLU D 217 21.84 -47.99 29.85
C GLU D 217 20.60 -47.31 30.25
N SER D 218 20.81 -46.45 31.23
CA SER D 218 19.77 -45.67 31.83
C SER D 218 20.04 -44.22 31.53
N PRO D 219 19.84 -43.83 30.26
CA PRO D 219 20.06 -42.45 29.86
C PRO D 219 19.27 -41.50 30.76
N VAL D 220 19.83 -40.33 31.01
CA VAL D 220 19.17 -39.33 31.81
C VAL D 220 19.49 -38.02 31.12
N PRO D 221 18.49 -37.13 30.99
CA PRO D 221 18.70 -35.83 30.35
C PRO D 221 19.84 -35.05 31.08
N LEU D 222 20.67 -34.35 30.32
CA LEU D 222 21.81 -33.61 30.87
C LEU D 222 21.61 -32.72 32.12
N GLY D 223 20.40 -32.24 32.38
CA GLY D 223 20.20 -31.43 33.58
C GLY D 223 19.62 -32.11 34.82
N SER D 224 19.06 -33.30 34.62
CA SER D 224 18.44 -34.05 35.71
C SER D 224 19.39 -34.52 36.80
N PRO D 225 18.88 -34.59 38.04
CA PRO D 225 19.64 -35.00 39.23
C PRO D 225 20.52 -36.24 39.12
N ARG D 226 21.81 -36.07 39.42
CA ARG D 226 22.79 -37.16 39.37
C ARG D 226 22.37 -38.33 40.27
N GLY D 227 21.98 -37.99 41.50
CA GLY D 227 21.52 -38.98 42.47
C GLY D 227 21.20 -38.23 43.75
N PRO D 228 21.71 -38.70 44.90
CA PRO D 228 21.45 -38.01 46.17
C PRO D 228 22.18 -36.65 46.17
N LEU D 229 21.47 -35.59 46.53
CA LEU D 229 22.04 -34.24 46.56
C LEU D 229 23.19 -34.08 47.56
N PRO D 230 24.29 -33.40 47.14
CA PRO D 230 25.46 -33.21 48.03
C PRO D 230 25.07 -32.47 49.32
N VAL D 231 25.84 -32.64 50.38
CA VAL D 231 25.47 -32.00 51.64
C VAL D 231 26.60 -31.14 52.21
N PHE D 232 26.24 -29.90 52.56
CA PHE D 232 27.17 -28.92 53.11
C PHE D 232 27.44 -29.22 54.56
N CYS D 233 28.69 -29.48 54.90
CA CYS D 233 29.07 -29.82 56.28
C CYS D 233 29.81 -28.65 56.90
N ARG D 234 29.37 -28.20 58.05
CA ARG D 234 30.10 -27.10 58.65
C ARG D 234 31.37 -27.68 59.24
N GLY D 235 32.47 -26.93 59.13
CA GLY D 235 33.73 -27.38 59.66
C GLY D 235 34.79 -26.29 59.56
N GLU D 236 35.91 -26.52 60.21
CA GLU D 236 37.00 -25.57 60.18
C GLU D 236 38.32 -26.34 60.17
N ARG D 237 39.30 -25.77 59.48
CA ARG D 237 40.60 -26.39 59.42
C ARG D 237 41.60 -25.25 59.53
N PHE D 238 42.35 -25.25 60.63
CA PHE D 238 43.37 -24.25 60.84
C PHE D 238 44.68 -24.94 60.49
N ILE D 239 45.39 -24.41 59.51
CA ILE D 239 46.65 -25.00 59.11
C ILE D 239 47.75 -24.03 59.51
N LYS D 240 48.28 -24.22 60.73
CA LYS D 240 49.35 -23.37 61.26
C LYS D 240 50.59 -23.50 60.40
N GLU D 241 51.14 -22.35 60.01
CA GLU D 241 52.32 -22.25 59.18
C GLU D 241 52.98 -20.89 59.45
N ASN D 242 53.81 -20.83 60.49
CA ASN D 242 54.45 -19.58 60.88
C ASN D 242 55.57 -19.02 60.00
N THR D 243 55.83 -19.65 58.86
CA THR D 243 56.88 -19.14 57.98
C THR D 243 56.29 -18.27 56.87
N LEU D 244 54.97 -18.33 56.68
CA LEU D 244 54.30 -17.55 55.63
C LEU D 244 54.12 -16.08 55.99
N PRO D 245 54.50 -15.19 55.06
CA PRO D 245 54.41 -13.72 55.22
C PRO D 245 52.96 -13.26 55.28
N THR D 246 52.13 -13.93 54.50
CA THR D 246 50.70 -13.63 54.45
C THR D 246 49.88 -14.78 54.99
N THR D 247 48.70 -14.46 55.51
CA THR D 247 47.78 -15.46 56.02
C THR D 247 46.55 -15.48 55.09
N HIS D 248 46.04 -16.67 54.78
CA HIS D 248 44.93 -16.81 53.84
C HIS D 248 43.73 -17.49 54.47
N ILE D 249 42.58 -16.82 54.40
CA ILE D 249 41.36 -17.33 55.01
C ILE D 249 40.18 -17.38 54.01
N ALA D 250 39.44 -18.49 54.04
CA ALA D 250 38.26 -18.64 53.19
C ALA D 250 37.09 -18.97 54.12
N ILE D 251 36.01 -18.21 53.98
CA ILE D 251 34.79 -18.41 54.76
C ILE D 251 33.64 -18.65 53.78
N ALA D 252 32.91 -19.74 53.97
CA ALA D 252 31.81 -20.08 53.07
C ALA D 252 30.54 -20.62 53.71
N LEU D 253 29.45 -20.49 52.99
CA LEU D 253 28.14 -20.98 53.42
C LEU D 253 27.56 -21.66 52.20
N GLU D 254 26.56 -22.52 52.39
CA GLU D 254 25.99 -23.16 51.22
C GLU D 254 25.49 -22.12 50.20
N GLY D 255 25.95 -22.31 48.98
CA GLY D 255 25.59 -21.42 47.91
C GLY D 255 24.44 -21.81 47.01
N VAL D 256 24.69 -21.71 45.72
CA VAL D 256 23.67 -21.93 44.74
C VAL D 256 24.20 -22.79 43.59
N SER D 257 23.35 -23.63 43.03
CA SER D 257 23.76 -24.48 41.90
C SER D 257 23.51 -23.73 40.60
N TRP D 258 24.02 -24.27 39.50
CA TRP D 258 23.82 -23.62 38.20
C TRP D 258 22.36 -23.40 37.82
N SER D 259 21.47 -24.31 38.21
CA SER D 259 20.08 -24.17 37.83
C SER D 259 19.20 -23.56 38.89
N ALA D 260 19.79 -23.20 40.03
CA ALA D 260 19.00 -22.60 41.09
C ALA D 260 18.25 -21.39 40.53
N PRO D 261 16.98 -21.21 40.94
CA PRO D 261 16.21 -20.08 40.44
C PRO D 261 16.81 -18.74 40.92
N ASP D 262 17.50 -18.79 42.05
CA ASP D 262 18.13 -17.62 42.64
C ASP D 262 19.62 -17.46 42.25
N TYR D 263 20.09 -18.26 41.30
CA TYR D 263 21.45 -18.18 40.83
C TYR D 263 22.03 -16.75 40.60
N PHE D 264 21.34 -15.96 39.80
CA PHE D 264 21.77 -14.61 39.52
C PHE D 264 21.66 -13.71 40.71
N VAL D 265 20.66 -13.93 41.57
CA VAL D 265 20.52 -13.08 42.75
C VAL D 265 21.73 -13.30 43.65
N ALA D 266 22.26 -14.51 43.63
CA ALA D 266 23.43 -14.86 44.43
C ALA D 266 24.65 -14.12 43.89
N LEU D 267 24.77 -14.08 42.58
CA LEU D 267 25.91 -13.40 41.99
C LEU D 267 25.79 -11.91 42.23
N ALA D 268 24.55 -11.42 42.22
CA ALA D 268 24.32 -10.00 42.43
C ALA D 268 24.73 -9.59 43.84
N THR D 269 24.45 -10.45 44.80
CA THR D 269 24.78 -10.14 46.17
C THR D 269 26.29 -10.20 46.34
N GLN D 270 26.95 -11.09 45.60
CA GLN D 270 28.38 -11.20 45.68
C GLN D 270 29.03 -9.89 45.21
N ALA D 271 28.49 -9.34 44.13
CA ALA D 271 28.93 -8.11 43.51
C ALA D 271 28.66 -6.90 44.40
N ILE D 272 27.60 -6.94 45.20
CA ILE D 272 27.33 -5.81 46.06
C ILE D 272 28.41 -5.71 47.14
N VAL D 273 28.96 -6.84 47.57
CA VAL D 273 30.01 -6.82 48.56
C VAL D 273 31.33 -6.51 47.84
N GLY D 274 31.51 -7.16 46.70
CA GLY D 274 32.69 -6.95 45.90
C GLY D 274 34.03 -7.35 46.47
N ASN D 275 35.08 -6.75 45.91
CA ASN D 275 36.46 -7.00 46.32
C ASN D 275 37.21 -5.75 46.76
N TRP D 276 38.40 -5.98 47.30
CA TRP D 276 39.21 -4.88 47.76
C TRP D 276 40.65 -5.31 47.86
N ASP D 277 41.53 -4.41 47.49
CA ASP D 277 42.95 -4.64 47.60
C ASP D 277 43.53 -3.40 48.23
N ARG D 278 44.34 -3.60 49.27
CA ARG D 278 45.01 -2.53 50.03
C ARG D 278 45.69 -1.48 49.15
N ALA D 279 46.27 -1.91 48.04
CA ALA D 279 46.96 -1.00 47.12
C ALA D 279 46.06 -0.40 46.05
N ILE D 280 45.25 -1.24 45.41
CA ILE D 280 44.37 -0.82 44.31
C ILE D 280 43.00 -0.23 44.64
N GLY D 281 42.42 -0.57 45.78
CA GLY D 281 41.10 -0.06 46.09
C GLY D 281 40.04 -1.09 45.73
N THR D 282 38.87 -0.64 45.35
CA THR D 282 37.82 -1.58 45.03
C THR D 282 37.58 -1.80 43.53
N GLY D 283 38.12 -0.92 42.70
CA GLY D 283 37.87 -1.05 41.28
C GLY D 283 36.53 -0.35 40.96
N THR D 284 36.01 0.36 41.97
CA THR D 284 34.75 1.09 41.87
C THR D 284 34.99 2.53 42.22
N ASN D 285 34.16 3.43 41.72
CA ASN D 285 34.34 4.85 42.04
C ASN D 285 33.99 5.12 43.50
N SER D 286 33.05 4.35 44.05
CA SER D 286 32.68 4.54 45.45
C SER D 286 32.68 3.23 46.22
N PRO D 287 33.58 3.11 47.20
CA PRO D 287 33.79 1.96 48.09
C PRO D 287 32.68 1.75 49.08
N SER D 288 32.47 0.49 49.43
CA SER D 288 31.45 0.14 50.39
C SER D 288 31.97 0.48 51.81
N PRO D 289 31.07 0.50 52.81
CA PRO D 289 31.51 0.80 54.17
C PRO D 289 32.59 -0.23 54.57
N LEU D 290 32.48 -1.45 54.06
CA LEU D 290 33.45 -2.51 54.33
C LEU D 290 34.83 -2.16 53.75
N ALA D 291 34.87 -1.74 52.49
CA ALA D 291 36.12 -1.36 51.85
C ALA D 291 36.77 -0.19 52.59
N VAL D 292 35.96 0.76 53.05
CA VAL D 292 36.46 1.93 53.79
C VAL D 292 37.08 1.45 55.12
N ALA D 293 36.36 0.62 55.86
CA ALA D 293 36.88 0.13 57.12
C ALA D 293 38.20 -0.65 56.91
N ALA D 294 38.22 -1.57 55.94
CA ALA D 294 39.41 -2.36 55.65
C ALA D 294 40.65 -1.47 55.41
N SER D 295 40.46 -0.34 54.75
CA SER D 295 41.60 0.49 54.49
C SER D 295 41.95 1.44 55.66
N GLN D 296 41.05 1.58 56.62
CA GLN D 296 41.31 2.51 57.71
C GLN D 296 42.28 2.07 58.80
N ASN D 297 42.73 3.09 59.54
CA ASN D 297 43.72 2.99 60.59
C ASN D 297 44.75 1.87 60.40
N GLY D 298 45.60 2.05 59.40
CA GLY D 298 46.65 1.09 59.15
C GLY D 298 46.36 -0.03 58.17
N SER D 299 45.07 -0.35 58.02
CA SER D 299 44.54 -1.39 57.15
C SER D 299 44.31 -2.60 58.03
N LEU D 300 43.26 -3.34 57.70
CA LEU D 300 42.89 -4.55 58.43
C LEU D 300 43.31 -5.83 57.71
N ALA D 301 43.77 -5.72 56.47
CA ALA D 301 44.17 -6.88 55.69
C ALA D 301 44.86 -6.37 54.44
N ASN D 302 45.33 -7.31 53.61
CA ASN D 302 45.97 -6.98 52.34
C ASN D 302 44.93 -6.94 51.19
N SER D 303 43.86 -7.73 51.32
CA SER D 303 42.79 -7.79 50.32
C SER D 303 41.69 -8.78 50.72
N TYR D 304 40.51 -8.62 50.12
CA TYR D 304 39.43 -9.56 50.34
C TYR D 304 38.75 -9.71 49.00
N MET D 305 38.16 -10.87 48.77
CA MET D 305 37.52 -11.16 47.49
C MET D 305 36.29 -12.02 47.69
N SER D 306 35.13 -11.53 47.23
CA SER D 306 33.90 -12.30 47.36
C SER D 306 33.94 -13.40 46.27
N PHE D 307 33.40 -14.57 46.54
CA PHE D 307 33.37 -15.61 45.55
C PHE D 307 32.07 -16.38 45.63
N SER D 308 31.75 -17.03 44.53
CA SER D 308 30.54 -17.83 44.43
C SER D 308 30.89 -18.92 43.45
N THR D 309 30.88 -20.15 43.90
CA THR D 309 31.18 -21.27 43.03
C THR D 309 29.93 -22.11 42.88
N SER D 310 29.65 -22.55 41.66
CA SER D 310 28.47 -23.37 41.45
C SER D 310 28.78 -24.72 40.82
N TYR D 311 27.89 -25.65 41.11
CA TYR D 311 27.95 -27.01 40.59
C TYR D 311 26.53 -27.34 40.17
N ALA D 312 26.34 -28.43 39.45
CA ALA D 312 25.02 -28.82 38.98
C ALA D 312 24.05 -29.01 40.15
N ASP D 313 24.55 -29.54 41.25
CA ASP D 313 23.73 -29.83 42.41
C ASP D 313 24.09 -29.13 43.70
N SER D 314 24.97 -28.15 43.65
CA SER D 314 25.35 -27.45 44.88
C SER D 314 26.17 -26.18 44.56
N GLY D 315 26.49 -25.43 45.62
CA GLY D 315 27.30 -24.25 45.45
C GLY D 315 27.91 -23.76 46.75
N LEU D 316 28.98 -22.98 46.61
CA LEU D 316 29.68 -22.37 47.73
C LEU D 316 29.72 -20.86 47.47
N TRP D 317 29.41 -20.10 48.50
CA TRP D 317 29.38 -18.63 48.43
C TRP D 317 30.11 -18.04 49.65
N GLY D 318 31.00 -17.09 49.44
CA GLY D 318 31.67 -16.52 50.59
C GLY D 318 32.74 -15.47 50.35
N MET D 319 33.68 -15.41 51.29
CA MET D 319 34.76 -14.44 51.24
C MET D 319 36.15 -15.07 51.32
N TYR D 320 37.11 -14.53 50.59
CA TYR D 320 38.49 -15.01 50.61
C TYR D 320 39.34 -13.82 51.10
N ILE D 321 40.03 -13.99 52.22
CA ILE D 321 40.82 -12.91 52.81
C ILE D 321 42.31 -13.22 52.87
N VAL D 322 43.14 -12.23 52.52
CA VAL D 322 44.59 -12.36 52.58
C VAL D 322 45.06 -11.27 53.54
N THR D 323 45.71 -11.66 54.64
CA THR D 323 46.23 -10.69 55.62
C THR D 323 47.73 -10.80 55.76
N ASP D 324 48.33 -9.79 56.39
CA ASP D 324 49.76 -9.78 56.66
C ASP D 324 49.91 -10.58 57.95
N SER D 325 50.64 -11.68 57.87
CA SER D 325 50.87 -12.56 59.02
C SER D 325 51.44 -11.86 60.27
N ASN D 326 52.15 -10.75 60.08
CA ASN D 326 52.71 -10.03 61.22
C ASN D 326 51.98 -8.77 61.65
N GLU D 327 51.24 -8.14 60.75
CA GLU D 327 50.58 -6.90 61.07
C GLU D 327 49.08 -6.90 61.30
N HIS D 328 48.38 -7.95 60.86
CA HIS D 328 46.93 -7.97 60.97
C HIS D 328 46.27 -8.95 61.91
N ASN D 329 45.28 -8.43 62.66
CA ASN D 329 44.47 -9.25 63.55
C ASN D 329 43.24 -9.66 62.67
N VAL D 330 43.25 -10.93 62.20
CA VAL D 330 42.23 -11.50 61.30
C VAL D 330 40.82 -11.30 61.82
N ARG D 331 40.67 -11.49 63.13
CA ARG D 331 39.37 -11.32 63.77
C ARG D 331 38.73 -9.93 63.48
N LEU D 332 39.55 -8.91 63.29
CA LEU D 332 39.04 -7.56 63.01
C LEU D 332 38.47 -7.44 61.58
N ILE D 333 39.19 -7.94 60.58
CA ILE D 333 38.69 -7.89 59.22
C ILE D 333 37.45 -8.79 59.09
N VAL D 334 37.44 -9.91 59.84
CA VAL D 334 36.30 -10.80 59.79
C VAL D 334 35.06 -10.11 60.38
N ASN D 335 35.24 -9.34 61.46
CA ASN D 335 34.12 -8.60 62.04
C ASN D 335 33.50 -7.68 61.02
N GLU D 336 34.34 -7.00 60.23
CA GLU D 336 33.84 -6.09 59.23
C GLU D 336 33.09 -6.79 58.08
N ILE D 337 33.58 -7.95 57.64
CA ILE D 337 32.88 -8.68 56.61
C ILE D 337 31.47 -9.12 57.07
N LEU D 338 31.38 -9.58 58.30
CA LEU D 338 30.10 -10.02 58.83
C LEU D 338 29.16 -8.84 58.95
N LYS D 339 29.72 -7.71 59.37
CA LYS D 339 28.94 -6.50 59.53
C LYS D 339 28.36 -6.07 58.18
N GLU D 340 29.11 -6.34 57.10
CA GLU D 340 28.66 -5.99 55.77
C GLU D 340 27.53 -6.96 55.33
N TRP D 341 27.66 -8.25 55.62
CA TRP D 341 26.61 -9.17 55.27
C TRP D 341 25.36 -8.80 56.08
N LYS D 342 25.55 -8.46 57.34
CA LYS D 342 24.41 -8.09 58.15
C LYS D 342 23.73 -6.81 57.66
N ARG D 343 24.51 -5.93 57.02
CA ARG D 343 23.97 -4.68 56.50
C ARG D 343 22.98 -5.02 55.36
N ILE D 344 23.35 -6.02 54.56
CA ILE D 344 22.53 -6.47 53.47
C ILE D 344 21.28 -7.13 54.03
N LYS D 345 21.45 -7.98 55.03
CA LYS D 345 20.32 -8.66 55.63
C LYS D 345 19.33 -7.69 56.24
N SER D 346 19.83 -6.54 56.70
CA SER D 346 18.97 -5.56 57.34
C SER D 346 18.33 -4.61 56.34
N GLY D 347 18.64 -4.79 55.06
CA GLY D 347 18.06 -3.94 54.03
C GLY D 347 18.70 -2.58 53.85
N LYS D 348 19.73 -2.26 54.63
CA LYS D 348 20.39 -0.97 54.52
C LYS D 348 21.33 -0.84 53.31
N ILE D 349 20.78 -0.97 52.11
CA ILE D 349 21.60 -0.83 50.90
C ILE D 349 20.85 0.08 49.98
N SER D 350 21.55 0.93 49.25
CA SER D 350 20.90 1.89 48.37
C SER D 350 20.52 1.33 46.97
N ASP D 351 19.64 2.05 46.28
CA ASP D 351 19.23 1.66 44.94
C ASP D 351 20.47 1.68 44.06
N ALA D 352 21.29 2.71 44.26
CA ALA D 352 22.50 2.90 43.49
C ALA D 352 23.46 1.71 43.57
N GLU D 353 23.73 1.21 44.77
CA GLU D 353 24.67 0.11 44.79
C GLU D 353 24.10 -1.18 44.22
N VAL D 354 22.78 -1.30 44.26
CA VAL D 354 22.11 -2.46 43.70
C VAL D 354 22.23 -2.40 42.17
N ASN D 355 21.98 -1.23 41.59
CA ASN D 355 22.05 -1.05 40.14
C ASN D 355 23.47 -1.17 39.66
N ARG D 356 24.41 -0.73 40.50
CA ARG D 356 25.83 -0.79 40.17
C ARG D 356 26.20 -2.32 40.02
N ALA D 357 25.83 -3.08 41.03
CA ALA D 357 26.06 -4.50 41.04
C ALA D 357 25.41 -5.20 39.81
N LYS D 358 24.16 -4.83 39.47
CA LYS D 358 23.53 -5.48 38.32
C LYS D 358 24.29 -5.15 37.03
N ALA D 359 24.75 -3.90 36.92
CA ALA D 359 25.47 -3.50 35.72
C ALA D 359 26.79 -4.28 35.63
N GLN D 360 27.48 -4.38 36.77
CA GLN D 360 28.72 -5.10 36.79
C GLN D 360 28.46 -6.54 36.36
N LEU D 361 27.45 -7.16 36.97
CA LEU D 361 27.11 -8.52 36.66
C LEU D 361 26.73 -8.71 35.18
N LYS D 362 25.90 -7.83 34.63
CA LYS D 362 25.52 -7.95 33.24
C LYS D 362 26.75 -7.93 32.36
N ALA D 363 27.70 -7.04 32.70
CA ALA D 363 28.94 -6.91 31.90
C ALA D 363 29.81 -8.15 31.96
N ALA D 364 29.99 -8.67 33.15
CA ALA D 364 30.80 -9.85 33.35
C ALA D 364 30.23 -11.07 32.61
N LEU D 365 28.89 -11.21 32.59
CA LEU D 365 28.29 -12.36 31.92
C LEU D 365 28.07 -12.21 30.41
N LEU D 366 27.88 -10.99 29.95
CA LEU D 366 27.57 -10.80 28.55
C LEU D 366 28.59 -10.14 27.61
N LEU D 367 29.24 -9.06 28.07
CA LEU D 367 30.21 -8.40 27.21
C LEU D 367 31.44 -9.31 27.07
N SER D 368 31.57 -10.25 28.00
CA SER D 368 32.70 -11.16 27.96
C SER D 368 32.49 -12.26 26.91
N LEU D 369 31.24 -12.45 26.48
CA LEU D 369 30.91 -13.45 25.47
C LEU D 369 31.33 -12.87 24.14
N ASP D 370 32.62 -12.74 23.93
CA ASP D 370 33.10 -12.15 22.69
C ASP D 370 33.47 -13.10 21.55
N GLY D 371 34.58 -13.82 21.62
CA GLY D 371 34.89 -14.74 20.52
C GLY D 371 34.13 -16.09 20.51
N SER D 372 34.42 -16.92 19.50
CA SER D 372 33.77 -18.24 19.40
C SER D 372 34.13 -19.11 20.60
N THR D 373 35.38 -18.99 21.05
CA THR D 373 35.87 -19.74 22.18
C THR D 373 35.08 -19.48 23.47
N ALA D 374 34.91 -18.20 23.81
CA ALA D 374 34.17 -17.85 25.03
C ALA D 374 32.71 -18.31 24.91
N ILE D 375 32.18 -18.25 23.68
CA ILE D 375 30.81 -18.67 23.43
C ILE D 375 30.63 -20.18 23.50
N VAL D 376 31.57 -20.95 22.94
CA VAL D 376 31.50 -22.41 23.03
C VAL D 376 31.56 -22.75 24.52
N GLU D 377 32.46 -22.06 25.22
CA GLU D 377 32.60 -22.27 26.64
C GLU D 377 31.24 -22.10 27.35
N ASP D 378 30.49 -21.05 27.01
CA ASP D 378 29.19 -20.82 27.65
C ASP D 378 28.14 -21.86 27.19
N ILE D 379 28.13 -22.18 25.90
CA ILE D 379 27.22 -23.22 25.38
C ILE D 379 27.47 -24.57 26.06
N GLY D 380 28.69 -25.08 25.88
CA GLY D 380 29.08 -26.37 26.43
C GLY D 380 28.81 -26.51 27.91
N ARG D 381 29.32 -25.57 28.70
CA ARG D 381 29.15 -25.69 30.13
C ARG D 381 27.68 -25.62 30.57
N GLN D 382 26.90 -24.74 29.94
CA GLN D 382 25.49 -24.66 30.35
C GLN D 382 24.69 -25.92 29.95
N VAL D 383 24.93 -26.44 28.74
CA VAL D 383 24.19 -27.62 28.36
C VAL D 383 24.66 -28.87 29.12
N VAL D 384 25.95 -29.06 29.28
CA VAL D 384 26.37 -30.24 29.99
C VAL D 384 26.04 -30.25 31.47
N THR D 385 25.84 -29.08 32.07
CA THR D 385 25.55 -29.01 33.50
C THR D 385 24.10 -28.71 33.80
N THR D 386 23.39 -28.25 32.78
CA THR D 386 22.02 -27.82 32.98
C THR D 386 21.01 -28.39 31.98
N GLY D 387 21.49 -28.82 30.83
CA GLY D 387 20.61 -29.39 29.82
C GLY D 387 20.05 -28.37 28.86
N LYS D 388 20.42 -27.11 29.05
CA LYS D 388 19.95 -26.05 28.17
C LYS D 388 20.93 -24.86 28.20
N ARG D 389 20.76 -23.94 27.27
CA ARG D 389 21.58 -22.73 27.22
C ARG D 389 20.68 -21.51 27.28
N LEU D 390 20.72 -20.74 28.37
CA LEU D 390 19.95 -19.51 28.43
C LEU D 390 20.70 -18.61 27.43
N SER D 391 19.97 -17.94 26.55
CA SER D 391 20.61 -17.06 25.58
C SER D 391 21.09 -15.78 26.25
N PRO D 392 21.95 -15.03 25.56
CA PRO D 392 22.45 -13.76 26.12
C PRO D 392 21.28 -12.87 26.52
N GLU D 393 20.27 -12.80 25.67
CA GLU D 393 19.09 -11.99 25.94
C GLU D 393 18.33 -12.50 27.16
N GLU D 394 18.26 -13.82 27.28
CA GLU D 394 17.56 -14.41 28.43
C GLU D 394 18.33 -14.12 29.70
N VAL D 395 19.66 -14.16 29.61
CA VAL D 395 20.50 -13.87 30.79
C VAL D 395 20.37 -12.41 31.20
N PHE D 396 20.37 -11.55 30.21
CA PHE D 396 20.22 -10.14 30.44
C PHE D 396 18.97 -9.92 31.28
N GLU D 397 17.87 -10.49 30.80
CA GLU D 397 16.60 -10.35 31.46
C GLU D 397 16.65 -10.87 32.91
N GLN D 398 17.26 -12.05 33.13
CA GLN D 398 17.36 -12.60 34.49
C GLN D 398 18.11 -11.65 35.43
N VAL D 399 19.04 -10.85 34.91
CA VAL D 399 19.73 -9.96 35.78
C VAL D 399 18.93 -8.67 35.93
N ASP D 400 18.47 -8.10 34.82
CA ASP D 400 17.70 -6.84 34.83
C ASP D 400 16.49 -6.83 35.77
N LYS D 401 15.84 -8.00 35.98
CA LYS D 401 14.68 -8.04 36.86
C LYS D 401 15.00 -8.12 38.36
N ILE D 402 16.26 -8.36 38.71
CA ILE D 402 16.63 -8.46 40.13
C ILE D 402 16.32 -7.17 40.86
N THR D 403 15.79 -7.29 42.07
CA THR D 403 15.44 -6.12 42.88
C THR D 403 16.23 -6.07 44.19
N LYS D 404 16.17 -4.92 44.85
CA LYS D 404 16.82 -4.73 46.14
C LYS D 404 16.22 -5.80 47.04
N ASP D 405 14.92 -6.00 46.91
CA ASP D 405 14.23 -6.98 47.72
C ASP D 405 14.67 -8.45 47.51
N ASP D 406 14.92 -8.81 46.26
CA ASP D 406 15.36 -10.17 46.00
C ASP D 406 16.66 -10.42 46.76
N ILE D 407 17.53 -9.42 46.77
CA ILE D 407 18.83 -9.55 47.43
C ILE D 407 18.68 -9.64 48.95
N ILE D 408 17.90 -8.75 49.55
CA ILE D 408 17.68 -8.81 50.99
C ILE D 408 17.10 -10.19 51.38
N MET D 409 16.08 -10.63 50.66
CA MET D 409 15.44 -11.94 50.88
C MET D 409 16.51 -13.04 50.83
N TRP D 410 17.29 -13.04 49.75
CA TRP D 410 18.29 -14.05 49.55
C TRP D 410 19.34 -14.06 50.69
N ALA D 411 19.81 -12.89 51.10
CA ALA D 411 20.81 -12.86 52.18
C ALA D 411 20.23 -13.39 53.52
N ASN D 412 18.98 -13.05 53.80
CA ASN D 412 18.32 -13.49 55.02
C ASN D 412 18.07 -14.99 55.02
N TYR D 413 18.02 -15.59 53.84
CA TYR D 413 17.80 -17.03 53.79
C TYR D 413 19.13 -17.77 53.86
N ARG D 414 20.10 -17.32 53.08
CA ARG D 414 21.38 -18.00 53.01
C ARG D 414 22.45 -17.63 54.04
N LEU D 415 22.29 -16.48 54.68
CA LEU D 415 23.26 -15.99 55.66
C LEU D 415 22.73 -15.81 57.08
N GLN D 416 21.61 -16.45 57.39
CA GLN D 416 21.02 -16.38 58.72
C GLN D 416 20.72 -17.83 59.14
N ASN D 417 21.22 -18.19 60.32
CA ASN D 417 21.06 -19.54 60.88
C ASN D 417 21.42 -20.62 59.87
N LYS D 418 22.52 -20.45 59.18
CA LYS D 418 22.95 -21.45 58.21
C LYS D 418 24.36 -21.84 58.60
N PRO D 419 24.74 -23.08 58.31
CA PRO D 419 26.10 -23.52 58.67
C PRO D 419 27.19 -22.82 57.85
N VAL D 420 28.37 -22.64 58.46
CA VAL D 420 29.51 -22.04 57.76
C VAL D 420 30.73 -22.97 57.89
N SER D 421 31.60 -22.99 56.88
CA SER D 421 32.80 -23.80 57.00
C SER D 421 33.95 -22.84 56.72
N MET D 422 35.11 -23.13 57.28
CA MET D 422 36.21 -22.21 57.12
C MET D 422 37.60 -22.83 57.10
N VAL D 423 38.51 -22.24 56.33
CA VAL D 423 39.87 -22.72 56.26
C VAL D 423 40.85 -21.54 56.42
N ALA D 424 41.88 -21.72 57.23
CA ALA D 424 42.89 -20.68 57.46
C ALA D 424 44.30 -21.26 57.31
N LEU D 425 45.12 -20.60 56.49
CA LEU D 425 46.51 -21.02 56.28
C LEU D 425 47.51 -19.89 56.62
N GLY D 426 48.45 -20.19 57.52
CA GLY D 426 49.47 -19.21 57.92
C GLY D 426 49.44 -18.93 59.42
N ASN D 427 49.54 -17.66 59.80
CA ASN D 427 49.49 -17.33 61.21
C ASN D 427 48.00 -17.40 61.65
N THR D 428 47.65 -18.57 62.17
CA THR D 428 46.35 -18.94 62.62
C THR D 428 45.92 -18.48 64.03
N SER D 429 46.85 -17.88 64.77
CA SER D 429 46.54 -17.46 66.16
C SER D 429 45.53 -16.32 66.26
N THR D 430 45.40 -15.54 65.19
CA THR D 430 44.51 -14.38 65.19
C THR D 430 43.16 -14.68 64.53
N VAL D 431 43.04 -15.87 63.94
CA VAL D 431 41.84 -16.28 63.24
C VAL D 431 40.71 -16.79 64.15
N PRO D 432 39.52 -16.17 64.04
CA PRO D 432 38.41 -16.63 64.89
C PRO D 432 37.76 -17.95 64.44
N ASN D 433 37.10 -18.57 65.42
CA ASN D 433 36.40 -19.84 65.35
C ASN D 433 35.16 -19.86 64.41
N VAL D 434 34.72 -21.05 63.96
CA VAL D 434 33.53 -21.10 63.12
C VAL D 434 32.29 -20.74 63.94
N SER D 435 32.23 -21.20 65.18
CA SER D 435 31.05 -20.88 66.01
C SER D 435 31.06 -19.40 66.37
N TYR D 436 32.26 -18.82 66.36
CA TYR D 436 32.41 -17.39 66.61
C TYR D 436 31.73 -16.69 65.43
N ILE D 437 32.11 -17.08 64.21
CA ILE D 437 31.54 -16.48 63.00
C ILE D 437 30.03 -16.60 62.98
N GLU D 438 29.50 -17.79 63.25
CA GLU D 438 28.06 -17.99 63.23
C GLU D 438 27.36 -17.16 64.29
N GLU D 439 28.00 -17.00 65.44
CA GLU D 439 27.35 -16.21 66.47
C GLU D 439 27.20 -14.76 66.02
N LYS D 440 28.30 -14.15 65.60
CA LYS D 440 28.26 -12.78 65.16
C LYS D 440 27.37 -12.53 63.96
N LEU D 441 27.35 -13.50 63.05
CA LEU D 441 26.55 -13.40 61.82
C LEU D 441 25.07 -13.46 62.07
N ASN D 442 24.66 -14.46 62.84
CA ASN D 442 23.25 -14.67 63.15
C ASN D 442 22.75 -13.73 64.21
N GLN D 443 23.69 -13.20 64.97
CA GLN D 443 23.42 -12.26 66.05
C GLN D 443 22.63 -11.06 65.52
N ALA E 1 0.83 -12.47 -42.05
CA ALA E 1 1.75 -11.87 -43.06
C ALA E 1 1.98 -12.71 -44.34
N ARG E 2 3.17 -13.34 -44.50
CA ARG E 2 3.50 -14.14 -45.72
C ARG E 2 3.26 -15.66 -45.77
N THR E 3 4.04 -16.44 -45.02
CA THR E 3 3.81 -17.89 -45.01
C THR E 3 2.41 -18.28 -44.46
N ASP E 4 1.88 -17.46 -43.56
CA ASP E 4 0.57 -17.71 -42.93
C ASP E 4 -0.54 -17.98 -43.92
N ASN E 5 -0.51 -17.24 -45.03
CA ASN E 5 -1.55 -17.24 -46.06
C ASN E 5 -2.67 -16.43 -45.40
N PHE E 6 -2.22 -15.47 -44.62
CA PHE E 6 -3.10 -14.59 -43.89
C PHE E 6 -3.67 -13.51 -44.77
N LYS E 7 -4.98 -13.34 -44.74
CA LYS E 7 -5.61 -12.31 -45.54
C LYS E 7 -6.64 -11.60 -44.69
N LEU E 8 -6.76 -10.30 -44.90
CA LEU E 8 -7.68 -9.49 -44.12
C LEU E 8 -8.40 -8.42 -44.91
N SER E 9 -9.72 -8.34 -44.77
CA SER E 9 -10.45 -7.25 -45.41
C SER E 9 -11.67 -6.86 -44.56
N SER E 10 -12.40 -5.85 -45.01
CA SER E 10 -13.56 -5.34 -44.27
C SER E 10 -14.80 -5.29 -45.10
N LEU E 11 -15.96 -5.44 -44.44
CA LEU E 11 -17.22 -5.33 -45.12
C LEU E 11 -17.52 -3.87 -45.06
N ALA E 12 -18.54 -3.44 -45.79
CA ALA E 12 -18.93 -2.04 -45.79
C ALA E 12 -19.28 -1.57 -44.37
N ASN E 13 -19.91 -2.43 -43.56
CA ASN E 13 -20.32 -2.01 -42.22
C ASN E 13 -19.17 -2.00 -41.17
N GLY E 14 -17.93 -2.22 -41.61
CA GLY E 14 -16.81 -2.19 -40.69
C GLY E 14 -16.35 -3.51 -40.07
N LEU E 15 -17.11 -4.58 -40.30
CA LEU E 15 -16.74 -5.85 -39.76
C LEU E 15 -15.49 -6.33 -40.48
N LYS E 16 -14.46 -6.68 -39.73
CA LYS E 16 -13.25 -7.18 -40.34
C LYS E 16 -13.37 -8.67 -40.52
N VAL E 17 -12.77 -9.19 -41.60
CA VAL E 17 -12.79 -10.62 -41.90
C VAL E 17 -11.35 -11.10 -42.11
N ALA E 18 -10.92 -12.07 -41.30
CA ALA E 18 -9.56 -12.58 -41.38
C ALA E 18 -9.51 -14.07 -41.61
N THR E 19 -8.66 -14.49 -42.51
CA THR E 19 -8.49 -15.92 -42.82
C THR E 19 -7.03 -16.24 -42.83
N SER E 20 -6.73 -17.49 -42.55
CA SER E 20 -5.34 -17.91 -42.62
C SER E 20 -5.26 -19.40 -42.81
N ASN E 21 -4.04 -19.83 -43.10
CA ASN E 21 -3.69 -21.23 -43.33
C ASN E 21 -4.32 -21.73 -44.63
N THR E 22 -4.17 -23.01 -44.86
CA THR E 22 -4.69 -23.65 -46.06
C THR E 22 -5.62 -24.77 -45.68
N PRO E 23 -6.31 -25.36 -46.66
CA PRO E 23 -7.24 -26.45 -46.39
C PRO E 23 -6.61 -27.57 -45.58
N GLY E 24 -7.42 -28.22 -44.77
CA GLY E 24 -6.93 -29.27 -43.91
C GLY E 24 -8.05 -30.24 -43.66
N HIS E 25 -7.84 -31.12 -42.69
CA HIS E 25 -8.82 -32.13 -42.37
C HIS E 25 -10.15 -31.55 -41.83
N PHE E 26 -10.13 -30.28 -41.40
CA PHE E 26 -11.31 -29.61 -40.88
C PHE E 26 -11.04 -28.13 -40.67
N SER E 27 -12.08 -27.36 -40.36
CA SER E 27 -11.94 -25.92 -40.18
C SER E 27 -12.26 -25.42 -38.78
N ALA E 28 -11.94 -24.15 -38.56
CA ALA E 28 -12.24 -23.49 -37.29
C ALA E 28 -12.71 -22.10 -37.66
N LEU E 29 -13.60 -21.54 -36.84
CA LEU E 29 -14.08 -20.19 -37.10
C LEU E 29 -14.63 -19.60 -35.81
N GLY E 30 -14.69 -18.28 -35.76
CA GLY E 30 -15.19 -17.59 -34.59
C GLY E 30 -15.47 -16.11 -34.82
N LEU E 31 -16.31 -15.58 -33.95
CA LEU E 31 -16.63 -14.17 -33.97
C LEU E 31 -16.03 -13.59 -32.69
N TYR E 32 -15.23 -12.54 -32.83
CA TYR E 32 -14.60 -11.92 -31.69
C TYR E 32 -15.09 -10.50 -31.49
N ILE E 33 -15.56 -10.20 -30.27
CA ILE E 33 -16.08 -8.87 -29.93
C ILE E 33 -15.18 -8.18 -28.92
N ASP E 34 -14.89 -6.90 -29.17
CA ASP E 34 -14.03 -6.14 -28.27
C ASP E 34 -14.88 -5.71 -27.07
N ALA E 35 -15.11 -6.64 -26.15
CA ALA E 35 -15.89 -6.39 -24.94
C ALA E 35 -15.21 -7.13 -23.78
N GLY E 36 -15.84 -7.13 -22.62
CA GLY E 36 -15.24 -7.79 -21.47
C GLY E 36 -15.54 -7.08 -20.17
N SER E 37 -15.15 -7.66 -19.05
CA SER E 37 -15.42 -7.01 -17.77
C SER E 37 -14.79 -5.62 -17.64
N ARG E 38 -13.63 -5.37 -18.24
CA ARG E 38 -13.02 -4.06 -18.12
C ARG E 38 -13.88 -2.91 -18.65
N PHE E 39 -14.90 -3.22 -19.43
CA PHE E 39 -15.73 -2.17 -19.97
C PHE E 39 -17.07 -2.03 -19.26
N GLU E 40 -17.31 -2.84 -18.23
CA GLU E 40 -18.57 -2.81 -17.53
C GLU E 40 -18.86 -1.59 -16.61
N GLY E 41 -17.82 -0.92 -16.14
CA GLY E 41 -18.04 0.20 -15.24
C GLY E 41 -18.82 -0.33 -14.04
N ARG E 42 -19.63 0.49 -13.36
CA ARG E 42 -20.38 -0.03 -12.22
C ARG E 42 -21.79 -0.36 -12.67
N ASN E 43 -22.24 0.29 -13.74
CA ASN E 43 -23.58 0.03 -14.20
C ASN E 43 -23.88 -1.29 -14.87
N LEU E 44 -22.90 -1.89 -15.54
CA LEU E 44 -23.12 -3.14 -16.27
C LEU E 44 -22.37 -4.34 -15.70
N LYS E 45 -22.02 -4.25 -14.44
CA LYS E 45 -21.28 -5.30 -13.79
C LYS E 45 -21.96 -6.65 -13.93
N GLY E 46 -21.19 -7.63 -14.43
CA GLY E 46 -21.70 -8.98 -14.61
C GLY E 46 -22.42 -9.27 -15.93
N CYS E 47 -22.58 -8.26 -16.77
CA CYS E 47 -23.29 -8.49 -18.02
C CYS E 47 -22.51 -9.37 -19.01
N THR E 48 -21.19 -9.27 -19.00
CA THR E 48 -20.37 -10.03 -19.90
C THR E 48 -20.49 -11.51 -19.62
N HIS E 49 -20.47 -11.87 -18.35
CA HIS E 49 -20.59 -13.26 -17.94
C HIS E 49 -21.95 -13.85 -18.34
N ILE E 50 -23.02 -13.16 -17.98
CA ILE E 50 -24.37 -13.61 -18.32
C ILE E 50 -24.57 -13.73 -19.84
N LEU E 51 -24.14 -12.75 -20.62
CA LEU E 51 -24.33 -12.85 -22.04
C LEU E 51 -23.60 -14.11 -22.57
N ASP E 52 -22.39 -14.35 -22.08
CA ASP E 52 -21.63 -15.48 -22.57
C ASP E 52 -22.31 -16.80 -22.18
N ARG E 53 -22.97 -16.84 -21.04
CA ARG E 53 -23.67 -18.01 -20.58
C ARG E 53 -24.97 -18.19 -21.35
N LEU E 54 -25.38 -17.13 -22.04
CA LEU E 54 -26.63 -17.13 -22.78
C LEU E 54 -26.35 -17.46 -24.26
N ALA E 55 -25.08 -17.56 -24.61
CA ALA E 55 -24.69 -17.89 -25.97
C ALA E 55 -25.37 -19.16 -26.50
N PHE E 56 -25.79 -19.07 -27.76
CA PHE E 56 -26.43 -20.18 -28.44
C PHE E 56 -27.75 -20.68 -27.86
N LYS E 57 -28.56 -19.79 -27.26
CA LYS E 57 -29.87 -20.23 -26.81
C LYS E 57 -30.78 -19.79 -27.96
N SER E 58 -32.08 -19.59 -27.72
CA SER E 58 -32.95 -19.22 -28.82
C SER E 58 -32.69 -17.86 -29.47
N THR E 59 -32.97 -17.76 -30.77
CA THR E 59 -32.79 -16.52 -31.48
C THR E 59 -34.10 -16.22 -32.20
N GLU E 60 -34.13 -15.09 -32.90
CA GLU E 60 -35.35 -14.70 -33.61
C GLU E 60 -35.75 -15.69 -34.69
N HIS E 61 -34.77 -16.31 -35.33
CA HIS E 61 -35.04 -17.23 -36.42
C HIS E 61 -34.81 -18.69 -36.10
N VAL E 62 -34.37 -18.99 -34.88
CA VAL E 62 -34.11 -20.37 -34.52
C VAL E 62 -34.54 -20.70 -33.11
N GLU E 63 -35.41 -21.69 -32.96
CA GLU E 63 -35.89 -22.12 -31.67
C GLU E 63 -34.73 -22.66 -30.89
N GLY E 64 -34.82 -22.54 -29.56
CA GLY E 64 -33.76 -22.99 -28.68
C GLY E 64 -33.37 -24.42 -28.93
N ARG E 65 -34.37 -25.29 -28.87
CA ARG E 65 -34.15 -26.70 -29.08
C ARG E 65 -33.51 -27.00 -30.44
N ALA E 66 -33.95 -26.30 -31.47
CA ALA E 66 -33.41 -26.52 -32.79
C ALA E 66 -31.93 -26.10 -32.87
N MET E 67 -31.61 -25.03 -32.15
CA MET E 67 -30.26 -24.49 -32.09
C MET E 67 -29.33 -25.53 -31.46
N ALA E 68 -29.72 -26.02 -30.30
CA ALA E 68 -28.94 -26.99 -29.58
C ALA E 68 -28.73 -28.27 -30.40
N GLU E 69 -29.81 -28.74 -31.02
CA GLU E 69 -29.73 -29.98 -31.80
C GLU E 69 -28.88 -29.82 -33.04
N THR E 70 -28.97 -28.69 -33.71
CA THR E 70 -28.15 -28.49 -34.90
C THR E 70 -26.70 -28.38 -34.47
N LEU E 71 -26.46 -27.76 -33.31
CA LEU E 71 -25.09 -27.64 -32.87
C LEU E 71 -24.51 -29.03 -32.54
N GLU E 72 -25.36 -29.94 -32.06
CA GLU E 72 -24.90 -31.29 -31.75
C GLU E 72 -24.53 -31.96 -33.09
N LEU E 73 -25.45 -31.91 -34.05
CA LEU E 73 -25.21 -32.51 -35.33
C LEU E 73 -23.96 -31.95 -35.99
N LEU E 74 -23.52 -30.77 -35.59
CA LEU E 74 -22.31 -30.20 -36.20
C LEU E 74 -21.04 -30.69 -35.52
N GLY E 75 -21.18 -31.47 -34.45
CA GLY E 75 -19.99 -31.95 -33.76
C GLY E 75 -19.92 -31.53 -32.30
N GLY E 76 -20.67 -30.47 -31.97
CA GLY E 76 -20.71 -29.94 -30.62
C GLY E 76 -19.44 -29.29 -30.12
N ASN E 77 -18.51 -28.96 -31.02
CA ASN E 77 -17.25 -28.39 -30.58
C ASN E 77 -17.27 -26.89 -30.78
N TYR E 78 -18.08 -26.24 -29.96
CA TYR E 78 -18.23 -24.79 -29.99
C TYR E 78 -18.29 -24.25 -28.57
N GLN E 79 -18.03 -22.97 -28.41
CA GLN E 79 -18.10 -22.36 -27.09
C GLN E 79 -18.02 -20.86 -27.09
N CYS E 80 -18.55 -20.29 -26.05
CA CYS E 80 -18.49 -18.87 -25.89
C CYS E 80 -17.69 -18.67 -24.61
N THR E 81 -16.71 -17.80 -24.64
CA THR E 81 -16.01 -17.52 -23.40
C THR E 81 -15.76 -16.03 -23.42
N SER E 82 -15.47 -15.49 -22.24
CA SER E 82 -15.21 -14.07 -22.10
C SER E 82 -14.22 -13.87 -20.99
N SER E 83 -13.53 -12.75 -21.02
CA SER E 83 -12.55 -12.46 -20.00
C SER E 83 -12.59 -10.95 -19.71
N ARG E 84 -11.45 -10.36 -19.34
CA ARG E 84 -11.40 -8.95 -19.05
C ARG E 84 -11.46 -8.08 -20.29
N GLU E 85 -10.82 -8.56 -21.35
CA GLU E 85 -10.78 -7.84 -22.62
C GLU E 85 -11.35 -8.56 -23.82
N ASN E 86 -11.97 -9.70 -23.64
CA ASN E 86 -12.51 -10.38 -24.82
C ASN E 86 -13.84 -11.07 -24.57
N LEU E 87 -14.51 -11.35 -25.68
CA LEU E 87 -15.78 -12.03 -25.70
C LEU E 87 -15.71 -12.73 -27.05
N MET E 88 -15.61 -14.05 -27.02
CA MET E 88 -15.50 -14.78 -28.28
C MET E 88 -16.42 -16.02 -28.47
N TYR E 89 -16.83 -16.22 -29.71
CA TYR E 89 -17.66 -17.38 -30.06
C TYR E 89 -16.83 -18.24 -30.98
N GLN E 90 -16.43 -19.41 -30.56
CA GLN E 90 -15.55 -20.21 -31.42
C GLN E 90 -15.95 -21.65 -31.59
N ALA E 91 -15.48 -22.24 -32.70
CA ALA E 91 -15.75 -23.62 -32.97
C ALA E 91 -14.85 -24.18 -34.05
N SER E 92 -14.72 -25.50 -34.06
CA SER E 92 -14.02 -26.15 -35.15
C SER E 92 -15.12 -27.09 -35.68
N VAL E 93 -15.22 -27.18 -36.99
CA VAL E 93 -16.22 -28.03 -37.66
C VAL E 93 -15.63 -28.64 -38.94
N PHE E 94 -16.34 -29.59 -39.52
CA PHE E 94 -15.88 -30.17 -40.77
C PHE E 94 -15.99 -29.12 -41.85
N ASN E 95 -15.10 -29.17 -42.84
CA ASN E 95 -15.07 -28.17 -43.89
C ASN E 95 -16.40 -27.82 -44.55
N GLN E 96 -17.24 -28.83 -44.79
CA GLN E 96 -18.51 -28.54 -45.43
C GLN E 96 -19.52 -27.81 -44.53
N ASP E 97 -19.21 -27.71 -43.23
CA ASP E 97 -20.15 -27.08 -42.31
C ASP E 97 -19.86 -25.66 -41.84
N VAL E 98 -18.85 -25.02 -42.41
CA VAL E 98 -18.52 -23.68 -41.99
C VAL E 98 -19.69 -22.71 -42.09
N GLY E 99 -20.38 -22.72 -43.23
CA GLY E 99 -21.50 -21.81 -43.44
C GLY E 99 -22.60 -21.97 -42.42
N LYS E 100 -22.98 -23.19 -42.12
CA LYS E 100 -24.02 -23.42 -41.15
C LYS E 100 -23.61 -22.94 -39.75
N MET E 101 -22.34 -23.15 -39.38
CA MET E 101 -21.91 -22.75 -38.07
C MET E 101 -21.86 -21.21 -38.00
N LEU E 102 -21.45 -20.58 -39.09
CA LEU E 102 -21.36 -19.14 -39.08
C LEU E 102 -22.74 -18.56 -38.99
N GLN E 103 -23.70 -19.29 -39.55
CA GLN E 103 -25.07 -18.80 -39.54
C GLN E 103 -25.56 -18.79 -38.11
N LEU E 104 -25.33 -19.90 -37.41
CA LEU E 104 -25.75 -20.02 -36.04
C LEU E 104 -25.02 -18.96 -35.17
N MET E 105 -23.72 -18.78 -35.36
CA MET E 105 -23.02 -17.78 -34.58
C MET E 105 -23.61 -16.40 -34.80
N SER E 106 -23.84 -16.05 -36.05
CA SER E 106 -24.39 -14.74 -36.31
C SER E 106 -25.83 -14.61 -35.73
N GLU E 107 -26.54 -15.71 -35.61
CA GLU E 107 -27.87 -15.65 -35.05
C GLU E 107 -27.85 -15.31 -33.56
N THR E 108 -26.95 -15.95 -32.81
CA THR E 108 -26.90 -15.73 -31.38
C THR E 108 -26.24 -14.40 -31.07
N VAL E 109 -25.42 -13.91 -32.00
CA VAL E 109 -24.76 -12.65 -31.84
C VAL E 109 -25.65 -11.48 -32.28
N ARG E 110 -26.47 -11.67 -33.29
CA ARG E 110 -27.33 -10.57 -33.76
C ARG E 110 -28.78 -10.58 -33.30
N PHE E 111 -29.34 -11.79 -33.14
CA PHE E 111 -30.75 -11.93 -32.81
C PHE E 111 -31.08 -12.83 -31.63
N PRO E 112 -30.29 -12.76 -30.57
CA PRO E 112 -30.59 -13.60 -29.42
C PRO E 112 -31.95 -13.13 -28.90
N LYS E 113 -32.75 -14.05 -28.35
CA LYS E 113 -34.07 -13.71 -27.83
C LYS E 113 -34.02 -13.25 -26.37
N ILE E 114 -33.23 -13.96 -25.56
CA ILE E 114 -33.10 -13.69 -24.14
C ILE E 114 -34.49 -13.57 -23.50
N THR E 115 -35.15 -14.71 -23.35
CA THR E 115 -36.48 -14.76 -22.77
C THR E 115 -36.34 -14.69 -21.26
N GLU E 116 -37.42 -14.39 -20.54
CA GLU E 116 -37.33 -14.31 -19.11
C GLU E 116 -36.81 -15.62 -18.57
N GLN E 117 -37.32 -16.72 -19.10
CA GLN E 117 -36.90 -18.01 -18.59
C GLN E 117 -35.39 -18.30 -18.76
N GLU E 118 -34.85 -18.01 -19.94
CA GLU E 118 -33.44 -18.24 -20.19
C GLU E 118 -32.58 -17.38 -19.24
N LEU E 119 -32.97 -16.11 -19.08
CA LEU E 119 -32.23 -15.21 -18.22
C LEU E 119 -32.31 -15.65 -16.76
N GLN E 120 -33.49 -16.07 -16.32
CA GLN E 120 -33.64 -16.50 -14.94
C GLN E 120 -32.82 -17.74 -14.68
N GLU E 121 -32.74 -18.62 -15.68
CA GLU E 121 -31.96 -19.84 -15.55
C GLU E 121 -30.47 -19.54 -15.41
N GLN E 122 -29.94 -18.68 -16.26
CA GLN E 122 -28.53 -18.37 -16.16
C GLN E 122 -28.15 -17.60 -14.88
N LYS E 123 -29.06 -16.76 -14.40
CA LYS E 123 -28.78 -16.00 -13.19
C LYS E 123 -28.70 -16.89 -11.98
N LEU E 124 -29.68 -17.80 -11.87
CA LEU E 124 -29.70 -18.73 -10.75
C LEU E 124 -28.43 -19.57 -10.81
N SER E 125 -28.11 -20.06 -11.99
CA SER E 125 -26.93 -20.86 -12.18
C SER E 125 -25.60 -20.09 -11.90
N ALA E 126 -25.60 -18.78 -12.15
CA ALA E 126 -24.42 -17.96 -11.90
C ALA E 126 -24.15 -17.83 -10.40
N GLU E 127 -25.19 -17.78 -9.57
CA GLU E 127 -24.96 -17.66 -8.12
C GLU E 127 -24.17 -18.87 -7.60
N TYR E 128 -24.57 -20.06 -8.05
CA TYR E 128 -23.89 -21.28 -7.64
C TYR E 128 -22.48 -21.26 -8.17
N GLU E 129 -22.31 -20.87 -9.41
CA GLU E 129 -20.97 -20.81 -9.96
C GLU E 129 -20.08 -19.85 -9.14
N ILE E 130 -20.58 -18.66 -8.80
CA ILE E 130 -19.77 -17.72 -8.04
C ILE E 130 -19.37 -18.29 -6.67
N ASP E 131 -20.29 -19.00 -6.03
CA ASP E 131 -19.97 -19.59 -4.74
C ASP E 131 -18.84 -20.61 -4.87
N GLU E 132 -18.77 -21.32 -5.99
CA GLU E 132 -17.73 -22.32 -6.19
C GLU E 132 -16.42 -21.66 -6.51
N VAL E 133 -16.46 -20.62 -7.32
CA VAL E 133 -15.25 -19.94 -7.67
C VAL E 133 -14.53 -19.42 -6.42
N TRP E 134 -15.27 -18.93 -5.42
CA TRP E 134 -14.63 -18.39 -4.23
C TRP E 134 -13.98 -19.40 -3.33
N MET E 135 -13.94 -20.64 -3.78
CA MET E 135 -13.31 -21.67 -2.97
C MET E 135 -12.00 -22.10 -3.63
N LYS E 136 -11.73 -21.58 -4.81
CA LYS E 136 -10.54 -21.95 -5.51
C LYS E 136 -9.50 -20.84 -5.53
N PRO E 137 -8.45 -20.98 -4.69
CA PRO E 137 -7.36 -20.01 -4.59
C PRO E 137 -6.73 -19.67 -5.94
N GLU E 138 -6.68 -20.64 -6.85
CA GLU E 138 -6.08 -20.42 -8.17
C GLU E 138 -6.90 -19.39 -8.93
N LEU E 139 -8.16 -19.25 -8.54
CA LEU E 139 -9.00 -18.29 -9.22
C LEU E 139 -9.10 -17.03 -8.39
N VAL E 140 -9.27 -17.18 -7.08
CA VAL E 140 -9.43 -16.01 -6.26
C VAL E 140 -8.23 -15.05 -6.18
N LEU E 141 -7.05 -15.57 -5.91
CA LEU E 141 -5.88 -14.71 -5.82
C LEU E 141 -5.68 -13.81 -7.03
N PRO E 142 -5.65 -14.38 -8.26
CA PRO E 142 -5.46 -13.51 -9.42
C PRO E 142 -6.56 -12.44 -9.49
N GLU E 143 -7.77 -12.77 -9.07
CA GLU E 143 -8.85 -11.78 -9.10
C GLU E 143 -8.48 -10.65 -8.12
N LEU E 144 -8.09 -10.99 -6.90
CA LEU E 144 -7.68 -9.97 -5.93
C LEU E 144 -6.47 -9.16 -6.41
N LEU E 145 -5.56 -9.83 -7.13
CA LEU E 145 -4.37 -9.15 -7.65
C LEU E 145 -4.79 -8.01 -8.59
N HIS E 146 -5.66 -8.32 -9.55
CA HIS E 146 -6.15 -7.31 -10.51
C HIS E 146 -6.96 -6.21 -9.85
N THR E 147 -7.83 -6.59 -8.91
CA THR E 147 -8.65 -5.60 -8.27
C THR E 147 -7.79 -4.61 -7.53
N ALA E 148 -6.74 -5.08 -6.91
CA ALA E 148 -5.92 -4.16 -6.15
C ALA E 148 -4.96 -3.41 -7.06
N ALA E 149 -4.51 -4.05 -8.14
CA ALA E 149 -3.56 -3.40 -9.04
C ALA E 149 -4.14 -2.18 -9.73
N TYR E 150 -5.45 -2.15 -9.93
CA TYR E 150 -6.10 -0.99 -10.58
C TYR E 150 -7.21 -0.38 -9.74
N SER E 151 -7.19 -0.62 -8.44
CA SER E 151 -8.23 -0.07 -7.60
C SER E 151 -9.64 -0.31 -8.12
N GLY E 152 -9.92 -1.52 -8.56
CA GLY E 152 -11.26 -1.83 -8.99
C GLY E 152 -11.81 -1.23 -10.26
N GLU E 153 -10.97 -0.61 -11.07
CA GLU E 153 -11.44 0.01 -12.30
C GLU E 153 -10.80 -0.67 -13.50
N THR E 154 -11.52 -0.65 -14.63
CA THR E 154 -11.13 -1.25 -15.91
C THR E 154 -10.55 -2.65 -15.73
N LEU E 155 -9.23 -2.82 -15.91
CA LEU E 155 -8.61 -4.15 -15.76
C LEU E 155 -8.76 -4.76 -14.36
N GLY E 156 -9.10 -3.93 -13.38
CA GLY E 156 -9.29 -4.40 -12.02
C GLY E 156 -10.74 -4.47 -11.62
N SER E 157 -11.64 -4.18 -12.55
CA SER E 157 -13.08 -4.25 -12.27
C SER E 157 -13.29 -5.76 -12.15
N PRO E 158 -14.06 -6.22 -11.16
CA PRO E 158 -14.31 -7.65 -10.95
C PRO E 158 -14.61 -8.49 -12.19
N LEU E 159 -13.85 -9.56 -12.33
CA LEU E 159 -14.06 -10.49 -13.43
C LEU E 159 -15.11 -11.48 -12.89
N ILE E 160 -15.09 -11.69 -11.58
CA ILE E 160 -16.05 -12.55 -10.89
C ILE E 160 -17.14 -11.59 -10.42
N CYS E 161 -18.36 -11.78 -10.88
CA CYS E 161 -19.40 -10.86 -10.49
C CYS E 161 -19.80 -10.96 -9.02
N PRO E 162 -19.90 -9.81 -8.32
CA PRO E 162 -20.31 -9.79 -6.91
C PRO E 162 -21.66 -10.55 -6.86
N ARG E 163 -21.82 -11.42 -5.89
CA ARG E 163 -23.05 -12.19 -5.81
C ARG E 163 -24.33 -11.36 -5.71
N GLY E 164 -24.30 -10.34 -4.84
CA GLY E 164 -25.47 -9.48 -4.63
C GLY E 164 -25.90 -8.64 -5.83
N LEU E 165 -25.08 -8.60 -6.88
CA LEU E 165 -25.43 -7.84 -8.07
C LEU E 165 -26.09 -8.70 -9.14
N ILE E 166 -25.95 -10.03 -9.08
CA ILE E 166 -26.53 -10.88 -10.07
C ILE E 166 -28.04 -10.79 -10.24
N PRO E 167 -28.78 -10.74 -9.14
CA PRO E 167 -30.25 -10.66 -9.26
C PRO E 167 -30.76 -9.39 -9.93
N SER E 168 -29.95 -8.32 -9.97
CA SER E 168 -30.42 -7.09 -10.61
C SER E 168 -30.00 -6.96 -12.06
N ILE E 169 -29.41 -8.00 -12.60
CA ILE E 169 -29.03 -7.97 -14.01
C ILE E 169 -30.34 -8.23 -14.75
N SER E 170 -30.79 -7.23 -15.47
CA SER E 170 -32.06 -7.33 -16.19
C SER E 170 -31.85 -7.38 -17.72
N LYS E 171 -32.93 -7.66 -18.43
CA LYS E 171 -32.80 -7.69 -19.84
C LYS E 171 -32.38 -6.31 -20.33
N TYR E 172 -32.87 -5.28 -19.65
CA TYR E 172 -32.55 -3.91 -20.03
C TYR E 172 -31.03 -3.64 -20.01
N TYR E 173 -30.33 -4.03 -18.95
CA TYR E 173 -28.89 -3.84 -18.90
C TYR E 173 -28.19 -4.73 -19.93
N LEU E 174 -28.73 -5.95 -20.18
CA LEU E 174 -28.09 -6.81 -21.20
C LEU E 174 -28.25 -6.16 -22.56
N LEU E 175 -29.40 -5.54 -22.80
CA LEU E 175 -29.61 -4.89 -24.08
C LEU E 175 -28.73 -3.64 -24.16
N ASP E 176 -28.54 -2.98 -23.02
CA ASP E 176 -27.70 -1.79 -23.07
C ASP E 176 -26.29 -2.22 -23.44
N TYR E 177 -25.81 -3.28 -22.81
CA TYR E 177 -24.48 -3.77 -23.13
C TYR E 177 -24.37 -4.19 -24.61
N ARG E 178 -25.32 -5.00 -25.09
CA ARG E 178 -25.27 -5.40 -26.49
C ARG E 178 -25.32 -4.14 -27.40
N ASN E 179 -26.18 -3.17 -27.09
CA ASN E 179 -26.25 -1.99 -27.97
C ASN E 179 -24.98 -1.16 -27.93
N LYS E 180 -24.19 -1.29 -26.87
CA LYS E 180 -22.93 -0.55 -26.86
C LYS E 180 -21.81 -1.34 -27.52
N PHE E 181 -21.69 -2.64 -27.25
CA PHE E 181 -20.54 -3.37 -27.81
C PHE E 181 -20.70 -4.33 -28.97
N TYR E 182 -21.91 -4.86 -29.12
CA TYR E 182 -22.16 -5.76 -30.23
C TYR E 182 -22.45 -4.97 -31.50
N THR E 183 -21.41 -4.43 -32.12
CA THR E 183 -21.59 -3.68 -33.36
C THR E 183 -20.61 -4.26 -34.41
N PRO E 184 -20.96 -4.18 -35.70
CA PRO E 184 -20.03 -4.73 -36.69
C PRO E 184 -18.60 -4.13 -36.66
N GLU E 185 -18.48 -2.85 -36.36
CA GLU E 185 -17.18 -2.19 -36.31
C GLU E 185 -16.36 -2.59 -35.09
N ASN E 186 -17.00 -3.32 -34.18
CA ASN E 186 -16.35 -3.75 -32.94
C ASN E 186 -16.17 -5.28 -32.97
N THR E 187 -16.29 -5.84 -34.15
CA THR E 187 -16.26 -7.29 -34.33
C THR E 187 -15.34 -7.80 -35.42
N VAL E 188 -14.80 -8.99 -35.20
CA VAL E 188 -13.93 -9.63 -36.17
C VAL E 188 -14.45 -11.03 -36.43
N ALA E 189 -14.44 -11.45 -37.69
CA ALA E 189 -14.85 -12.80 -38.03
C ALA E 189 -13.57 -13.43 -38.56
N ALA E 190 -13.11 -14.49 -37.90
CA ALA E 190 -11.90 -15.14 -38.36
C ALA E 190 -12.14 -16.60 -38.74
N PHE E 191 -11.34 -17.07 -39.69
CA PHE E 191 -11.45 -18.47 -40.15
C PHE E 191 -10.09 -19.06 -40.39
N VAL E 192 -9.93 -20.32 -40.04
CA VAL E 192 -8.68 -21.00 -40.32
C VAL E 192 -8.98 -22.17 -41.22
N GLY E 193 -8.30 -22.22 -42.36
CA GLY E 193 -8.50 -23.31 -43.30
C GLY E 193 -9.66 -23.09 -44.25
N VAL E 194 -10.06 -21.82 -44.40
CA VAL E 194 -11.17 -21.46 -45.26
C VAL E 194 -10.68 -20.38 -46.23
N PRO E 195 -10.88 -20.57 -47.54
CA PRO E 195 -10.43 -19.57 -48.51
C PRO E 195 -11.04 -18.20 -48.23
N HIS E 196 -10.23 -17.16 -48.32
CA HIS E 196 -10.70 -15.81 -48.03
C HIS E 196 -11.93 -15.42 -48.84
N GLU E 197 -11.95 -15.83 -50.10
CA GLU E 197 -13.06 -15.49 -50.96
C GLU E 197 -14.35 -16.04 -50.39
N LYS E 198 -14.32 -17.31 -50.01
CA LYS E 198 -15.48 -17.97 -49.46
C LYS E 198 -15.93 -17.29 -48.15
N ALA E 199 -14.97 -16.87 -47.33
CA ALA E 199 -15.25 -16.23 -46.05
C ALA E 199 -16.00 -14.90 -46.24
N LEU E 200 -15.56 -14.10 -47.21
CA LEU E 200 -16.24 -12.86 -47.48
C LEU E 200 -17.66 -13.15 -47.94
N GLU E 201 -17.84 -14.21 -48.71
CA GLU E 201 -19.16 -14.58 -49.18
C GLU E 201 -20.08 -14.80 -48.00
N LEU E 202 -19.72 -15.80 -47.19
CA LEU E 202 -20.50 -16.18 -46.04
C LEU E 202 -20.71 -15.07 -45.02
N THR E 203 -19.64 -14.33 -44.74
CA THR E 203 -19.73 -13.24 -43.80
C THR E 203 -20.71 -12.20 -44.32
N GLY E 204 -20.58 -11.84 -45.60
CA GLY E 204 -21.48 -10.85 -46.19
C GLY E 204 -22.93 -11.36 -46.14
N LYS E 205 -23.10 -12.66 -46.34
CA LYS E 205 -24.42 -13.24 -46.34
C LYS E 205 -25.12 -13.21 -44.98
N TYR E 206 -24.36 -13.26 -43.90
CA TYR E 206 -24.96 -13.32 -42.57
C TYR E 206 -24.75 -12.12 -41.67
N LEU E 207 -23.70 -11.36 -41.94
CA LEU E 207 -23.36 -10.21 -41.12
C LEU E 207 -23.27 -8.95 -41.96
N GLY E 208 -23.33 -9.10 -43.27
CA GLY E 208 -23.24 -7.96 -44.17
C GLY E 208 -24.17 -6.79 -43.95
N ASP E 209 -25.46 -7.06 -43.69
CA ASP E 209 -26.48 -6.02 -43.49
C ASP E 209 -26.62 -5.54 -42.01
N TRP E 210 -25.73 -6.03 -41.16
CA TRP E 210 -25.73 -5.67 -39.76
C TRP E 210 -25.34 -4.19 -39.69
N GLN E 211 -26.09 -3.40 -38.92
CA GLN E 211 -25.79 -1.97 -38.81
C GLN E 211 -25.45 -1.56 -37.40
N SER E 212 -24.57 -0.58 -37.26
CA SER E 212 -24.16 -0.07 -35.97
C SER E 212 -25.28 0.71 -35.25
N THR E 213 -25.20 0.82 -33.93
CA THR E 213 -26.21 1.55 -33.19
C THR E 213 -25.64 2.92 -32.86
N HIS E 214 -24.38 3.12 -33.26
CA HIS E 214 -23.63 4.36 -33.02
C HIS E 214 -23.69 4.81 -31.57
N PRO E 215 -23.29 3.93 -30.65
CA PRO E 215 -23.31 4.23 -29.21
C PRO E 215 -22.23 5.20 -28.72
N PRO E 216 -22.38 5.68 -27.49
CA PRO E 216 -21.40 6.60 -26.89
C PRO E 216 -20.12 5.78 -26.62
N ILE E 217 -18.98 6.28 -27.06
CA ILE E 217 -17.70 5.60 -26.85
C ILE E 217 -17.34 5.70 -25.39
N THR E 218 -17.26 4.57 -24.70
CA THR E 218 -16.93 4.62 -23.28
C THR E 218 -15.68 3.82 -22.85
N LYS E 219 -14.64 3.75 -23.69
CA LYS E 219 -13.46 2.96 -23.33
C LYS E 219 -12.27 3.70 -22.70
N LYS E 220 -12.13 3.52 -21.39
CA LYS E 220 -11.10 4.14 -20.58
C LYS E 220 -9.78 3.38 -20.58
N VAL E 221 -8.66 4.11 -20.54
CA VAL E 221 -7.37 3.44 -20.48
C VAL E 221 -7.14 2.97 -19.07
N ALA E 222 -6.38 1.89 -18.95
CA ALA E 222 -6.08 1.32 -17.65
C ALA E 222 -5.04 2.18 -16.91
N GLN E 223 -5.30 2.45 -15.63
CA GLN E 223 -4.42 3.25 -14.77
C GLN E 223 -3.97 2.39 -13.62
N TYR E 224 -2.78 1.84 -13.72
CA TYR E 224 -2.22 1.00 -12.64
C TYR E 224 -1.98 1.88 -11.39
N THR E 225 -2.38 1.39 -10.23
CA THR E 225 -2.23 2.14 -8.97
C THR E 225 -1.38 1.39 -7.96
N GLY E 226 -1.44 0.06 -8.02
CA GLY E 226 -0.72 -0.73 -7.04
C GLY E 226 -1.65 -0.72 -5.85
N GLY E 227 -1.34 -1.50 -4.82
CA GLY E 227 -2.19 -1.59 -3.64
C GLY E 227 -2.05 -2.90 -2.88
N GLU E 228 -2.76 -3.00 -1.78
CA GLU E 228 -2.69 -4.17 -0.89
C GLU E 228 -4.05 -4.71 -0.51
N SER E 229 -4.13 -6.01 -0.29
CA SER E 229 -5.38 -6.57 0.16
C SER E 229 -5.15 -7.94 0.76
N CYS E 230 -5.99 -8.31 1.73
CA CYS E 230 -5.85 -9.59 2.39
C CYS E 230 -7.16 -10.22 2.83
N ILE E 231 -7.40 -11.45 2.43
CA ILE E 231 -8.61 -12.13 2.85
C ILE E 231 -8.22 -13.21 3.84
N PRO E 232 -9.18 -13.62 4.67
CA PRO E 232 -9.01 -14.65 5.69
C PRO E 232 -8.57 -15.98 5.13
N PRO E 233 -7.95 -16.77 5.99
CA PRO E 233 -7.46 -18.10 5.62
C PRO E 233 -8.61 -19.03 5.19
N ALA E 234 -8.31 -19.94 4.27
CA ALA E 234 -9.30 -20.90 3.81
C ALA E 234 -9.56 -21.87 4.96
N PRO E 235 -10.79 -22.41 5.05
CA PRO E 235 -11.09 -23.35 6.13
C PRO E 235 -10.19 -24.60 6.04
N VAL E 236 -9.72 -25.10 7.19
CA VAL E 236 -8.84 -26.29 7.25
C VAL E 236 -9.62 -27.62 7.14
N PHE E 237 -9.47 -28.29 5.99
CA PHE E 237 -10.17 -29.54 5.71
C PHE E 237 -9.61 -30.75 6.43
N GLY E 238 -9.57 -31.87 5.72
CA GLY E 238 -9.09 -33.09 6.34
C GLY E 238 -7.58 -33.18 6.51
N ASN E 239 -6.98 -33.96 5.63
CA ASN E 239 -5.54 -34.16 5.63
C ASN E 239 -4.86 -33.03 4.91
N LEU E 240 -5.60 -32.35 4.03
CA LEU E 240 -5.05 -31.24 3.24
C LEU E 240 -4.30 -30.26 4.14
N PRO E 241 -3.09 -29.87 3.73
CA PRO E 241 -2.26 -28.92 4.51
C PRO E 241 -2.84 -27.52 4.43
N GLU E 242 -2.86 -26.81 5.55
CA GLU E 242 -3.35 -25.45 5.54
C GLU E 242 -2.27 -24.59 4.88
N LEU E 243 -2.67 -23.70 3.99
CA LEU E 243 -1.72 -22.83 3.29
C LEU E 243 -2.17 -21.38 3.30
N PHE E 244 -1.19 -20.49 3.27
CA PHE E 244 -1.42 -19.05 3.19
C PHE E 244 -0.94 -18.76 1.78
N HIS E 245 -1.43 -17.68 1.18
CA HIS E 245 -1.00 -17.37 -0.18
C HIS E 245 -0.66 -15.91 -0.30
N ILE E 246 0.21 -15.60 -1.25
CA ILE E 246 0.58 -14.22 -1.47
C ILE E 246 1.03 -14.04 -2.91
N GLN E 247 0.63 -12.92 -3.50
CA GLN E 247 1.05 -12.61 -4.85
C GLN E 247 1.54 -11.19 -4.78
N ILE E 248 2.68 -10.94 -5.41
CA ILE E 248 3.29 -9.62 -5.47
C ILE E 248 3.62 -9.28 -6.91
N GLY E 249 3.12 -8.14 -7.39
CA GLY E 249 3.45 -7.77 -8.74
C GLY E 249 3.66 -6.27 -8.91
N PHE E 250 4.05 -5.90 -10.12
CA PHE E 250 4.26 -4.51 -10.47
C PHE E 250 3.64 -4.36 -11.84
N GLU E 251 3.40 -3.12 -12.28
CA GLU E 251 2.84 -2.97 -13.61
C GLU E 251 3.77 -3.57 -14.68
N GLY E 252 3.19 -4.38 -15.57
CA GLY E 252 3.95 -5.01 -16.63
C GLY E 252 3.78 -4.29 -17.95
N LEU E 253 3.81 -5.04 -19.04
CA LEU E 253 3.69 -4.42 -20.36
C LEU E 253 2.51 -4.90 -21.19
N PRO E 254 2.07 -4.09 -22.17
CA PRO E 254 0.97 -4.36 -23.10
C PRO E 254 1.47 -5.49 -24.04
N ILE E 255 0.58 -6.39 -24.48
CA ILE E 255 1.03 -7.51 -25.32
C ILE E 255 1.74 -7.14 -26.62
N ASP E 256 1.62 -5.90 -27.09
CA ASP E 256 2.31 -5.52 -28.31
C ASP E 256 3.48 -4.62 -28.02
N HIS E 257 3.84 -4.48 -26.75
CA HIS E 257 4.95 -3.63 -26.42
C HIS E 257 6.23 -4.31 -26.93
N PRO E 258 7.18 -3.51 -27.44
CA PRO E 258 8.44 -4.03 -27.97
C PRO E 258 9.23 -4.98 -27.07
N ASP E 259 9.21 -4.75 -25.77
CA ASP E 259 9.94 -5.60 -24.84
C ASP E 259 9.16 -6.78 -24.31
N ILE E 260 8.00 -7.03 -24.92
CA ILE E 260 7.15 -8.10 -24.46
C ILE E 260 7.87 -9.45 -24.55
N TYR E 261 8.65 -9.68 -25.59
CA TYR E 261 9.35 -10.97 -25.69
C TYR E 261 10.41 -11.10 -24.58
N ALA E 262 11.08 -10.00 -24.28
CA ALA E 262 12.08 -10.05 -23.23
C ALA E 262 11.38 -10.42 -21.93
N LEU E 263 10.24 -9.75 -21.68
CA LEU E 263 9.48 -10.01 -20.47
C LEU E 263 8.99 -11.44 -20.36
N ALA E 264 8.50 -12.00 -21.46
CA ALA E 264 8.01 -13.38 -21.43
C ALA E 264 9.16 -14.32 -21.10
N THR E 265 10.33 -14.02 -21.68
CA THR E 265 11.50 -14.84 -21.44
C THR E 265 11.85 -14.78 -19.95
N LEU E 266 11.72 -13.60 -19.36
CA LEU E 266 12.01 -13.45 -17.94
C LEU E 266 11.05 -14.30 -17.13
N GLN E 267 9.79 -14.33 -17.54
CA GLN E 267 8.78 -15.10 -16.83
C GLN E 267 9.09 -16.59 -16.95
N THR E 268 9.62 -17.01 -18.10
CA THR E 268 9.98 -18.40 -18.31
C THR E 268 11.26 -18.75 -17.53
N LEU E 269 12.20 -17.82 -17.48
CA LEU E 269 13.46 -18.02 -16.77
C LEU E 269 13.19 -18.18 -15.26
N LEU E 270 12.24 -17.42 -14.73
CA LEU E 270 11.87 -17.56 -13.32
C LEU E 270 11.09 -18.85 -13.12
N GLY E 271 10.14 -19.09 -14.04
CA GLY E 271 9.32 -20.30 -14.03
C GLY E 271 8.68 -20.65 -12.70
N GLY E 272 9.01 -21.83 -12.20
CA GLY E 272 8.46 -22.25 -10.92
C GLY E 272 7.34 -23.25 -11.05
N GLY E 273 6.72 -23.61 -9.93
CA GLY E 273 5.62 -24.56 -9.96
C GLY E 273 5.13 -24.98 -8.58
N GLY E 274 4.42 -26.11 -8.54
CA GLY E 274 3.91 -26.64 -7.29
C GLY E 274 5.01 -27.57 -6.85
N SER E 275 5.15 -27.82 -5.56
CA SER E 275 6.19 -28.72 -5.05
C SER E 275 5.79 -30.17 -5.43
N LYS E 283 9.54 -30.11 -18.31
CA LYS E 283 8.49 -29.52 -17.46
C LYS E 283 8.89 -28.21 -16.77
N GLY E 284 10.19 -27.89 -16.73
CA GLY E 284 10.66 -26.64 -16.13
C GLY E 284 11.42 -26.70 -14.79
N MET E 285 12.06 -27.82 -14.50
CA MET E 285 12.78 -27.99 -13.23
C MET E 285 14.12 -27.27 -13.11
N TYR E 286 14.57 -26.62 -14.18
CA TYR E 286 15.83 -25.89 -14.11
C TYR E 286 15.64 -24.36 -14.13
N SER E 287 14.46 -23.88 -13.73
CA SER E 287 14.19 -22.43 -13.71
C SER E 287 14.50 -21.91 -12.32
N ARG E 288 14.82 -20.63 -12.22
CA ARG E 288 15.19 -20.08 -10.92
C ARG E 288 14.26 -20.34 -9.76
N LEU E 289 12.96 -20.16 -9.94
CA LEU E 289 12.05 -20.36 -8.83
C LEU E 289 12.08 -21.80 -8.35
N TYR E 290 12.47 -22.74 -9.20
CA TYR E 290 12.56 -24.13 -8.75
C TYR E 290 13.84 -24.28 -7.94
N THR E 291 14.92 -23.81 -8.55
CA THR E 291 16.25 -23.88 -7.98
C THR E 291 16.48 -23.07 -6.70
N HIS E 292 16.12 -21.80 -6.70
CA HIS E 292 16.32 -20.93 -5.54
C HIS E 292 15.21 -20.93 -4.51
N VAL E 293 14.06 -21.53 -4.81
CA VAL E 293 12.97 -21.54 -3.84
C VAL E 293 12.36 -22.90 -3.51
N LEU E 294 11.74 -23.56 -4.49
CA LEU E 294 11.12 -24.86 -4.23
C LEU E 294 12.12 -25.87 -3.65
N ASN E 295 13.26 -26.04 -4.31
CA ASN E 295 14.30 -26.96 -3.86
C ASN E 295 14.98 -26.52 -2.54
N GLN E 296 14.85 -25.25 -2.17
CA GLN E 296 15.48 -24.73 -0.93
C GLN E 296 14.56 -24.70 0.29
N TYR E 297 13.34 -24.19 0.10
CA TYR E 297 12.37 -24.08 1.17
C TYR E 297 11.17 -24.98 0.85
N TYR E 298 10.72 -25.79 1.79
CA TYR E 298 9.56 -26.63 1.50
C TYR E 298 8.39 -26.15 2.26
N PHE E 299 8.63 -25.29 3.25
CA PHE E 299 7.43 -24.81 3.87
C PHE E 299 6.67 -24.04 2.70
N VAL E 300 7.30 -24.02 1.52
CA VAL E 300 6.78 -23.43 0.29
C VAL E 300 6.23 -24.55 -0.60
N GLU E 301 4.91 -24.61 -0.77
CA GLU E 301 4.32 -25.67 -1.58
C GLU E 301 4.14 -25.26 -3.03
N ASN E 302 4.26 -23.97 -3.30
CA ASN E 302 4.12 -23.47 -4.67
C ASN E 302 4.76 -22.10 -4.82
N CYS E 303 5.39 -21.88 -5.97
CA CYS E 303 6.02 -20.60 -6.27
C CYS E 303 6.19 -20.47 -7.75
N VAL E 304 5.56 -19.45 -8.33
CA VAL E 304 5.63 -19.33 -9.78
C VAL E 304 5.55 -17.86 -10.21
N ALA E 305 6.09 -17.57 -11.39
CA ALA E 305 6.09 -16.22 -11.97
C ALA E 305 4.91 -16.06 -12.90
N PHE E 306 4.19 -14.95 -12.76
CA PHE E 306 3.05 -14.71 -13.62
C PHE E 306 3.26 -13.45 -14.45
N ASN E 307 2.61 -13.41 -15.61
CA ASN E 307 2.70 -12.30 -16.51
C ASN E 307 1.34 -12.06 -17.20
N HIS E 308 0.54 -11.19 -16.62
CA HIS E 308 -0.73 -10.85 -17.20
C HIS E 308 -0.46 -9.66 -18.11
N SER E 309 -0.72 -9.83 -19.39
CA SER E 309 -0.46 -8.79 -20.35
C SER E 309 -1.72 -8.47 -21.18
N TYR E 310 -2.10 -7.18 -21.22
CA TYR E 310 -3.30 -6.75 -21.93
C TYR E 310 -3.03 -5.69 -22.99
N SER E 311 -4.10 -5.14 -23.53
CA SER E 311 -3.96 -4.13 -24.57
C SER E 311 -3.17 -2.86 -24.19
N ASP E 312 -3.35 -2.37 -22.97
CA ASP E 312 -2.67 -1.14 -22.58
C ASP E 312 -1.88 -1.18 -21.28
N SER E 313 -1.83 -2.34 -20.64
CA SER E 313 -1.11 -2.45 -19.40
C SER E 313 -0.94 -3.92 -19.09
N GLY E 314 -0.32 -4.22 -17.96
CA GLY E 314 -0.14 -5.60 -17.53
C GLY E 314 0.33 -5.67 -16.09
N ILE E 315 0.35 -6.87 -15.53
CA ILE E 315 0.84 -7.04 -14.18
C ILE E 315 1.87 -8.17 -14.25
N PHE E 316 3.03 -7.92 -13.66
CA PHE E 316 4.10 -8.92 -13.65
C PHE E 316 4.58 -9.14 -12.21
N GLY E 317 4.77 -10.40 -11.83
CA GLY E 317 5.21 -10.65 -10.46
C GLY E 317 5.36 -12.10 -10.08
N ILE E 318 5.36 -12.37 -8.78
CA ILE E 318 5.53 -13.74 -8.30
C ILE E 318 4.46 -14.12 -7.31
N SER E 319 4.03 -15.37 -7.42
CA SER E 319 3.01 -15.95 -6.55
C SER E 319 3.68 -17.00 -5.68
N LEU E 320 3.30 -17.01 -4.42
CA LEU E 320 3.89 -17.95 -3.46
C LEU E 320 2.88 -18.48 -2.45
N SER E 321 2.86 -19.80 -2.28
CA SER E 321 1.98 -20.44 -1.32
C SER E 321 2.86 -21.17 -0.31
N CYS E 322 2.57 -20.97 0.96
CA CYS E 322 3.36 -21.60 2.01
C CYS E 322 2.56 -21.92 3.26
N ILE E 323 3.16 -22.71 4.12
CA ILE E 323 2.58 -23.10 5.40
C ILE E 323 2.47 -21.82 6.22
N PRO E 324 1.39 -21.68 6.98
CA PRO E 324 1.17 -20.48 7.81
C PRO E 324 2.40 -20.02 8.60
N GLN E 325 3.17 -20.97 9.08
CA GLN E 325 4.33 -20.67 9.91
C GLN E 325 5.40 -19.88 9.16
N ALA E 326 5.53 -20.13 7.86
CA ALA E 326 6.53 -19.46 7.04
C ALA E 326 6.09 -18.09 6.51
N ALA E 327 4.81 -17.77 6.66
CA ALA E 327 4.27 -16.50 6.18
C ALA E 327 5.20 -15.32 6.43
N PRO E 328 5.73 -15.20 7.65
CA PRO E 328 6.63 -14.09 7.99
C PRO E 328 7.83 -13.91 7.05
N GLN E 329 8.21 -14.97 6.35
CA GLN E 329 9.34 -14.92 5.41
C GLN E 329 8.98 -14.73 3.95
N ALA E 330 7.70 -14.93 3.63
CA ALA E 330 7.23 -14.85 2.27
C ALA E 330 7.66 -13.62 1.51
N VAL E 331 7.34 -12.43 2.02
CA VAL E 331 7.69 -11.24 1.29
C VAL E 331 9.17 -11.19 0.96
N GLU E 332 10.01 -11.43 1.97
CA GLU E 332 11.44 -11.39 1.74
C GLU E 332 11.90 -12.38 0.67
N VAL E 333 11.47 -13.63 0.80
CA VAL E 333 11.84 -14.63 -0.18
C VAL E 333 11.58 -14.14 -1.61
N ILE E 334 10.39 -13.57 -1.83
CA ILE E 334 10.00 -13.06 -3.15
C ILE E 334 10.87 -11.88 -3.54
N ALA E 335 11.01 -10.92 -2.63
CA ALA E 335 11.81 -9.74 -2.92
C ALA E 335 13.23 -10.12 -3.32
N GLN E 336 13.78 -11.16 -2.68
CA GLN E 336 15.13 -11.56 -3.04
C GLN E 336 15.17 -12.02 -4.49
N GLN E 337 14.24 -12.91 -4.84
CA GLN E 337 14.19 -13.44 -6.19
C GLN E 337 14.09 -12.33 -7.22
N MET E 338 13.32 -11.28 -6.91
CA MET E 338 13.18 -10.21 -7.87
C MET E 338 14.48 -9.45 -7.99
N TYR E 339 15.05 -9.15 -6.83
CA TYR E 339 16.31 -8.42 -6.74
C TYR E 339 17.42 -9.16 -7.51
N ASN E 340 17.52 -10.47 -7.30
CA ASN E 340 18.55 -11.27 -7.96
C ASN E 340 18.50 -11.36 -9.47
N THR E 341 17.49 -10.77 -10.10
CA THR E 341 17.39 -10.85 -11.54
C THR E 341 18.14 -9.71 -12.20
N PHE E 342 18.46 -8.68 -11.44
CA PHE E 342 19.15 -7.55 -12.04
C PHE E 342 20.13 -6.81 -11.12
N ALA E 343 19.78 -6.68 -9.85
CA ALA E 343 20.59 -5.94 -8.89
C ALA E 343 21.63 -6.74 -8.11
N ASN E 344 21.82 -8.01 -8.45
CA ASN E 344 22.81 -8.78 -7.73
C ASN E 344 23.95 -9.15 -8.67
N LYS E 345 25.01 -8.35 -8.61
CA LYS E 345 26.22 -8.51 -9.43
C LYS E 345 26.77 -9.93 -9.44
N ASP E 346 26.43 -10.72 -8.42
CA ASP E 346 26.90 -12.10 -8.34
C ASP E 346 25.87 -13.15 -8.77
N LEU E 347 24.67 -12.70 -9.12
CA LEU E 347 23.61 -13.60 -9.58
C LEU E 347 23.04 -13.08 -10.88
N ARG E 348 23.88 -12.39 -11.63
CA ARG E 348 23.48 -11.83 -12.91
C ARG E 348 22.87 -12.98 -13.74
N LEU E 349 22.09 -12.67 -14.76
CA LEU E 349 21.47 -13.72 -15.58
C LEU E 349 22.50 -14.29 -16.56
N THR E 350 22.65 -15.61 -16.54
CA THR E 350 23.64 -16.29 -17.38
C THR E 350 23.19 -16.64 -18.78
N GLU E 351 24.17 -16.78 -19.66
CA GLU E 351 23.94 -17.17 -21.04
C GLU E 351 23.07 -18.43 -21.08
N ASP E 352 23.43 -19.41 -20.26
CA ASP E 352 22.69 -20.66 -20.21
C ASP E 352 21.23 -20.44 -19.81
N GLU E 353 21.00 -19.72 -18.71
CA GLU E 353 19.66 -19.44 -18.23
C GLU E 353 18.87 -18.80 -19.36
N VAL E 354 19.37 -17.70 -19.89
CA VAL E 354 18.66 -17.00 -20.95
C VAL E 354 18.46 -17.84 -22.22
N SER E 355 19.46 -18.62 -22.60
CA SER E 355 19.34 -19.46 -23.79
C SER E 355 18.24 -20.51 -23.60
N ARG E 356 18.22 -21.13 -22.42
CA ARG E 356 17.21 -22.12 -22.12
C ARG E 356 15.82 -21.48 -22.09
N ALA E 357 15.69 -20.41 -21.32
CA ALA E 357 14.40 -19.74 -21.21
C ALA E 357 13.90 -19.38 -22.60
N LYS E 358 14.78 -18.89 -23.45
CA LYS E 358 14.37 -18.52 -24.80
C LYS E 358 13.81 -19.72 -25.56
N ASN E 359 14.52 -20.84 -25.56
CA ASN E 359 14.03 -22.01 -26.28
C ASN E 359 12.70 -22.52 -25.69
N GLN E 360 12.55 -22.45 -24.39
CA GLN E 360 11.32 -22.93 -23.80
C GLN E 360 10.16 -22.00 -24.13
N LEU E 361 10.46 -20.73 -24.35
CA LEU E 361 9.41 -19.81 -24.71
C LEU E 361 8.98 -20.11 -26.13
N LYS E 362 9.95 -20.17 -27.05
CA LYS E 362 9.66 -20.47 -28.46
C LYS E 362 8.85 -21.74 -28.55
N SER E 363 9.30 -22.73 -27.79
CA SER E 363 8.69 -24.03 -27.76
C SER E 363 7.22 -24.02 -27.35
N SER E 364 6.88 -23.41 -26.22
CA SER E 364 5.49 -23.42 -25.82
C SER E 364 4.60 -22.63 -26.78
N LEU E 365 5.12 -21.55 -27.36
CA LEU E 365 4.32 -20.77 -28.31
C LEU E 365 3.99 -21.59 -29.54
N LEU E 366 5.04 -22.09 -30.18
CA LEU E 366 4.90 -22.86 -31.41
C LEU E 366 4.10 -24.12 -31.19
N MET E 367 4.37 -24.82 -30.10
CA MET E 367 3.66 -26.07 -29.87
C MET E 367 2.19 -25.84 -29.62
N ASN E 368 1.87 -24.71 -28.98
CA ASN E 368 0.50 -24.39 -28.70
C ASN E 368 -0.23 -24.04 -29.98
N LEU E 369 0.47 -23.35 -30.86
CA LEU E 369 -0.05 -22.95 -32.15
C LEU E 369 -0.29 -24.13 -33.10
N GLU E 370 0.01 -25.34 -32.65
CA GLU E 370 -0.20 -26.54 -33.48
C GLU E 370 -1.71 -26.77 -33.58
N SER E 371 -2.43 -26.31 -32.57
CA SER E 371 -3.87 -26.44 -32.50
C SER E 371 -4.53 -25.38 -33.36
N LYS E 372 -5.48 -25.81 -34.21
CA LYS E 372 -6.21 -24.86 -35.05
C LYS E 372 -7.01 -23.83 -34.22
N LEU E 373 -7.64 -24.30 -33.16
CA LEU E 373 -8.42 -23.43 -32.30
C LEU E 373 -7.49 -22.35 -31.70
N VAL E 374 -6.26 -22.75 -31.39
CA VAL E 374 -5.35 -21.78 -30.80
C VAL E 374 -4.92 -20.82 -31.86
N GLU E 375 -4.67 -21.34 -33.04
CA GLU E 375 -4.27 -20.45 -34.13
C GLU E 375 -5.42 -19.49 -34.39
N LEU E 376 -6.64 -20.01 -34.32
CA LEU E 376 -7.85 -19.21 -34.56
C LEU E 376 -7.99 -18.05 -33.55
N GLU E 377 -7.97 -18.39 -32.26
CA GLU E 377 -8.14 -17.41 -31.23
C GLU E 377 -7.03 -16.39 -31.31
N ASP E 378 -5.80 -16.86 -31.52
CA ASP E 378 -4.70 -15.91 -31.59
C ASP E 378 -4.89 -14.90 -32.70
N MET E 379 -5.32 -15.38 -33.87
CA MET E 379 -5.55 -14.51 -35.01
C MET E 379 -6.74 -13.56 -34.75
N GLY E 380 -7.83 -14.10 -34.20
CA GLY E 380 -8.97 -13.27 -33.92
C GLY E 380 -8.65 -12.14 -32.96
N ARG E 381 -7.95 -12.46 -31.88
CA ARG E 381 -7.62 -11.44 -30.90
C ARG E 381 -6.61 -10.41 -31.42
N GLN E 382 -5.64 -10.88 -32.20
CA GLN E 382 -4.66 -9.95 -32.73
C GLN E 382 -5.32 -8.95 -33.67
N VAL E 383 -6.19 -9.43 -34.54
CA VAL E 383 -6.87 -8.57 -35.50
C VAL E 383 -7.79 -7.59 -34.76
N LEU E 384 -8.52 -8.09 -33.77
CA LEU E 384 -9.43 -7.26 -32.97
C LEU E 384 -8.62 -6.14 -32.32
N MET E 385 -7.46 -6.48 -31.78
CA MET E 385 -6.65 -5.47 -31.11
C MET E 385 -5.86 -4.50 -31.96
N HIS E 386 -5.11 -4.97 -32.94
CA HIS E 386 -4.41 -3.99 -33.75
C HIS E 386 -4.55 -4.17 -35.24
N GLY E 387 -5.62 -4.84 -35.66
CA GLY E 387 -5.85 -5.02 -37.07
C GLY E 387 -4.75 -5.63 -37.93
N ARG E 388 -4.03 -6.64 -37.41
CA ARG E 388 -2.97 -7.29 -38.18
C ARG E 388 -2.58 -8.56 -37.44
N LYS E 389 -2.02 -9.53 -38.14
CA LYS E 389 -1.61 -10.76 -37.49
C LYS E 389 -0.12 -10.84 -37.61
N ILE E 390 0.57 -10.72 -36.49
CA ILE E 390 2.00 -10.82 -36.55
C ILE E 390 2.33 -12.25 -37.00
N PRO E 391 3.17 -12.39 -38.03
CA PRO E 391 3.52 -13.73 -38.50
C PRO E 391 4.47 -14.39 -37.51
N VAL E 392 4.41 -15.70 -37.48
CA VAL E 392 5.25 -16.49 -36.60
C VAL E 392 6.73 -16.15 -36.76
N ASN E 393 7.22 -16.14 -37.99
CA ASN E 393 8.63 -15.85 -38.27
C ASN E 393 9.17 -14.68 -37.49
N GLU E 394 8.45 -13.57 -37.58
CA GLU E 394 8.84 -12.35 -36.92
C GLU E 394 8.93 -12.53 -35.41
N MET E 395 7.96 -13.27 -34.88
CA MET E 395 7.89 -13.53 -33.47
C MET E 395 9.10 -14.32 -33.00
N ILE E 396 9.44 -15.38 -33.74
CA ILE E 396 10.58 -16.23 -33.41
C ILE E 396 11.87 -15.42 -33.47
N SER E 397 12.07 -14.71 -34.58
CA SER E 397 13.25 -13.88 -34.75
C SER E 397 13.44 -12.95 -33.56
N LYS E 398 12.41 -12.20 -33.18
CA LYS E 398 12.57 -11.30 -32.06
C LYS E 398 12.95 -12.02 -30.78
N ILE E 399 12.58 -13.28 -30.64
CA ILE E 399 12.95 -14.00 -29.43
C ILE E 399 14.39 -14.45 -29.52
N GLU E 400 14.79 -14.96 -30.69
CA GLU E 400 16.14 -15.43 -30.86
C GLU E 400 17.20 -14.33 -30.73
N ASP E 401 16.85 -13.10 -31.10
CA ASP E 401 17.80 -12.00 -31.00
C ASP E 401 17.97 -11.47 -29.58
N LEU E 402 17.25 -12.04 -28.61
CA LEU E 402 17.39 -11.58 -27.24
C LEU E 402 18.73 -11.99 -26.62
N LYS E 403 19.32 -11.07 -25.86
CA LYS E 403 20.60 -11.30 -25.18
C LYS E 403 20.42 -11.02 -23.69
N PRO E 404 21.21 -11.67 -22.83
CA PRO E 404 21.08 -11.45 -21.38
C PRO E 404 20.78 -10.03 -20.92
N ASP E 405 21.49 -9.04 -21.45
CA ASP E 405 21.26 -7.66 -21.03
C ASP E 405 19.82 -7.21 -21.26
N ASP E 406 19.22 -7.70 -22.33
CA ASP E 406 17.85 -7.34 -22.64
C ASP E 406 16.94 -7.77 -21.51
N ILE E 407 17.08 -9.02 -21.09
CA ILE E 407 16.25 -9.53 -20.02
C ILE E 407 16.53 -8.75 -18.73
N SER E 408 17.79 -8.44 -18.45
CA SER E 408 18.18 -7.69 -17.24
C SER E 408 17.61 -6.27 -17.24
N ARG E 409 17.65 -5.63 -18.41
CA ARG E 409 17.15 -4.28 -18.55
C ARG E 409 15.65 -4.25 -18.28
N VAL E 410 14.94 -5.28 -18.74
CA VAL E 410 13.49 -5.33 -18.55
C VAL E 410 13.16 -5.69 -17.13
N ALA E 411 13.93 -6.60 -16.55
CA ALA E 411 13.70 -6.98 -15.17
C ALA E 411 13.81 -5.74 -14.28
N GLU E 412 14.81 -4.91 -14.55
CA GLU E 412 15.03 -3.71 -13.77
C GLU E 412 13.88 -2.73 -13.96
N MET E 413 13.51 -2.54 -15.20
CA MET E 413 12.42 -1.63 -15.50
C MET E 413 11.14 -1.97 -14.74
N ILE E 414 10.73 -3.24 -14.80
CA ILE E 414 9.51 -3.66 -14.12
C ILE E 414 9.60 -3.56 -12.61
N PHE E 415 10.58 -4.25 -12.04
CA PHE E 415 10.74 -4.28 -10.58
C PHE E 415 11.13 -2.98 -9.91
N THR E 416 11.55 -2.01 -10.71
CA THR E 416 11.94 -0.72 -10.22
C THR E 416 10.73 0.22 -10.24
N GLY E 417 9.65 -0.28 -10.86
CA GLY E 417 8.44 0.51 -10.98
C GLY E 417 8.63 1.57 -12.04
N ASN E 418 9.43 1.29 -13.07
CA ASN E 418 9.69 2.26 -14.12
C ASN E 418 9.04 2.01 -15.46
N VAL E 419 7.80 1.55 -15.43
CA VAL E 419 7.09 1.31 -16.67
C VAL E 419 6.25 2.55 -16.94
N ASN E 420 6.16 2.94 -18.21
CA ASN E 420 5.39 4.11 -18.59
C ASN E 420 4.39 3.76 -19.68
N ASN E 421 3.25 3.27 -19.26
CA ASN E 421 2.20 2.93 -20.20
C ASN E 421 1.30 4.14 -20.36
N ALA E 422 0.39 4.06 -21.32
CA ALA E 422 -0.55 5.13 -21.62
C ALA E 422 -1.32 5.66 -20.41
N GLY E 423 -1.64 4.77 -19.47
CA GLY E 423 -2.39 5.18 -18.30
C GLY E 423 -1.52 5.80 -17.21
N ASN E 424 -0.22 5.90 -17.46
CA ASN E 424 0.72 6.50 -16.52
C ASN E 424 0.53 5.98 -15.10
N GLY E 425 0.84 4.70 -14.88
CA GLY E 425 0.68 4.13 -13.56
C GLY E 425 1.73 4.52 -12.53
N LYS E 426 1.37 4.37 -11.27
CA LYS E 426 2.28 4.67 -10.17
C LYS E 426 3.32 3.55 -10.20
N GLY E 427 4.41 3.70 -9.46
CA GLY E 427 5.40 2.63 -9.47
C GLY E 427 5.26 1.81 -8.20
N ARG E 428 4.06 1.87 -7.61
CA ARG E 428 3.80 1.16 -6.38
C ARG E 428 3.50 -0.32 -6.64
N ALA E 429 3.98 -1.19 -5.75
CA ALA E 429 3.72 -2.61 -5.92
C ALA E 429 2.27 -2.99 -5.63
N THR E 430 1.89 -4.17 -6.11
CA THR E 430 0.56 -4.69 -5.82
C THR E 430 0.86 -5.95 -5.01
N VAL E 431 0.31 -5.98 -3.79
CA VAL E 431 0.51 -7.10 -2.91
C VAL E 431 -0.82 -7.56 -2.42
N VAL E 432 -1.08 -8.82 -2.66
CA VAL E 432 -2.37 -9.37 -2.31
C VAL E 432 -2.14 -10.71 -1.58
N MET E 433 -2.91 -10.95 -0.55
CA MET E 433 -2.69 -12.18 0.18
C MET E 433 -3.89 -12.79 0.87
N GLN E 434 -3.77 -14.09 1.17
CA GLN E 434 -4.81 -14.82 1.89
C GLN E 434 -4.16 -15.44 3.15
N GLY E 435 -4.67 -15.09 4.31
CA GLY E 435 -4.12 -15.58 5.57
C GLY E 435 -4.28 -14.49 6.62
N ASP E 436 -3.63 -14.60 7.77
CA ASP E 436 -3.74 -13.54 8.76
C ASP E 436 -2.80 -12.44 8.34
N ARG E 437 -3.33 -11.23 8.17
CA ARG E 437 -2.50 -10.12 7.69
C ARG E 437 -1.20 -9.95 8.50
N GLY E 438 -1.31 -10.00 9.82
CA GLY E 438 -0.13 -9.86 10.67
C GLY E 438 1.03 -10.76 10.24
N SER E 439 0.75 -12.02 9.95
CA SER E 439 1.76 -12.99 9.54
C SER E 439 2.71 -12.63 8.41
N PHE E 440 2.38 -11.60 7.63
CA PHE E 440 3.22 -11.26 6.50
C PHE E 440 4.18 -10.13 6.82
N GLY E 441 3.96 -9.52 7.97
CA GLY E 441 4.82 -8.45 8.42
C GLY E 441 4.67 -7.14 7.69
N ASP E 442 5.71 -6.32 7.80
CA ASP E 442 5.73 -5.01 7.16
C ASP E 442 6.13 -5.21 5.70
N VAL E 443 5.14 -5.50 4.88
CA VAL E 443 5.35 -5.73 3.48
C VAL E 443 6.02 -4.58 2.76
N GLU E 444 5.52 -3.37 2.95
CA GLU E 444 6.11 -2.23 2.26
C GLU E 444 7.55 -1.99 2.64
N ASN E 445 7.88 -2.21 3.91
CA ASN E 445 9.24 -1.96 4.33
C ASN E 445 10.23 -2.96 3.75
N VAL E 446 9.83 -4.22 3.62
CA VAL E 446 10.73 -5.21 3.05
C VAL E 446 11.02 -4.93 1.59
N LEU E 447 10.00 -4.50 0.85
CA LEU E 447 10.17 -4.20 -0.58
C LEU E 447 11.08 -3.00 -0.76
N LYS E 448 10.88 -1.96 0.05
CA LYS E 448 11.73 -0.77 -0.06
C LYS E 448 13.15 -1.18 0.31
N ALA E 449 13.26 -2.01 1.33
CA ALA E 449 14.57 -2.48 1.75
C ALA E 449 15.30 -3.13 0.59
N TYR E 450 14.58 -3.57 -0.44
CA TYR E 450 15.29 -4.19 -1.55
C TYR E 450 15.36 -3.29 -2.78
N GLY E 451 14.97 -2.03 -2.63
CA GLY E 451 15.00 -1.11 -3.74
C GLY E 451 13.98 -1.46 -4.82
N LEU E 452 12.94 -2.18 -4.43
CA LEU E 452 11.90 -2.56 -5.38
C LEU E 452 10.80 -1.51 -5.37
N GLY E 453 10.21 -1.25 -6.52
CA GLY E 453 9.16 -0.26 -6.57
C GLY E 453 9.72 1.14 -6.72
N ASN E 454 8.84 2.13 -6.80
CA ASN E 454 9.26 3.52 -6.96
C ASN E 454 8.54 4.52 -6.07
N SER E 455 9.30 5.53 -5.61
CA SER E 455 8.86 6.62 -4.72
C SER E 455 8.76 6.18 -3.25
N ILE F 4 -4.76 -31.49 -49.47
CA ILE F 4 -4.72 -32.01 -48.08
C ILE F 4 -3.68 -33.12 -47.90
N PRO F 5 -2.72 -32.90 -46.99
CA PRO F 5 -1.61 -33.79 -46.64
C PRO F 5 -1.98 -35.19 -46.23
N GLY F 6 -1.43 -36.17 -46.95
CA GLY F 6 -1.66 -37.56 -46.62
C GLY F 6 -0.49 -38.11 -45.80
N THR F 7 -0.53 -39.39 -45.51
CA THR F 7 0.53 -40.03 -44.74
C THR F 7 1.57 -40.77 -45.62
N ARG F 8 2.82 -40.32 -45.62
CA ARG F 8 3.88 -40.96 -46.39
C ARG F 8 4.44 -42.13 -45.58
N THR F 9 4.77 -43.23 -46.27
CA THR F 9 5.30 -44.42 -45.59
C THR F 9 6.58 -44.93 -46.23
N SER F 10 7.42 -45.57 -45.42
CA SER F 10 8.70 -46.15 -45.85
C SER F 10 9.13 -47.23 -44.87
N LYS F 11 9.72 -48.31 -45.39
CA LYS F 11 10.20 -49.42 -44.57
C LYS F 11 11.73 -49.48 -44.63
N LEU F 12 12.34 -49.62 -43.46
CA LEU F 12 13.78 -49.72 -43.33
C LEU F 12 14.15 -51.18 -43.56
N PRO F 13 15.43 -51.46 -43.92
CA PRO F 13 15.85 -52.85 -44.16
C PRO F 13 15.59 -53.83 -43.00
N ASN F 14 15.71 -53.36 -41.75
CA ASN F 14 15.46 -54.24 -40.60
C ASN F 14 13.96 -54.40 -40.30
N GLY F 15 13.11 -53.88 -41.19
CA GLY F 15 11.67 -54.01 -40.96
C GLY F 15 10.92 -52.78 -40.44
N LEU F 16 11.61 -51.94 -39.67
CA LEU F 16 11.05 -50.71 -39.10
C LEU F 16 10.29 -49.86 -40.11
N THR F 17 9.07 -49.47 -39.73
CA THR F 17 8.24 -48.65 -40.60
C THR F 17 8.33 -47.16 -40.19
N ILE F 18 8.37 -46.27 -41.19
CA ILE F 18 8.43 -44.84 -40.95
C ILE F 18 7.19 -44.18 -41.56
N ALA F 19 6.29 -43.71 -40.68
CA ALA F 19 5.04 -43.08 -41.11
C ALA F 19 5.05 -41.61 -40.70
N THR F 20 4.69 -40.76 -41.64
CA THR F 20 4.74 -39.34 -41.40
C THR F 20 3.60 -38.51 -42.02
N GLU F 21 3.24 -37.39 -41.37
CA GLU F 21 2.23 -36.49 -41.95
C GLU F 21 2.69 -35.05 -41.75
N TYR F 22 3.01 -34.38 -42.85
CA TYR F 22 3.45 -33.00 -42.79
C TYR F 22 2.29 -32.07 -42.47
N ILE F 23 2.51 -31.12 -41.56
CA ILE F 23 1.50 -30.11 -41.20
C ILE F 23 2.03 -28.74 -41.65
N PRO F 24 1.41 -28.15 -42.67
CA PRO F 24 1.82 -26.83 -43.19
C PRO F 24 1.77 -25.74 -42.13
N ASN F 25 2.66 -24.75 -42.26
CA ASN F 25 2.70 -23.63 -41.31
C ASN F 25 2.96 -24.03 -39.85
N THR F 26 4.01 -24.83 -39.62
CA THR F 26 4.36 -25.23 -38.27
C THR F 26 5.87 -25.27 -38.20
N SER F 27 6.40 -25.16 -36.99
CA SER F 27 7.83 -25.14 -36.79
C SER F 27 8.17 -26.08 -35.65
N SER F 28 7.23 -26.94 -35.32
CA SER F 28 7.42 -27.89 -34.24
C SER F 28 6.84 -29.21 -34.67
N ALA F 29 7.16 -30.27 -33.94
CA ALA F 29 6.64 -31.56 -34.32
C ALA F 29 6.70 -32.54 -33.19
N THR F 30 6.19 -33.74 -33.47
CA THR F 30 6.17 -34.81 -32.49
C THR F 30 6.72 -36.06 -33.20
N VAL F 31 7.61 -36.77 -32.54
CA VAL F 31 8.14 -38.00 -33.10
C VAL F 31 7.98 -39.05 -32.05
N GLY F 32 7.55 -40.22 -32.48
CA GLY F 32 7.37 -41.27 -31.52
C GLY F 32 7.69 -42.63 -32.08
N ILE F 33 8.23 -43.49 -31.22
CA ILE F 33 8.59 -44.84 -31.58
C ILE F 33 7.60 -45.78 -30.89
N PHE F 34 6.83 -46.51 -31.70
CA PHE F 34 5.81 -47.45 -31.19
C PHE F 34 6.26 -48.88 -31.38
N VAL F 35 6.16 -49.67 -30.31
CA VAL F 35 6.59 -51.05 -30.36
C VAL F 35 5.45 -52.02 -30.04
N ASP F 36 5.21 -52.99 -30.93
CA ASP F 36 4.19 -53.99 -30.68
C ASP F 36 4.73 -54.91 -29.58
N ALA F 37 4.48 -54.53 -28.32
CA ALA F 37 4.97 -55.30 -27.19
C ALA F 37 4.01 -55.22 -26.02
N GLY F 38 4.26 -54.27 -25.12
CA GLY F 38 3.39 -54.13 -23.97
C GLY F 38 3.33 -55.36 -23.09
N SER F 39 2.41 -55.37 -22.13
CA SER F 39 2.32 -56.49 -21.21
C SER F 39 1.81 -57.81 -21.81
N ARG F 40 1.18 -57.75 -22.98
CA ARG F 40 0.67 -59.00 -23.57
C ARG F 40 1.80 -59.87 -24.09
N ALA F 41 3.03 -59.36 -24.01
CA ALA F 41 4.18 -60.12 -24.46
C ALA F 41 4.91 -60.73 -23.26
N GLU F 42 4.31 -60.63 -22.09
CA GLU F 42 4.90 -61.18 -20.88
C GLU F 42 4.18 -62.50 -20.53
N ASN F 43 4.70 -63.20 -19.53
CA ASN F 43 4.11 -64.45 -19.08
C ASN F 43 3.83 -64.26 -17.60
N VAL F 44 3.30 -65.29 -16.95
CA VAL F 44 2.97 -65.18 -15.52
C VAL F 44 4.09 -64.69 -14.60
N LYS F 45 5.30 -65.23 -14.77
CA LYS F 45 6.43 -64.83 -13.92
C LYS F 45 7.09 -63.58 -14.44
N ASN F 46 6.87 -63.32 -15.72
CA ASN F 46 7.40 -62.18 -16.46
C ASN F 46 6.59 -60.87 -16.23
N ASN F 47 5.28 -61.05 -16.06
CA ASN F 47 4.29 -59.98 -15.87
C ASN F 47 4.73 -58.75 -15.07
N GLY F 48 4.72 -57.59 -15.75
CA GLY F 48 5.11 -56.33 -15.13
C GLY F 48 6.41 -55.76 -15.67
N THR F 49 7.13 -56.57 -16.44
CA THR F 49 8.43 -56.17 -16.98
C THR F 49 8.40 -54.94 -17.88
N ALA F 50 7.51 -54.95 -18.87
CA ALA F 50 7.40 -53.83 -19.81
C ALA F 50 7.25 -52.48 -19.09
N HIS F 51 6.35 -52.43 -18.12
CA HIS F 51 6.15 -51.19 -17.38
C HIS F 51 7.44 -50.85 -16.66
N PHE F 52 8.00 -51.84 -15.97
CA PHE F 52 9.24 -51.60 -15.21
C PHE F 52 10.28 -50.93 -16.14
N LEU F 53 10.45 -51.53 -17.31
CA LEU F 53 11.40 -51.01 -18.29
C LEU F 53 11.17 -49.53 -18.60
N GLN F 54 9.89 -49.15 -18.63
CA GLN F 54 9.51 -47.78 -19.02
C GLN F 54 10.11 -46.82 -17.95
N HIS F 55 10.03 -47.22 -16.68
CA HIS F 55 10.59 -46.37 -15.62
C HIS F 55 12.11 -46.28 -15.78
N LEU F 56 12.77 -47.42 -16.02
CA LEU F 56 14.21 -47.45 -16.17
C LEU F 56 14.78 -46.73 -17.40
N ALA F 57 14.06 -46.75 -18.51
CA ALA F 57 14.56 -46.10 -19.73
C ALA F 57 14.91 -44.61 -19.54
N PHE F 58 14.55 -44.03 -18.40
CA PHE F 58 14.86 -42.63 -18.14
C PHE F 58 15.95 -42.47 -17.11
N LYS F 59 16.51 -43.59 -16.67
CA LYS F 59 17.55 -43.59 -15.65
C LYS F 59 19.00 -43.56 -16.16
N GLY F 60 19.16 -43.51 -17.48
CA GLY F 60 20.51 -43.46 -18.02
C GLY F 60 20.78 -44.47 -19.12
N THR F 61 21.53 -44.02 -20.12
CA THR F 61 21.91 -44.88 -21.23
C THR F 61 23.44 -44.95 -21.28
N GLN F 62 23.93 -45.84 -22.14
CA GLN F 62 25.38 -46.06 -22.32
C GLN F 62 26.00 -44.83 -22.95
N ASN F 63 25.20 -43.79 -23.17
CA ASN F 63 25.71 -42.57 -23.78
C ASN F 63 25.34 -41.33 -22.99
N ARG F 64 24.26 -41.45 -22.23
CA ARG F 64 23.78 -40.32 -21.44
C ARG F 64 23.29 -40.72 -20.05
N PRO F 65 23.84 -40.09 -19.00
CA PRO F 65 23.39 -40.42 -17.63
C PRO F 65 22.00 -39.79 -17.51
N GLN F 66 21.27 -40.14 -16.46
CA GLN F 66 19.94 -39.59 -16.28
C GLN F 66 19.86 -38.07 -16.39
N GLN F 67 20.51 -37.37 -15.46
CA GLN F 67 20.48 -35.91 -15.45
C GLN F 67 20.95 -35.29 -16.77
N GLY F 68 21.65 -36.08 -17.59
CA GLY F 68 22.14 -35.56 -18.86
C GLY F 68 21.03 -35.48 -19.89
N ILE F 69 20.15 -36.47 -19.82
CA ILE F 69 19.02 -36.55 -20.72
C ILE F 69 18.07 -35.38 -20.40
N GLU F 70 17.69 -35.27 -19.13
CA GLU F 70 16.77 -34.21 -18.69
C GLU F 70 17.28 -32.85 -19.11
N LEU F 71 18.49 -32.56 -18.66
CA LEU F 71 19.12 -31.29 -18.94
C LEU F 71 19.19 -30.98 -20.45
N GLU F 72 19.41 -32.00 -21.28
CA GLU F 72 19.49 -31.74 -22.72
C GLU F 72 18.13 -31.32 -23.30
N ILE F 73 17.09 -32.09 -22.96
CA ILE F 73 15.72 -31.83 -23.41
C ILE F 73 15.23 -30.45 -22.98
N GLU F 74 15.42 -30.14 -21.71
CA GLU F 74 15.01 -28.83 -21.18
C GLU F 74 15.69 -27.66 -21.88
N ASN F 75 16.97 -27.80 -22.22
CA ASN F 75 17.69 -26.72 -22.87
C ASN F 75 17.21 -26.35 -24.26
N ILE F 76 16.68 -27.32 -24.99
CA ILE F 76 16.20 -27.03 -26.34
C ILE F 76 14.69 -26.85 -26.35
N GLY F 77 14.08 -27.05 -25.19
CA GLY F 77 12.64 -26.89 -25.08
C GLY F 77 11.87 -28.04 -25.64
N SER F 78 12.34 -29.26 -25.43
CA SER F 78 11.62 -30.42 -25.93
C SER F 78 10.90 -31.08 -24.79
N HIS F 79 10.17 -32.14 -25.09
CA HIS F 79 9.45 -32.86 -24.05
C HIS F 79 9.62 -34.32 -24.34
N LEU F 80 9.77 -35.08 -23.28
CA LEU F 80 9.96 -36.50 -23.40
C LEU F 80 8.93 -37.23 -22.58
N ASN F 81 8.30 -38.24 -23.18
CA ASN F 81 7.27 -39.00 -22.48
C ASN F 81 7.14 -40.41 -23.01
N ALA F 82 6.38 -41.21 -22.28
CA ALA F 82 6.19 -42.58 -22.70
C ALA F 82 5.03 -43.22 -21.95
N TYR F 83 4.63 -44.40 -22.40
CA TYR F 83 3.55 -45.14 -21.77
C TYR F 83 3.50 -46.56 -22.28
N THR F 84 2.99 -47.43 -21.42
CA THR F 84 2.86 -48.83 -21.70
C THR F 84 1.39 -49.27 -21.59
N SER F 85 0.91 -49.97 -22.60
CA SER F 85 -0.46 -50.48 -22.60
C SER F 85 -0.35 -51.99 -22.68
N ARG F 86 -1.48 -52.68 -22.76
CA ARG F 86 -1.44 -54.13 -22.83
C ARG F 86 -0.90 -54.57 -24.20
N GLU F 87 -0.92 -53.68 -25.18
CA GLU F 87 -0.47 -54.01 -26.54
C GLU F 87 0.82 -53.36 -27.02
N ASN F 88 1.14 -52.19 -26.48
CA ASN F 88 2.32 -51.50 -26.95
C ASN F 88 3.17 -50.82 -25.91
N THR F 89 4.34 -50.43 -26.38
CA THR F 89 5.33 -49.71 -25.60
C THR F 89 5.50 -48.51 -26.52
N VAL F 90 5.46 -47.31 -25.96
CA VAL F 90 5.57 -46.11 -26.77
C VAL F 90 6.42 -45.06 -26.10
N TYR F 91 7.34 -44.48 -26.85
CA TYR F 91 8.15 -43.40 -26.32
C TYR F 91 8.07 -42.30 -27.36
N TYR F 92 7.91 -41.05 -26.91
CA TYR F 92 7.81 -39.97 -27.88
C TYR F 92 8.34 -38.67 -27.37
N ALA F 93 8.59 -37.78 -28.32
CA ALA F 93 9.11 -36.48 -27.98
C ALA F 93 8.47 -35.38 -28.80
N LYS F 94 8.45 -34.18 -28.21
CA LYS F 94 7.90 -33.00 -28.87
C LYS F 94 9.04 -31.98 -28.90
N SER F 95 9.28 -31.39 -30.07
CA SER F 95 10.35 -30.41 -30.13
C SER F 95 10.28 -29.48 -31.33
N LEU F 96 11.09 -28.43 -31.29
CA LEU F 96 11.17 -27.47 -32.39
C LEU F 96 11.67 -28.32 -33.55
N GLN F 97 11.30 -27.96 -34.76
CA GLN F 97 11.69 -28.73 -35.92
C GLN F 97 13.19 -28.99 -36.02
N GLU F 98 14.00 -27.99 -35.66
CA GLU F 98 15.46 -28.13 -35.73
C GLU F 98 15.95 -29.32 -34.91
N ASP F 99 15.27 -29.61 -33.81
CA ASP F 99 15.70 -30.69 -32.94
C ASP F 99 15.11 -32.08 -33.22
N ILE F 100 14.43 -32.26 -34.34
CA ILE F 100 13.84 -33.58 -34.63
C ILE F 100 14.90 -34.68 -34.60
N PRO F 101 16.03 -34.48 -35.32
CA PRO F 101 17.08 -35.51 -35.33
C PRO F 101 17.59 -35.78 -33.91
N LYS F 102 17.87 -34.73 -33.17
CA LYS F 102 18.35 -34.92 -31.81
C LYS F 102 17.31 -35.78 -31.06
N ALA F 103 16.04 -35.64 -31.46
CA ALA F 103 14.96 -36.37 -30.81
C ALA F 103 14.96 -37.84 -31.14
N VAL F 104 15.12 -38.16 -32.43
CA VAL F 104 15.18 -39.57 -32.83
C VAL F 104 16.37 -40.24 -32.13
N ASP F 105 17.51 -39.55 -32.16
CA ASP F 105 18.71 -40.03 -31.50
C ASP F 105 18.40 -40.42 -30.04
N ILE F 106 17.95 -39.45 -29.26
CA ILE F 106 17.62 -39.73 -27.86
C ILE F 106 16.56 -40.83 -27.66
N LEU F 107 15.56 -40.88 -28.54
CA LEU F 107 14.55 -41.92 -28.40
C LEU F 107 15.19 -43.31 -28.59
N SER F 108 15.98 -43.48 -29.65
CA SER F 108 16.62 -44.78 -29.89
C SER F 108 17.56 -45.10 -28.73
N ASP F 109 18.26 -44.09 -28.25
CA ASP F 109 19.19 -44.27 -27.15
C ASP F 109 18.50 -44.80 -25.89
N ILE F 110 17.36 -44.20 -25.54
CA ILE F 110 16.64 -44.61 -24.35
C ILE F 110 15.94 -45.96 -24.47
N LEU F 111 15.52 -46.30 -25.68
CA LEU F 111 14.81 -47.55 -25.91
C LEU F 111 15.72 -48.76 -26.05
N THR F 112 16.87 -48.60 -26.70
CA THR F 112 17.79 -49.72 -26.92
C THR F 112 19.14 -49.75 -26.19
N LYS F 113 19.61 -48.61 -25.68
CA LYS F 113 20.90 -48.58 -25.01
C LYS F 113 20.80 -48.13 -23.56
N SER F 114 19.71 -48.52 -22.92
CA SER F 114 19.52 -48.15 -21.54
C SER F 114 20.42 -48.99 -20.64
N VAL F 115 21.12 -48.30 -19.75
CA VAL F 115 22.04 -48.89 -18.80
C VAL F 115 21.45 -50.04 -17.96
N LEU F 116 20.31 -49.80 -17.35
CA LEU F 116 19.66 -50.80 -16.50
C LEU F 116 20.53 -51.15 -15.30
N ASP F 117 21.00 -50.11 -14.60
CA ASP F 117 21.84 -50.30 -13.42
C ASP F 117 21.13 -51.13 -12.35
N ASN F 118 21.85 -52.07 -11.73
CA ASN F 118 21.26 -52.91 -10.70
C ASN F 118 20.75 -52.13 -9.50
N SER F 119 21.47 -51.08 -9.13
CA SER F 119 21.07 -50.26 -8.01
C SER F 119 19.74 -49.59 -8.35
N ALA F 120 19.66 -49.08 -9.57
CA ALA F 120 18.45 -48.42 -10.04
C ALA F 120 17.28 -49.41 -9.97
N ILE F 121 17.48 -50.58 -10.56
CA ILE F 121 16.45 -51.61 -10.58
C ILE F 121 15.88 -51.86 -9.18
N GLU F 122 16.71 -51.74 -8.15
CA GLU F 122 16.19 -51.99 -6.79
C GLU F 122 15.45 -50.77 -6.23
N ARG F 123 16.02 -49.59 -6.40
CA ARG F 123 15.39 -48.39 -5.89
C ARG F 123 14.01 -48.15 -6.47
N GLU F 124 13.81 -48.59 -7.71
CA GLU F 124 12.55 -48.39 -8.42
C GLU F 124 11.43 -49.34 -7.96
N ARG F 125 11.79 -50.53 -7.47
CA ARG F 125 10.79 -51.50 -7.02
C ARG F 125 9.79 -50.82 -6.10
N ASP F 126 10.29 -49.90 -5.27
CA ASP F 126 9.47 -49.17 -4.31
C ASP F 126 8.54 -48.16 -4.99
N VAL F 127 9.04 -47.48 -6.00
CA VAL F 127 8.22 -46.49 -6.70
C VAL F 127 7.00 -47.18 -7.34
N ILE F 128 7.24 -48.34 -7.96
CA ILE F 128 6.20 -49.14 -8.60
C ILE F 128 5.16 -49.63 -7.57
N ILE F 129 5.60 -50.00 -6.38
CA ILE F 129 4.67 -50.48 -5.36
C ILE F 129 3.75 -49.33 -4.96
N ARG F 130 4.36 -48.17 -4.72
CA ARG F 130 3.62 -46.96 -4.35
C ARG F 130 2.55 -46.78 -5.43
N GLU F 131 3.01 -46.81 -6.68
CA GLU F 131 2.20 -46.64 -7.87
C GLU F 131 1.02 -47.64 -7.83
N SER F 132 1.30 -48.90 -7.53
CA SER F 132 0.26 -49.92 -7.46
C SER F 132 -0.76 -49.62 -6.35
N GLU F 133 -0.29 -49.08 -5.24
CA GLU F 133 -1.16 -48.74 -4.11
C GLU F 133 -2.15 -47.65 -4.50
N GLU F 134 -1.71 -46.72 -5.33
CA GLU F 134 -2.55 -45.63 -5.78
C GLU F 134 -3.62 -46.11 -6.74
N VAL F 135 -3.27 -47.05 -7.61
CA VAL F 135 -4.20 -47.61 -8.57
C VAL F 135 -5.32 -48.32 -7.82
N ASP F 136 -4.97 -48.92 -6.67
CA ASP F 136 -5.95 -49.63 -5.86
C ASP F 136 -7.02 -48.69 -5.32
N LYS F 137 -6.78 -47.38 -5.38
CA LYS F 137 -7.75 -46.41 -4.90
C LYS F 137 -8.63 -45.90 -6.05
N MET F 138 -8.42 -46.45 -7.24
CA MET F 138 -9.20 -46.09 -8.44
C MET F 138 -10.11 -47.26 -8.77
N TYR F 139 -11.31 -47.25 -8.19
CA TYR F 139 -12.25 -48.34 -8.38
C TYR F 139 -12.57 -48.74 -9.81
N ASP F 140 -12.61 -47.78 -10.73
CA ASP F 140 -12.87 -48.11 -12.11
C ASP F 140 -11.69 -48.91 -12.66
N GLU F 141 -10.46 -48.51 -12.33
CA GLU F 141 -9.28 -49.23 -12.81
C GLU F 141 -9.25 -50.65 -12.26
N VAL F 142 -9.63 -50.79 -11.00
CA VAL F 142 -9.62 -52.09 -10.34
C VAL F 142 -10.64 -52.99 -11.00
N VAL F 143 -11.86 -52.50 -11.16
CA VAL F 143 -12.91 -53.29 -11.77
C VAL F 143 -12.47 -53.78 -13.16
N PHE F 144 -11.89 -52.87 -13.93
CA PHE F 144 -11.46 -53.24 -15.26
C PHE F 144 -10.29 -54.20 -15.33
N ASP F 145 -9.40 -54.18 -14.34
CA ASP F 145 -8.28 -55.13 -14.39
C ASP F 145 -8.83 -56.53 -14.08
N HIS F 146 -9.78 -56.62 -13.16
CA HIS F 146 -10.35 -57.91 -12.83
C HIS F 146 -11.16 -58.46 -13.99
N LEU F 147 -11.87 -57.56 -14.66
CA LEU F 147 -12.68 -57.96 -15.78
C LEU F 147 -11.78 -58.57 -16.83
N HIS F 148 -10.62 -57.97 -17.04
CA HIS F 148 -9.67 -58.51 -18.03
C HIS F 148 -9.15 -59.87 -17.57
N GLU F 149 -8.93 -60.00 -16.27
CA GLU F 149 -8.43 -61.24 -15.73
C GLU F 149 -9.40 -62.41 -15.97
N ILE F 150 -10.68 -62.24 -15.66
CA ILE F 150 -11.63 -63.34 -15.85
C ILE F 150 -12.13 -63.51 -17.27
N THR F 151 -12.17 -62.43 -18.03
CA THR F 151 -12.65 -62.53 -19.41
C THR F 151 -11.61 -63.20 -20.29
N TYR F 152 -10.35 -62.85 -20.07
CA TYR F 152 -9.25 -63.44 -20.83
C TYR F 152 -8.50 -64.35 -19.87
N LYS F 153 -9.25 -65.24 -19.25
CA LYS F 153 -8.70 -66.17 -18.27
C LYS F 153 -7.42 -66.87 -18.76
N ASP F 154 -6.39 -66.79 -17.92
CA ASP F 154 -5.12 -67.42 -18.21
C ASP F 154 -4.56 -67.09 -19.59
N GLN F 155 -4.78 -65.87 -20.07
CA GLN F 155 -4.24 -65.49 -21.37
C GLN F 155 -3.40 -64.23 -21.16
N PRO F 156 -2.53 -63.90 -22.13
CA PRO F 156 -1.67 -62.72 -22.03
C PRO F 156 -2.46 -61.42 -21.78
N LEU F 157 -3.50 -61.23 -22.59
CA LEU F 157 -4.36 -60.05 -22.49
C LEU F 157 -5.07 -59.96 -21.14
N GLY F 158 -5.16 -61.07 -20.43
CA GLY F 158 -5.81 -61.05 -19.14
C GLY F 158 -4.98 -60.52 -17.98
N ARG F 159 -3.70 -60.23 -18.21
CA ARG F 159 -2.83 -59.74 -17.13
C ARG F 159 -2.79 -58.22 -17.07
N THR F 160 -2.47 -57.70 -15.90
CA THR F 160 -2.40 -56.25 -15.71
C THR F 160 -1.08 -55.74 -16.25
N ILE F 161 -0.92 -54.42 -16.28
CA ILE F 161 0.31 -53.81 -16.79
C ILE F 161 1.36 -53.63 -15.69
N LEU F 162 0.91 -53.34 -14.47
CA LEU F 162 1.81 -53.19 -13.35
C LEU F 162 2.34 -54.55 -12.90
N GLY F 163 1.49 -55.57 -13.03
CA GLY F 163 1.88 -56.90 -12.62
C GLY F 163 1.64 -57.06 -11.12
N PRO F 164 1.74 -58.28 -10.59
CA PRO F 164 1.53 -58.51 -9.14
C PRO F 164 2.70 -57.96 -8.31
N ILE F 165 2.43 -57.63 -7.05
CA ILE F 165 3.50 -57.14 -6.17
C ILE F 165 4.62 -58.18 -6.13
N LYS F 166 4.23 -59.46 -6.12
CA LYS F 166 5.17 -60.57 -6.11
C LYS F 166 6.24 -60.37 -7.19
N ASN F 167 5.81 -60.23 -8.44
CA ASN F 167 6.74 -60.03 -9.54
C ASN F 167 7.46 -58.69 -9.46
N ILE F 168 6.79 -57.66 -8.94
CA ILE F 168 7.43 -56.34 -8.85
C ILE F 168 8.66 -56.44 -7.97
N LYS F 169 8.63 -57.38 -7.03
CA LYS F 169 9.75 -57.57 -6.12
C LYS F 169 10.79 -58.58 -6.61
N SER F 170 10.45 -59.39 -7.61
CA SER F 170 11.37 -60.42 -8.13
C SER F 170 11.93 -60.22 -9.56
N ILE F 171 11.50 -59.18 -10.27
CA ILE F 171 11.99 -58.94 -11.62
C ILE F 171 13.49 -58.63 -11.54
N THR F 172 14.28 -59.30 -12.37
CA THR F 172 15.73 -59.08 -12.38
C THR F 172 16.20 -58.47 -13.68
N ARG F 173 17.39 -57.87 -13.64
CA ARG F 173 17.95 -57.22 -14.82
C ARG F 173 17.94 -58.20 -15.98
N THR F 174 18.00 -59.49 -15.67
CA THR F 174 17.99 -60.50 -16.71
C THR F 174 16.62 -60.46 -17.39
N ASP F 175 15.56 -60.48 -16.57
CA ASP F 175 14.20 -60.43 -17.09
C ASP F 175 14.06 -59.25 -18.06
N LEU F 176 14.59 -58.10 -17.64
CA LEU F 176 14.53 -56.90 -18.45
C LEU F 176 15.22 -57.04 -19.79
N LYS F 177 16.52 -57.38 -19.76
CA LYS F 177 17.27 -57.53 -21.02
C LYS F 177 16.65 -58.59 -21.90
N ASP F 178 16.07 -59.61 -21.28
CA ASP F 178 15.42 -60.67 -22.05
C ASP F 178 14.22 -60.18 -22.86
N TYR F 179 13.36 -59.42 -22.19
CA TYR F 179 12.16 -58.86 -22.79
C TYR F 179 12.59 -58.00 -23.96
N ILE F 180 13.63 -57.19 -23.74
CA ILE F 180 14.14 -56.32 -24.80
C ILE F 180 14.62 -57.12 -26.01
N THR F 181 15.46 -58.12 -25.77
CA THR F 181 16.00 -58.95 -26.84
C THR F 181 14.91 -59.65 -27.65
N LYS F 182 13.92 -60.20 -26.94
CA LYS F 182 12.82 -60.93 -27.55
C LYS F 182 11.82 -60.10 -28.36
N ASN F 183 11.43 -58.93 -27.84
CA ASN F 183 10.42 -58.10 -28.50
C ASN F 183 10.85 -56.92 -29.38
N TYR F 184 12.00 -56.32 -29.10
CA TYR F 184 12.41 -55.18 -29.91
C TYR F 184 13.01 -55.54 -31.27
N LYS F 185 12.13 -55.78 -32.23
CA LYS F 185 12.51 -56.15 -33.59
C LYS F 185 11.97 -55.10 -34.57
N GLY F 186 12.78 -54.71 -35.54
CA GLY F 186 12.36 -53.71 -36.51
C GLY F 186 11.01 -53.96 -37.17
N ASP F 187 10.66 -55.22 -37.41
CA ASP F 187 9.40 -55.59 -38.05
C ASP F 187 8.22 -55.45 -37.08
N ARG F 188 8.52 -55.14 -35.83
CA ARG F 188 7.49 -54.99 -34.83
C ARG F 188 7.42 -53.57 -34.29
N MET F 189 8.02 -52.61 -35.01
CA MET F 189 7.98 -51.24 -34.55
C MET F 189 7.78 -50.19 -35.63
N VAL F 190 7.20 -49.06 -35.21
CA VAL F 190 6.89 -47.93 -36.07
C VAL F 190 7.44 -46.61 -35.53
N LEU F 191 8.08 -45.85 -36.42
CA LEU F 191 8.58 -44.55 -36.06
C LEU F 191 7.59 -43.61 -36.76
N ALA F 192 6.78 -42.90 -35.98
CA ALA F 192 5.77 -42.00 -36.55
C ALA F 192 6.07 -40.57 -36.20
N GLY F 193 5.79 -39.66 -37.14
CA GLY F 193 6.06 -38.26 -36.91
C GLY F 193 5.06 -37.40 -37.62
N ALA F 194 4.85 -36.19 -37.09
CA ALA F 194 3.90 -35.25 -37.66
C ALA F 194 4.32 -33.83 -37.31
N GLY F 195 3.94 -32.88 -38.16
CA GLY F 195 4.28 -31.49 -37.91
C GLY F 195 5.24 -30.97 -38.97
N ALA F 196 6.18 -30.13 -38.57
CA ALA F 196 7.18 -29.62 -39.51
C ALA F 196 8.19 -30.79 -39.61
N VAL F 197 7.85 -31.79 -40.41
CA VAL F 197 8.70 -32.96 -40.57
C VAL F 197 8.93 -33.36 -42.02
N ASP F 198 10.18 -33.61 -42.36
CA ASP F 198 10.55 -34.01 -43.72
C ASP F 198 10.56 -35.54 -43.75
N HIS F 199 9.67 -36.15 -44.52
CA HIS F 199 9.64 -37.61 -44.56
C HIS F 199 10.98 -38.26 -44.92
N GLU F 200 11.59 -37.80 -46.01
CA GLU F 200 12.87 -38.37 -46.43
C GLU F 200 13.95 -38.29 -45.36
N LYS F 201 14.19 -37.08 -44.84
CA LYS F 201 15.22 -36.91 -43.82
C LYS F 201 14.92 -37.77 -42.60
N LEU F 202 13.67 -37.84 -42.20
CA LEU F 202 13.32 -38.64 -41.03
C LEU F 202 13.60 -40.13 -41.28
N VAL F 203 13.51 -40.58 -42.52
CA VAL F 203 13.83 -41.98 -42.81
C VAL F 203 15.34 -42.23 -42.65
N GLN F 204 16.16 -41.30 -43.14
CA GLN F 204 17.61 -41.42 -43.00
C GLN F 204 18.00 -41.50 -41.52
N TYR F 205 17.54 -40.53 -40.72
CA TYR F 205 17.86 -40.54 -39.30
C TYR F 205 17.35 -41.81 -38.65
N ALA F 206 16.26 -42.33 -39.19
CA ALA F 206 15.70 -43.57 -38.66
C ALA F 206 16.74 -44.67 -38.84
N GLN F 207 17.25 -44.81 -40.07
CA GLN F 207 18.26 -45.81 -40.39
C GLN F 207 19.50 -45.59 -39.51
N LYS F 208 19.94 -44.34 -39.43
CA LYS F 208 21.11 -44.02 -38.61
C LYS F 208 20.96 -44.39 -37.14
N TYR F 209 19.87 -43.97 -36.49
CA TYR F 209 19.71 -44.27 -35.07
C TYR F 209 18.96 -45.55 -34.68
N PHE F 210 18.19 -46.11 -35.61
CA PHE F 210 17.43 -47.32 -35.35
C PHE F 210 17.82 -48.52 -36.22
N GLY F 211 18.72 -48.28 -37.19
CA GLY F 211 19.16 -49.33 -38.09
C GLY F 211 19.78 -50.54 -37.40
N HIS F 212 20.48 -50.31 -36.29
CA HIS F 212 21.10 -51.40 -35.56
C HIS F 212 20.10 -52.37 -34.91
N VAL F 213 18.80 -52.12 -35.03
CA VAL F 213 17.83 -53.01 -34.41
C VAL F 213 17.60 -54.31 -35.16
N PRO F 214 17.65 -55.45 -34.44
CA PRO F 214 17.48 -56.83 -34.93
C PRO F 214 16.15 -57.07 -35.62
N LYS F 215 16.17 -57.71 -36.78
CA LYS F 215 14.94 -58.04 -37.47
C LYS F 215 14.49 -59.33 -36.80
N SER F 216 13.19 -59.63 -36.80
CA SER F 216 12.75 -60.88 -36.20
C SER F 216 13.23 -61.88 -37.24
N GLU F 217 13.32 -63.16 -36.88
CA GLU F 217 13.76 -64.12 -37.88
C GLU F 217 12.60 -64.68 -38.66
N SER F 218 11.40 -64.52 -38.09
CA SER F 218 10.16 -64.95 -38.71
C SER F 218 9.35 -63.67 -38.79
N PRO F 219 9.80 -62.71 -39.62
CA PRO F 219 9.08 -61.45 -39.75
C PRO F 219 7.62 -61.68 -40.16
N VAL F 220 6.76 -60.83 -39.62
CA VAL F 220 5.33 -60.86 -39.91
C VAL F 220 4.91 -59.41 -40.01
N PRO F 221 4.13 -59.07 -41.05
CA PRO F 221 3.65 -57.69 -41.25
C PRO F 221 2.90 -57.19 -40.02
N LEU F 222 3.05 -55.91 -39.71
CA LEU F 222 2.42 -55.33 -38.52
C LEU F 222 0.97 -55.68 -38.15
N GLY F 223 0.12 -55.84 -39.16
CA GLY F 223 -1.27 -56.16 -38.87
C GLY F 223 -1.66 -57.62 -38.88
N SER F 224 -0.80 -58.50 -39.37
CA SER F 224 -1.12 -59.93 -39.45
C SER F 224 -1.21 -60.60 -38.08
N PRO F 225 -2.08 -61.63 -37.98
CA PRO F 225 -2.36 -62.41 -36.77
C PRO F 225 -1.15 -62.89 -35.95
N ARG F 226 -1.16 -62.50 -34.68
CA ARG F 226 -0.10 -62.86 -33.73
C ARG F 226 0.02 -64.38 -33.69
N GLY F 227 -1.13 -65.03 -33.53
CA GLY F 227 -1.16 -66.49 -33.47
C GLY F 227 -2.61 -66.90 -33.22
N PRO F 228 -2.88 -67.74 -32.20
CA PRO F 228 -4.27 -68.15 -31.93
C PRO F 228 -5.09 -66.96 -31.37
N LEU F 229 -6.22 -66.65 -32.02
CA LEU F 229 -7.08 -65.54 -31.58
C LEU F 229 -7.55 -65.71 -30.13
N PRO F 230 -7.53 -64.60 -29.35
CA PRO F 230 -7.94 -64.63 -27.94
C PRO F 230 -9.36 -65.16 -27.83
N VAL F 231 -9.73 -65.73 -26.68
CA VAL F 231 -11.07 -66.26 -26.52
C VAL F 231 -11.80 -65.65 -25.33
N PHE F 232 -13.02 -65.16 -25.58
CA PHE F 232 -13.83 -64.52 -24.57
C PHE F 232 -14.45 -65.58 -23.67
N CYS F 233 -14.17 -65.49 -22.37
CA CYS F 233 -14.70 -66.45 -21.41
C CYS F 233 -15.77 -65.80 -20.57
N ARG F 234 -16.94 -66.41 -20.52
CA ARG F 234 -17.99 -65.82 -19.71
C ARG F 234 -17.61 -66.09 -18.26
N GLY F 235 -17.85 -65.12 -17.39
CA GLY F 235 -17.54 -65.30 -15.98
C GLY F 235 -18.01 -64.13 -15.14
N GLU F 236 -17.97 -64.32 -13.83
CA GLU F 236 -18.38 -63.26 -12.93
C GLU F 236 -17.49 -63.27 -11.70
N ARG F 237 -17.23 -62.10 -11.17
CA ARG F 237 -16.43 -61.97 -9.98
C ARG F 237 -17.10 -60.91 -9.12
N PHE F 238 -17.60 -61.36 -7.98
CA PHE F 238 -18.25 -60.47 -7.01
C PHE F 238 -17.23 -60.21 -5.93
N ILE F 239 -16.79 -58.97 -5.79
CA ILE F 239 -15.82 -58.62 -4.78
C ILE F 239 -16.51 -57.85 -3.67
N LYS F 240 -17.00 -58.57 -2.66
CA LYS F 240 -17.69 -57.95 -1.54
C LYS F 240 -16.76 -57.04 -0.76
N GLU F 241 -17.24 -55.82 -0.50
CA GLU F 241 -16.48 -54.81 0.19
C GLU F 241 -17.48 -53.83 0.80
N ASN F 242 -18.00 -54.17 1.97
CA ASN F 242 -19.01 -53.35 2.61
C ASN F 242 -18.60 -52.00 3.19
N THR F 243 -17.36 -51.59 2.96
CA THR F 243 -16.94 -50.28 3.50
C THR F 243 -17.04 -49.17 2.45
N LEU F 244 -17.17 -49.56 1.18
CA LEU F 244 -17.26 -48.59 0.08
C LEU F 244 -18.63 -47.90 0.01
N PRO F 245 -18.65 -46.57 -0.18
CA PRO F 245 -19.83 -45.73 -0.27
C PRO F 245 -20.57 -45.98 -1.59
N THR F 246 -19.78 -46.28 -2.62
CA THR F 246 -20.30 -46.54 -3.94
C THR F 246 -19.97 -47.97 -4.36
N THR F 247 -20.80 -48.53 -5.24
CA THR F 247 -20.60 -49.88 -5.77
C THR F 247 -20.30 -49.72 -7.26
N HIS F 248 -19.36 -50.49 -7.78
CA HIS F 248 -18.96 -50.38 -9.18
C HIS F 248 -19.15 -51.68 -9.90
N ILE F 249 -19.85 -51.60 -11.04
CA ILE F 249 -20.17 -52.78 -11.85
C ILE F 249 -19.81 -52.60 -13.31
N ALA F 250 -19.18 -53.62 -13.89
CA ALA F 250 -18.83 -53.61 -15.31
C ALA F 250 -19.42 -54.86 -15.93
N ILE F 251 -20.12 -54.68 -17.05
CA ILE F 251 -20.76 -55.77 -17.77
C ILE F 251 -20.27 -55.69 -19.20
N ALA F 252 -19.73 -56.81 -19.69
CA ALA F 252 -19.21 -56.84 -21.06
C ALA F 252 -19.52 -58.09 -21.88
N LEU F 253 -19.47 -57.92 -23.19
CA LEU F 253 -19.66 -59.01 -24.14
C LEU F 253 -18.53 -58.87 -25.16
N GLU F 254 -18.24 -59.95 -25.87
CA GLU F 254 -17.17 -59.86 -26.85
C GLU F 254 -17.42 -58.72 -27.80
N GLY F 255 -16.42 -57.85 -27.90
CA GLY F 255 -16.50 -56.70 -28.75
C GLY F 255 -15.93 -56.81 -30.16
N VAL F 256 -15.20 -55.78 -30.52
CA VAL F 256 -14.65 -55.66 -31.85
C VAL F 256 -13.15 -55.33 -31.80
N SER F 257 -12.40 -55.80 -32.78
CA SER F 257 -10.95 -55.53 -32.82
C SER F 257 -10.71 -54.28 -33.69
N TRP F 258 -9.49 -53.74 -33.65
CA TRP F 258 -9.21 -52.54 -34.44
C TRP F 258 -9.47 -52.69 -35.93
N SER F 259 -9.28 -53.88 -36.46
CA SER F 259 -9.48 -54.07 -37.90
C SER F 259 -10.83 -54.64 -38.29
N ALA F 260 -11.65 -54.98 -37.30
CA ALA F 260 -12.97 -55.52 -37.58
C ALA F 260 -13.70 -54.63 -38.56
N PRO F 261 -14.38 -55.22 -39.55
CA PRO F 261 -15.10 -54.43 -40.53
C PRO F 261 -16.25 -53.64 -39.90
N ASP F 262 -16.75 -54.12 -38.76
CA ASP F 262 -17.84 -53.46 -38.06
C ASP F 262 -17.36 -52.56 -36.89
N TYR F 263 -16.06 -52.29 -36.85
CA TYR F 263 -15.48 -51.46 -35.82
C TYR F 263 -16.28 -50.17 -35.50
N PHE F 264 -16.48 -49.35 -36.52
CA PHE F 264 -17.19 -48.10 -36.36
C PHE F 264 -18.65 -48.31 -35.99
N VAL F 265 -19.25 -49.39 -36.50
CA VAL F 265 -20.65 -49.65 -36.18
C VAL F 265 -20.74 -49.96 -34.70
N ALA F 266 -19.70 -50.57 -34.16
CA ALA F 266 -19.70 -50.89 -32.73
C ALA F 266 -19.62 -49.58 -31.91
N LEU F 267 -18.76 -48.67 -32.33
CA LEU F 267 -18.63 -47.41 -31.64
C LEU F 267 -19.95 -46.63 -31.76
N ALA F 268 -20.55 -46.65 -32.94
CA ALA F 268 -21.81 -45.96 -33.16
C ALA F 268 -22.89 -46.45 -32.17
N THR F 269 -22.95 -47.75 -31.97
CA THR F 269 -23.94 -48.30 -31.09
C THR F 269 -23.68 -47.89 -29.66
N GLN F 270 -22.40 -47.78 -29.31
CA GLN F 270 -22.01 -47.39 -27.97
C GLN F 270 -22.49 -45.95 -27.73
N ALA F 271 -22.35 -45.11 -28.74
CA ALA F 271 -22.74 -43.73 -28.69
C ALA F 271 -24.26 -43.56 -28.61
N ILE F 272 -25.01 -44.51 -29.16
CA ILE F 272 -26.46 -44.42 -29.12
C ILE F 272 -26.94 -44.64 -27.70
N VAL F 273 -26.27 -45.52 -26.96
CA VAL F 273 -26.64 -45.76 -25.57
C VAL F 273 -26.07 -44.62 -24.72
N GLY F 274 -24.82 -44.27 -25.00
CA GLY F 274 -24.15 -43.18 -24.32
C GLY F 274 -23.90 -43.30 -22.82
N ASN F 275 -23.74 -42.13 -22.19
CA ASN F 275 -23.50 -42.06 -20.76
C ASN F 275 -24.51 -41.21 -20.01
N TRP F 276 -24.46 -41.31 -18.69
CA TRP F 276 -25.34 -40.56 -17.85
C TRP F 276 -24.75 -40.40 -16.47
N ASP F 277 -24.98 -39.22 -15.89
CA ASP F 277 -24.52 -38.90 -14.55
C ASP F 277 -25.70 -38.24 -13.82
N ARG F 278 -25.99 -38.79 -12.65
CA ARG F 278 -27.06 -38.32 -11.78
C ARG F 278 -27.13 -36.80 -11.62
N ALA F 279 -25.98 -36.15 -11.59
CA ALA F 279 -25.93 -34.69 -11.42
C ALA F 279 -25.85 -33.91 -12.72
N ILE F 280 -25.10 -34.41 -13.69
CA ILE F 280 -24.91 -33.72 -14.96
C ILE F 280 -25.88 -34.03 -16.09
N GLY F 281 -26.49 -35.21 -16.08
CA GLY F 281 -27.38 -35.56 -17.18
C GLY F 281 -26.64 -36.42 -18.20
N THR F 282 -27.00 -36.27 -19.47
CA THR F 282 -26.37 -37.08 -20.51
C THR F 282 -25.31 -36.35 -21.35
N GLY F 283 -25.30 -35.03 -21.29
CA GLY F 283 -24.36 -34.29 -22.11
C GLY F 283 -24.99 -34.12 -23.48
N THR F 284 -26.28 -34.48 -23.57
CA THR F 284 -27.08 -34.41 -24.80
C THR F 284 -28.32 -33.57 -24.55
N ASN F 285 -28.84 -32.91 -25.57
CA ASN F 285 -30.03 -32.11 -25.38
C ASN F 285 -31.23 -33.00 -25.06
N SER F 286 -31.26 -34.21 -25.63
CA SER F 286 -32.35 -35.14 -25.39
C SER F 286 -31.87 -36.53 -24.95
N PRO F 287 -32.19 -36.89 -23.71
CA PRO F 287 -31.87 -38.15 -23.04
C PRO F 287 -32.64 -39.33 -23.62
N SER F 288 -32.01 -40.49 -23.56
CA SER F 288 -32.62 -41.72 -24.04
C SER F 288 -33.61 -42.21 -22.99
N PRO F 289 -34.44 -43.20 -23.33
CA PRO F 289 -35.40 -43.73 -22.36
C PRO F 289 -34.65 -44.27 -21.16
N LEU F 290 -33.42 -44.74 -21.38
CA LEU F 290 -32.59 -45.27 -20.31
C LEU F 290 -32.19 -44.18 -19.32
N ALA F 291 -31.68 -43.08 -19.86
CA ALA F 291 -31.24 -41.97 -19.04
C ALA F 291 -32.41 -41.42 -18.22
N VAL F 292 -33.60 -41.38 -18.84
CA VAL F 292 -34.78 -40.89 -18.15
C VAL F 292 -35.10 -41.86 -17.01
N ALA F 293 -35.10 -43.16 -17.31
CA ALA F 293 -35.42 -44.12 -16.28
C ALA F 293 -34.44 -44.04 -15.12
N ALA F 294 -33.15 -43.94 -15.45
CA ALA F 294 -32.12 -43.87 -14.43
C ALA F 294 -32.35 -42.72 -13.47
N SER F 295 -32.75 -41.59 -14.00
CA SER F 295 -32.94 -40.43 -13.16
C SER F 295 -34.28 -40.39 -12.42
N GLN F 296 -35.21 -41.26 -12.79
CA GLN F 296 -36.53 -41.23 -12.17
C GLN F 296 -36.66 -41.84 -10.81
N ASN F 297 -37.77 -41.49 -10.17
CA ASN F 297 -38.10 -41.88 -8.81
C ASN F 297 -36.92 -42.15 -7.88
N GLY F 298 -36.20 -41.07 -7.56
CA GLY F 298 -35.09 -41.17 -6.64
C GLY F 298 -33.72 -41.42 -7.24
N SER F 299 -33.70 -41.97 -8.45
CA SER F 299 -32.50 -42.32 -9.21
C SER F 299 -32.20 -43.78 -8.98
N LEU F 300 -31.70 -44.47 -10.02
CA LEU F 300 -31.39 -45.89 -9.93
C LEU F 300 -29.90 -46.14 -9.81
N ALA F 301 -29.10 -45.06 -9.91
CA ALA F 301 -27.65 -45.18 -9.81
C ALA F 301 -27.03 -43.79 -9.75
N ASN F 302 -25.71 -43.72 -9.64
CA ASN F 302 -25.04 -42.43 -9.62
C ASN F 302 -24.61 -42.09 -11.03
N SER F 303 -24.35 -43.12 -11.84
CA SER F 303 -23.92 -42.92 -13.22
C SER F 303 -23.73 -44.22 -13.99
N TYR F 304 -23.71 -44.13 -15.31
CA TYR F 304 -23.42 -45.30 -16.13
C TYR F 304 -22.63 -44.79 -17.32
N MET F 305 -21.76 -45.63 -17.86
CA MET F 305 -20.93 -45.24 -18.98
C MET F 305 -20.74 -46.40 -19.95
N SER F 306 -21.04 -46.16 -21.22
CA SER F 306 -20.88 -47.19 -22.24
C SER F 306 -19.40 -47.20 -22.64
N PHE F 307 -18.86 -48.38 -22.88
CA PHE F 307 -17.46 -48.47 -23.27
C PHE F 307 -17.23 -49.51 -24.34
N SER F 308 -16.15 -49.31 -25.08
CA SER F 308 -15.77 -50.23 -26.11
C SER F 308 -14.26 -50.19 -26.14
N THR F 309 -13.64 -51.33 -25.88
CA THR F 309 -12.20 -51.40 -25.90
C THR F 309 -11.81 -52.33 -27.03
N SER F 310 -10.80 -51.92 -27.78
CA SER F 310 -10.34 -52.75 -28.87
C SER F 310 -8.88 -53.18 -28.76
N TYR F 311 -8.60 -54.34 -29.36
CA TYR F 311 -7.25 -54.89 -29.43
C TYR F 311 -7.08 -55.35 -30.87
N ALA F 312 -5.85 -55.64 -31.28
CA ALA F 312 -5.60 -56.08 -32.65
C ALA F 312 -6.40 -57.32 -33.00
N ASP F 313 -6.55 -58.23 -32.04
CA ASP F 313 -7.28 -59.48 -32.25
C ASP F 313 -8.54 -59.71 -31.40
N SER F 314 -9.02 -58.68 -30.70
CA SER F 314 -10.21 -58.85 -29.86
C SER F 314 -10.73 -57.53 -29.33
N GLY F 315 -11.85 -57.60 -28.61
CA GLY F 315 -12.45 -56.41 -28.06
C GLY F 315 -13.48 -56.69 -27.00
N LEU F 316 -13.73 -55.67 -26.18
CA LEU F 316 -14.72 -55.72 -25.10
C LEU F 316 -15.67 -54.55 -25.28
N TRP F 317 -16.97 -54.83 -25.23
CA TRP F 317 -18.00 -53.81 -25.41
C TRP F 317 -19.00 -53.96 -24.27
N GLY F 318 -19.32 -52.86 -23.60
CA GLY F 318 -20.26 -52.95 -22.50
C GLY F 318 -20.66 -51.68 -21.76
N MET F 319 -21.05 -51.86 -20.51
CA MET F 319 -21.50 -50.77 -19.65
C MET F 319 -20.78 -50.76 -18.30
N TYR F 320 -20.43 -49.58 -17.82
CA TYR F 320 -19.81 -49.44 -16.50
C TYR F 320 -20.83 -48.66 -15.64
N ILE F 321 -21.20 -49.23 -14.51
CA ILE F 321 -22.18 -48.60 -13.63
C ILE F 321 -21.65 -48.31 -12.23
N VAL F 322 -21.95 -47.13 -11.71
CA VAL F 322 -21.55 -46.72 -10.34
C VAL F 322 -22.83 -46.42 -9.60
N THR F 323 -23.09 -47.17 -8.52
CA THR F 323 -24.29 -46.97 -7.71
C THR F 323 -23.96 -46.58 -6.27
N ASP F 324 -24.96 -46.13 -5.54
CA ASP F 324 -24.76 -45.77 -4.15
C ASP F 324 -24.96 -47.06 -3.38
N SER F 325 -23.91 -47.49 -2.68
CA SER F 325 -23.93 -48.72 -1.90
C SER F 325 -25.11 -48.86 -0.92
N ASN F 326 -25.63 -47.73 -0.43
CA ASN F 326 -26.73 -47.79 0.52
C ASN F 326 -28.11 -47.50 -0.04
N GLU F 327 -28.17 -46.73 -1.13
CA GLU F 327 -29.46 -46.35 -1.69
C GLU F 327 -29.97 -47.06 -2.95
N HIS F 328 -29.08 -47.69 -3.73
CA HIS F 328 -29.51 -48.34 -4.97
C HIS F 328 -29.55 -49.84 -5.05
N ASN F 329 -30.58 -50.33 -5.73
CA ASN F 329 -30.74 -51.75 -5.97
C ASN F 329 -30.18 -51.92 -7.38
N VAL F 330 -28.93 -52.40 -7.47
CA VAL F 330 -28.21 -52.56 -8.74
C VAL F 330 -29.05 -53.28 -9.80
N ARG F 331 -29.77 -54.31 -9.38
CA ARG F 331 -30.62 -55.08 -10.29
C ARG F 331 -31.60 -54.20 -11.09
N LEU F 332 -32.04 -53.09 -10.49
CA LEU F 332 -32.98 -52.20 -11.17
C LEU F 332 -32.34 -51.43 -12.32
N ILE F 333 -31.18 -50.87 -12.08
CA ILE F 333 -30.48 -50.14 -13.14
C ILE F 333 -30.06 -51.14 -14.21
N VAL F 334 -29.68 -52.35 -13.83
CA VAL F 334 -29.26 -53.34 -14.82
C VAL F 334 -30.42 -53.70 -15.74
N ASN F 335 -31.62 -53.87 -15.20
CA ASN F 335 -32.80 -54.16 -16.01
C ASN F 335 -32.95 -53.09 -17.08
N GLU F 336 -32.81 -51.83 -16.68
CA GLU F 336 -32.97 -50.75 -17.65
C GLU F 336 -31.93 -50.75 -18.76
N ILE F 337 -30.70 -51.11 -18.43
CA ILE F 337 -29.64 -51.14 -19.45
C ILE F 337 -29.94 -52.25 -20.47
N LEU F 338 -30.36 -53.42 -19.98
CA LEU F 338 -30.69 -54.52 -20.85
C LEU F 338 -31.87 -54.13 -21.74
N LYS F 339 -32.83 -53.43 -21.15
CA LYS F 339 -34.02 -53.00 -21.86
C LYS F 339 -33.62 -52.08 -22.99
N GLU F 340 -32.61 -51.23 -22.75
CA GLU F 340 -32.15 -50.29 -23.77
C GLU F 340 -31.44 -51.06 -24.90
N TRP F 341 -30.66 -52.10 -24.57
CA TRP F 341 -29.98 -52.85 -25.59
C TRP F 341 -31.03 -53.58 -26.42
N LYS F 342 -32.04 -54.12 -25.75
CA LYS F 342 -33.09 -54.83 -26.45
C LYS F 342 -33.89 -53.88 -27.35
N ARG F 343 -34.02 -52.62 -26.94
CA ARG F 343 -34.71 -51.63 -27.76
C ARG F 343 -33.94 -51.48 -29.08
N ILE F 344 -32.61 -51.50 -29.01
CA ILE F 344 -31.81 -51.38 -30.22
C ILE F 344 -31.98 -52.67 -31.05
N LYS F 345 -31.92 -53.83 -30.41
CA LYS F 345 -32.07 -55.09 -31.13
C LYS F 345 -33.42 -55.18 -31.82
N SER F 346 -34.44 -54.56 -31.24
CA SER F 346 -35.79 -54.59 -31.80
C SER F 346 -36.01 -53.51 -32.86
N GLY F 347 -34.98 -52.71 -33.13
CA GLY F 347 -35.11 -51.69 -34.16
C GLY F 347 -35.81 -50.41 -33.77
N LYS F 348 -36.32 -50.35 -32.54
CA LYS F 348 -37.03 -49.15 -32.09
C LYS F 348 -36.14 -47.95 -31.80
N ILE F 349 -35.42 -47.47 -32.81
CA ILE F 349 -34.57 -46.31 -32.63
C ILE F 349 -34.85 -45.35 -33.78
N SER F 350 -34.88 -44.06 -33.50
CA SER F 350 -35.17 -43.08 -34.53
C SER F 350 -33.96 -42.73 -35.39
N ASP F 351 -34.25 -42.09 -36.53
CA ASP F 351 -33.22 -41.64 -37.46
C ASP F 351 -32.40 -40.57 -36.75
N ALA F 352 -33.11 -39.75 -35.98
CA ALA F 352 -32.50 -38.65 -35.25
C ALA F 352 -31.44 -39.11 -34.27
N GLU F 353 -31.74 -40.12 -33.46
CA GLU F 353 -30.72 -40.55 -32.52
C GLU F 353 -29.54 -41.26 -33.22
N VAL F 354 -29.79 -41.86 -34.39
CA VAL F 354 -28.74 -42.52 -35.15
C VAL F 354 -27.80 -41.45 -35.72
N ASN F 355 -28.39 -40.39 -36.28
CA ASN F 355 -27.58 -39.30 -36.85
C ASN F 355 -26.86 -38.52 -35.77
N ARG F 356 -27.43 -38.49 -34.57
CA ARG F 356 -26.83 -37.79 -33.46
C ARG F 356 -25.54 -38.56 -33.11
N ALA F 357 -25.69 -39.87 -32.91
CA ALA F 357 -24.57 -40.75 -32.58
C ALA F 357 -23.46 -40.69 -33.67
N LYS F 358 -23.83 -40.63 -34.95
CA LYS F 358 -22.80 -40.56 -35.97
C LYS F 358 -22.04 -39.26 -35.89
N ALA F 359 -22.76 -38.17 -35.61
CA ALA F 359 -22.12 -36.85 -35.49
C ALA F 359 -21.19 -36.84 -34.27
N GLN F 360 -21.65 -37.41 -33.17
CA GLN F 360 -20.84 -37.44 -31.98
C GLN F 360 -19.54 -38.20 -32.29
N LEU F 361 -19.70 -39.40 -32.87
CA LEU F 361 -18.58 -40.26 -33.23
C LEU F 361 -17.60 -39.57 -34.21
N LYS F 362 -18.13 -38.95 -35.24
CA LYS F 362 -17.26 -38.25 -36.18
C LYS F 362 -16.42 -37.22 -35.45
N ALA F 363 -17.06 -36.47 -34.53
CA ALA F 363 -16.36 -35.41 -33.79
C ALA F 363 -15.26 -35.98 -32.88
N ALA F 364 -15.58 -37.04 -32.14
CA ALA F 364 -14.64 -37.65 -31.25
C ALA F 364 -13.42 -38.21 -31.97
N LEU F 365 -13.60 -38.75 -33.17
CA LEU F 365 -12.49 -39.34 -33.91
C LEU F 365 -11.71 -38.34 -34.77
N LEU F 366 -12.37 -37.31 -35.26
CA LEU F 366 -11.69 -36.39 -36.16
C LEU F 366 -11.35 -34.97 -35.69
N LEU F 367 -12.25 -34.32 -34.95
CA LEU F 367 -11.99 -32.97 -34.50
C LEU F 367 -10.94 -33.03 -33.40
N SER F 368 -10.77 -34.21 -32.83
CA SER F 368 -9.78 -34.38 -31.78
C SER F 368 -8.37 -34.57 -32.34
N LEU F 369 -8.25 -34.80 -33.66
CA LEU F 369 -6.94 -34.97 -34.27
C LEU F 369 -6.41 -33.58 -34.51
N ASP F 370 -6.07 -32.87 -33.43
CA ASP F 370 -5.64 -31.49 -33.57
C ASP F 370 -4.12 -31.26 -33.66
N GLY F 371 -3.39 -31.47 -32.58
CA GLY F 371 -1.95 -31.25 -32.68
C GLY F 371 -1.12 -32.39 -33.30
N SER F 372 0.19 -32.16 -33.42
CA SER F 372 1.06 -33.20 -33.98
C SER F 372 1.06 -34.41 -33.05
N THR F 373 0.96 -34.14 -31.76
CA THR F 373 0.95 -35.22 -30.80
C THR F 373 -0.23 -36.17 -30.95
N ALA F 374 -1.45 -35.65 -31.05
CA ALA F 374 -2.63 -36.50 -31.22
C ALA F 374 -2.54 -37.26 -32.55
N ILE F 375 -2.02 -36.58 -33.57
CA ILE F 375 -1.88 -37.19 -34.88
C ILE F 375 -0.83 -38.30 -34.87
N VAL F 376 0.32 -38.09 -34.22
CA VAL F 376 1.32 -39.13 -34.14
C VAL F 376 0.65 -40.31 -33.43
N GLU F 377 -0.07 -39.99 -32.37
CA GLU F 377 -0.79 -41.00 -31.61
C GLU F 377 -1.70 -41.86 -32.54
N ASP F 378 -2.40 -41.20 -33.45
CA ASP F 378 -3.29 -41.93 -34.34
C ASP F 378 -2.49 -42.74 -35.40
N ILE F 379 -1.45 -42.13 -35.95
CA ILE F 379 -0.60 -42.79 -36.94
C ILE F 379 0.07 -44.03 -36.33
N GLY F 380 0.81 -43.80 -35.26
CA GLY F 380 1.49 -44.89 -34.61
C GLY F 380 0.60 -46.03 -34.20
N ARG F 381 -0.45 -45.73 -33.45
CA ARG F 381 -1.31 -46.79 -32.98
C ARG F 381 -1.98 -47.54 -34.12
N GLN F 382 -2.39 -46.83 -35.15
CA GLN F 382 -3.08 -47.53 -36.21
C GLN F 382 -2.12 -48.43 -36.99
N VAL F 383 -0.93 -47.93 -37.27
CA VAL F 383 0.01 -48.73 -38.02
C VAL F 383 0.56 -49.90 -37.20
N VAL F 384 0.91 -49.66 -35.96
CA VAL F 384 1.46 -50.77 -35.20
C VAL F 384 0.44 -51.85 -34.83
N THR F 385 -0.85 -51.54 -34.87
CA THR F 385 -1.84 -52.54 -34.50
C THR F 385 -2.61 -53.05 -35.69
N THR F 386 -2.49 -52.34 -36.79
CA THR F 386 -3.24 -52.66 -37.98
C THR F 386 -2.44 -52.80 -39.26
N GLY F 387 -1.29 -52.15 -39.34
CA GLY F 387 -0.50 -52.24 -40.54
C GLY F 387 -0.78 -51.12 -41.50
N LYS F 388 -1.73 -50.27 -41.18
CA LYS F 388 -2.06 -49.15 -42.04
C LYS F 388 -2.74 -48.04 -41.23
N ARG F 389 -2.89 -46.89 -41.86
CA ARG F 389 -3.55 -45.72 -41.25
C ARG F 389 -4.67 -45.26 -42.14
N LEU F 390 -5.91 -45.41 -41.64
CA LEU F 390 -7.04 -44.89 -42.40
C LEU F 390 -6.93 -43.37 -42.24
N SER F 391 -7.04 -42.63 -43.34
CA SER F 391 -6.93 -41.19 -43.26
C SER F 391 -8.20 -40.56 -42.64
N PRO F 392 -8.08 -39.29 -42.18
CA PRO F 392 -9.24 -38.62 -41.58
C PRO F 392 -10.44 -38.73 -42.53
N GLU F 393 -10.21 -38.44 -43.81
CA GLU F 393 -11.25 -38.53 -44.81
C GLU F 393 -11.82 -39.95 -44.95
N GLU F 394 -10.96 -40.96 -44.84
CA GLU F 394 -11.43 -42.34 -44.95
C GLU F 394 -12.26 -42.69 -43.73
N VAL F 395 -11.82 -42.23 -42.57
CA VAL F 395 -12.57 -42.48 -41.33
C VAL F 395 -13.93 -41.77 -41.40
N PHE F 396 -13.91 -40.56 -41.93
CA PHE F 396 -15.15 -39.83 -42.04
C PHE F 396 -16.12 -40.67 -42.83
N GLU F 397 -15.65 -41.16 -43.96
CA GLU F 397 -16.47 -41.98 -44.85
C GLU F 397 -17.01 -43.23 -44.17
N GLN F 398 -16.17 -43.91 -43.40
CA GLN F 398 -16.58 -45.10 -42.71
C GLN F 398 -17.72 -44.81 -41.76
N VAL F 399 -17.72 -43.64 -41.13
CA VAL F 399 -18.79 -43.35 -40.19
C VAL F 399 -20.02 -42.88 -40.94
N ASP F 400 -19.82 -41.94 -41.85
CA ASP F 400 -20.93 -41.39 -42.61
C ASP F 400 -21.85 -42.42 -43.29
N LYS F 401 -21.30 -43.58 -43.67
CA LYS F 401 -22.10 -44.58 -44.35
C LYS F 401 -22.91 -45.47 -43.43
N ILE F 402 -22.66 -45.38 -42.12
CA ILE F 402 -23.41 -46.23 -41.19
C ILE F 402 -24.91 -45.95 -41.25
N THR F 403 -25.70 -47.02 -41.17
CA THR F 403 -27.15 -46.89 -41.22
C THR F 403 -27.84 -47.42 -39.96
N LYS F 404 -29.10 -47.06 -39.81
CA LYS F 404 -29.90 -47.54 -38.69
C LYS F 404 -29.84 -49.08 -38.72
N ASP F 405 -29.92 -49.62 -39.93
CA ASP F 405 -29.89 -51.04 -40.17
C ASP F 405 -28.57 -51.69 -39.73
N ASP F 406 -27.43 -51.10 -40.09
CA ASP F 406 -26.15 -51.66 -39.67
C ASP F 406 -26.12 -51.87 -38.15
N ILE F 407 -26.64 -50.88 -37.43
CA ILE F 407 -26.66 -50.91 -35.98
C ILE F 407 -27.56 -52.00 -35.44
N ILE F 408 -28.79 -52.08 -35.94
CA ILE F 408 -29.72 -53.12 -35.50
C ILE F 408 -29.08 -54.49 -35.75
N MET F 409 -28.51 -54.65 -36.93
CA MET F 409 -27.85 -55.90 -37.29
C MET F 409 -26.78 -56.26 -36.27
N TRP F 410 -25.89 -55.30 -36.05
CA TRP F 410 -24.77 -55.48 -35.16
C TRP F 410 -25.21 -55.84 -33.75
N ALA F 411 -26.23 -55.15 -33.24
CA ALA F 411 -26.69 -55.45 -31.90
C ALA F 411 -27.25 -56.87 -31.80
N ASN F 412 -28.01 -57.26 -32.82
CA ASN F 412 -28.61 -58.60 -32.85
C ASN F 412 -27.56 -59.70 -32.95
N TYR F 413 -26.40 -59.37 -33.49
CA TYR F 413 -25.35 -60.37 -33.58
C TYR F 413 -24.55 -60.46 -32.30
N ARG F 414 -24.10 -59.31 -31.83
CA ARG F 414 -23.25 -59.24 -30.64
C ARG F 414 -23.92 -59.28 -29.27
N LEU F 415 -25.21 -58.92 -29.23
CA LEU F 415 -25.95 -58.90 -27.97
C LEU F 415 -27.08 -59.90 -27.85
N GLN F 416 -27.07 -60.94 -28.68
CA GLN F 416 -28.10 -61.98 -28.63
C GLN F 416 -27.41 -63.34 -28.60
N ASN F 417 -27.74 -64.14 -27.60
CA ASN F 417 -27.16 -65.47 -27.42
C ASN F 417 -25.63 -65.42 -27.46
N LYS F 418 -25.06 -64.45 -26.78
CA LYS F 418 -23.61 -64.33 -26.72
C LYS F 418 -23.23 -64.33 -25.26
N PRO F 419 -22.04 -64.84 -24.92
CA PRO F 419 -21.60 -64.88 -23.52
C PRO F 419 -21.33 -63.48 -22.96
N VAL F 420 -21.54 -63.32 -21.66
CA VAL F 420 -21.26 -62.05 -21.00
C VAL F 420 -20.39 -62.31 -19.76
N SER F 421 -19.55 -61.36 -19.38
CA SER F 421 -18.72 -61.52 -18.19
C SER F 421 -18.98 -60.28 -17.37
N MET F 422 -18.87 -60.42 -16.06
CA MET F 422 -19.17 -59.29 -15.21
C MET F 422 -18.35 -59.21 -13.91
N VAL F 423 -18.11 -57.98 -13.46
CA VAL F 423 -17.36 -57.77 -12.23
C VAL F 423 -18.07 -56.72 -11.35
N ALA F 424 -18.17 -57.00 -10.05
CA ALA F 424 -18.84 -56.06 -9.16
C ALA F 424 -18.00 -55.83 -7.88
N LEU F 425 -17.76 -54.56 -7.55
CA LEU F 425 -16.99 -54.21 -6.37
C LEU F 425 -17.79 -53.34 -5.40
N GLY F 426 -17.91 -53.77 -4.14
CA GLY F 426 -18.65 -53.01 -3.16
C GLY F 426 -19.78 -53.81 -2.53
N ASN F 427 -20.95 -53.18 -2.35
CA ASN F 427 -22.11 -53.89 -1.79
C ASN F 427 -22.69 -54.75 -2.92
N THR F 428 -22.22 -55.99 -2.96
CA THR F 428 -22.56 -56.99 -3.95
C THR F 428 -23.91 -57.72 -3.76
N SER F 429 -24.57 -57.50 -2.64
CA SER F 429 -25.83 -58.19 -2.34
C SER F 429 -27.00 -57.85 -3.29
N THR F 430 -26.93 -56.68 -3.91
CA THR F 430 -27.98 -56.23 -4.81
C THR F 430 -27.66 -56.50 -6.30
N VAL F 431 -26.45 -56.97 -6.57
CA VAL F 431 -26.00 -57.25 -7.95
C VAL F 431 -26.44 -58.59 -8.55
N PRO F 432 -27.13 -58.54 -9.70
CA PRO F 432 -27.56 -59.79 -10.30
C PRO F 432 -26.46 -60.61 -10.97
N ASN F 433 -26.75 -61.90 -11.07
CA ASN F 433 -25.94 -62.96 -11.64
C ASN F 433 -25.64 -62.80 -13.14
N VAL F 434 -24.64 -63.51 -13.66
CA VAL F 434 -24.37 -63.42 -15.10
C VAL F 434 -25.43 -64.17 -15.90
N SER F 435 -25.93 -65.29 -15.37
CA SER F 435 -26.94 -66.04 -16.10
C SER F 435 -28.25 -65.24 -16.04
N TYR F 436 -28.40 -64.42 -14.99
CA TYR F 436 -29.58 -63.58 -14.86
C TYR F 436 -29.53 -62.60 -16.03
N ILE F 437 -28.39 -61.95 -16.20
CA ILE F 437 -28.19 -60.99 -17.28
C ILE F 437 -28.46 -61.60 -18.65
N GLU F 438 -27.91 -62.78 -18.93
CA GLU F 438 -28.10 -63.39 -20.23
C GLU F 438 -29.55 -63.77 -20.44
N GLU F 439 -30.22 -64.21 -19.38
CA GLU F 439 -31.62 -64.56 -19.55
C GLU F 439 -32.44 -63.37 -19.99
N LYS F 440 -32.33 -62.27 -19.26
CA LYS F 440 -33.10 -61.09 -19.59
C LYS F 440 -32.74 -60.48 -20.94
N LEU F 441 -31.45 -60.54 -21.28
CA LEU F 441 -30.97 -59.97 -22.52
C LEU F 441 -31.43 -60.71 -23.75
N ASN F 442 -31.29 -62.04 -23.71
CA ASN F 442 -31.66 -62.90 -24.83
C ASN F 442 -33.15 -63.14 -24.88
N GLN F 443 -33.79 -62.93 -23.73
CA GLN F 443 -35.22 -63.10 -23.57
C GLN F 443 -35.96 -62.24 -24.57
N ALA G 1 10.73 27.80 -25.34
CA ALA G 1 11.60 26.63 -25.50
C ALA G 1 13.07 27.02 -25.76
N ARG G 2 13.35 27.95 -26.69
CA ARG G 2 14.75 28.39 -26.99
C ARG G 2 15.13 29.78 -26.45
N THR G 3 14.79 30.82 -27.21
CA THR G 3 15.07 32.17 -26.77
C THR G 3 13.84 32.79 -26.07
N ASP G 4 12.84 31.96 -25.78
CA ASP G 4 11.59 32.35 -25.08
C ASP G 4 11.84 32.62 -23.60
N ASN G 5 12.77 31.85 -23.03
CA ASN G 5 13.08 31.87 -21.60
C ASN G 5 11.89 31.12 -21.02
N PHE G 6 11.45 30.13 -21.78
CA PHE G 6 10.33 29.31 -21.40
C PHE G 6 10.73 28.22 -20.42
N LYS G 7 10.00 28.10 -19.32
CA LYS G 7 10.33 27.06 -18.37
C LYS G 7 9.05 26.41 -17.96
N LEU G 8 9.13 25.11 -17.70
CA LEU G 8 7.95 24.35 -17.33
C LEU G 8 8.20 23.26 -16.29
N SER G 9 7.40 23.20 -15.24
CA SER G 9 7.53 22.13 -14.27
C SER G 9 6.16 21.79 -13.69
N SER G 10 6.10 20.82 -12.78
CA SER G 10 4.83 20.41 -12.21
C SER G 10 4.85 20.38 -10.70
N LEU G 11 3.69 20.54 -10.09
CA LEU G 11 3.60 20.45 -8.66
C LEU G 11 3.31 18.97 -8.40
N ALA G 12 3.39 18.57 -7.14
CA ALA G 12 3.14 17.17 -6.81
C ALA G 12 1.73 16.74 -7.23
N ASN G 13 0.74 17.64 -7.16
CA ASN G 13 -0.62 17.23 -7.53
C ASN G 13 -0.90 17.22 -9.04
N GLY G 14 0.13 17.43 -9.86
CA GLY G 14 -0.08 17.38 -11.30
C GLY G 14 -0.25 18.69 -12.06
N LEU G 15 -0.50 19.76 -11.32
CA LEU G 15 -0.69 21.05 -11.92
C LEU G 15 0.60 21.47 -12.58
N LYS G 16 0.53 21.83 -13.85
CA LYS G 16 1.72 22.27 -14.57
C LYS G 16 1.84 23.77 -14.46
N VAL G 17 3.08 24.23 -14.36
CA VAL G 17 3.36 25.64 -14.20
C VAL G 17 4.31 26.06 -15.29
N ALA G 18 3.88 27.00 -16.13
CA ALA G 18 4.67 27.50 -17.26
C ALA G 18 4.94 29.00 -17.22
N THR G 19 6.20 29.35 -17.45
CA THR G 19 6.57 30.78 -17.47
C THR G 19 7.38 31.07 -18.72
N SER G 20 7.35 32.32 -19.14
CA SER G 20 8.13 32.70 -20.28
C SER G 20 8.38 34.18 -20.26
N ASN G 21 9.31 34.57 -21.14
CA ASN G 21 9.72 35.94 -21.32
C ASN G 21 10.50 36.47 -20.12
N THR G 22 10.83 37.75 -20.16
CA THR G 22 11.58 38.38 -19.09
C THR G 22 10.78 39.54 -18.50
N PRO G 23 11.26 40.12 -17.39
CA PRO G 23 10.54 41.24 -16.77
C PRO G 23 10.19 42.35 -17.75
N GLY G 24 9.05 42.99 -17.52
CA GLY G 24 8.65 44.06 -18.40
C GLY G 24 7.89 45.10 -17.63
N HIS G 25 7.15 45.95 -18.33
CA HIS G 25 6.39 47.01 -17.70
C HIS G 25 5.21 46.50 -16.85
N PHE G 26 4.81 45.24 -17.09
CA PHE G 26 3.72 44.62 -16.35
C PHE G 26 3.67 43.13 -16.67
N SER G 27 2.82 42.38 -15.95
CA SER G 27 2.75 40.93 -16.17
C SER G 27 1.37 40.43 -16.58
N ALA G 28 1.34 39.17 -16.98
CA ALA G 28 0.11 38.51 -17.39
C ALA G 28 0.13 37.10 -16.80
N LEU G 29 -1.06 36.59 -16.48
CA LEU G 29 -1.15 35.27 -15.89
C LEU G 29 -2.53 34.73 -16.11
N GLY G 30 -2.63 33.40 -16.08
CA GLY G 30 -3.92 32.78 -16.23
C GLY G 30 -3.94 31.32 -15.84
N LEU G 31 -5.12 30.80 -15.59
CA LEU G 31 -5.32 29.39 -15.28
C LEU G 31 -6.10 28.82 -16.48
N TYR G 32 -5.57 27.73 -17.03
CA TYR G 32 -6.17 27.06 -18.17
C TYR G 32 -6.66 25.65 -17.83
N ILE G 33 -7.93 25.42 -18.08
CA ILE G 33 -8.54 24.13 -17.82
C ILE G 33 -8.92 23.42 -19.11
N ASP G 34 -8.58 22.14 -19.20
CA ASP G 34 -8.91 21.36 -20.39
C ASP G 34 -10.39 20.94 -20.33
N ALA G 35 -11.28 21.87 -20.60
CA ALA G 35 -12.72 21.62 -20.58
C ALA G 35 -13.33 22.38 -21.76
N GLY G 36 -14.64 22.34 -21.91
CA GLY G 36 -15.25 23.05 -23.02
C GLY G 36 -16.54 22.39 -23.43
N SER G 37 -17.25 22.98 -24.39
CA SER G 37 -18.50 22.37 -24.80
C SER G 37 -18.30 20.97 -25.38
N ARG G 38 -17.16 20.69 -26.00
CA ARG G 38 -16.99 19.36 -26.58
C ARG G 38 -17.02 18.21 -25.57
N PHE G 39 -16.91 18.54 -24.28
CA PHE G 39 -16.93 17.51 -23.26
C PHE G 39 -18.24 17.42 -22.52
N GLU G 40 -19.22 18.25 -22.85
CA GLU G 40 -20.49 18.26 -22.14
C GLU G 40 -21.47 17.10 -22.37
N GLY G 41 -21.33 16.38 -23.48
CA GLY G 41 -22.27 15.28 -23.75
C GLY G 41 -23.66 15.87 -23.77
N ARG G 42 -24.68 15.08 -23.48
CA ARG G 42 -26.03 15.60 -23.45
C ARG G 42 -26.41 15.98 -22.01
N ASN G 43 -25.76 15.33 -21.06
CA ASN G 43 -26.07 15.60 -19.67
C ASN G 43 -25.60 16.92 -19.08
N LEU G 44 -24.49 17.48 -19.57
CA LEU G 44 -23.96 18.74 -19.04
C LEU G 44 -24.02 19.93 -19.99
N LYS G 45 -24.95 19.87 -20.92
CA LYS G 45 -25.09 20.90 -21.93
C LYS G 45 -25.30 22.28 -21.33
N GLY G 46 -24.39 23.20 -21.67
CA GLY G 46 -24.51 24.56 -21.18
C GLY G 46 -23.80 24.85 -19.87
N CYS G 47 -23.20 23.83 -19.27
CA CYS G 47 -22.50 24.06 -18.00
C CYS G 47 -21.25 24.91 -18.17
N THR G 48 -20.52 24.73 -19.29
CA THR G 48 -19.30 25.49 -19.53
C THR G 48 -19.55 26.99 -19.59
N HIS G 49 -20.61 27.40 -20.27
CA HIS G 49 -20.98 28.78 -20.41
C HIS G 49 -21.35 29.41 -19.06
N ILE G 50 -22.25 28.76 -18.34
CA ILE G 50 -22.66 29.27 -17.04
C ILE G 50 -21.47 29.37 -16.07
N LEU G 51 -20.61 28.35 -15.99
CA LEU G 51 -19.49 28.43 -15.08
C LEU G 51 -18.62 29.60 -15.44
N ASP G 52 -18.37 29.81 -16.73
CA ASP G 52 -17.53 30.92 -17.12
C ASP G 52 -18.19 32.27 -16.81
N ARG G 53 -19.52 32.32 -16.84
CA ARG G 53 -20.27 33.54 -16.55
C ARG G 53 -20.34 33.74 -15.03
N LEU G 54 -19.99 32.69 -14.30
CA LEU G 54 -20.02 32.71 -12.84
C LEU G 54 -18.61 33.00 -12.31
N ALA G 55 -17.67 33.13 -13.20
CA ALA G 55 -16.31 33.40 -12.78
C ALA G 55 -16.20 34.67 -11.91
N PHE G 56 -15.36 34.59 -10.87
CA PHE G 56 -15.06 35.73 -9.99
C PHE G 56 -16.22 36.31 -9.18
N LYS G 57 -17.21 35.49 -8.85
CA LYS G 57 -18.29 35.91 -7.96
C LYS G 57 -17.80 35.46 -6.57
N SER G 58 -18.69 35.27 -5.61
CA SER G 58 -18.21 34.91 -4.28
C SER G 58 -17.58 33.56 -4.12
N THR G 59 -16.63 33.48 -3.22
CA THR G 59 -15.95 32.23 -2.96
C THR G 59 -16.04 31.95 -1.47
N GLU G 60 -15.49 30.83 -1.05
CA GLU G 60 -15.55 30.46 0.35
C GLU G 60 -14.83 31.44 1.26
N HIS G 61 -13.72 32.00 0.77
CA HIS G 61 -12.95 32.92 1.57
C HIS G 61 -13.08 34.38 1.16
N VAL G 62 -13.86 34.66 0.13
CA VAL G 62 -13.99 36.04 -0.30
C VAL G 62 -15.42 36.39 -0.68
N GLU G 63 -15.95 37.45 -0.06
CA GLU G 63 -17.31 37.89 -0.36
C GLU G 63 -17.35 38.38 -1.79
N GLY G 64 -18.54 38.29 -2.40
CA GLY G 64 -18.71 38.73 -3.77
C GLY G 64 -18.24 40.16 -3.98
N ARG G 65 -18.80 41.07 -3.18
CA ARG G 65 -18.46 42.47 -3.25
C ARG G 65 -16.97 42.72 -3.09
N ALA G 66 -16.35 42.03 -2.13
CA ALA G 66 -14.93 42.22 -1.90
C ALA G 66 -14.11 41.74 -3.08
N MET G 67 -14.60 40.69 -3.74
CA MET G 67 -13.94 40.11 -4.92
C MET G 67 -13.94 41.13 -6.05
N ALA G 68 -15.12 41.64 -6.37
CA ALA G 68 -15.26 42.61 -7.44
C ALA G 68 -14.40 43.86 -7.17
N GLU G 69 -14.50 44.40 -5.95
CA GLU G 69 -13.72 45.58 -5.62
C GLU G 69 -12.22 45.37 -5.67
N THR G 70 -11.73 44.23 -5.22
CA THR G 70 -10.30 44.00 -5.28
C THR G 70 -9.89 43.83 -6.73
N LEU G 71 -10.76 43.26 -7.56
CA LEU G 71 -10.41 43.09 -8.96
C LEU G 71 -10.33 44.46 -9.65
N GLU G 72 -11.17 45.41 -9.22
CA GLU G 72 -11.12 46.77 -9.77
C GLU G 72 -9.79 47.40 -9.34
N LEU G 73 -9.47 47.35 -8.05
CA LEU G 73 -8.23 47.94 -7.58
C LEU G 73 -7.03 47.34 -8.27
N LEU G 74 -7.20 46.15 -8.85
CA LEU G 74 -6.06 45.51 -9.54
C LEU G 74 -5.95 46.00 -10.97
N GLY G 75 -6.93 46.75 -11.43
CA GLY G 75 -6.88 47.26 -12.79
C GLY G 75 -8.05 46.82 -13.65
N GLY G 76 -8.78 45.83 -13.17
CA GLY G 76 -9.92 45.32 -13.89
C GLY G 76 -9.65 44.64 -15.22
N ASN G 77 -8.40 44.33 -15.53
CA ASN G 77 -8.13 43.70 -16.81
C ASN G 77 -8.03 42.17 -16.68
N TYR G 78 -9.16 41.55 -16.42
CA TYR G 78 -9.24 40.11 -16.23
C TYR G 78 -10.49 39.56 -16.91
N GLN G 79 -10.49 38.27 -17.21
CA GLN G 79 -11.67 37.69 -17.82
C GLN G 79 -11.64 36.18 -17.88
N CYS G 80 -12.83 35.60 -17.93
CA CYS G 80 -12.97 34.18 -18.07
C CYS G 80 -13.68 33.97 -19.40
N THR G 81 -13.12 33.12 -20.24
CA THR G 81 -13.81 32.82 -21.47
C THR G 81 -13.66 31.32 -21.69
N SER G 82 -14.56 30.77 -22.50
CA SER G 82 -14.58 29.35 -22.77
C SER G 82 -15.00 29.13 -24.20
N SER G 83 -14.60 27.99 -24.73
CA SER G 83 -14.92 27.66 -26.09
C SER G 83 -15.22 26.17 -26.19
N ARG G 84 -14.95 25.57 -27.34
CA ARG G 84 -15.22 24.16 -27.55
C ARG G 84 -14.21 23.27 -26.83
N GLU G 85 -12.97 23.74 -26.77
CA GLU G 85 -11.90 22.99 -26.13
C GLU G 85 -11.19 23.73 -25.00
N ASN G 86 -11.70 24.88 -24.58
CA ASN G 86 -10.97 25.56 -23.52
C ASN G 86 -11.87 26.29 -22.54
N LEU G 87 -11.27 26.58 -21.38
CA LEU G 87 -11.90 27.32 -20.30
C LEU G 87 -10.71 28.01 -19.67
N MET G 88 -10.67 29.33 -19.80
CA MET G 88 -9.53 30.05 -19.23
C MET G 88 -9.84 31.30 -18.43
N TYR G 89 -9.00 31.54 -17.44
CA TYR G 89 -9.11 32.71 -16.57
C TYR G 89 -7.83 33.51 -16.80
N GLN G 90 -7.95 34.68 -17.40
CA GLN G 90 -6.75 35.45 -17.67
C GLN G 90 -6.78 36.91 -17.25
N ALA G 91 -5.58 37.46 -17.10
CA ALA G 91 -5.42 38.83 -16.71
C ALA G 91 -4.01 39.33 -16.92
N SER G 92 -3.87 40.66 -16.99
CA SER G 92 -2.55 41.27 -17.04
C SER G 92 -2.68 42.23 -15.85
N VAL G 93 -1.61 42.36 -15.08
CA VAL G 93 -1.62 43.22 -13.91
C VAL G 93 -0.22 43.76 -13.76
N PHE G 94 -0.06 44.72 -12.86
CA PHE G 94 1.23 45.30 -12.58
C PHE G 94 2.06 44.25 -11.88
N ASN G 95 3.36 44.28 -12.11
CA ASN G 95 4.24 43.25 -11.54
C ASN G 95 4.07 42.91 -10.08
N GLN G 96 3.86 43.92 -9.23
CA GLN G 96 3.73 43.66 -7.81
C GLN G 96 2.42 42.98 -7.44
N ASP G 97 1.49 42.91 -8.38
CA ASP G 97 0.19 42.31 -8.08
C ASP G 97 -0.10 40.90 -8.54
N VAL G 98 0.89 40.22 -9.12
CA VAL G 98 0.69 38.86 -9.57
C VAL G 98 0.12 37.92 -8.48
N GLY G 99 0.73 37.92 -7.30
CA GLY G 99 0.27 37.06 -6.24
C GLY G 99 -1.17 37.24 -5.85
N LYS G 100 -1.58 38.49 -5.70
CA LYS G 100 -2.96 38.76 -5.33
C LYS G 100 -3.95 38.32 -6.42
N MET G 101 -3.58 38.47 -7.68
CA MET G 101 -4.47 38.09 -8.76
C MET G 101 -4.51 36.55 -8.80
N LEU G 102 -3.37 35.89 -8.61
CA LEU G 102 -3.35 34.42 -8.62
C LEU G 102 -4.20 33.88 -7.48
N GLN G 103 -4.19 34.60 -6.36
CA GLN G 103 -4.97 34.18 -5.23
C GLN G 103 -6.43 34.25 -5.59
N LEU G 104 -6.83 35.35 -6.20
CA LEU G 104 -8.23 35.49 -6.55
C LEU G 104 -8.64 34.43 -7.59
N MET G 105 -7.79 34.19 -8.58
CA MET G 105 -8.12 33.17 -9.58
C MET G 105 -8.25 31.81 -8.93
N SER G 106 -7.31 31.46 -8.06
CA SER G 106 -7.42 30.15 -7.46
C SER G 106 -8.66 30.04 -6.57
N GLU G 107 -9.12 31.17 -6.04
CA GLU G 107 -10.34 31.17 -5.22
C GLU G 107 -11.59 30.84 -6.04
N THR G 108 -11.74 31.52 -7.18
CA THR G 108 -12.90 31.30 -8.00
C THR G 108 -12.82 29.96 -8.71
N VAL G 109 -11.60 29.44 -8.90
CA VAL G 109 -11.41 28.14 -9.52
C VAL G 109 -11.52 26.97 -8.52
N ARG G 110 -11.12 27.17 -7.26
CA ARG G 110 -11.22 26.10 -6.26
C ARG G 110 -12.36 26.19 -5.26
N PHE G 111 -12.78 27.41 -4.92
CA PHE G 111 -13.81 27.58 -3.89
C PHE G 111 -14.98 28.47 -4.25
N PRO G 112 -15.49 28.37 -5.48
CA PRO G 112 -16.63 29.24 -5.84
C PRO G 112 -17.80 28.81 -4.98
N LYS G 113 -18.64 29.76 -4.59
CA LYS G 113 -19.79 29.45 -3.78
C LYS G 113 -21.01 29.04 -4.62
N ILE G 114 -21.22 29.72 -5.73
CA ILE G 114 -22.39 29.45 -6.57
C ILE G 114 -23.68 29.40 -5.75
N THR G 115 -24.12 30.55 -5.27
CA THR G 115 -25.33 30.65 -4.45
C THR G 115 -26.56 30.59 -5.38
N GLU G 116 -27.74 30.33 -4.83
CA GLU G 116 -28.91 30.28 -5.68
C GLU G 116 -29.04 31.60 -6.43
N GLN G 117 -28.90 32.71 -5.73
CA GLN G 117 -29.02 33.99 -6.38
C GLN G 117 -28.05 34.18 -7.55
N GLU G 118 -26.77 33.87 -7.34
CA GLU G 118 -25.81 34.06 -8.41
C GLU G 118 -26.14 33.21 -9.63
N LEU G 119 -26.59 31.99 -9.39
CA LEU G 119 -26.91 31.09 -10.46
C LEU G 119 -28.17 31.54 -11.19
N GLN G 120 -29.18 31.98 -10.46
CA GLN G 120 -30.42 32.41 -11.10
C GLN G 120 -30.12 33.62 -11.96
N GLU G 121 -29.25 34.49 -11.47
CA GLU G 121 -28.90 35.67 -12.23
C GLU G 121 -28.24 35.34 -13.58
N GLN G 122 -27.23 34.48 -13.57
CA GLN G 122 -26.55 34.13 -14.79
C GLN G 122 -27.46 33.36 -15.76
N LYS G 123 -28.41 32.59 -15.23
CA LYS G 123 -29.31 31.81 -16.08
C LYS G 123 -30.26 32.72 -16.83
N LEU G 124 -30.89 33.65 -16.11
CA LEU G 124 -31.81 34.61 -16.70
C LEU G 124 -31.06 35.40 -17.77
N SER G 125 -29.87 35.83 -17.41
CA SER G 125 -29.02 36.59 -18.29
C SER G 125 -28.53 35.78 -19.53
N ALA G 126 -28.45 34.46 -19.40
CA ALA G 126 -28.02 33.64 -20.52
C ALA G 126 -29.16 33.52 -21.53
N GLU G 127 -30.40 33.49 -21.08
CA GLU G 127 -31.49 33.40 -22.05
C GLU G 127 -31.47 34.59 -23.01
N TYR G 128 -31.30 35.79 -22.46
CA TYR G 128 -31.24 36.99 -23.26
C TYR G 128 -30.04 36.92 -24.18
N GLU G 129 -28.91 36.46 -23.66
CA GLU G 129 -27.74 36.38 -24.49
C GLU G 129 -27.95 35.39 -25.66
N ILE G 130 -28.61 34.27 -25.42
CA ILE G 130 -28.80 33.31 -26.50
C ILE G 130 -29.71 33.89 -27.58
N ASP G 131 -30.71 34.66 -27.16
CA ASP G 131 -31.63 35.29 -28.12
C ASP G 131 -30.88 36.27 -29.05
N GLU G 132 -29.91 36.98 -28.51
CA GLU G 132 -29.13 37.92 -29.31
C GLU G 132 -28.14 37.20 -30.22
N VAL G 133 -27.57 36.11 -29.75
CA VAL G 133 -26.61 35.38 -30.57
C VAL G 133 -27.27 34.85 -31.85
N TRP G 134 -28.53 34.43 -31.77
CA TRP G 134 -29.22 33.91 -32.93
C TRP G 134 -29.62 34.94 -33.98
N MET G 135 -29.20 36.18 -33.80
CA MET G 135 -29.50 37.19 -34.77
C MET G 135 -28.21 37.61 -35.47
N LYS G 136 -27.09 37.01 -35.09
CA LYS G 136 -25.84 37.35 -35.72
C LYS G 136 -25.29 36.22 -36.58
N PRO G 137 -25.45 36.35 -37.91
CA PRO G 137 -24.98 35.33 -38.85
C PRO G 137 -23.51 34.95 -38.63
N GLU G 138 -22.69 35.91 -38.24
CA GLU G 138 -21.27 35.65 -38.02
C GLU G 138 -21.07 34.63 -36.87
N LEU G 139 -22.08 34.51 -36.01
CA LEU G 139 -21.99 33.55 -34.91
C LEU G 139 -22.81 32.32 -35.24
N VAL G 140 -24.02 32.51 -35.75
CA VAL G 140 -24.85 31.36 -36.08
C VAL G 140 -24.29 30.40 -37.15
N LEU G 141 -23.74 30.92 -38.26
CA LEU G 141 -23.25 30.03 -39.32
C LEU G 141 -22.15 29.09 -38.86
N PRO G 142 -21.10 29.61 -38.21
CA PRO G 142 -20.02 28.72 -37.75
C PRO G 142 -20.58 27.68 -36.76
N GLU G 143 -21.59 28.06 -35.97
CA GLU G 143 -22.17 27.10 -35.06
C GLU G 143 -22.81 25.98 -35.88
N LEU G 144 -23.63 26.34 -36.87
CA LEU G 144 -24.27 25.32 -37.72
C LEU G 144 -23.24 24.45 -38.43
N LEU G 145 -22.13 25.06 -38.84
CA LEU G 145 -21.10 24.35 -39.56
C LEU G 145 -20.57 23.20 -38.70
N HIS G 146 -20.21 23.50 -37.44
CA HIS G 146 -19.69 22.52 -36.49
C HIS G 146 -20.71 21.43 -36.18
N THR G 147 -21.92 21.83 -35.84
CA THR G 147 -22.95 20.86 -35.53
C THR G 147 -23.13 19.85 -36.65
N ALA G 148 -23.12 20.32 -37.90
CA ALA G 148 -23.33 19.42 -38.97
C ALA G 148 -22.09 18.63 -39.29
N ALA G 149 -20.92 19.26 -39.19
CA ALA G 149 -19.66 18.57 -39.47
C ALA G 149 -19.39 17.36 -38.58
N TYR G 150 -19.93 17.36 -37.35
CA TYR G 150 -19.78 16.22 -36.42
C TYR G 150 -21.09 15.65 -35.91
N SER G 151 -22.17 15.92 -36.62
CA SER G 151 -23.47 15.42 -36.22
C SER G 151 -23.80 15.63 -34.73
N GLY G 152 -23.56 16.86 -34.27
CA GLY G 152 -23.88 17.22 -32.90
C GLY G 152 -23.07 16.58 -31.77
N GLU G 153 -21.97 15.93 -32.08
CA GLU G 153 -21.17 15.31 -31.04
C GLU G 153 -19.80 15.99 -30.91
N THR G 154 -19.26 15.97 -29.70
CA THR G 154 -17.95 16.56 -29.35
C THR G 154 -17.72 17.95 -29.95
N LEU G 155 -16.88 18.06 -30.98
CA LEU G 155 -16.63 19.36 -31.58
C LEU G 155 -17.87 20.00 -32.21
N GLY G 156 -18.92 19.20 -32.38
CA GLY G 156 -20.15 19.70 -32.96
C GLY G 156 -21.26 19.78 -31.95
N SER G 157 -20.92 19.53 -30.70
CA SER G 157 -21.92 19.64 -29.63
C SER G 157 -22.14 21.14 -29.50
N PRO G 158 -23.39 21.58 -29.45
CA PRO G 158 -23.67 23.03 -29.34
C PRO G 158 -22.74 23.88 -28.48
N LEU G 159 -22.19 24.92 -29.07
CA LEU G 159 -21.35 25.86 -28.35
C LEU G 159 -22.35 26.89 -27.77
N ILE G 160 -23.48 27.07 -28.45
CA ILE G 160 -24.53 27.99 -28.02
C ILE G 160 -25.54 27.06 -27.38
N CYS G 161 -25.78 27.26 -26.09
CA CYS G 161 -26.68 26.37 -25.39
C CYS G 161 -28.12 26.50 -25.81
N PRO G 162 -28.78 25.37 -26.09
CA PRO G 162 -30.19 25.43 -26.50
C PRO G 162 -30.92 26.24 -25.42
N ARG G 163 -31.79 27.17 -25.80
CA ARG G 163 -32.51 27.99 -24.82
C ARG G 163 -33.31 27.20 -23.78
N GLY G 164 -34.05 26.21 -24.24
CA GLY G 164 -34.89 25.41 -23.34
C GLY G 164 -34.15 24.54 -22.33
N LEU G 165 -32.83 24.45 -22.46
CA LEU G 165 -32.05 23.65 -21.54
C LEU G 165 -31.47 24.47 -20.41
N ILE G 166 -31.44 25.79 -20.59
CA ILE G 166 -30.87 26.66 -19.56
C ILE G 166 -31.53 26.61 -18.18
N PRO G 167 -32.88 26.59 -18.13
CA PRO G 167 -33.55 26.54 -16.84
C PRO G 167 -33.27 25.29 -16.04
N SER G 168 -32.87 24.19 -16.68
CA SER G 168 -32.61 22.95 -15.94
C SER G 168 -31.12 22.78 -15.52
N ILE G 169 -30.31 23.79 -15.78
CA ILE G 169 -28.94 23.74 -15.35
C ILE G 169 -29.00 24.04 -13.85
N SER G 170 -28.68 23.03 -13.05
CA SER G 170 -28.74 23.15 -11.61
C SER G 170 -27.35 23.19 -10.98
N LYS G 171 -27.30 23.52 -9.71
CA LYS G 171 -26.01 23.53 -9.05
C LYS G 171 -25.46 22.11 -9.09
N TYR G 172 -26.35 21.13 -9.03
CA TYR G 172 -25.89 19.75 -9.10
C TYR G 172 -25.08 19.44 -10.35
N TYR G 173 -25.57 19.85 -11.52
CA TYR G 173 -24.82 19.60 -12.76
C TYR G 173 -23.58 20.44 -12.81
N LEU G 174 -23.64 21.65 -12.26
CA LEU G 174 -22.42 22.49 -12.26
C LEU G 174 -21.36 21.84 -11.39
N LEU G 175 -21.79 21.21 -10.28
CA LEU G 175 -20.83 20.57 -9.39
C LEU G 175 -20.34 19.29 -10.03
N ASP G 176 -21.19 18.63 -10.82
CA ASP G 176 -20.74 17.43 -11.48
C ASP G 176 -19.62 17.80 -12.48
N TYR G 177 -19.87 18.86 -13.25
CA TYR G 177 -18.90 19.30 -14.23
C TYR G 177 -17.59 19.68 -13.54
N ARG G 178 -17.70 20.52 -12.48
CA ARG G 178 -16.47 20.93 -11.76
C ARG G 178 -15.76 19.68 -11.24
N ASN G 179 -16.49 18.76 -10.63
CA ASN G 179 -15.83 17.57 -10.13
C ASN G 179 -15.19 16.71 -11.24
N LYS G 180 -15.66 16.81 -12.48
CA LYS G 180 -15.00 16.04 -13.51
C LYS G 180 -13.81 16.75 -14.10
N PHE G 181 -13.94 18.05 -14.33
CA PHE G 181 -12.85 18.76 -15.03
C PHE G 181 -11.96 19.72 -14.30
N TYR G 182 -12.44 20.30 -13.22
CA TYR G 182 -11.60 21.19 -12.42
C TYR G 182 -10.72 20.34 -11.47
N THR G 183 -9.60 19.82 -11.97
CA THR G 183 -8.70 19.04 -11.13
C THR G 183 -7.30 19.57 -11.44
N PRO G 184 -6.39 19.51 -10.46
CA PRO G 184 -5.06 20.04 -10.76
C PRO G 184 -4.36 19.38 -11.97
N GLU G 185 -4.60 18.10 -12.19
CA GLU G 185 -3.94 17.40 -13.31
C GLU G 185 -4.54 17.79 -14.68
N ASN G 186 -5.64 18.52 -14.64
CA ASN G 186 -6.32 18.95 -15.85
C ASN G 186 -6.18 20.48 -16.00
N THR G 187 -5.19 21.05 -15.31
CA THR G 187 -5.00 22.50 -15.28
C THR G 187 -3.56 22.96 -15.48
N VAL G 188 -3.42 24.15 -16.05
CA VAL G 188 -2.12 24.76 -16.29
C VAL G 188 -2.11 26.19 -15.74
N ALA G 189 -1.04 26.55 -15.04
CA ALA G 189 -0.91 27.91 -14.54
C ALA G 189 0.22 28.51 -15.37
N ALA G 190 -0.07 29.59 -16.09
CA ALA G 190 0.97 30.19 -16.91
C ALA G 190 1.17 31.66 -16.58
N PHE G 191 2.39 32.11 -16.77
CA PHE G 191 2.74 33.48 -16.46
C PHE G 191 3.69 34.00 -17.50
N VAL G 192 3.57 35.29 -17.79
CA VAL G 192 4.47 35.94 -18.72
C VAL G 192 5.11 37.10 -17.98
N GLY G 193 6.44 37.12 -17.96
CA GLY G 193 7.16 38.19 -17.29
C GLY G 193 7.33 37.98 -15.80
N VAL G 194 7.21 36.73 -15.35
CA VAL G 194 7.34 36.40 -13.94
C VAL G 194 8.36 35.29 -13.83
N PRO G 195 9.39 35.46 -12.99
CA PRO G 195 10.43 34.44 -12.83
C PRO G 195 9.81 33.09 -12.46
N HIS G 196 10.32 32.02 -13.06
CA HIS G 196 9.79 30.70 -12.81
C HIS G 196 9.79 30.34 -11.33
N GLU G 197 10.87 30.69 -10.63
CA GLU G 197 10.99 30.41 -9.21
C GLU G 197 9.84 31.03 -8.44
N LYS G 198 9.58 32.30 -8.70
CA LYS G 198 8.50 33.00 -8.02
C LYS G 198 7.14 32.36 -8.33
N ALA G 199 6.97 31.91 -9.58
CA ALA G 199 5.71 31.29 -10.01
C ALA G 199 5.44 29.98 -9.27
N LEU G 200 6.47 29.17 -9.10
CA LEU G 200 6.30 27.91 -8.36
C LEU G 200 5.93 28.21 -6.90
N GLU G 201 6.50 29.28 -6.36
CA GLU G 201 6.21 29.67 -4.99
C GLU G 201 4.72 29.95 -4.87
N LEU G 202 4.27 30.94 -5.62
CA LEU G 202 2.89 31.37 -5.58
C LEU G 202 1.89 30.29 -5.92
N THR G 203 2.24 29.46 -6.91
CA THR G 203 1.38 28.36 -7.35
C THR G 203 1.27 27.30 -6.25
N GLY G 204 2.41 26.91 -5.69
CA GLY G 204 2.39 25.93 -4.60
C GLY G 204 1.59 26.46 -3.42
N LYS G 205 1.70 27.77 -3.19
CA LYS G 205 1.00 28.39 -2.08
C LYS G 205 -0.51 28.42 -2.21
N TYR G 206 -1.03 28.61 -3.42
CA TYR G 206 -2.48 28.69 -3.63
C TYR G 206 -3.15 27.51 -4.26
N LEU G 207 -2.37 26.74 -5.03
CA LEU G 207 -2.91 25.56 -5.69
C LEU G 207 -2.21 24.26 -5.27
N GLY G 208 -1.11 24.38 -4.53
CA GLY G 208 -0.34 23.21 -4.10
C GLY G 208 -1.07 22.07 -3.40
N ASP G 209 -1.99 22.38 -2.49
CA ASP G 209 -2.73 21.39 -1.74
C ASP G 209 -4.06 20.97 -2.37
N TRP G 210 -4.30 21.45 -3.58
CA TRP G 210 -5.51 21.10 -4.29
C TRP G 210 -5.38 19.61 -4.66
N GLN G 211 -6.45 18.85 -4.44
CA GLN G 211 -6.43 17.42 -4.71
C GLN G 211 -7.43 17.02 -5.76
N SER G 212 -7.10 16.00 -6.54
CA SER G 212 -8.00 15.54 -7.59
C SER G 212 -9.23 14.82 -6.99
N THR G 213 -10.29 14.70 -7.77
CA THR G 213 -11.47 14.00 -7.28
C THR G 213 -11.48 12.61 -7.91
N HIS G 214 -10.51 12.36 -8.80
CA HIS G 214 -10.35 11.09 -9.49
C HIS G 214 -11.61 10.67 -10.18
N PRO G 215 -12.16 11.53 -11.05
CA PRO G 215 -13.40 11.26 -11.80
C PRO G 215 -13.24 10.27 -12.93
N PRO G 216 -14.37 9.81 -13.49
CA PRO G 216 -14.38 8.87 -14.62
C PRO G 216 -13.90 9.65 -15.88
N ILE G 217 -12.91 9.10 -16.59
CA ILE G 217 -12.37 9.74 -17.80
C ILE G 217 -13.42 9.65 -18.91
N THR G 218 -13.94 10.79 -19.36
CA THR G 218 -14.97 10.74 -20.40
C THR G 218 -14.63 11.53 -21.69
N LYS G 219 -13.37 11.55 -22.12
CA LYS G 219 -13.03 12.31 -23.33
C LYS G 219 -12.94 11.52 -24.64
N LYS G 220 -13.98 11.70 -25.46
CA LYS G 220 -14.12 11.05 -26.76
C LYS G 220 -13.43 11.78 -27.92
N VAL G 221 -12.85 11.03 -28.86
CA VAL G 221 -12.22 11.65 -30.02
C VAL G 221 -13.30 12.16 -30.99
N ALA G 222 -12.95 13.22 -31.71
CA ALA G 222 -13.86 13.81 -32.66
C ALA G 222 -13.96 12.93 -33.91
N GLN G 223 -15.19 12.68 -34.36
CA GLN G 223 -15.43 11.86 -35.55
C GLN G 223 -16.15 12.72 -36.60
N TYR G 224 -15.41 13.20 -37.59
CA TYR G 224 -15.99 14.02 -38.62
C TYR G 224 -16.94 13.19 -39.48
N THR G 225 -18.14 13.71 -39.73
CA THR G 225 -19.15 13.00 -40.52
C THR G 225 -19.52 13.74 -41.80
N GLY G 226 -19.46 15.07 -41.73
CA GLY G 226 -19.87 15.87 -42.87
C GLY G 226 -21.40 15.92 -42.73
N GLY G 227 -22.06 16.71 -43.57
CA GLY G 227 -23.50 16.83 -43.49
C GLY G 227 -24.03 18.16 -44.03
N GLU G 228 -25.35 18.29 -44.00
CA GLU G 228 -26.02 19.46 -44.53
C GLU G 228 -27.04 20.05 -43.59
N SER G 229 -27.26 21.34 -43.69
CA SER G 229 -28.31 21.94 -42.89
C SER G 229 -28.65 23.31 -43.39
N CYS G 230 -29.89 23.70 -43.20
CA CYS G 230 -30.32 25.01 -43.68
C CYS G 230 -31.39 25.65 -42.83
N ILE G 231 -31.16 26.88 -42.44
CA ILE G 231 -32.16 27.61 -41.65
C ILE G 231 -32.79 28.70 -42.50
N PRO G 232 -34.00 29.14 -42.12
CA PRO G 232 -34.76 30.19 -42.81
C PRO G 232 -34.05 31.53 -42.90
N PRO G 233 -34.50 32.37 -43.81
CA PRO G 233 -33.92 33.70 -44.00
C PRO G 233 -34.13 34.60 -42.79
N ALA G 234 -33.10 35.39 -42.50
CA ALA G 234 -33.17 36.33 -41.41
C ALA G 234 -34.20 37.40 -41.82
N PRO G 235 -34.91 37.98 -40.84
CA PRO G 235 -35.93 39.02 -41.11
C PRO G 235 -35.31 40.26 -41.81
N VAL G 236 -36.04 40.84 -42.76
CA VAL G 236 -35.54 42.02 -43.50
C VAL G 236 -35.83 43.34 -42.75
N PHE G 237 -34.78 43.93 -42.18
CA PHE G 237 -34.89 45.15 -41.39
C PHE G 237 -35.21 46.41 -42.20
N GLY G 238 -34.44 47.46 -41.99
CA GLY G 238 -34.68 48.70 -42.71
C GLY G 238 -33.90 48.79 -44.02
N ASN G 239 -32.80 49.54 -43.97
CA ASN G 239 -31.94 49.72 -45.13
C ASN G 239 -30.98 48.54 -45.34
N LEU G 240 -30.71 47.77 -44.28
CA LEU G 240 -29.80 46.63 -44.37
C LEU G 240 -30.18 45.71 -45.52
N PRO G 241 -29.20 45.37 -46.37
CA PRO G 241 -29.48 44.49 -47.52
C PRO G 241 -29.82 43.10 -47.01
N GLU G 242 -30.81 42.48 -47.63
CA GLU G 242 -31.14 41.14 -47.23
C GLU G 242 -30.04 40.25 -47.83
N LEU G 243 -29.52 39.34 -47.01
CA LEU G 243 -28.47 38.43 -47.47
C LEU G 243 -28.74 36.99 -47.11
N PHE G 244 -28.24 36.09 -47.94
CA PHE G 244 -28.36 34.66 -47.68
C PHE G 244 -26.93 34.30 -47.34
N HIS G 245 -26.71 33.21 -46.64
CA HIS G 245 -25.34 32.84 -46.30
C HIS G 245 -25.13 31.37 -46.55
N ILE G 246 -23.88 31.00 -46.76
CA ILE G 246 -23.52 29.62 -46.97
C ILE G 246 -22.06 29.43 -46.61
N GLN G 247 -21.78 28.29 -45.98
CA GLN G 247 -20.41 27.92 -45.60
C GLN G 247 -20.29 26.48 -46.06
N ILE G 248 -19.15 26.20 -46.67
CA ILE G 248 -18.86 24.86 -47.18
C ILE G 248 -17.47 24.50 -46.69
N GLY G 249 -17.35 23.34 -46.05
CA GLY G 249 -16.05 22.91 -45.56
C GLY G 249 -15.84 21.40 -45.64
N PHE G 250 -14.63 21.00 -45.39
CA PHE G 250 -14.26 19.58 -45.39
C PHE G 250 -13.42 19.40 -44.12
N GLU G 251 -13.20 18.15 -43.71
CA GLU G 251 -12.43 17.96 -42.51
C GLU G 251 -11.03 18.50 -42.72
N GLY G 252 -10.59 19.32 -41.75
CA GLY G 252 -9.27 19.92 -41.81
C GLY G 252 -8.24 19.14 -41.00
N LEU G 253 -7.29 19.85 -40.41
CA LEU G 253 -6.24 19.21 -39.65
C LEU G 253 -6.12 19.66 -38.18
N PRO G 254 -5.52 18.81 -37.35
CA PRO G 254 -5.32 19.09 -35.92
C PRO G 254 -4.25 20.17 -35.86
N ILE G 255 -4.31 21.08 -34.89
CA ILE G 255 -3.31 22.16 -34.82
C ILE G 255 -1.87 21.73 -34.72
N ASP G 256 -1.60 20.46 -34.39
CA ASP G 256 -0.20 20.07 -34.33
C ASP G 256 0.18 19.17 -35.47
N HIS G 257 -0.72 19.03 -36.45
CA HIS G 257 -0.44 18.17 -37.59
C HIS G 257 0.71 18.78 -38.40
N PRO G 258 1.61 17.95 -38.94
CA PRO G 258 2.75 18.42 -39.75
C PRO G 258 2.44 19.42 -40.89
N ASP G 259 1.30 19.23 -41.57
CA ASP G 259 0.93 20.10 -42.66
C ASP G 259 0.08 21.30 -42.27
N ILE G 260 -0.02 21.55 -40.97
CA ILE G 260 -0.82 22.66 -40.49
C ILE G 260 -0.33 24.01 -41.02
N TYR G 261 0.98 24.19 -41.18
CA TYR G 261 1.52 25.45 -41.70
C TYR G 261 1.16 25.62 -43.19
N ALA G 262 1.23 24.53 -43.95
CA ALA G 262 0.88 24.62 -45.34
C ALA G 262 -0.62 25.01 -45.43
N LEU G 263 -1.43 24.39 -44.56
CA LEU G 263 -2.87 24.67 -44.54
C LEU G 263 -3.18 26.10 -44.15
N ALA G 264 -2.42 26.64 -43.21
CA ALA G 264 -2.67 28.01 -42.77
C ALA G 264 -2.34 28.95 -43.91
N THR G 265 -1.26 28.62 -44.62
CA THR G 265 -0.82 29.42 -45.75
C THR G 265 -1.90 29.39 -46.84
N LEU G 266 -2.53 28.24 -47.02
CA LEU G 266 -3.58 28.12 -48.03
C LEU G 266 -4.73 29.02 -47.67
N GLN G 267 -5.03 29.08 -46.38
CA GLN G 267 -6.15 29.88 -45.88
C GLN G 267 -5.82 31.36 -46.10
N THR G 268 -4.55 31.71 -45.94
CA THR G 268 -4.12 33.10 -46.12
C THR G 268 -4.12 33.45 -47.60
N LEU G 269 -3.71 32.49 -48.43
CA LEU G 269 -3.63 32.68 -49.87
C LEU G 269 -5.03 32.91 -50.45
N LEU G 270 -6.05 32.22 -49.92
CA LEU G 270 -7.42 32.42 -50.37
C LEU G 270 -7.93 33.73 -49.77
N GLY G 271 -7.59 33.96 -48.49
CA GLY G 271 -7.99 35.17 -47.79
C GLY G 271 -9.45 35.55 -47.94
N GLY G 272 -9.70 36.74 -48.44
CA GLY G 272 -11.06 37.19 -48.64
C GLY G 272 -11.50 38.21 -47.62
N GLY G 273 -12.77 38.62 -47.69
CA GLY G 273 -13.24 39.63 -46.74
C GLY G 273 -14.62 40.12 -47.08
N GLY G 274 -14.95 41.31 -46.59
CA GLY G 274 -16.26 41.89 -46.82
C GLY G 274 -16.12 42.90 -47.93
N GLY G 279 -9.38 49.97 -44.83
CA GLY G 279 -8.03 50.06 -44.29
C GLY G 279 -6.98 50.23 -45.38
N GLY G 280 -5.73 50.54 -44.99
CA GLY G 280 -4.66 50.74 -45.96
C GLY G 280 -4.05 49.46 -46.54
N PRO G 281 -2.99 49.58 -47.38
CA PRO G 281 -2.32 48.43 -48.01
C PRO G 281 -1.81 47.36 -47.05
N GLY G 282 -1.79 46.12 -47.52
CA GLY G 282 -1.34 45.01 -46.70
C GLY G 282 -2.50 44.27 -46.04
N LYS G 283 -3.73 44.77 -46.29
CA LYS G 283 -4.96 44.19 -45.75
C LYS G 283 -5.34 42.84 -46.41
N GLY G 284 -4.77 42.55 -47.57
CA GLY G 284 -5.03 41.29 -48.26
C GLY G 284 -5.86 41.39 -49.54
N MET G 285 -5.89 42.57 -50.15
CA MET G 285 -6.68 42.77 -51.35
C MET G 285 -6.10 42.04 -52.57
N TYR G 286 -5.00 41.32 -52.39
CA TYR G 286 -4.41 40.54 -53.47
C TYR G 286 -4.50 39.03 -53.25
N SER G 287 -5.45 38.63 -52.42
CA SER G 287 -5.67 37.22 -52.16
C SER G 287 -6.72 36.76 -53.18
N ARG G 288 -6.72 35.48 -53.51
CA ARG G 288 -7.64 34.97 -54.49
C ARG G 288 -9.10 35.28 -54.30
N LEU G 289 -9.65 35.07 -53.12
CA LEU G 289 -11.06 35.34 -52.93
C LEU G 289 -11.39 36.80 -53.24
N TYR G 290 -10.44 37.71 -53.07
CA TYR G 290 -10.73 39.12 -53.41
C TYR G 290 -10.73 39.26 -54.92
N THR G 291 -9.65 38.79 -55.52
CA THR G 291 -9.43 38.82 -56.96
C THR G 291 -10.42 38.05 -57.82
N HIS G 292 -10.68 36.79 -57.50
CA HIS G 292 -11.59 35.96 -58.28
C HIS G 292 -13.04 36.01 -57.87
N VAL G 293 -13.36 36.65 -56.75
CA VAL G 293 -14.75 36.66 -56.34
C VAL G 293 -15.32 38.04 -55.99
N LEU G 294 -14.77 38.69 -54.97
CA LEU G 294 -15.29 40.00 -54.57
C LEU G 294 -15.22 41.03 -55.72
N ASN G 295 -14.05 41.10 -56.35
CA ASN G 295 -13.83 42.03 -57.46
C ASN G 295 -14.58 41.62 -58.74
N GLN G 296 -15.09 40.38 -58.81
CA GLN G 296 -15.80 39.90 -60.01
C GLN G 296 -17.31 39.92 -59.89
N TYR G 297 -17.81 39.40 -58.77
CA TYR G 297 -19.25 39.30 -58.47
C TYR G 297 -19.54 40.18 -57.26
N TYR G 298 -20.56 41.08 -57.37
CA TYR G 298 -20.91 41.95 -56.24
C TYR G 298 -22.20 41.54 -55.64
N PHE G 299 -22.91 40.68 -56.34
CA PHE G 299 -24.11 40.28 -55.70
C PHE G 299 -23.55 39.50 -54.44
N VAL G 300 -22.21 39.41 -54.37
CA VAL G 300 -21.49 38.80 -53.25
C VAL G 300 -20.98 39.91 -52.32
N GLU G 301 -21.52 39.99 -51.11
CA GLU G 301 -21.10 41.04 -50.19
C GLU G 301 -19.96 40.60 -49.28
N ASN G 302 -19.74 39.29 -49.21
CA ASN G 302 -18.67 38.75 -48.38
C ASN G 302 -18.21 37.37 -48.81
N CYS G 303 -16.91 37.14 -48.76
CA CYS G 303 -16.39 35.82 -49.13
C CYS G 303 -15.03 35.66 -48.47
N VAL G 304 -14.92 34.64 -47.62
CA VAL G 304 -13.67 34.44 -46.90
C VAL G 304 -13.38 32.96 -46.59
N ALA G 305 -12.09 32.65 -46.48
CA ALA G 305 -11.62 31.30 -46.18
C ALA G 305 -11.46 31.10 -44.67
N PHE G 306 -12.01 30.01 -44.15
CA PHE G 306 -11.89 29.76 -42.74
C PHE G 306 -11.11 28.46 -42.48
N ASN G 307 -10.45 28.43 -41.32
CA ASN G 307 -9.69 27.27 -40.91
C ASN G 307 -9.82 27.00 -39.41
N HIS G 308 -10.82 26.21 -39.01
CA HIS G 308 -11.02 25.89 -37.60
C HIS G 308 -10.15 24.67 -37.34
N SER G 309 -9.15 24.82 -36.47
CA SER G 309 -8.25 23.72 -36.17
C SER G 309 -8.20 23.38 -34.67
N TYR G 310 -8.43 22.11 -34.33
CA TYR G 310 -8.46 21.71 -32.93
C TYR G 310 -7.47 20.61 -32.61
N SER G 311 -7.55 20.11 -31.39
CA SER G 311 -6.64 19.07 -30.93
C SER G 311 -6.61 17.81 -31.79
N ASP G 312 -7.77 17.35 -32.26
CA ASP G 312 -7.78 16.11 -33.06
C ASP G 312 -8.48 16.17 -34.42
N SER G 313 -8.92 17.36 -34.84
CA SER G 313 -9.61 17.48 -36.10
C SER G 313 -9.73 18.96 -36.43
N GLY G 314 -10.34 19.27 -37.57
CA GLY G 314 -10.55 20.65 -37.96
C GLY G 314 -11.57 20.74 -39.08
N ILE G 315 -11.99 21.96 -39.40
CA ILE G 315 -12.90 22.18 -40.51
C ILE G 315 -12.25 23.27 -41.35
N PHE G 316 -12.14 23.03 -42.65
CA PHE G 316 -11.52 23.99 -43.57
C PHE G 316 -12.49 24.25 -44.72
N GLY G 317 -12.66 25.51 -45.09
CA GLY G 317 -13.62 25.78 -46.15
C GLY G 317 -13.81 27.24 -46.49
N ILE G 318 -14.92 27.54 -47.16
CA ILE G 318 -15.17 28.92 -47.58
C ILE G 318 -16.55 29.38 -47.20
N SER G 319 -16.63 30.61 -46.75
CA SER G 319 -17.88 31.23 -46.35
C SER G 319 -18.24 32.28 -47.39
N LEU G 320 -19.53 32.33 -47.77
CA LEU G 320 -19.99 33.27 -48.78
C LEU G 320 -21.34 33.88 -48.44
N SER G 321 -21.44 35.20 -48.56
CA SER G 321 -22.70 35.88 -48.31
C SER G 321 -23.10 36.63 -49.57
N CYS G 322 -24.34 36.42 -50.01
CA CYS G 322 -24.79 37.08 -51.22
C CYS G 322 -26.26 37.45 -51.19
N ILE G 323 -26.65 38.25 -52.18
CA ILE G 323 -28.02 38.69 -52.35
C ILE G 323 -28.80 37.43 -52.66
N PRO G 324 -30.04 37.35 -52.18
CA PRO G 324 -30.90 36.19 -52.41
C PRO G 324 -30.94 35.71 -53.86
N GLN G 325 -30.92 36.67 -54.79
CA GLN G 325 -31.00 36.35 -56.23
C GLN G 325 -29.83 35.52 -56.72
N ALA G 326 -28.66 35.73 -56.12
CA ALA G 326 -27.47 35.01 -56.54
C ALA G 326 -27.29 33.64 -55.88
N ALA G 327 -28.13 33.33 -54.90
CA ALA G 327 -28.03 32.06 -54.19
C ALA G 327 -27.78 30.87 -55.12
N PRO G 328 -28.56 30.78 -56.22
CA PRO G 328 -28.39 29.67 -57.16
C PRO G 328 -26.98 29.45 -57.67
N GLN G 329 -26.15 30.50 -57.60
CA GLN G 329 -24.77 30.41 -58.08
C GLN G 329 -23.72 30.17 -57.00
N ALA G 330 -24.09 30.44 -55.76
CA ALA G 330 -23.15 30.29 -54.64
C ALA G 330 -22.34 28.99 -54.63
N VAL G 331 -23.00 27.85 -54.57
CA VAL G 331 -22.23 26.63 -54.50
C VAL G 331 -21.15 26.55 -55.58
N GLU G 332 -21.55 26.79 -56.82
CA GLU G 332 -20.62 26.70 -57.92
C GLU G 332 -19.45 27.67 -57.77
N VAL G 333 -19.76 28.91 -57.40
CA VAL G 333 -18.72 29.89 -57.22
C VAL G 333 -17.63 29.38 -56.26
N ILE G 334 -18.09 28.82 -55.15
CA ILE G 334 -17.21 28.29 -54.11
C ILE G 334 -16.46 27.05 -54.64
N ALA G 335 -17.20 26.12 -55.24
CA ALA G 335 -16.56 24.91 -55.76
C ALA G 335 -15.45 25.27 -56.75
N GLN G 336 -15.65 26.27 -57.59
CA GLN G 336 -14.62 26.64 -58.55
C GLN G 336 -13.35 27.08 -57.84
N GLN G 337 -13.52 27.99 -56.88
CA GLN G 337 -12.40 28.50 -56.10
C GLN G 337 -11.59 27.37 -55.45
N MET G 338 -12.28 26.34 -54.97
CA MET G 338 -11.59 25.23 -54.34
C MET G 338 -10.83 24.44 -55.39
N TYR G 339 -11.52 24.17 -56.49
CA TYR G 339 -10.99 23.42 -57.60
C TYR G 339 -9.73 24.09 -58.13
N ASN G 340 -9.80 25.42 -58.30
CA ASN G 340 -8.66 26.18 -58.85
C ASN G 340 -7.40 26.24 -58.00
N THR G 341 -7.42 25.64 -56.83
CA THR G 341 -6.25 25.68 -55.96
C THR G 341 -5.33 24.50 -56.24
N PHE G 342 -5.84 23.48 -56.92
CA PHE G 342 -5.02 22.32 -57.20
C PHE G 342 -5.32 21.56 -58.51
N ALA G 343 -6.60 21.48 -58.88
CA ALA G 343 -7.00 20.74 -60.09
C ALA G 343 -7.09 21.54 -61.41
N ASN G 344 -6.66 22.79 -61.40
CA ASN G 344 -6.73 23.57 -62.62
C ASN G 344 -5.31 23.89 -63.11
N LYS G 345 -4.84 23.07 -64.04
CA LYS G 345 -3.50 23.19 -64.61
C LYS G 345 -3.15 24.61 -65.09
N ASP G 346 -4.16 25.43 -65.32
CA ASP G 346 -3.93 26.81 -65.77
C ASP G 346 -4.08 27.86 -64.66
N LEU G 347 -4.41 27.42 -63.45
CA LEU G 347 -4.57 28.32 -62.30
C LEU G 347 -3.77 27.80 -61.12
N ARG G 348 -2.73 27.04 -61.42
CA ARG G 348 -1.86 26.48 -60.40
C ARG G 348 -1.42 27.63 -59.49
N LEU G 349 -1.02 27.31 -58.26
CA LEU G 349 -0.59 28.35 -57.32
C LEU G 349 0.79 28.88 -57.71
N THR G 350 0.91 30.20 -57.81
CA THR G 350 2.18 30.81 -58.22
C THR G 350 3.16 31.15 -57.11
N GLU G 351 4.43 31.25 -57.48
CA GLU G 351 5.49 31.59 -56.55
C GLU G 351 5.11 32.88 -55.81
N ASP G 352 4.60 33.85 -56.55
CA ASP G 352 4.20 35.12 -55.97
C ASP G 352 3.08 34.97 -54.96
N GLU G 353 2.03 34.25 -55.34
CA GLU G 353 0.92 34.04 -54.44
C GLU G 353 1.44 33.42 -53.14
N VAL G 354 2.09 32.27 -53.27
CA VAL G 354 2.62 31.56 -52.12
C VAL G 354 3.60 32.37 -51.29
N SER G 355 4.49 33.11 -51.95
CA SER G 355 5.47 33.91 -51.23
C SER G 355 4.76 34.99 -50.41
N ARG G 356 3.77 35.63 -51.03
CA ARG G 356 3.01 36.67 -50.33
C ARG G 356 2.21 36.08 -49.14
N ALA G 357 1.50 34.99 -49.40
CA ALA G 357 0.69 34.36 -48.36
C ALA G 357 1.58 33.98 -47.18
N LYS G 358 2.75 33.43 -47.49
CA LYS G 358 3.68 33.03 -46.46
C LYS G 358 4.06 34.23 -45.58
N ASN G 359 4.50 35.31 -46.20
CA ASN G 359 4.87 36.49 -45.42
C ASN G 359 3.68 37.06 -44.63
N GLN G 360 2.48 37.00 -45.17
CA GLN G 360 1.34 37.53 -44.44
C GLN G 360 0.98 36.64 -43.26
N LEU G 361 1.31 35.35 -43.38
CA LEU G 361 1.03 34.43 -42.30
C LEU G 361 2.04 34.72 -41.20
N LYS G 362 3.33 34.73 -41.53
CA LYS G 362 4.36 35.01 -40.53
C LYS G 362 4.06 36.30 -39.80
N SER G 363 3.68 37.28 -40.59
CA SER G 363 3.38 38.60 -40.11
C SER G 363 2.26 38.63 -39.07
N SER G 364 1.10 38.07 -39.38
CA SER G 364 0.01 38.13 -38.40
C SER G 364 0.33 37.33 -37.14
N LEU G 365 1.06 36.23 -37.27
CA LEU G 365 1.42 35.45 -36.09
C LEU G 365 2.33 36.27 -35.20
N LEU G 366 3.47 36.68 -35.75
CA LEU G 366 4.44 37.45 -35.01
C LEU G 366 3.89 38.75 -34.44
N MET G 367 3.10 39.46 -35.22
CA MET G 367 2.56 40.73 -34.74
C MET G 367 1.55 40.53 -33.64
N ASN G 368 0.84 39.42 -33.70
CA ASN G 368 -0.15 39.16 -32.68
C ASN G 368 0.51 38.80 -31.35
N LEU G 369 1.60 38.05 -31.46
CA LEU G 369 2.42 37.61 -30.32
C LEU G 369 3.17 38.78 -29.65
N GLU G 370 2.95 40.00 -30.14
CA GLU G 370 3.60 41.17 -29.55
C GLU G 370 2.90 41.44 -28.23
N SER G 371 1.64 41.03 -28.15
CA SER G 371 0.84 41.22 -26.94
C SER G 371 1.19 40.15 -25.91
N LYS G 372 1.37 40.55 -24.66
CA LYS G 372 1.68 39.58 -23.60
C LYS G 372 0.52 38.63 -23.37
N LEU G 373 -0.70 39.15 -23.39
CA LEU G 373 -1.86 38.33 -23.17
C LEU G 373 -1.92 37.27 -24.27
N VAL G 374 -1.54 37.62 -25.48
CA VAL G 374 -1.60 36.65 -26.55
C VAL G 374 -0.50 35.65 -26.37
N GLU G 375 0.67 36.10 -25.96
CA GLU G 375 1.77 35.19 -25.71
C GLU G 375 1.36 34.22 -24.60
N LEU G 376 0.65 34.75 -23.61
CA LEU G 376 0.19 33.97 -22.47
C LEU G 376 -0.76 32.85 -22.88
N GLU G 377 -1.85 33.24 -23.54
CA GLU G 377 -2.84 32.28 -23.96
C GLU G 377 -2.24 31.22 -24.87
N ASP G 378 -1.38 31.63 -25.78
CA ASP G 378 -0.79 30.67 -26.67
C ASP G 378 0.08 29.67 -25.89
N MET G 379 0.81 30.15 -24.89
CA MET G 379 1.65 29.27 -24.08
C MET G 379 0.79 28.34 -23.24
N GLY G 380 -0.24 28.92 -22.61
CA GLY G 380 -1.14 28.14 -21.79
C GLY G 380 -1.84 27.03 -22.53
N ARG G 381 -2.35 27.33 -23.72
CA ARG G 381 -3.06 26.32 -24.49
C ARG G 381 -2.12 25.28 -25.07
N GLN G 382 -0.92 25.68 -25.48
CA GLN G 382 -0.01 24.70 -26.04
C GLN G 382 0.38 23.69 -24.97
N VAL G 383 0.73 24.21 -23.80
CA VAL G 383 1.15 23.33 -22.72
C VAL G 383 0.01 22.43 -22.33
N LEU G 384 -1.17 23.01 -22.22
CA LEU G 384 -2.33 22.21 -21.88
C LEU G 384 -2.53 21.06 -22.88
N MET G 385 -2.33 21.34 -24.16
CA MET G 385 -2.54 20.33 -25.16
C MET G 385 -1.42 19.33 -25.37
N HIS G 386 -0.16 19.76 -25.52
CA HIS G 386 0.86 18.75 -25.70
C HIS G 386 2.06 18.88 -24.79
N GLY G 387 1.86 19.57 -23.67
CA GLY G 387 2.93 19.73 -22.70
C GLY G 387 4.26 20.30 -23.16
N ARG G 388 4.24 21.27 -24.09
CA ARG G 388 5.46 21.89 -24.58
C ARG G 388 5.04 23.19 -25.27
N LYS G 389 5.98 24.10 -25.45
CA LYS G 389 5.68 25.34 -26.14
C LYS G 389 6.60 25.40 -27.33
N ILE G 390 6.03 25.29 -28.51
CA ILE G 390 6.83 25.35 -29.70
C ILE G 390 7.43 26.75 -29.76
N PRO G 391 8.75 26.84 -29.94
CA PRO G 391 9.38 28.15 -30.00
C PRO G 391 9.08 28.84 -31.32
N VAL G 392 9.04 30.17 -31.29
CA VAL G 392 8.76 30.95 -32.49
C VAL G 392 9.68 30.58 -33.66
N ASN G 393 10.99 30.53 -33.42
CA ASN G 393 11.97 30.19 -34.44
C ASN G 393 11.56 29.01 -35.31
N GLU G 394 11.19 27.93 -34.65
CA GLU G 394 10.80 26.70 -35.31
C GLU G 394 9.58 26.91 -36.19
N MET G 395 8.65 27.69 -35.67
CA MET G 395 7.42 28.00 -36.36
C MET G 395 7.72 28.79 -37.65
N ILE G 396 8.52 29.83 -37.53
CA ILE G 396 8.87 30.64 -38.69
C ILE G 396 9.59 29.79 -39.74
N SER G 397 10.61 29.05 -39.31
CA SER G 397 11.35 28.18 -40.21
C SER G 397 10.44 27.26 -41.01
N LYS G 398 9.50 26.59 -40.34
CA LYS G 398 8.61 25.68 -41.05
C LYS G 398 7.75 26.43 -42.07
N ILE G 399 7.47 27.70 -41.82
CA ILE G 399 6.67 28.46 -42.79
C ILE G 399 7.54 28.88 -43.98
N GLU G 400 8.76 29.35 -43.71
CA GLU G 400 9.65 29.78 -44.79
C GLU G 400 10.08 28.66 -45.71
N ASP G 401 10.13 27.44 -45.22
CA ASP G 401 10.52 26.32 -46.07
C ASP G 401 9.39 25.80 -46.98
N LEU G 402 8.20 26.40 -46.87
CA LEU G 402 7.09 25.98 -47.69
C LEU G 402 7.27 26.39 -49.16
N LYS G 403 6.94 25.48 -50.07
CA LYS G 403 7.04 25.71 -51.52
C LYS G 403 5.67 25.47 -52.14
N PRO G 404 5.35 26.13 -53.27
CA PRO G 404 4.05 25.96 -53.92
C PRO G 404 3.45 24.55 -53.92
N ASP G 405 4.24 23.53 -54.25
CA ASP G 405 3.71 22.15 -54.25
C ASP G 405 3.14 21.71 -52.91
N ASP G 406 3.75 22.17 -51.83
CA ASP G 406 3.29 21.84 -50.48
C ASP G 406 1.85 22.33 -50.34
N ILE G 407 1.60 23.59 -50.69
CA ILE G 407 0.26 24.15 -50.58
C ILE G 407 -0.71 23.40 -51.50
N SER G 408 -0.26 23.06 -52.71
CA SER G 408 -1.09 22.33 -53.66
C SER G 408 -1.45 20.96 -53.16
N ARG G 409 -0.45 20.28 -52.60
CA ARG G 409 -0.64 18.94 -52.09
C ARG G 409 -1.66 18.96 -50.94
N VAL G 410 -1.59 19.96 -50.07
CA VAL G 410 -2.52 20.04 -48.94
C VAL G 410 -3.91 20.44 -49.42
N ALA G 411 -3.97 21.35 -50.38
CA ALA G 411 -5.24 21.79 -50.93
C ALA G 411 -5.98 20.57 -51.47
N GLU G 412 -5.27 19.74 -52.22
CA GLU G 412 -5.87 18.54 -52.81
C GLU G 412 -6.34 17.57 -51.73
N MET G 413 -5.48 17.34 -50.75
CA MET G 413 -5.82 16.44 -49.66
C MET G 413 -7.14 16.84 -48.96
N ILE G 414 -7.26 18.12 -48.62
CA ILE G 414 -8.44 18.60 -47.93
C ILE G 414 -9.70 18.54 -48.77
N PHE G 415 -9.64 19.19 -49.93
CA PHE G 415 -10.79 19.28 -50.81
C PHE G 415 -11.20 17.98 -51.47
N THR G 416 -10.32 17.00 -51.42
CA THR G 416 -10.57 15.70 -52.01
C THR G 416 -11.21 14.81 -50.96
N GLY G 417 -11.23 15.29 -49.72
CA GLY G 417 -11.81 14.53 -48.64
C GLY G 417 -10.86 13.42 -48.21
N ASN G 418 -9.56 13.66 -48.36
CA ASN G 418 -8.57 12.65 -48.02
C ASN G 418 -7.76 12.91 -46.76
N VAL G 419 -8.43 13.37 -45.73
CA VAL G 419 -7.74 13.61 -44.47
C VAL G 419 -7.96 12.39 -43.60
N ASN G 420 -6.94 11.95 -42.88
CA ASN G 420 -7.09 10.79 -42.01
C ASN G 420 -6.70 11.13 -40.59
N ASN G 421 -7.66 11.64 -39.83
CA ASN G 421 -7.42 12.00 -38.45
C ASN G 421 -7.80 10.81 -37.58
N ALA G 422 -7.44 10.85 -36.31
CA ALA G 422 -7.72 9.79 -35.34
C ALA G 422 -9.17 9.33 -35.35
N GLY G 423 -10.10 10.26 -35.54
CA GLY G 423 -11.50 9.90 -35.55
C GLY G 423 -11.98 9.26 -36.84
N ASN G 424 -11.09 9.17 -37.83
CA ASN G 424 -11.41 8.57 -39.12
C ASN G 424 -12.71 9.11 -39.72
N GLY G 425 -12.68 10.39 -40.09
CA GLY G 425 -13.86 11.03 -40.63
C GLY G 425 -14.17 10.64 -42.06
N LYS G 426 -15.43 10.86 -42.46
CA LYS G 426 -15.90 10.57 -43.80
C LYS G 426 -15.30 11.66 -44.67
N GLY G 427 -15.34 11.49 -45.99
CA GLY G 427 -14.79 12.53 -46.83
C GLY G 427 -15.93 13.37 -47.38
N ARG G 428 -17.05 13.36 -46.67
CA ARG G 428 -18.20 14.11 -47.13
C ARG G 428 -18.06 15.60 -46.76
N ALA G 429 -18.61 16.46 -47.59
CA ALA G 429 -18.54 17.88 -47.32
C ALA G 429 -19.55 18.32 -46.27
N THR G 430 -19.29 19.48 -45.69
CA THR G 430 -20.20 20.02 -44.72
C THR G 430 -20.71 21.27 -45.40
N VAL G 431 -22.02 21.36 -45.55
CA VAL G 431 -22.60 22.52 -46.18
C VAL G 431 -23.72 22.98 -45.30
N VAL G 432 -23.62 24.24 -44.95
CA VAL G 432 -24.58 24.81 -44.05
C VAL G 432 -25.03 26.15 -44.65
N MET G 433 -26.31 26.45 -44.58
CA MET G 433 -26.77 27.71 -45.14
C MET G 433 -27.99 28.37 -44.49
N GLN G 434 -28.10 29.69 -44.71
CA GLN G 434 -29.25 30.44 -44.21
C GLN G 434 -29.94 31.09 -45.43
N GLY G 435 -31.22 30.78 -45.60
CA GLY G 435 -32.01 31.32 -46.71
C GLY G 435 -33.01 30.25 -47.14
N ASP G 436 -33.66 30.39 -48.29
CA ASP G 436 -34.57 29.35 -48.73
C ASP G 436 -33.72 28.21 -49.28
N ARG G 437 -33.92 27.00 -48.78
CA ARG G 437 -33.11 25.87 -49.23
C ARG G 437 -33.09 25.69 -50.75
N GLY G 438 -34.27 25.80 -51.38
CA GLY G 438 -34.36 25.66 -52.82
C GLY G 438 -33.36 26.51 -53.57
N SER G 439 -33.24 27.77 -53.17
CA SER G 439 -32.33 28.71 -53.83
C SER G 439 -30.87 28.29 -54.04
N PHE G 440 -30.41 27.27 -53.33
CA PHE G 440 -29.02 26.87 -53.47
C PHE G 440 -28.83 25.74 -54.46
N GLY G 441 -29.95 25.14 -54.86
CA GLY G 441 -29.91 24.08 -55.83
C GLY G 441 -29.40 22.75 -55.32
N ASP G 442 -28.99 21.91 -56.26
CA ASP G 442 -28.47 20.59 -55.94
C ASP G 442 -27.03 20.77 -55.52
N VAL G 443 -26.82 21.01 -54.23
CA VAL G 443 -25.50 21.24 -53.68
C VAL G 443 -24.58 20.05 -53.85
N GLU G 444 -25.05 18.85 -53.53
CA GLU G 444 -24.19 17.69 -53.65
C GLU G 444 -23.75 17.39 -55.08
N ASN G 445 -24.65 17.64 -56.03
CA ASN G 445 -24.33 17.37 -57.42
C ASN G 445 -23.28 18.33 -57.97
N VAL G 446 -23.32 19.59 -57.54
CA VAL G 446 -22.35 20.56 -57.99
C VAL G 446 -20.97 20.22 -57.47
N LEU G 447 -20.90 19.84 -56.20
CA LEU G 447 -19.63 19.50 -55.60
C LEU G 447 -19.03 18.29 -56.28
N LYS G 448 -19.85 17.26 -56.54
CA LYS G 448 -19.35 16.05 -57.20
C LYS G 448 -18.88 16.44 -58.60
N ALA G 449 -19.67 17.28 -59.24
CA ALA G 449 -19.33 17.72 -60.57
C ALA G 449 -17.94 18.33 -60.60
N TYR G 450 -17.39 18.72 -59.44
CA TYR G 450 -16.05 19.32 -59.45
C TYR G 450 -15.01 18.39 -58.86
N GLY G 451 -15.40 17.15 -58.58
CA GLY G 451 -14.45 16.21 -58.01
C GLY G 451 -14.06 16.55 -56.59
N LEU G 452 -14.91 17.33 -55.92
CA LEU G 452 -14.67 17.70 -54.54
C LEU G 452 -15.28 16.65 -53.60
N GLY G 453 -14.63 16.39 -52.48
CA GLY G 453 -15.14 15.41 -51.54
C GLY G 453 -14.80 13.98 -51.92
N ASN G 454 -15.24 13.04 -51.10
CA ASN G 454 -14.99 11.62 -51.31
C ASN G 454 -16.24 10.77 -51.06
N ILE H 4 14.20 45.62 -17.40
CA ILE H 4 14.50 47.08 -17.40
C ILE H 4 14.69 47.58 -18.84
N PRO H 5 13.64 48.18 -19.45
CA PRO H 5 13.64 48.72 -20.83
C PRO H 5 13.26 50.23 -20.97
N GLY H 6 14.10 51.04 -21.61
CA GLY H 6 13.80 52.47 -21.75
C GLY H 6 13.76 53.01 -23.18
N THR H 7 13.52 54.30 -23.34
CA THR H 7 13.44 54.93 -24.67
C THR H 7 14.74 55.67 -25.08
N ARG H 8 15.42 55.19 -26.12
CA ARG H 8 16.65 55.83 -26.64
C ARG H 8 16.24 56.97 -27.57
N THR H 9 16.99 58.08 -27.51
CA THR H 9 16.70 59.22 -28.35
C THR H 9 17.93 59.73 -29.11
N SER H 10 17.69 60.35 -30.26
CA SER H 10 18.73 60.90 -31.13
C SER H 10 18.13 61.96 -32.05
N LYS H 11 18.88 63.02 -32.29
CA LYS H 11 18.44 64.11 -33.16
C LYS H 11 19.32 64.12 -34.42
N LEU H 12 18.67 64.24 -35.58
CA LEU H 12 19.34 64.29 -36.87
C LEU H 12 19.75 65.77 -37.09
N PRO H 13 20.71 66.01 -38.01
CA PRO H 13 21.14 67.39 -38.27
C PRO H 13 20.02 68.35 -38.70
N ASN H 14 19.03 67.86 -39.45
CA ASN H 14 17.92 68.72 -39.86
C ASN H 14 16.86 68.94 -38.76
N GLY H 15 17.15 68.44 -37.55
CA GLY H 15 16.20 68.59 -36.45
C GLY H 15 15.35 67.38 -36.08
N LEU H 16 15.08 66.51 -37.05
CA LEU H 16 14.29 65.30 -36.85
C LEU H 16 14.74 64.48 -35.64
N THR H 17 13.77 64.08 -34.83
CA THR H 17 14.04 63.29 -33.64
C THR H 17 13.74 61.81 -33.87
N ILE H 18 14.63 60.95 -33.38
CA ILE H 18 14.47 59.50 -33.52
C ILE H 18 14.31 58.88 -32.13
N ALA H 19 13.09 58.46 -31.79
CA ALA H 19 12.78 57.85 -30.49
C ALA H 19 12.42 56.37 -30.67
N THR H 20 13.04 55.51 -29.87
CA THR H 20 12.87 54.07 -30.00
C THR H 20 12.78 53.29 -28.70
N GLU H 21 12.02 52.17 -28.68
CA GLU H 21 11.98 51.30 -27.50
C GLU H 21 12.06 49.87 -27.95
N TYR H 22 13.16 49.21 -27.62
CA TYR H 22 13.37 47.82 -27.99
C TYR H 22 12.49 46.90 -27.14
N ILE H 23 11.83 45.94 -27.78
CA ILE H 23 10.99 44.97 -27.09
C ILE H 23 11.66 43.60 -27.24
N PRO H 24 12.19 43.04 -26.15
CA PRO H 24 12.85 41.72 -26.19
C PRO H 24 11.94 40.60 -26.70
N ASN H 25 12.52 39.59 -27.35
CA ASN H 25 11.75 38.45 -27.87
C ASN H 25 10.67 38.81 -28.87
N THR H 26 11.04 39.61 -29.87
CA THR H 26 10.07 39.96 -30.91
C THR H 26 10.82 39.94 -32.24
N SER H 27 10.07 39.82 -33.32
CA SER H 27 10.68 39.77 -34.65
C SER H 27 9.92 40.69 -35.58
N SER H 28 9.11 41.55 -34.99
CA SER H 28 8.31 42.48 -35.77
C SER H 28 8.34 43.82 -35.07
N ALA H 29 7.90 44.86 -35.75
CA ALA H 29 7.94 46.17 -35.15
C ALA H 29 7.00 47.12 -35.83
N THR H 30 6.96 48.33 -35.29
CA THR H 30 6.13 49.38 -35.83
C THR H 30 6.99 50.62 -35.94
N VAL H 31 6.94 51.28 -37.09
CA VAL H 31 7.71 52.52 -37.29
C VAL H 31 6.72 53.58 -37.72
N GLY H 32 6.85 54.77 -37.17
CA GLY H 32 5.92 55.82 -37.54
C GLY H 32 6.53 57.19 -37.52
N ILE H 33 6.13 57.99 -38.51
CA ILE H 33 6.62 59.35 -38.65
C ILE H 33 5.49 60.28 -38.21
N PHE H 34 5.77 61.05 -37.17
CA PHE H 34 4.80 61.99 -36.60
C PHE H 34 5.22 63.41 -36.91
N VAL H 35 4.29 64.19 -37.43
CA VAL H 35 4.55 65.58 -37.79
C VAL H 35 3.65 66.55 -37.03
N ASP H 36 4.26 67.56 -36.43
CA ASP H 36 3.49 68.58 -35.71
C ASP H 36 2.86 69.45 -36.79
N ALA H 37 1.66 69.08 -37.20
CA ALA H 37 0.96 69.82 -38.26
C ALA H 37 -0.54 69.73 -38.06
N GLY H 38 -1.16 68.78 -38.73
CA GLY H 38 -2.61 68.61 -38.62
C GLY H 38 -3.40 69.80 -39.09
N SER H 39 -4.69 69.83 -38.80
CA SER H 39 -5.52 70.94 -39.25
C SER H 39 -5.31 72.28 -38.53
N ARG H 40 -4.65 72.28 -37.37
CA ARG H 40 -4.42 73.53 -36.65
C ARG H 40 -3.37 74.41 -37.36
N ALA H 41 -2.77 73.86 -38.42
CA ALA H 41 -1.75 74.60 -39.18
C ALA H 41 -2.38 75.17 -40.46
N GLU H 42 -3.69 75.09 -40.57
CA GLU H 42 -4.40 75.61 -41.74
C GLU H 42 -5.10 76.92 -41.37
N ASN H 43 -5.62 77.60 -42.39
CA ASN H 43 -6.34 78.85 -42.17
C ASN H 43 -7.75 78.63 -42.73
N VAL H 44 -8.59 79.66 -42.64
CA VAL H 44 -9.99 79.53 -43.09
C VAL H 44 -10.18 79.01 -44.51
N LYS H 45 -9.36 79.48 -45.44
CA LYS H 45 -9.48 79.05 -46.84
C LYS H 45 -8.68 77.79 -47.10
N ASN H 46 -7.74 77.54 -46.20
CA ASN H 46 -6.81 76.41 -46.25
C ASN H 46 -7.41 75.14 -45.63
N ASN H 47 -8.28 75.35 -44.63
CA ASN H 47 -8.97 74.30 -43.87
C ASN H 47 -9.39 73.04 -44.65
N GLY H 48 -8.85 71.89 -44.22
CA GLY H 48 -9.17 70.62 -44.85
C GLY H 48 -8.01 70.03 -45.66
N THR H 49 -6.98 70.83 -45.87
CA THR H 49 -5.82 70.41 -46.67
C THR H 49 -5.07 69.20 -46.10
N ALA H 50 -4.73 69.24 -44.82
CA ALA H 50 -3.98 68.15 -44.20
C ALA H 50 -4.65 66.81 -44.43
N HIS H 51 -5.94 66.75 -44.12
CA HIS H 51 -6.67 65.51 -44.36
C HIS H 51 -6.56 65.11 -45.83
N PHE H 52 -6.87 66.06 -46.72
CA PHE H 52 -6.83 65.79 -48.14
C PHE H 52 -5.49 65.14 -48.51
N LEU H 53 -4.42 65.74 -48.03
CA LEU H 53 -3.06 65.21 -48.29
C LEU H 53 -2.92 63.74 -47.91
N GLN H 54 -3.56 63.41 -46.77
CA GLN H 54 -3.50 62.03 -46.21
C GLN H 54 -4.10 61.06 -47.28
N HIS H 55 -5.22 61.41 -47.91
CA HIS H 55 -5.75 60.53 -48.95
C HIS H 55 -4.81 60.42 -50.12
N LEU H 56 -4.24 61.54 -50.56
CA LEU H 56 -3.34 61.55 -51.71
C LEU H 56 -1.98 60.87 -51.54
N ALA H 57 -1.45 60.89 -50.32
CA ALA H 57 -0.15 60.27 -50.09
C ALA H 57 -0.13 58.76 -50.44
N PHE H 58 -1.29 58.17 -50.72
CA PHE H 58 -1.36 56.75 -51.09
C PHE H 58 -1.62 56.53 -52.59
N LYS H 59 -1.73 57.64 -53.33
CA LYS H 59 -2.02 57.58 -54.75
C LYS H 59 -0.80 57.52 -55.68
N GLY H 60 0.41 57.54 -55.12
CA GLY H 60 1.57 57.48 -55.97
C GLY H 60 2.64 58.49 -55.63
N THR H 61 3.90 58.06 -55.72
CA THR H 61 5.02 58.93 -55.44
C THR H 61 5.89 58.98 -56.69
N GLN H 62 6.90 59.84 -56.65
CA GLN H 62 7.82 60.01 -57.77
C GLN H 62 8.71 58.78 -57.91
N ASN H 63 8.45 57.75 -57.12
CA ASN H 63 9.25 56.53 -57.19
C ASN H 63 8.37 55.28 -57.28
N ARG H 64 7.15 55.41 -56.77
CA ARG H 64 6.23 54.28 -56.78
C ARG H 64 4.80 54.68 -57.12
N PRO H 65 4.22 53.99 -58.12
CA PRO H 65 2.81 54.31 -58.50
C PRO H 65 1.97 53.72 -57.36
N GLN H 66 0.69 54.09 -57.31
CA GLN H 66 -0.18 53.57 -56.26
C GLN H 66 -0.12 52.05 -56.11
N GLN H 67 -0.56 51.33 -57.14
CA GLN H 67 -0.57 49.89 -57.10
C GLN H 67 0.81 49.29 -56.77
N GLY H 68 1.87 50.08 -56.93
CA GLY H 68 3.20 49.57 -56.65
C GLY H 68 3.50 49.55 -55.16
N ILE H 69 2.90 50.51 -54.46
CA ILE H 69 3.06 50.63 -53.02
C ILE H 69 2.28 49.48 -52.35
N GLU H 70 1.00 49.36 -52.68
CA GLU H 70 0.16 48.32 -52.12
C GLU H 70 0.82 46.97 -52.30
N LEU H 71 1.07 46.62 -53.55
CA LEU H 71 1.66 45.35 -53.88
C LEU H 71 2.98 45.08 -53.14
N GLU H 72 3.79 46.10 -52.89
CA GLU H 72 5.05 45.87 -52.21
C GLU H 72 4.83 45.50 -50.74
N ILE H 73 3.94 46.26 -50.08
CA ILE H 73 3.61 46.05 -48.68
C ILE H 73 2.99 44.66 -48.46
N GLU H 74 2.00 44.35 -49.29
CA GLU H 74 1.34 43.06 -49.20
C GLU H 74 2.30 41.87 -49.39
N ASN H 75 3.29 41.99 -50.26
CA ASN H 75 4.20 40.88 -50.49
C ASN H 75 5.15 40.55 -49.33
N ILE H 76 5.47 41.54 -48.50
CA ILE H 76 6.36 41.27 -47.36
C ILE H 76 5.55 41.18 -46.08
N GLY H 77 4.24 41.33 -46.22
CA GLY H 77 3.36 41.21 -45.08
C GLY H 77 3.41 42.39 -44.14
N SER H 78 3.52 43.59 -44.68
CA SER H 78 3.53 44.76 -43.81
C SER H 78 2.17 45.40 -43.83
N HIS H 79 2.03 46.50 -43.10
CA HIS H 79 0.77 47.21 -43.04
C HIS H 79 1.07 48.66 -43.05
N LEU H 80 0.28 49.39 -43.81
CA LEU H 80 0.49 50.82 -43.94
C LEU H 80 -0.77 51.57 -43.51
N ASN H 81 -0.61 52.59 -42.69
CA ASN H 81 -1.76 53.36 -42.24
C ASN H 81 -1.39 54.77 -41.89
N ALA H 82 -2.40 55.58 -41.62
CA ALA H 82 -2.15 56.96 -41.28
C ALA H 82 -3.41 57.62 -40.76
N TYR H 83 -3.25 58.82 -40.20
CA TYR H 83 -4.36 59.59 -39.65
C TYR H 83 -3.93 61.02 -39.39
N THR H 84 -4.94 61.89 -39.39
CA THR H 84 -4.78 63.30 -39.20
C THR H 84 -5.66 63.73 -38.04
N SER H 85 -5.07 64.49 -37.14
CA SER H 85 -5.82 65.01 -35.98
C SER H 85 -5.69 66.52 -36.07
N ARG H 86 -6.24 67.25 -35.11
CA ARG H 86 -6.14 68.71 -35.16
C ARG H 86 -4.69 69.16 -34.91
N GLU H 87 -3.87 68.30 -34.31
CA GLU H 87 -2.49 68.64 -34.00
C GLU H 87 -1.43 67.95 -34.81
N ASN H 88 -1.70 66.76 -35.32
CA ASN H 88 -0.66 66.05 -36.05
C ASN H 88 -1.10 65.34 -37.28
N THR H 89 -0.07 64.93 -38.02
CA THR H 89 -0.21 64.16 -39.24
C THR H 89 0.68 62.99 -38.87
N VAL H 90 0.18 61.78 -39.08
CA VAL H 90 0.94 60.60 -38.71
C VAL H 90 0.83 59.51 -39.75
N TYR H 91 1.96 58.93 -40.10
CA TYR H 91 1.95 57.82 -41.04
C TYR H 91 2.81 56.73 -40.39
N TYR H 92 2.32 55.49 -40.40
CA TYR H 92 3.09 54.42 -39.78
C TYR H 92 2.94 53.08 -40.47
N ALA H 93 3.89 52.21 -40.21
CA ALA H 93 3.90 50.89 -40.81
C ALA H 93 4.21 49.82 -39.77
N LYS H 94 3.73 48.61 -40.05
CA LYS H 94 3.98 47.46 -39.20
C LYS H 94 4.63 46.42 -40.11
N SER H 95 5.74 45.83 -39.67
CA SER H 95 6.38 44.83 -40.50
C SER H 95 7.36 43.92 -39.79
N LEU H 96 7.75 42.84 -40.46
CA LEU H 96 8.72 41.91 -39.91
C LEU H 96 9.97 42.78 -39.73
N GLN H 97 10.81 42.47 -38.75
CA GLN H 97 12.01 43.25 -38.49
C GLN H 97 12.93 43.45 -39.70
N GLU H 98 13.03 42.44 -40.57
CA GLU H 98 13.88 42.55 -41.75
C GLU H 98 13.45 43.72 -42.62
N ASP H 99 12.14 43.97 -42.69
CA ASP H 99 11.62 45.04 -43.53
C ASP H 99 11.55 46.45 -42.92
N ILE H 100 12.14 46.66 -41.74
CA ILE H 100 12.06 47.99 -41.14
C ILE H 100 12.62 49.09 -42.08
N PRO H 101 13.82 48.88 -42.63
CA PRO H 101 14.39 49.89 -43.54
C PRO H 101 13.48 50.12 -44.75
N LYS H 102 13.00 49.04 -45.34
CA LYS H 102 12.08 49.18 -46.48
C LYS H 102 10.90 50.04 -46.03
N ALA H 103 10.57 49.94 -44.76
CA ALA H 103 9.44 50.68 -44.20
C ALA H 103 9.69 52.16 -44.05
N VAL H 104 10.89 52.51 -43.58
CA VAL H 104 11.24 53.93 -43.41
C VAL H 104 11.30 54.57 -44.79
N ASP H 105 11.91 53.86 -45.73
CA ASP H 105 12.03 54.32 -47.10
C ASP H 105 10.63 54.69 -47.63
N ILE H 106 9.72 53.73 -47.62
CA ILE H 106 8.36 53.96 -48.11
C ILE H 106 7.62 55.09 -47.38
N LEU H 107 7.83 55.20 -46.07
CA LEU H 107 7.16 56.25 -45.30
C LEU H 107 7.64 57.62 -45.78
N SER H 108 8.96 57.79 -45.85
CA SER H 108 9.52 59.06 -46.32
C SER H 108 9.00 59.35 -47.72
N ASP H 109 9.03 58.33 -48.57
CA ASP H 109 8.58 58.46 -49.95
C ASP H 109 7.16 58.97 -50.08
N ILE H 110 6.26 58.42 -49.28
CA ILE H 110 4.86 58.81 -49.32
C ILE H 110 4.56 60.15 -48.70
N LEU H 111 5.39 60.55 -47.73
CA LEU H 111 5.18 61.81 -47.03
C LEU H 111 5.78 63.00 -47.75
N THR H 112 6.94 62.81 -48.38
CA THR H 112 7.63 63.92 -49.06
C THR H 112 7.75 63.90 -50.59
N LYS H 113 7.56 62.74 -51.22
CA LYS H 113 7.69 62.68 -52.66
C LYS H 113 6.41 62.20 -53.35
N SER H 114 5.28 62.59 -52.78
CA SER H 114 4.00 62.20 -53.34
C SER H 114 3.72 63.00 -54.60
N VAL H 115 3.32 62.27 -55.64
CA VAL H 115 3.02 62.84 -56.96
C VAL H 115 2.00 63.98 -56.96
N LEU H 116 0.87 63.76 -56.29
CA LEU H 116 -0.21 64.77 -56.22
C LEU H 116 -0.75 65.09 -57.62
N ASP H 117 -1.06 64.04 -58.37
CA ASP H 117 -1.60 64.19 -59.72
C ASP H 117 -2.90 65.02 -59.71
N ASN H 118 -3.03 65.92 -60.70
CA ASN H 118 -4.23 66.76 -60.78
C ASN H 118 -5.52 65.99 -60.98
N SER H 119 -5.43 64.91 -61.76
CA SER H 119 -6.60 64.06 -62.03
C SER H 119 -7.01 63.43 -60.70
N ALA H 120 -6.01 62.93 -59.96
CA ALA H 120 -6.25 62.31 -58.65
C ALA H 120 -6.95 63.33 -57.73
N ILE H 121 -6.35 64.51 -57.61
CA ILE H 121 -6.90 65.57 -56.78
C ILE H 121 -8.38 65.82 -57.03
N GLU H 122 -8.80 65.68 -58.28
CA GLU H 122 -10.22 65.91 -58.59
C GLU H 122 -11.12 64.71 -58.22
N ARG H 123 -10.65 63.50 -58.55
CA ARG H 123 -11.42 62.29 -58.26
C ARG H 123 -11.67 62.07 -56.78
N GLU H 124 -10.74 62.56 -55.96
CA GLU H 124 -10.81 62.40 -54.50
C GLU H 124 -11.81 63.35 -53.83
N ARG H 125 -12.05 64.52 -54.45
CA ARG H 125 -12.98 65.52 -53.88
C ARG H 125 -14.29 64.86 -53.51
N ASP H 126 -14.69 63.90 -54.34
CA ASP H 126 -15.94 63.18 -54.14
C ASP H 126 -15.88 62.22 -52.95
N VAL H 127 -14.75 61.51 -52.82
CA VAL H 127 -14.60 60.57 -51.71
C VAL H 127 -14.71 61.33 -50.39
N ILE H 128 -14.07 62.50 -50.32
CA ILE H 128 -14.08 63.33 -49.10
C ILE H 128 -15.48 63.84 -48.76
N ILE H 129 -16.28 64.14 -49.79
CA ILE H 129 -17.63 64.62 -49.57
C ILE H 129 -18.44 63.49 -48.96
N ARG H 130 -18.32 62.31 -49.57
CA ARG H 130 -18.99 61.09 -49.10
C ARG H 130 -18.66 60.96 -47.62
N GLU H 131 -17.35 61.01 -47.34
CA GLU H 131 -16.78 60.89 -46.01
C GLU H 131 -17.46 61.90 -45.07
N SER H 132 -17.55 63.15 -45.51
CA SER H 132 -18.17 64.21 -44.71
C SER H 132 -19.65 63.90 -44.42
N GLU H 133 -20.34 63.34 -45.42
CA GLU H 133 -21.76 63.00 -45.26
C GLU H 133 -21.97 61.93 -44.20
N GLU H 134 -21.02 61.00 -44.12
CA GLU H 134 -21.11 59.94 -43.13
C GLU H 134 -20.88 60.51 -41.73
N VAL H 135 -19.92 61.41 -41.58
CA VAL H 135 -19.64 62.01 -40.29
C VAL H 135 -20.87 62.73 -39.78
N ASP H 136 -21.66 63.30 -40.70
CA ASP H 136 -22.88 64.01 -40.32
C ASP H 136 -23.91 63.09 -39.66
N LYS H 137 -23.71 61.78 -39.78
CA LYS H 137 -24.65 60.82 -39.19
C LYS H 137 -24.16 60.36 -37.81
N MET H 138 -23.03 60.90 -37.38
CA MET H 138 -22.43 60.58 -36.07
C MET H 138 -22.65 61.78 -35.16
N TYR H 139 -23.79 61.80 -34.49
CA TYR H 139 -24.14 62.93 -33.62
C TYR H 139 -23.10 63.36 -32.59
N ASP H 140 -22.35 62.41 -32.04
CA ASP H 140 -21.33 62.76 -31.08
C ASP H 140 -20.23 63.56 -31.81
N GLU H 141 -19.82 63.12 -32.99
CA GLU H 141 -18.78 63.81 -33.76
C GLU H 141 -19.23 65.23 -34.12
N VAL H 142 -20.51 65.34 -34.50
CA VAL H 142 -21.08 66.63 -34.88
C VAL H 142 -21.07 67.57 -33.70
N VAL H 143 -21.61 67.10 -32.57
CA VAL H 143 -21.64 67.94 -31.37
C VAL H 143 -20.24 68.43 -31.02
N PHE H 144 -19.25 67.54 -31.08
CA PHE H 144 -17.91 67.93 -30.74
C PHE H 144 -17.22 68.86 -31.72
N ASP H 145 -17.57 68.79 -32.99
CA ASP H 145 -16.94 69.71 -33.93
C ASP H 145 -17.46 71.12 -33.65
N HIS H 146 -18.77 71.23 -33.40
CA HIS H 146 -19.38 72.52 -33.10
C HIS H 146 -18.84 73.10 -31.80
N LEU H 147 -18.66 72.23 -30.82
CA LEU H 147 -18.14 72.69 -29.55
C LEU H 147 -16.76 73.30 -29.78
N HIS H 148 -15.95 72.66 -30.64
CA HIS H 148 -14.62 73.17 -30.94
C HIS H 148 -14.69 74.52 -31.65
N GLU H 149 -15.68 74.65 -32.52
CA GLU H 149 -15.87 75.89 -33.27
C GLU H 149 -16.21 77.08 -32.37
N ILE H 150 -17.17 76.93 -31.45
CA ILE H 150 -17.52 78.07 -30.57
C ILE H 150 -16.59 78.25 -29.39
N THR H 151 -15.97 77.17 -28.93
CA THR H 151 -15.06 77.29 -27.79
C THR H 151 -13.76 77.95 -28.22
N TYR H 152 -13.27 77.56 -29.38
CA TYR H 152 -12.04 78.15 -29.92
C TYR H 152 -12.47 79.03 -31.08
N LYS H 153 -13.40 79.94 -30.80
CA LYS H 153 -13.93 80.84 -31.79
C LYS H 153 -12.83 81.52 -32.61
N ASP H 154 -12.98 81.40 -33.93
CA ASP H 154 -12.06 81.99 -34.90
C ASP H 154 -10.58 81.69 -34.63
N GLN H 155 -10.29 80.49 -34.15
CA GLN H 155 -8.91 80.09 -33.89
C GLN H 155 -8.63 78.82 -34.68
N PRO H 156 -7.35 78.49 -34.90
CA PRO H 156 -6.96 77.28 -35.65
C PRO H 156 -7.58 75.99 -35.09
N LEU H 157 -7.45 75.83 -33.77
CA LEU H 157 -8.00 74.66 -33.07
C LEU H 157 -9.52 74.55 -33.19
N GLY H 158 -10.18 75.65 -33.55
CA GLY H 158 -11.63 75.64 -33.66
C GLY H 158 -12.16 75.07 -34.95
N ARG H 159 -11.27 74.76 -35.90
CA ARG H 159 -11.71 74.24 -37.19
C ARG H 159 -11.75 72.71 -37.22
N THR H 160 -12.58 72.16 -38.09
CA THR H 160 -12.70 70.72 -38.21
C THR H 160 -11.53 70.17 -39.03
N ILE H 161 -11.43 68.85 -39.13
CA ILE H 161 -10.33 68.22 -39.85
C ILE H 161 -10.67 67.98 -41.33
N LEU H 162 -11.95 67.73 -41.60
CA LEU H 162 -12.38 67.51 -42.97
C LEU H 162 -12.46 68.86 -43.66
N GLY H 163 -12.86 69.89 -42.91
CA GLY H 163 -13.00 71.23 -43.46
C GLY H 163 -14.39 71.38 -44.06
N PRO H 164 -14.77 72.59 -44.51
CA PRO H 164 -16.10 72.81 -45.11
C PRO H 164 -16.19 72.23 -46.51
N ILE H 165 -17.40 71.87 -46.96
CA ILE H 165 -17.55 71.33 -48.32
C ILE H 165 -16.99 72.35 -49.33
N LYS H 166 -17.20 73.63 -49.03
CA LYS H 166 -16.72 74.72 -49.88
C LYS H 166 -15.23 74.51 -50.22
N ASN H 167 -14.41 74.38 -49.18
CA ASN H 167 -12.98 74.17 -49.35
C ASN H 167 -12.64 72.81 -49.96
N ILE H 168 -13.43 71.79 -49.63
CA ILE H 168 -13.18 70.46 -50.18
C ILE H 168 -13.28 70.51 -51.69
N LYS H 169 -14.06 71.46 -52.18
CA LYS H 169 -14.25 71.60 -53.62
C LYS H 169 -13.29 72.60 -54.28
N SER H 170 -12.61 73.43 -53.48
CA SER H 170 -11.68 74.44 -54.03
C SER H 170 -10.19 74.25 -53.72
N ILE H 171 -9.82 73.23 -52.95
CA ILE H 171 -8.41 73.01 -52.63
C ILE H 171 -7.68 72.66 -53.94
N THR H 172 -6.55 73.32 -54.18
CA THR H 172 -5.78 73.08 -55.40
C THR H 172 -4.43 72.46 -55.10
N ARG H 173 -3.84 71.83 -56.09
CA ARG H 173 -2.53 71.22 -55.92
C ARG H 173 -1.56 72.23 -55.30
N THR H 174 -1.79 73.50 -55.57
CA THR H 174 -0.93 74.55 -55.03
C THR H 174 -1.11 74.54 -53.50
N ASP H 175 -2.37 74.61 -53.04
CA ASP H 175 -2.65 74.58 -51.61
C ASP H 175 -1.88 73.43 -50.94
N LEU H 176 -1.95 72.25 -51.56
CA LEU H 176 -1.28 71.05 -51.04
C LEU H 176 0.23 71.19 -50.92
N LYS H 177 0.90 71.50 -52.04
CA LYS H 177 2.36 71.64 -52.00
C LYS H 177 2.77 72.75 -51.04
N ASP H 178 1.92 73.75 -50.87
CA ASP H 178 2.21 74.86 -49.96
C ASP H 178 2.26 74.42 -48.50
N TYR H 179 1.23 73.66 -48.11
CA TYR H 179 1.10 73.14 -46.77
C TYR H 179 2.34 72.29 -46.48
N ILE H 180 2.71 71.44 -47.43
CA ILE H 180 3.88 70.58 -47.29
C ILE H 180 5.16 71.38 -47.04
N THR H 181 5.39 72.38 -47.90
CA THR H 181 6.59 73.20 -47.81
C THR H 181 6.68 73.95 -46.49
N LYS H 182 5.55 74.51 -46.07
CA LYS H 182 5.45 75.28 -44.84
C LYS H 182 5.62 74.49 -43.54
N ASN H 183 4.96 73.31 -43.44
CA ASN H 183 4.98 72.50 -42.22
C ASN H 183 5.96 71.32 -42.08
N TYR H 184 6.35 70.69 -43.17
CA TYR H 184 7.25 69.55 -43.07
C TYR H 184 8.73 69.93 -42.88
N LYS H 185 9.05 70.23 -41.62
CA LYS H 185 10.40 70.60 -41.22
C LYS H 185 10.95 69.59 -40.20
N GLY H 186 12.21 69.18 -40.36
CA GLY H 186 12.81 68.22 -39.45
C GLY H 186 12.64 68.50 -37.96
N ASP H 187 12.67 69.77 -37.57
CA ASP H 187 12.52 70.17 -36.17
C ASP H 187 11.06 70.02 -35.68
N ARG H 188 10.15 69.71 -36.60
CA ARG H 188 8.75 69.54 -36.25
C ARG H 188 8.24 68.10 -36.45
N MET H 189 9.16 67.16 -36.57
CA MET H 189 8.77 65.77 -36.73
C MET H 189 9.59 64.75 -35.94
N VAL H 190 8.92 63.62 -35.64
CA VAL H 190 9.52 62.52 -34.87
C VAL H 190 9.37 61.22 -35.59
N LEU H 191 10.45 60.45 -35.65
CA LEU H 191 10.39 59.13 -36.26
C LEU H 191 10.45 58.21 -35.05
N ALA H 192 9.32 57.58 -34.73
CA ALA H 192 9.25 56.68 -33.56
C ALA H 192 9.17 55.20 -33.95
N GLY H 193 9.86 54.36 -33.19
CA GLY H 193 9.87 52.92 -33.46
C GLY H 193 9.91 52.08 -32.20
N ALA H 194 9.36 50.86 -32.26
CA ALA H 194 9.31 49.94 -31.12
C ALA H 194 9.23 48.52 -31.63
N GLY H 195 9.76 47.59 -30.84
CA GLY H 195 9.72 46.21 -31.24
C GLY H 195 11.13 45.73 -31.51
N ALA H 196 11.28 44.82 -32.47
CA ALA H 196 12.62 44.32 -32.79
C ALA H 196 13.28 45.43 -33.62
N VAL H 197 13.71 46.48 -32.93
CA VAL H 197 14.31 47.62 -33.58
C VAL H 197 15.67 48.01 -33.00
N ASP H 198 16.62 48.24 -33.90
CA ASP H 198 17.97 48.66 -33.49
C ASP H 198 18.00 50.18 -33.53
N HIS H 199 18.16 50.83 -32.37
CA HIS H 199 18.16 52.30 -32.37
C HIS H 199 19.20 52.94 -33.30
N GLU H 200 20.43 52.46 -33.27
CA GLU H 200 21.49 53.01 -34.12
C GLU H 200 21.17 52.89 -35.61
N LYS H 201 20.87 51.68 -36.07
CA LYS H 201 20.55 51.48 -37.48
C LYS H 201 19.36 52.33 -37.90
N LEU H 202 18.36 52.42 -37.03
CA LEU H 202 17.18 53.22 -37.37
C LEU H 202 17.52 54.70 -37.52
N VAL H 203 18.55 55.17 -36.83
CA VAL H 203 18.93 56.57 -36.96
C VAL H 203 19.62 56.74 -38.33
N GLN H 204 20.46 55.79 -38.74
CA GLN H 204 21.12 55.87 -40.04
C GLN H 204 20.07 55.95 -41.14
N TYR H 205 19.17 54.96 -41.17
CA TYR H 205 18.13 54.94 -42.19
C TYR H 205 17.31 56.21 -42.15
N ALA H 206 17.19 56.80 -40.96
CA ALA H 206 16.41 58.03 -40.82
C ALA H 206 17.12 59.09 -41.65
N GLN H 207 18.42 59.26 -41.41
CA GLN H 207 19.22 60.24 -42.12
C GLN H 207 19.14 59.97 -43.64
N LYS H 208 19.32 58.71 -44.03
CA LYS H 208 19.27 58.35 -45.43
C LYS H 208 17.95 58.68 -46.12
N TYR H 209 16.80 58.34 -45.51
CA TYR H 209 15.51 58.59 -46.17
C TYR H 209 14.78 59.87 -45.76
N PHE H 210 15.17 60.47 -44.65
CA PHE H 210 14.52 61.69 -44.20
C PHE H 210 15.45 62.89 -44.10
N GLY H 211 16.75 62.64 -44.29
CA GLY H 211 17.75 63.70 -44.22
C GLY H 211 17.47 64.90 -45.12
N HIS H 212 16.97 64.63 -46.30
CA HIS H 212 16.67 65.69 -47.25
C HIS H 212 15.57 66.65 -46.76
N VAL H 213 14.99 66.40 -45.59
CA VAL H 213 13.92 67.31 -45.16
C VAL H 213 14.42 68.64 -44.62
N PRO H 214 13.78 69.72 -45.05
CA PRO H 214 14.03 71.12 -44.70
C PRO H 214 13.82 71.45 -43.22
N LYS H 215 14.87 72.01 -42.60
CA LYS H 215 14.83 72.45 -41.20
C LYS H 215 14.06 73.77 -41.24
N SER H 216 13.28 74.08 -40.22
CA SER H 216 12.59 75.37 -40.25
C SER H 216 13.75 76.35 -40.11
N GLU H 217 13.50 77.62 -40.40
CA GLU H 217 14.57 78.60 -40.28
C GLU H 217 14.56 79.24 -38.89
N SER H 218 13.43 79.07 -38.20
CA SER H 218 13.27 79.57 -36.85
C SER H 218 12.91 78.31 -36.06
N PRO H 219 13.87 77.37 -35.97
CA PRO H 219 13.60 76.13 -35.23
C PRO H 219 13.13 76.41 -33.79
N VAL H 220 12.21 75.57 -33.30
CA VAL H 220 11.70 75.67 -31.94
C VAL H 220 11.58 74.22 -31.43
N PRO H 221 12.04 73.97 -30.19
CA PRO H 221 11.97 72.63 -29.59
C PRO H 221 10.52 72.09 -29.59
N LEU H 222 10.38 70.80 -29.90
CA LEU H 222 9.06 70.17 -29.99
C LEU H 222 8.01 70.54 -28.95
N GLY H 223 8.41 70.70 -27.69
CA GLY H 223 7.44 71.06 -26.66
C GLY H 223 7.18 72.54 -26.42
N SER H 224 8.00 73.41 -27.00
CA SER H 224 7.86 74.85 -26.80
C SER H 224 6.59 75.46 -27.43
N PRO H 225 6.02 76.48 -26.76
CA PRO H 225 4.80 77.18 -27.19
C PRO H 225 4.74 77.59 -28.66
N ARG H 226 3.65 77.20 -29.32
CA ARG H 226 3.42 77.51 -30.73
C ARG H 226 3.45 79.01 -30.90
N GLY H 227 2.68 79.70 -30.07
CA GLY H 227 2.59 81.14 -30.11
C GLY H 227 1.58 81.56 -29.07
N PRO H 228 0.65 82.46 -29.43
CA PRO H 228 -0.36 82.90 -28.47
C PRO H 228 -1.22 81.74 -28.02
N LEU H 229 -1.17 81.45 -26.73
CA LEU H 229 -1.95 80.37 -26.15
C LEU H 229 -3.43 80.50 -26.53
N PRO H 230 -4.03 79.38 -27.01
CA PRO H 230 -5.45 79.36 -27.40
C PRO H 230 -6.29 79.90 -26.24
N VAL H 231 -7.41 80.53 -26.56
CA VAL H 231 -8.24 81.07 -25.50
C VAL H 231 -9.63 80.45 -25.50
N PHE H 232 -10.03 79.99 -24.33
CA PHE H 232 -11.32 79.36 -24.13
C PHE H 232 -12.42 80.41 -24.12
N CYS H 233 -13.35 80.30 -25.07
CA CYS H 233 -14.45 81.24 -25.20
C CYS H 233 -15.75 80.59 -24.73
N ARG H 234 -16.41 81.21 -23.75
CA ARG H 234 -17.66 80.66 -23.27
C ARG H 234 -18.68 80.90 -24.37
N GLY H 235 -19.56 79.93 -24.60
CA GLY H 235 -20.56 80.07 -25.64
C GLY H 235 -21.52 78.91 -25.66
N GLU H 236 -22.61 79.05 -26.41
CA GLU H 236 -23.59 77.98 -26.51
C GLU H 236 -24.14 77.96 -27.92
N ARG H 237 -24.48 76.76 -28.37
CA ARG H 237 -25.06 76.61 -29.69
C ARG H 237 -26.14 75.57 -29.55
N PHE H 238 -27.38 75.99 -29.76
CA PHE H 238 -28.53 75.08 -29.68
C PHE H 238 -28.91 74.76 -31.11
N ILE H 239 -28.77 73.51 -31.51
CA ILE H 239 -29.11 73.13 -32.88
C ILE H 239 -30.41 72.33 -32.88
N LYS H 240 -31.52 73.05 -33.00
CA LYS H 240 -32.84 72.44 -33.00
C LYS H 240 -33.00 71.47 -34.17
N GLU H 241 -33.46 70.27 -33.85
CA GLU H 241 -33.65 69.21 -34.84
C GLU H 241 -34.69 68.25 -34.28
N ASN H 242 -35.96 68.57 -34.47
CA ASN H 242 -37.04 67.77 -33.92
C ASN H 242 -37.30 66.40 -34.53
N THR H 243 -36.45 65.96 -35.46
CA THR H 243 -36.66 64.64 -36.08
C THR H 243 -35.80 63.55 -35.39
N LEU H 244 -34.81 63.97 -34.63
CA LEU H 244 -33.91 63.04 -33.93
C LEU H 244 -34.55 62.39 -32.70
N PRO H 245 -34.44 61.05 -32.58
CA PRO H 245 -34.99 60.24 -31.48
C PRO H 245 -34.29 60.56 -30.16
N THR H 246 -32.98 60.81 -30.27
CA THR H 246 -32.14 61.12 -29.12
C THR H 246 -31.61 62.56 -29.23
N THR H 247 -31.30 63.15 -28.09
CA THR H 247 -30.78 64.51 -28.03
C THR H 247 -29.39 64.37 -27.46
N HIS H 248 -28.45 65.12 -28.03
CA HIS H 248 -27.06 65.05 -27.61
C HIS H 248 -26.54 66.39 -27.09
N ILE H 249 -26.00 66.36 -25.87
CA ILE H 249 -25.47 67.55 -25.21
C ILE H 249 -24.03 67.37 -24.74
N ALA H 250 -23.22 68.39 -24.97
CA ALA H 250 -21.82 68.39 -24.54
C ALA H 250 -21.60 69.65 -23.71
N ILE H 251 -21.04 69.48 -22.52
CA ILE H 251 -20.76 70.61 -21.63
C ILE H 251 -19.28 70.58 -21.27
N ALA H 252 -18.59 71.70 -21.48
CA ALA H 252 -17.16 71.75 -21.20
C ALA H 252 -16.63 73.03 -20.52
N LEU H 253 -15.47 72.89 -19.88
CA LEU H 253 -14.80 74.01 -19.23
C LEU H 253 -13.34 73.88 -19.64
N GLU H 254 -12.57 74.96 -19.52
CA GLU H 254 -11.17 74.84 -19.91
C GLU H 254 -10.51 73.67 -19.19
N GLY H 255 -9.84 72.82 -19.97
CA GLY H 255 -9.18 71.68 -19.39
C GLY H 255 -7.69 71.80 -19.10
N VAL H 256 -6.96 70.78 -19.51
CA VAL H 256 -5.54 70.69 -19.24
C VAL H 256 -4.81 70.30 -20.51
N SER H 257 -3.59 70.78 -20.67
CA SER H 257 -2.78 70.48 -21.85
C SER H 257 -1.91 69.25 -21.57
N TRP H 258 -1.31 68.67 -22.61
CA TRP H 258 -0.48 67.48 -22.41
C TRP H 258 0.61 67.64 -21.37
N SER H 259 1.20 68.83 -21.30
CA SER H 259 2.28 69.06 -20.36
C SER H 259 1.87 69.68 -19.02
N ALA H 260 0.58 70.00 -18.86
CA ALA H 260 0.11 70.59 -17.61
C ALA H 260 0.58 69.74 -16.42
N PRO H 261 1.03 70.39 -15.34
CA PRO H 261 1.50 69.62 -14.18
C PRO H 261 0.37 68.84 -13.53
N ASP H 262 -0.86 69.31 -13.76
CA ASP H 262 -2.05 68.67 -13.17
C ASP H 262 -2.78 67.75 -14.17
N TYR H 263 -2.12 67.44 -15.28
CA TYR H 263 -2.68 66.57 -16.30
C TYR H 263 -3.34 65.28 -15.75
N PHE H 264 -2.58 64.51 -14.99
CA PHE H 264 -3.11 63.28 -14.45
C PHE H 264 -4.21 63.51 -13.43
N VAL H 265 -4.08 64.59 -12.65
CA VAL H 265 -5.11 64.89 -11.67
C VAL H 265 -6.44 65.16 -12.38
N ALA H 266 -6.35 65.76 -13.57
CA ALA H 266 -7.56 66.04 -14.35
C ALA H 266 -8.21 64.72 -14.80
N LEU H 267 -7.38 63.79 -15.28
CA LEU H 267 -7.88 62.50 -15.73
C LEU H 267 -8.46 61.71 -14.54
N ALA H 268 -7.81 61.83 -13.38
CA ALA H 268 -8.29 61.16 -12.19
C ALA H 268 -9.66 61.69 -11.81
N THR H 269 -9.88 62.99 -11.94
CA THR H 269 -11.18 63.53 -11.57
C THR H 269 -12.24 63.12 -12.59
N GLN H 270 -11.83 62.96 -13.82
CA GLN H 270 -12.77 62.54 -14.85
C GLN H 270 -13.23 61.12 -14.51
N ALA H 271 -12.29 60.29 -14.07
CA ALA H 271 -12.57 58.90 -13.73
C ALA H 271 -13.46 58.79 -12.49
N ILE H 272 -13.36 59.74 -11.58
CA ILE H 272 -14.18 59.70 -10.38
C ILE H 272 -15.64 59.90 -10.71
N VAL H 273 -15.91 60.69 -11.74
CA VAL H 273 -17.30 60.96 -12.16
C VAL H 273 -17.71 59.79 -13.05
N GLY H 274 -16.79 59.38 -13.92
CA GLY H 274 -17.03 58.26 -14.82
C GLY H 274 -18.17 58.37 -15.83
N ASN H 275 -18.60 57.19 -16.30
CA ASN H 275 -19.66 57.10 -17.28
C ASN H 275 -20.85 56.29 -16.81
N TRP H 276 -21.90 56.31 -17.61
CA TRP H 276 -23.10 55.58 -17.26
C TRP H 276 -23.94 55.34 -18.50
N ASP H 277 -24.54 54.15 -18.54
CA ASP H 277 -25.42 53.80 -19.64
C ASP H 277 -26.67 53.19 -19.04
N ARG H 278 -27.82 53.72 -19.42
CA ARG H 278 -29.12 53.28 -18.95
C ARG H 278 -29.30 51.76 -18.92
N ALA H 279 -28.73 51.08 -19.90
CA ALA H 279 -28.84 49.63 -19.99
C ALA H 279 -27.70 48.86 -19.32
N ILE H 280 -26.48 49.35 -19.48
CA ILE H 280 -25.30 48.69 -18.93
C ILE H 280 -24.86 49.05 -17.49
N GLY H 281 -25.19 50.25 -17.03
CA GLY H 281 -24.76 50.64 -15.71
C GLY H 281 -23.48 51.48 -15.80
N THR H 282 -22.61 51.38 -14.82
CA THR H 282 -21.39 52.20 -14.83
C THR H 282 -20.14 51.44 -15.22
N GLY H 283 -20.20 50.11 -15.20
CA GLY H 283 -19.00 49.34 -15.52
C GLY H 283 -18.18 49.23 -14.24
N THR H 284 -18.79 49.63 -13.13
CA THR H 284 -18.15 49.61 -11.81
C THR H 284 -19.02 48.82 -10.87
N ASN H 285 -18.44 48.18 -9.87
CA ASN H 285 -19.25 47.43 -8.93
C ASN H 285 -20.16 48.36 -8.14
N SER H 286 -19.68 49.56 -7.84
CA SER H 286 -20.48 50.52 -7.06
C SER H 286 -20.60 51.87 -7.76
N PRO H 287 -21.82 52.21 -8.19
CA PRO H 287 -22.20 53.45 -8.87
C PRO H 287 -22.14 54.66 -7.95
N SER H 288 -21.84 55.81 -8.55
CA SER H 288 -21.78 57.08 -7.82
C SER H 288 -23.19 57.56 -7.60
N PRO H 289 -23.37 58.54 -6.70
CA PRO H 289 -24.70 59.08 -6.43
C PRO H 289 -25.31 59.60 -7.74
N LEU H 290 -24.45 60.08 -8.63
CA LEU H 290 -24.91 60.58 -9.93
C LEU H 290 -25.51 59.44 -10.77
N ALA H 291 -24.78 58.32 -10.87
CA ALA H 291 -25.25 57.16 -11.64
C ALA H 291 -26.57 56.63 -11.06
N VAL H 292 -26.67 56.63 -9.73
CA VAL H 292 -27.89 56.16 -9.09
C VAL H 292 -29.07 57.08 -9.48
N ALA H 293 -28.85 58.39 -9.35
CA ALA H 293 -29.88 59.36 -9.69
C ALA H 293 -30.32 59.22 -11.16
N ALA H 294 -29.34 59.13 -12.05
CA ALA H 294 -29.63 59.02 -13.47
C ALA H 294 -30.53 57.84 -13.77
N SER H 295 -30.33 56.73 -13.05
CA SER H 295 -31.14 55.55 -13.30
C SER H 295 -32.48 55.54 -12.57
N GLN H 296 -32.63 56.40 -11.56
CA GLN H 296 -33.89 56.42 -10.82
C GLN H 296 -35.13 57.02 -11.46
N ASN H 297 -36.28 56.67 -10.86
CA ASN H 297 -37.61 57.05 -11.33
C ASN H 297 -37.72 57.25 -12.85
N GLY H 298 -37.64 56.15 -13.59
CA GLY H 298 -37.78 56.18 -15.03
C GLY H 298 -36.55 56.45 -15.87
N SER H 299 -35.52 57.02 -15.24
CA SER H 299 -34.23 57.37 -15.86
C SER H 299 -34.27 58.84 -16.29
N LEU H 300 -33.12 59.51 -16.18
CA LEU H 300 -33.03 60.92 -16.55
C LEU H 300 -32.34 61.11 -17.88
N ALA H 301 -31.80 60.02 -18.44
CA ALA H 301 -31.12 60.08 -19.73
C ALA H 301 -30.84 58.67 -20.23
N ASN H 302 -30.21 58.58 -21.40
CA ASN H 302 -29.86 57.27 -21.96
C ASN H 302 -28.43 56.93 -21.55
N SER H 303 -27.60 57.97 -21.36
CA SER H 303 -26.23 57.76 -20.97
C SER H 303 -25.49 59.10 -20.80
N TYR H 304 -24.38 59.05 -20.07
CA TYR H 304 -23.53 60.22 -19.92
C TYR H 304 -22.10 59.70 -19.94
N MET H 305 -21.18 60.55 -20.36
CA MET H 305 -19.79 60.15 -20.47
C MET H 305 -18.88 61.33 -20.17
N SER H 306 -17.97 61.16 -19.20
CA SER H 306 -17.04 62.21 -18.85
C SER H 306 -15.92 62.19 -19.88
N PHE H 307 -15.39 63.35 -20.24
CA PHE H 307 -14.33 63.40 -21.23
C PHE H 307 -13.30 64.45 -20.91
N SER H 308 -12.10 64.24 -21.44
CA SER H 308 -11.02 65.17 -21.21
C SER H 308 -10.18 65.09 -22.47
N THR H 309 -10.08 66.21 -23.17
CA THR H 309 -9.29 66.23 -24.37
C THR H 309 -8.13 67.16 -24.11
N SER H 310 -6.96 66.80 -24.60
CA SER H 310 -5.79 67.62 -24.41
C SER H 310 -5.08 67.98 -25.71
N TYR H 311 -4.39 69.11 -25.67
CA TYR H 311 -3.63 69.63 -26.79
C TYR H 311 -2.36 70.15 -26.16
N ALA H 312 -1.35 70.37 -26.99
CA ALA H 312 -0.07 70.86 -26.50
C ALA H 312 -0.24 72.13 -25.65
N ASP H 313 -1.12 73.04 -26.08
CA ASP H 313 -1.34 74.31 -25.38
C ASP H 313 -2.71 74.55 -24.78
N SER H 314 -3.56 73.52 -24.75
CA SER H 314 -4.90 73.71 -24.19
C SER H 314 -5.62 72.39 -23.96
N GLY H 315 -6.82 72.48 -23.38
CA GLY H 315 -7.58 71.28 -23.12
C GLY H 315 -9.04 71.53 -22.84
N LEU H 316 -9.86 70.49 -23.05
CA LEU H 316 -11.29 70.58 -22.80
C LEU H 316 -11.63 69.43 -21.86
N TRP H 317 -12.43 69.74 -20.84
CA TRP H 317 -12.84 68.76 -19.85
C TRP H 317 -14.35 68.91 -19.64
N GLY H 318 -15.09 67.80 -19.63
CA GLY H 318 -16.52 67.92 -19.43
C GLY H 318 -17.31 66.63 -19.46
N MET H 319 -18.59 66.81 -19.77
CA MET H 319 -19.57 65.73 -19.83
C MET H 319 -20.30 65.69 -21.17
N TYR H 320 -20.54 64.49 -21.69
CA TYR H 320 -21.29 64.30 -22.93
C TYR H 320 -22.56 63.55 -22.52
N ILE H 321 -23.73 64.11 -22.82
CA ILE H 321 -25.00 63.47 -22.44
C ILE H 321 -25.88 63.09 -23.64
N VAL H 322 -26.53 61.92 -23.58
CA VAL H 322 -27.44 61.49 -24.64
C VAL H 322 -28.76 61.22 -23.96
N THR H 323 -29.80 61.93 -24.39
CA THR H 323 -31.13 61.75 -23.79
C THR H 323 -32.16 61.33 -24.82
N ASP H 324 -33.29 60.87 -24.34
CA ASP H 324 -34.38 60.48 -25.23
C ASP H 324 -35.14 61.78 -25.51
N SER H 325 -35.16 62.16 -26.79
CA SER H 325 -35.82 63.39 -27.22
C SER H 325 -37.27 63.54 -26.75
N ASN H 326 -37.98 62.42 -26.58
CA ASN H 326 -39.39 62.48 -26.14
C ASN H 326 -39.65 62.22 -24.66
N GLU H 327 -38.75 61.50 -24.00
CA GLU H 327 -38.96 61.15 -22.60
C GLU H 327 -38.16 61.91 -21.52
N HIS H 328 -37.05 62.54 -21.89
CA HIS H 328 -36.22 63.22 -20.89
C HIS H 328 -36.19 64.73 -20.86
N ASN H 329 -36.18 65.26 -19.64
CA ASN H 329 -36.07 66.69 -19.40
C ASN H 329 -34.58 66.87 -19.12
N VAL H 330 -33.85 67.30 -20.14
CA VAL H 330 -32.38 67.46 -20.07
C VAL H 330 -31.94 68.22 -18.83
N ARG H 331 -32.72 69.22 -18.45
CA ARG H 331 -32.40 70.06 -17.27
C ARG H 331 -32.24 69.22 -16.00
N LEU H 332 -32.97 68.11 -15.91
CA LEU H 332 -32.87 67.26 -14.73
C LEU H 332 -31.54 66.51 -14.64
N ILE H 333 -31.11 65.91 -15.76
CA ILE H 333 -29.85 65.19 -15.77
C ILE H 333 -28.69 66.19 -15.60
N VAL H 334 -28.83 67.39 -16.17
CA VAL H 334 -27.78 68.40 -16.01
C VAL H 334 -27.64 68.79 -14.52
N ASN H 335 -28.76 68.96 -13.83
CA ASN H 335 -28.70 69.30 -12.41
C ASN H 335 -27.86 68.29 -11.65
N GLU H 336 -28.10 67.01 -11.93
CA GLU H 336 -27.37 65.95 -11.24
C GLU H 336 -25.88 65.95 -11.53
N ILE H 337 -25.50 66.25 -12.78
CA ILE H 337 -24.09 66.28 -13.12
C ILE H 337 -23.40 67.42 -12.35
N LEU H 338 -24.06 68.58 -12.28
CA LEU H 338 -23.49 69.71 -11.56
C LEU H 338 -23.37 69.39 -10.08
N LYS H 339 -24.40 68.73 -9.55
CA LYS H 339 -24.41 68.34 -8.17
C LYS H 339 -23.23 67.42 -7.87
N GLU H 340 -22.90 66.55 -8.83
CA GLU H 340 -21.78 65.63 -8.64
C GLU H 340 -20.46 66.41 -8.67
N TRP H 341 -20.31 67.35 -9.58
CA TRP H 341 -19.09 68.12 -9.60
C TRP H 341 -18.96 68.90 -8.28
N LYS H 342 -20.08 69.47 -7.82
CA LYS H 342 -20.04 70.21 -6.57
C LYS H 342 -19.70 69.30 -5.39
N ARG H 343 -20.09 68.03 -5.47
CA ARG H 343 -19.79 67.07 -4.41
C ARG H 343 -18.26 66.91 -4.33
N ILE H 344 -17.61 66.94 -5.49
CA ILE H 344 -16.15 66.82 -5.52
C ILE H 344 -15.53 68.11 -4.96
N LYS H 345 -16.05 69.26 -5.38
CA LYS H 345 -15.54 70.54 -4.91
C LYS H 345 -15.69 70.67 -3.40
N SER H 346 -16.75 70.07 -2.87
CA SER H 346 -16.98 70.15 -1.43
C SER H 346 -16.18 69.13 -0.63
N GLY H 347 -15.41 68.30 -1.33
CA GLY H 347 -14.57 67.30 -0.66
C GLY H 347 -15.26 66.03 -0.18
N LYS H 348 -16.56 65.93 -0.43
CA LYS H 348 -17.34 64.77 -0.01
C LYS H 348 -17.11 63.54 -0.91
N ILE H 349 -15.87 63.07 -0.96
CA ILE H 349 -15.56 61.88 -1.73
C ILE H 349 -14.74 60.97 -0.83
N SER H 350 -14.94 59.67 -0.94
CA SER H 350 -14.24 58.69 -0.11
C SER H 350 -12.86 58.30 -0.63
N ASP H 351 -12.07 57.71 0.26
CA ASP H 351 -10.74 57.26 -0.12
C ASP H 351 -10.90 56.15 -1.16
N ALA H 352 -11.92 55.33 -0.93
CA ALA H 352 -12.20 54.21 -1.81
C ALA H 352 -12.46 54.66 -3.25
N GLU H 353 -13.33 55.63 -3.47
CA GLU H 353 -13.55 56.01 -4.86
C GLU H 353 -12.33 56.70 -5.48
N VAL H 354 -11.50 57.30 -4.65
CA VAL H 354 -10.32 57.96 -5.16
C VAL H 354 -9.32 56.89 -5.62
N ASN H 355 -9.17 55.84 -4.81
CA ASN H 355 -8.25 54.75 -5.14
C ASN H 355 -8.76 53.95 -6.33
N ARG H 356 -10.07 53.84 -6.44
CA ARG H 356 -10.69 53.14 -7.53
C ARG H 356 -10.28 53.87 -8.82
N ALA H 357 -10.51 55.19 -8.83
CA ALA H 357 -10.18 56.03 -9.99
C ALA H 357 -8.71 55.94 -10.38
N LYS H 358 -7.82 55.97 -9.39
CA LYS H 358 -6.40 55.90 -9.71
C LYS H 358 -6.05 54.55 -10.33
N ALA H 359 -6.69 53.50 -9.84
CA ALA H 359 -6.43 52.16 -10.37
C ALA H 359 -6.97 52.11 -11.81
N GLN H 360 -8.18 52.63 -12.02
CA GLN H 360 -8.74 52.61 -13.37
C GLN H 360 -7.79 53.34 -14.31
N LEU H 361 -7.43 54.57 -13.92
CA LEU H 361 -6.51 55.40 -14.70
C LEU H 361 -5.17 54.71 -14.96
N LYS H 362 -4.58 54.11 -13.94
CA LYS H 362 -3.31 53.42 -14.15
C LYS H 362 -3.47 52.37 -15.23
N ALA H 363 -4.56 51.60 -15.13
CA ALA H 363 -4.84 50.53 -16.09
C ALA H 363 -5.00 51.03 -17.52
N ALA H 364 -5.84 52.06 -17.67
CA ALA H 364 -6.07 52.66 -18.98
C ALA H 364 -4.80 53.18 -19.65
N LEU H 365 -3.89 53.77 -18.87
CA LEU H 365 -2.65 54.33 -19.43
C LEU H 365 -1.51 53.34 -19.60
N LEU H 366 -1.42 52.35 -18.74
CA LEU H 366 -0.31 51.42 -18.81
C LEU H 366 -0.52 49.99 -19.28
N LEU H 367 -1.64 49.36 -18.92
CA LEU H 367 -1.86 47.97 -19.34
C LEU H 367 -2.21 47.96 -20.81
N SER H 368 -2.64 49.12 -21.32
CA SER H 368 -2.99 49.24 -22.72
C SER H 368 -1.75 49.38 -23.60
N LEU H 369 -0.61 49.70 -22.99
CA LEU H 369 0.63 49.82 -23.76
C LEU H 369 1.13 48.42 -24.03
N ASP H 370 0.38 47.68 -24.86
CA ASP H 370 0.74 46.30 -25.13
C ASP H 370 1.63 46.04 -26.34
N GLY H 371 1.12 46.19 -27.55
CA GLY H 371 1.98 45.93 -28.71
C GLY H 371 2.93 47.06 -29.12
N SER H 372 3.75 46.83 -30.16
CA SER H 372 4.69 47.86 -30.63
C SER H 372 3.90 49.05 -31.17
N THR H 373 2.77 48.76 -31.80
CA THR H 373 1.92 49.80 -32.34
C THR H 373 1.45 50.77 -31.27
N ALA H 374 0.86 50.25 -30.19
CA ALA H 374 0.37 51.13 -29.12
C ALA H 374 1.53 51.91 -28.48
N ILE H 375 2.69 51.26 -28.43
CA ILE H 375 3.87 51.89 -27.85
C ILE H 375 4.41 53.00 -28.73
N VAL H 376 4.48 52.74 -30.04
CA VAL H 376 4.96 53.76 -30.96
C VAL H 376 3.98 54.92 -30.82
N GLU H 377 2.71 54.61 -30.72
CA GLU H 377 1.69 55.62 -30.58
C GLU H 377 1.96 56.52 -29.36
N ASP H 378 2.38 55.91 -28.26
CA ASP H 378 2.64 56.68 -27.05
C ASP H 378 3.94 57.48 -27.19
N ILE H 379 4.96 56.85 -27.77
CA ILE H 379 6.24 57.50 -27.98
C ILE H 379 6.10 58.72 -28.89
N GLY H 380 5.62 58.45 -30.10
CA GLY H 380 5.44 59.52 -31.07
C GLY H 380 4.60 60.67 -30.54
N ARG H 381 3.38 60.40 -30.09
CA ARG H 381 2.51 61.47 -29.63
C ARG H 381 3.10 62.27 -28.46
N GLN H 382 3.75 61.60 -27.51
CA GLN H 382 4.32 62.35 -26.40
C GLN H 382 5.47 63.25 -26.83
N VAL H 383 6.37 62.71 -27.65
CA VAL H 383 7.50 63.49 -28.08
C VAL H 383 7.10 64.64 -29.02
N VAL H 384 6.26 64.36 -30.01
CA VAL H 384 5.88 65.44 -30.91
C VAL H 384 5.02 66.53 -30.28
N THR H 385 4.34 66.24 -29.17
CA THR H 385 3.49 67.25 -28.54
C THR H 385 4.09 67.77 -27.25
N THR H 386 5.13 67.12 -26.78
CA THR H 386 5.68 67.49 -25.48
C THR H 386 7.19 67.61 -25.46
N GLY H 387 7.86 66.94 -26.40
CA GLY H 387 9.30 67.02 -26.46
C GLY H 387 9.99 65.93 -25.66
N LYS H 388 9.20 65.09 -25.00
CA LYS H 388 9.78 64.02 -24.22
C LYS H 388 8.76 62.91 -24.05
N ARG H 389 9.22 61.75 -23.55
CA ARG H 389 8.33 60.62 -23.29
C ARG H 389 8.46 60.19 -21.84
N LEU H 390 7.40 60.37 -21.06
CA LEU H 390 7.42 59.91 -19.68
C LEU H 390 7.36 58.37 -19.81
N SER H 391 8.23 57.66 -19.12
CA SER H 391 8.22 56.21 -19.20
C SER H 391 7.01 55.62 -18.44
N PRO H 392 6.70 54.34 -18.71
CA PRO H 392 5.57 53.69 -18.03
C PRO H 392 5.75 53.83 -16.52
N GLU H 393 6.97 53.60 -16.05
CA GLU H 393 7.25 53.72 -14.63
C GLU H 393 7.04 55.15 -14.12
N GLU H 394 7.44 56.14 -14.93
CA GLU H 394 7.25 57.52 -14.53
C GLU H 394 5.77 57.86 -14.50
N VAL H 395 5.01 57.36 -15.48
CA VAL H 395 3.58 57.63 -15.51
C VAL H 395 2.91 57.00 -14.30
N PHE H 396 3.32 55.78 -13.98
CA PHE H 396 2.74 55.07 -12.85
C PHE H 396 2.90 55.98 -11.61
N GLU H 397 4.12 56.46 -11.42
CA GLU H 397 4.44 57.32 -10.30
C GLU H 397 3.55 58.56 -10.26
N GLN H 398 3.37 59.20 -11.41
CA GLN H 398 2.55 60.39 -11.47
C GLN H 398 1.13 60.11 -11.03
N VAL H 399 0.62 58.92 -11.29
CA VAL H 399 -0.76 58.65 -10.89
C VAL H 399 -0.77 58.21 -9.44
N ASP H 400 0.13 57.32 -9.09
CA ASP H 400 0.19 56.81 -7.72
C ASP H 400 0.28 57.88 -6.63
N LYS H 401 0.88 59.03 -6.93
CA LYS H 401 1.02 60.08 -5.92
C LYS H 401 -0.20 60.98 -5.76
N ILE H 402 -1.17 60.86 -6.65
CA ILE H 402 -2.35 61.70 -6.55
C ILE H 402 -3.07 61.48 -5.24
N THR H 403 -3.59 62.54 -4.66
CA THR H 403 -4.30 62.48 -3.39
C THR H 403 -5.72 63.01 -3.52
N LYS H 404 -6.54 62.69 -2.52
CA LYS H 404 -7.93 63.14 -2.48
C LYS H 404 -7.86 64.66 -2.55
N ASP H 405 -6.85 65.20 -1.89
CA ASP H 405 -6.68 66.65 -1.86
C ASP H 405 -6.37 67.26 -3.19
N ASP H 406 -5.47 66.63 -3.95
CA ASP H 406 -5.12 67.14 -5.27
C ASP H 406 -6.40 67.29 -6.11
N ILE H 407 -7.29 66.32 -5.99
CA ILE H 407 -8.52 66.32 -6.77
C ILE H 407 -9.45 67.43 -6.33
N ILE H 408 -9.68 67.56 -5.03
CA ILE H 408 -10.55 68.62 -4.53
C ILE H 408 -9.98 69.96 -4.99
N MET H 409 -8.69 70.16 -4.77
CA MET H 409 -8.03 71.40 -5.20
C MET H 409 -8.37 71.68 -6.66
N TRP H 410 -8.02 70.70 -7.51
CA TRP H 410 -8.19 70.82 -8.94
C TRP H 410 -9.61 71.16 -9.35
N ALA H 411 -10.60 70.51 -8.74
CA ALA H 411 -11.99 70.80 -9.09
C ALA H 411 -12.40 72.24 -8.71
N ASN H 412 -11.95 72.67 -7.53
CA ASN H 412 -12.25 74.03 -7.06
C ASN H 412 -11.61 75.10 -7.93
N TYR H 413 -10.51 74.77 -8.60
CA TYR H 413 -9.86 75.74 -9.46
C TYR H 413 -10.49 75.76 -10.85
N ARG H 414 -10.70 74.58 -11.41
CA ARG H 414 -11.23 74.44 -12.75
C ARG H 414 -12.74 74.46 -12.91
N LEU H 415 -13.46 74.16 -11.82
CA LEU H 415 -14.91 74.10 -11.88
C LEU H 415 -15.64 75.15 -11.04
N GLN H 416 -14.91 76.19 -10.63
CA GLN H 416 -15.51 77.27 -9.86
C GLN H 416 -15.16 78.61 -10.51
N ASN H 417 -16.21 79.41 -10.78
CA ASN H 417 -16.05 80.71 -11.41
C ASN H 417 -15.20 80.61 -12.66
N LYS H 418 -15.51 79.64 -13.51
CA LYS H 418 -14.78 79.48 -14.75
C LYS H 418 -15.81 79.44 -15.86
N PRO H 419 -15.43 79.90 -17.06
CA PRO H 419 -16.38 79.88 -18.17
C PRO H 419 -16.70 78.47 -18.68
N VAL H 420 -17.92 78.29 -19.19
CA VAL H 420 -18.33 77.01 -19.72
C VAL H 420 -18.93 77.25 -21.09
N SER H 421 -18.75 76.28 -22.00
CA SER H 421 -19.33 76.39 -23.34
C SER H 421 -20.16 75.14 -23.52
N MET H 422 -21.19 75.23 -24.34
CA MET H 422 -22.07 74.08 -24.49
C MET H 422 -22.71 73.97 -25.86
N VAL H 423 -23.01 72.73 -26.26
CA VAL H 423 -23.64 72.47 -27.54
C VAL H 423 -24.75 71.41 -27.35
N ALA H 424 -25.91 71.65 -27.95
CA ALA H 424 -27.02 70.71 -27.85
C ALA H 424 -27.63 70.44 -29.24
N LEU H 425 -27.81 69.16 -29.57
CA LEU H 425 -28.38 68.76 -30.87
C LEU H 425 -29.61 67.87 -30.70
N GLY H 426 -30.73 68.28 -31.30
CA GLY H 426 -31.96 67.51 -31.18
C GLY H 426 -33.10 68.32 -30.57
N ASN H 427 -33.83 67.73 -29.63
CA ASN H 427 -34.92 68.46 -28.98
C ASN H 427 -34.29 69.37 -27.93
N THR H 428 -34.02 70.59 -28.37
CA THR H 428 -33.39 71.63 -27.56
C THR H 428 -34.28 72.40 -26.56
N SER H 429 -35.58 72.17 -26.60
CA SER H 429 -36.51 72.89 -25.71
C SER H 429 -36.35 72.62 -24.22
N THR H 430 -35.78 71.47 -23.89
CA THR H 430 -35.59 71.07 -22.50
C THR H 430 -34.16 71.36 -21.98
N VAL H 431 -33.27 71.80 -22.87
CA VAL H 431 -31.88 72.09 -22.52
C VAL H 431 -31.63 73.45 -21.86
N PRO H 432 -30.99 73.45 -20.67
CA PRO H 432 -30.73 74.73 -20.02
C PRO H 432 -29.57 75.54 -20.60
N ASN H 433 -29.67 76.83 -20.34
CA ASN H 433 -28.75 77.89 -20.74
C ASN H 433 -27.32 77.75 -20.18
N VAL H 434 -26.34 78.40 -20.80
CA VAL H 434 -24.97 78.32 -20.27
C VAL H 434 -24.86 79.14 -18.97
N SER H 435 -25.56 80.27 -18.89
CA SER H 435 -25.49 81.07 -17.66
C SER H 435 -26.25 80.30 -16.57
N TYR H 436 -27.23 79.49 -16.97
CA TYR H 436 -27.96 78.66 -16.01
C TYR H 436 -26.94 77.71 -15.38
N ILE H 437 -26.19 77.01 -16.23
CA ILE H 437 -25.17 76.05 -15.80
C ILE H 437 -24.15 76.70 -14.86
N GLU H 438 -23.62 77.87 -15.24
CA GLU H 438 -22.63 78.53 -14.39
C GLU H 438 -23.21 78.98 -13.07
N GLU H 439 -24.48 79.37 -13.08
CA GLU H 439 -25.06 79.79 -11.82
C GLU H 439 -25.11 78.63 -10.85
N LYS H 440 -25.70 77.53 -11.29
CA LYS H 440 -25.84 76.33 -10.45
C LYS H 440 -24.51 75.73 -10.02
N LEU H 441 -23.56 75.73 -10.93
CA LEU H 441 -22.24 75.17 -10.65
C LEU H 441 -21.44 75.98 -9.62
N ASN H 442 -21.40 77.31 -9.81
CA ASN H 442 -20.65 78.20 -8.93
C ASN H 442 -21.42 78.50 -7.65
N GLN H 443 -22.72 78.28 -7.73
CA GLN H 443 -23.64 78.48 -6.62
C GLN H 443 -23.17 77.67 -5.40
#